data_8OOZ
#
_entry.id   8OOZ
#
_cell.length_a   131.548
_cell.length_b   197.399
_cell.length_c   135.171
_cell.angle_alpha   90.00
_cell.angle_beta   94.89
_cell.angle_gamma   90.00
#
_symmetry.space_group_name_H-M   'P 1 21 1'
#
loop_
_entity.id
_entity.type
_entity.pdbx_description
1 polymer 'Glutamine synthetase'
2 non-polymer "ADENOSINE-5'-TRIPHOSPHATE"
3 non-polymer 'FORMIC ACID'
4 non-polymer 'MAGNESIUM ION'
5 non-polymer GLYCEROL
6 water water
#
_entity_poly.entity_id   1
_entity_poly.type   'polypeptide(L)'
_entity_poly.pdbx_seq_one_letter_code
;MGSKEDEIFRIVEEKNVRFVRLQFVDVQGIPKNVAIPVGQLEKALGPGIHFDGSSIEGFVRIEESDMVLRPDPDTFRVLP
WSGNEGTAEARLICDIELPDGKPFMGCPRQVLKKNMEEAAKLGYVMNTGPEMEFFLFKRQDGMPTNIPQDRGGYFDLAPI
DLAEEIKREIVLVLEEMGFEVEAAHHEVAFGQHEIDFKYDNALATADNVITLKYVAKTLALQHGLHATFMPKPIFGVNGS
GMHTNTSLFKDGKNAFYDPDAPDQISDTLRYFVGGVLKHIRAITAITNPLVNSYKRLVPGYEAPVYITWSGPNRSSLIRV
PAPRGNSTRIEIRSPDPSCNPYLAFAAILAAGLDGVKNKIEPPERVEKNIYKLTEEEREKLGIGMLPGTLKEAIECFKED
ELLVSALGEHVSQSIINVAMADWDSYRTQVHQWELDRYLQTY
;
_entity_poly.pdbx_strand_id   A,B,C,D,E,F,G,H,I,J,K,L
#
# COMPACT_ATOMS: atom_id res chain seq x y z
N SER A 3 -17.61 -47.28 -48.05
CA SER A 3 -17.36 -45.87 -48.34
C SER A 3 -16.75 -45.12 -47.14
N LYS A 4 -16.25 -43.91 -47.42
CA LYS A 4 -15.61 -43.03 -46.44
C LYS A 4 -16.61 -42.58 -45.38
N GLU A 5 -17.87 -42.32 -45.77
CA GLU A 5 -18.92 -41.91 -44.85
C GLU A 5 -19.16 -42.98 -43.79
N ASP A 6 -19.14 -44.27 -44.19
CA ASP A 6 -19.32 -45.36 -43.22
C ASP A 6 -18.16 -45.40 -42.23
N GLU A 7 -16.93 -45.17 -42.72
CA GLU A 7 -15.73 -45.13 -41.88
C GLU A 7 -15.82 -43.99 -40.87
N ILE A 8 -16.35 -42.82 -41.28
CA ILE A 8 -16.52 -41.67 -40.40
C ILE A 8 -17.46 -42.03 -39.24
N PHE A 9 -18.63 -42.59 -39.55
CA PHE A 9 -19.60 -42.98 -38.51
C PHE A 9 -19.07 -44.08 -37.59
N ARG A 10 -18.15 -44.91 -38.07
CA ARG A 10 -17.54 -45.95 -37.24
C ARG A 10 -16.62 -45.30 -36.21
N ILE A 11 -15.84 -44.29 -36.62
CA ILE A 11 -14.94 -43.55 -35.71
C ILE A 11 -15.78 -42.76 -34.69
N VAL A 12 -16.95 -42.23 -35.10
CA VAL A 12 -17.88 -41.49 -34.24
C VAL A 12 -18.29 -42.35 -33.04
N GLU A 13 -18.85 -43.54 -33.30
CA GLU A 13 -19.31 -44.46 -32.25
C GLU A 13 -18.16 -44.97 -31.39
N GLU A 14 -16.97 -45.14 -31.99
CA GLU A 14 -15.80 -45.64 -31.30
C GLU A 14 -15.22 -44.61 -30.33
N LYS A 15 -15.10 -43.35 -30.76
CA LYS A 15 -14.44 -42.31 -29.92
C LYS A 15 -15.47 -41.42 -29.20
N ASN A 16 -16.75 -41.76 -29.25
CA ASN A 16 -17.79 -41.02 -28.54
C ASN A 16 -17.78 -39.54 -28.93
N VAL A 17 -17.83 -39.29 -30.24
CA VAL A 17 -17.79 -37.94 -30.80
C VAL A 17 -19.21 -37.40 -30.76
N ARG A 18 -19.42 -36.24 -30.12
CA ARG A 18 -20.75 -35.63 -30.04
C ARG A 18 -20.87 -34.32 -30.79
N PHE A 19 -19.75 -33.66 -31.14
CA PHE A 19 -19.79 -32.41 -31.89
C PHE A 19 -18.79 -32.44 -33.01
N VAL A 20 -19.14 -31.82 -34.14
CA VAL A 20 -18.29 -31.77 -35.32
C VAL A 20 -18.17 -30.31 -35.77
N ARG A 21 -16.94 -29.89 -36.10
CA ARG A 21 -16.63 -28.53 -36.51
C ARG A 21 -16.48 -28.49 -38.03
N LEU A 22 -17.37 -27.77 -38.71
CA LEU A 22 -17.31 -27.65 -40.15
C LEU A 22 -16.39 -26.49 -40.48
N GLN A 23 -15.09 -26.78 -40.56
CA GLN A 23 -14.06 -25.78 -40.80
C GLN A 23 -14.04 -25.29 -42.23
N PHE A 24 -13.63 -24.05 -42.39
CA PHE A 24 -13.38 -23.41 -43.67
C PHE A 24 -12.49 -22.15 -43.42
N VAL A 25 -12.03 -21.46 -44.47
CA VAL A 25 -11.18 -20.29 -44.29
C VAL A 25 -11.70 -19.13 -45.11
N ASP A 26 -11.46 -17.90 -44.63
CA ASP A 26 -11.84 -16.68 -45.39
C ASP A 26 -10.70 -16.32 -46.34
N VAL A 27 -10.84 -15.22 -47.09
CA VAL A 27 -9.79 -14.83 -48.05
C VAL A 27 -8.46 -14.47 -47.38
N GLN A 28 -8.46 -14.19 -46.07
CA GLN A 28 -7.25 -13.84 -45.33
C GLN A 28 -6.57 -15.03 -44.64
N GLY A 29 -7.04 -16.26 -44.87
CA GLY A 29 -6.44 -17.44 -44.26
C GLY A 29 -6.84 -17.70 -42.82
N ILE A 30 -7.85 -16.98 -42.31
CA ILE A 30 -8.30 -17.14 -40.92
C ILE A 30 -9.31 -18.28 -40.86
N PRO A 31 -9.15 -19.25 -39.94
CA PRO A 31 -10.12 -20.35 -39.87
C PRO A 31 -11.46 -19.93 -39.27
N LYS A 32 -12.54 -20.33 -39.95
CA LYS A 32 -13.92 -20.12 -39.56
C LYS A 32 -14.60 -21.48 -39.47
N ASN A 33 -15.70 -21.59 -38.68
CA ASN A 33 -16.36 -22.88 -38.54
C ASN A 33 -17.82 -22.76 -38.08
N VAL A 34 -18.55 -23.88 -38.18
CA VAL A 34 -19.92 -24.02 -37.71
C VAL A 34 -19.92 -25.27 -36.86
N ALA A 35 -20.30 -25.16 -35.58
CA ALA A 35 -20.33 -26.30 -34.69
C ALA A 35 -21.70 -26.95 -34.82
N ILE A 36 -21.76 -28.26 -35.12
CA ILE A 36 -23.02 -28.97 -35.23
C ILE A 36 -22.98 -30.20 -34.32
N PRO A 37 -24.10 -30.59 -33.71
CA PRO A 37 -24.10 -31.85 -32.95
C PRO A 37 -23.98 -33.04 -33.90
N VAL A 38 -23.50 -34.17 -33.39
CA VAL A 38 -23.27 -35.36 -34.20
C VAL A 38 -24.56 -35.87 -34.89
N GLY A 39 -25.74 -35.54 -34.37
CA GLY A 39 -27.00 -35.90 -34.99
C GLY A 39 -27.17 -35.29 -36.37
N GLN A 40 -26.48 -34.17 -36.62
CA GLN A 40 -26.60 -33.46 -37.92
C GLN A 40 -25.47 -33.86 -38.88
N LEU A 41 -24.57 -34.75 -38.45
CA LEU A 41 -23.45 -35.16 -39.30
C LEU A 41 -23.92 -35.85 -40.58
N GLU A 42 -25.00 -36.63 -40.52
CA GLU A 42 -25.53 -37.29 -41.71
C GLU A 42 -26.04 -36.23 -42.70
N LYS A 43 -26.66 -35.15 -42.20
CA LYS A 43 -27.14 -34.07 -43.05
C LYS A 43 -25.97 -33.29 -43.67
N ALA A 44 -24.86 -33.10 -42.92
CA ALA A 44 -23.71 -32.37 -43.44
C ALA A 44 -23.03 -33.16 -44.58
N LEU A 45 -22.84 -34.47 -44.41
CA LEU A 45 -22.22 -35.30 -45.46
C LEU A 45 -23.15 -35.54 -46.67
N GLY A 46 -24.46 -35.33 -46.49
CA GLY A 46 -25.45 -35.50 -47.56
C GLY A 46 -25.75 -34.19 -48.25
N PRO A 47 -26.89 -33.51 -47.97
CA PRO A 47 -27.23 -32.27 -48.68
C PRO A 47 -26.36 -31.07 -48.26
N GLY A 48 -25.69 -31.15 -47.12
CA GLY A 48 -24.87 -30.06 -46.61
C GLY A 48 -25.60 -29.15 -45.63
N ILE A 49 -24.85 -28.30 -44.91
CA ILE A 49 -25.39 -27.36 -43.93
C ILE A 49 -25.37 -25.94 -44.51
N HIS A 50 -26.49 -25.21 -44.38
CA HIS A 50 -26.57 -23.84 -44.88
C HIS A 50 -26.02 -22.83 -43.86
N PHE A 51 -25.48 -21.72 -44.36
CA PHE A 51 -24.91 -20.65 -43.53
C PHE A 51 -24.85 -19.33 -44.31
N ASP A 52 -24.59 -18.22 -43.61
CA ASP A 52 -24.40 -16.91 -44.28
C ASP A 52 -22.94 -16.79 -44.73
N GLY A 53 -22.69 -16.62 -46.03
CA GLY A 53 -21.31 -16.59 -46.54
C GLY A 53 -20.69 -15.21 -46.47
N SER A 54 -21.34 -14.27 -45.78
CA SER A 54 -20.78 -12.90 -45.63
C SER A 54 -19.41 -12.97 -44.94
N SER A 55 -19.22 -13.92 -44.02
CA SER A 55 -17.96 -14.03 -43.25
C SER A 55 -16.79 -14.41 -44.17
N ILE A 56 -17.06 -15.08 -45.29
CA ILE A 56 -15.97 -15.57 -46.18
C ILE A 56 -15.19 -14.37 -46.73
N GLU A 57 -15.89 -13.39 -47.31
CA GLU A 57 -15.22 -12.19 -47.87
C GLU A 57 -14.60 -11.39 -46.73
N GLY A 58 -14.92 -11.74 -45.49
CA GLY A 58 -14.34 -11.04 -44.31
C GLY A 58 -14.05 -9.59 -44.61
N SER A 65 -25.40 -14.51 -50.28
CA SER A 65 -25.50 -14.51 -48.82
C SER A 65 -25.70 -15.97 -48.33
N ASP A 66 -26.82 -16.63 -48.69
CA ASP A 66 -27.04 -18.03 -48.34
C ASP A 66 -26.05 -18.91 -49.12
N MET A 67 -25.40 -19.83 -48.41
CA MET A 67 -24.43 -20.77 -49.04
C MET A 67 -24.47 -22.12 -48.33
N VAL A 68 -23.81 -23.13 -48.90
CA VAL A 68 -23.81 -24.50 -48.31
C VAL A 68 -22.38 -24.97 -48.03
N LEU A 69 -22.19 -25.68 -46.93
CA LEU A 69 -20.91 -26.24 -46.54
C LEU A 69 -20.87 -27.68 -47.02
N ARG A 70 -19.85 -28.01 -47.81
CA ARG A 70 -19.74 -29.40 -48.35
C ARG A 70 -18.49 -30.04 -47.74
N PRO A 71 -18.61 -30.82 -46.63
CA PRO A 71 -17.45 -31.45 -46.00
C PRO A 71 -16.68 -32.39 -46.91
N ASP A 72 -15.33 -32.38 -46.80
CA ASP A 72 -14.47 -33.28 -47.55
C ASP A 72 -14.30 -34.52 -46.65
N PRO A 73 -14.88 -35.69 -46.99
CA PRO A 73 -14.74 -36.85 -46.09
C PRO A 73 -13.30 -37.28 -45.76
N ASP A 74 -12.35 -36.99 -46.65
CA ASP A 74 -10.93 -37.34 -46.43
C ASP A 74 -10.29 -36.54 -45.28
N THR A 75 -10.88 -35.40 -44.91
CA THR A 75 -10.35 -34.52 -43.87
C THR A 75 -11.00 -34.72 -42.48
N PHE A 76 -11.78 -35.79 -42.28
CA PHE A 76 -12.40 -36.04 -40.98
C PHE A 76 -11.33 -36.44 -39.97
N ARG A 77 -11.16 -35.65 -38.90
CA ARG A 77 -10.18 -35.94 -37.86
C ARG A 77 -10.74 -35.66 -36.48
N VAL A 78 -10.43 -36.52 -35.51
CA VAL A 78 -10.88 -36.34 -34.13
C VAL A 78 -9.86 -35.42 -33.44
N LEU A 79 -10.33 -34.40 -32.71
CA LEU A 79 -9.45 -33.47 -32.02
C LEU A 79 -8.85 -34.19 -30.80
N PRO A 80 -7.51 -34.42 -30.72
CA PRO A 80 -6.97 -35.19 -29.60
C PRO A 80 -7.13 -34.61 -28.17
N TRP A 81 -7.53 -33.34 -28.02
CA TRP A 81 -7.62 -32.68 -26.70
C TRP A 81 -9.01 -32.70 -26.04
N SER A 82 -10.04 -33.15 -26.77
CA SER A 82 -11.40 -33.19 -26.24
C SER A 82 -11.57 -34.31 -25.21
N THR A 87 -16.58 -36.30 -23.22
CA THR A 87 -17.02 -36.33 -24.61
C THR A 87 -15.90 -35.93 -25.57
N ALA A 88 -15.99 -36.40 -26.83
CA ALA A 88 -15.00 -36.09 -27.86
C ALA A 88 -15.54 -35.09 -28.93
N GLU A 89 -14.64 -34.55 -29.80
CA GLU A 89 -14.95 -33.57 -30.82
C GLU A 89 -14.23 -33.93 -32.12
N ALA A 90 -14.82 -33.62 -33.28
CA ALA A 90 -14.21 -33.89 -34.58
C ALA A 90 -14.29 -32.68 -35.51
N ARG A 91 -13.49 -32.67 -36.60
CA ARG A 91 -13.47 -31.59 -37.56
C ARG A 91 -13.63 -32.10 -38.99
N LEU A 92 -14.06 -31.22 -39.88
CA LEU A 92 -14.19 -31.52 -41.30
C LEU A 92 -13.93 -30.27 -42.09
N ILE A 93 -12.90 -30.28 -42.95
CA ILE A 93 -12.62 -29.14 -43.82
C ILE A 93 -13.69 -29.15 -44.89
N CYS A 94 -14.32 -28.00 -45.12
CA CYS A 94 -15.44 -27.88 -46.04
C CYS A 94 -15.12 -26.99 -47.21
N ASP A 95 -15.73 -27.33 -48.35
CA ASP A 95 -15.72 -26.54 -49.57
C ASP A 95 -17.04 -25.79 -49.57
N ILE A 96 -17.05 -24.54 -50.06
CA ILE A 96 -18.29 -23.75 -50.05
C ILE A 96 -18.88 -23.78 -51.45
N GLU A 97 -20.13 -24.22 -51.54
CA GLU A 97 -20.88 -24.25 -52.78
C GLU A 97 -22.05 -23.26 -52.65
N LEU A 98 -22.57 -22.81 -53.80
CA LEU A 98 -23.74 -21.89 -53.77
C LEU A 98 -25.01 -22.75 -53.70
N PRO A 99 -26.18 -22.22 -53.26
CA PRO A 99 -27.39 -23.04 -53.09
C PRO A 99 -27.77 -23.94 -54.27
N ASP A 100 -27.47 -23.52 -55.50
CA ASP A 100 -27.78 -24.28 -56.72
C ASP A 100 -26.94 -25.56 -56.88
N GLY A 101 -25.70 -25.54 -56.41
CA GLY A 101 -24.78 -26.68 -56.53
C GLY A 101 -23.43 -26.35 -57.13
N LYS A 102 -23.31 -25.14 -57.75
CA LYS A 102 -22.08 -24.67 -58.41
C LYS A 102 -21.05 -24.29 -57.35
N PRO A 103 -19.73 -24.60 -57.52
CA PRO A 103 -18.78 -24.15 -56.50
C PRO A 103 -18.64 -22.64 -56.42
N PHE A 104 -18.51 -22.10 -55.19
CA PHE A 104 -18.34 -20.67 -54.99
C PHE A 104 -16.92 -20.27 -55.40
N MET A 105 -16.84 -19.37 -56.39
CA MET A 105 -15.59 -18.81 -56.94
C MET A 105 -14.73 -18.10 -55.89
N GLY A 106 -15.36 -17.58 -54.84
CA GLY A 106 -14.72 -16.80 -53.79
C GLY A 106 -14.07 -17.63 -52.70
N CYS A 107 -14.33 -18.96 -52.65
CA CYS A 107 -13.75 -19.84 -51.65
C CYS A 107 -12.25 -20.04 -51.93
N PRO A 108 -11.33 -19.71 -50.99
CA PRO A 108 -9.90 -19.93 -51.28
C PRO A 108 -9.51 -21.37 -51.59
N ARG A 109 -10.12 -22.35 -50.92
CA ARG A 109 -9.82 -23.75 -51.16
C ARG A 109 -10.24 -24.16 -52.57
N GLN A 110 -11.39 -23.64 -53.06
CA GLN A 110 -11.86 -23.91 -54.41
C GLN A 110 -10.93 -23.31 -55.47
N VAL A 111 -10.31 -22.16 -55.17
CA VAL A 111 -9.37 -21.50 -56.08
C VAL A 111 -8.14 -22.37 -56.30
N LEU A 112 -7.54 -22.90 -55.22
CA LEU A 112 -6.37 -23.77 -55.34
C LEU A 112 -6.76 -25.05 -56.09
N LYS A 113 -7.94 -25.62 -55.80
CA LYS A 113 -8.45 -26.80 -56.49
C LYS A 113 -8.55 -26.55 -57.99
N LYS A 114 -9.09 -25.38 -58.40
CA LYS A 114 -9.22 -25.04 -59.81
C LYS A 114 -7.84 -24.96 -60.47
N ASN A 115 -6.89 -24.24 -59.85
CA ASN A 115 -5.54 -24.12 -60.40
C ASN A 115 -4.82 -25.48 -60.47
N MET A 116 -5.09 -26.39 -59.52
CA MET A 116 -4.50 -27.72 -59.55
C MET A 116 -5.12 -28.56 -60.67
N GLU A 117 -6.43 -28.41 -60.92
CA GLU A 117 -7.12 -29.13 -61.99
C GLU A 117 -6.59 -28.68 -63.36
N GLU A 118 -6.31 -27.38 -63.51
CA GLU A 118 -5.72 -26.88 -64.77
C GLU A 118 -4.33 -27.51 -64.96
N ALA A 119 -3.55 -27.58 -63.88
CA ALA A 119 -2.21 -28.14 -63.95
C ALA A 119 -2.28 -29.63 -64.30
N ALA A 120 -3.26 -30.36 -63.71
CA ALA A 120 -3.47 -31.79 -63.96
C ALA A 120 -3.84 -32.04 -65.42
N LYS A 121 -4.50 -31.06 -66.10
CA LYS A 121 -4.83 -31.17 -67.51
C LYS A 121 -3.56 -31.27 -68.39
N LEU A 122 -2.44 -30.68 -67.94
CA LEU A 122 -1.13 -30.77 -68.61
C LEU A 122 -0.22 -31.87 -67.96
N GLY A 123 -0.79 -32.80 -67.19
CA GLY A 123 -0.05 -33.87 -66.53
C GLY A 123 0.84 -33.42 -65.38
N TYR A 124 0.65 -32.18 -64.86
CA TYR A 124 1.46 -31.64 -63.77
C TYR A 124 0.74 -31.69 -62.43
N VAL A 125 1.50 -31.97 -61.36
CA VAL A 125 1.00 -31.95 -59.98
C VAL A 125 2.08 -31.28 -59.13
N MET A 126 1.71 -30.22 -58.40
CA MET A 126 2.67 -29.49 -57.59
C MET A 126 2.72 -30.02 -56.18
N ASN A 127 3.93 -30.24 -55.68
CA ASN A 127 4.18 -30.72 -54.34
C ASN A 127 4.86 -29.61 -53.56
N THR A 128 4.36 -29.33 -52.36
CA THR A 128 4.86 -28.27 -51.49
C THR A 128 5.23 -28.82 -50.11
N GLY A 129 6.32 -28.30 -49.55
CA GLY A 129 6.83 -28.68 -48.25
C GLY A 129 7.30 -27.42 -47.52
N PRO A 130 6.42 -26.77 -46.74
CA PRO A 130 6.80 -25.50 -46.09
C PRO A 130 7.55 -25.63 -44.78
N GLU A 131 8.39 -24.63 -44.49
CA GLU A 131 9.16 -24.49 -43.27
C GLU A 131 8.40 -23.42 -42.49
N MET A 132 7.64 -23.83 -41.48
CA MET A 132 6.80 -22.92 -40.72
C MET A 132 7.46 -22.33 -39.48
N GLU A 133 7.81 -21.04 -39.56
CA GLU A 133 8.40 -20.31 -38.43
C GLU A 133 7.29 -19.61 -37.66
N PHE A 134 7.44 -19.52 -36.34
CA PHE A 134 6.45 -18.87 -35.48
C PHE A 134 7.07 -18.46 -34.16
N PHE A 135 6.36 -17.62 -33.39
CA PHE A 135 6.83 -17.15 -32.10
C PHE A 135 5.91 -17.62 -30.99
N LEU A 136 6.46 -17.82 -29.79
CA LEU A 136 5.69 -18.20 -28.62
C LEU A 136 5.91 -17.10 -27.59
N PHE A 137 4.86 -16.29 -27.35
CA PHE A 137 4.94 -15.15 -26.46
C PHE A 137 4.17 -15.36 -25.16
N LYS A 138 4.55 -14.59 -24.13
CA LYS A 138 3.90 -14.62 -22.83
C LYS A 138 2.54 -13.88 -22.89
N ARG A 139 1.71 -14.07 -21.86
CA ARG A 139 0.42 -13.41 -21.72
C ARG A 139 0.42 -12.60 -20.43
N GLN A 140 -0.03 -11.33 -20.51
CA GLN A 140 -0.13 -10.43 -19.35
C GLN A 140 -1.58 -10.03 -19.18
N ASP A 141 -2.17 -10.34 -18.01
CA ASP A 141 -3.56 -10.06 -17.68
C ASP A 141 -4.51 -10.74 -18.68
N GLY A 142 -4.23 -12.01 -19.02
CA GLY A 142 -5.04 -12.78 -19.95
C GLY A 142 -5.08 -12.26 -21.38
N MET A 143 -4.02 -11.53 -21.80
CA MET A 143 -3.98 -10.84 -23.09
C MET A 143 -2.64 -11.09 -23.81
N PRO A 144 -2.62 -11.46 -25.11
CA PRO A 144 -1.33 -11.67 -25.80
C PRO A 144 -0.37 -10.47 -25.77
N THR A 145 0.94 -10.75 -25.69
CA THR A 145 2.01 -9.75 -25.74
C THR A 145 3.03 -10.16 -26.84
N ASN A 146 4.10 -9.37 -27.05
CA ASN A 146 5.19 -9.72 -27.96
C ASN A 146 6.48 -9.97 -27.15
N ILE A 147 6.36 -10.46 -25.88
CA ILE A 147 7.49 -10.75 -25.02
C ILE A 147 7.85 -12.21 -25.21
N PRO A 148 9.06 -12.56 -25.69
CA PRO A 148 9.40 -13.98 -25.85
C PRO A 148 9.31 -14.80 -24.56
N GLN A 149 8.79 -16.02 -24.67
CA GLN A 149 8.66 -16.95 -23.55
C GLN A 149 10.04 -17.44 -23.09
N ASP A 150 10.98 -17.63 -24.02
CA ASP A 150 12.34 -18.09 -23.74
C ASP A 150 13.37 -17.10 -24.30
N ARG A 151 14.63 -17.20 -23.84
CA ARG A 151 15.69 -16.35 -24.38
C ARG A 151 16.69 -17.24 -25.12
N GLY A 152 16.17 -18.11 -26.00
CA GLY A 152 17.05 -19.06 -26.70
C GLY A 152 17.41 -18.61 -28.10
N GLY A 153 18.11 -19.47 -28.86
CA GLY A 153 18.58 -19.08 -30.19
C GLY A 153 18.54 -20.22 -31.19
N TYR A 154 19.27 -20.09 -32.29
CA TYR A 154 19.24 -21.12 -33.37
C TYR A 154 19.56 -22.51 -32.82
N PHE A 155 18.69 -23.48 -33.10
CA PHE A 155 18.95 -24.89 -32.71
C PHE A 155 19.34 -24.99 -31.24
N ASP A 156 19.01 -24.00 -30.41
CA ASP A 156 19.33 -24.15 -28.99
C ASP A 156 18.54 -25.26 -28.31
N LEU A 157 19.11 -25.75 -27.21
CA LEU A 157 18.48 -26.87 -26.47
C LEU A 157 18.10 -26.41 -25.06
N ALA A 158 17.25 -27.17 -24.39
CA ALA A 158 16.80 -26.87 -23.03
C ALA A 158 17.98 -26.94 -22.05
N PRO A 159 17.96 -26.16 -20.95
CA PRO A 159 16.93 -25.21 -20.53
C PRO A 159 16.95 -23.86 -21.22
N ILE A 160 17.78 -23.67 -22.27
CA ILE A 160 17.77 -22.40 -23.00
C ILE A 160 16.44 -22.30 -23.79
N ASP A 161 16.00 -23.42 -24.41
CA ASP A 161 14.73 -23.52 -25.11
C ASP A 161 13.68 -24.02 -24.08
N LEU A 162 12.78 -23.14 -23.63
CA LEU A 162 11.79 -23.52 -22.59
C LEU A 162 10.51 -24.06 -23.23
N ALA A 163 10.36 -23.93 -24.54
CA ALA A 163 9.19 -24.42 -25.26
C ALA A 163 9.35 -25.83 -25.83
N GLU A 164 10.21 -26.67 -25.24
CA GLU A 164 10.41 -28.02 -25.74
C GLU A 164 9.23 -28.94 -25.43
N GLU A 165 8.53 -28.70 -24.30
CA GLU A 165 7.36 -29.50 -23.93
C GLU A 165 6.18 -29.17 -24.86
N ILE A 166 5.97 -27.89 -25.15
CA ILE A 166 4.82 -27.48 -26.00
C ILE A 166 5.08 -27.93 -27.44
N LYS A 167 6.30 -27.71 -27.95
CA LYS A 167 6.63 -28.14 -29.32
C LYS A 167 6.46 -29.66 -29.46
N ARG A 168 6.86 -30.39 -28.40
CA ARG A 168 6.72 -31.84 -28.29
C ARG A 168 5.24 -32.22 -28.45
N GLU A 169 4.36 -31.49 -27.75
CA GLU A 169 2.91 -31.73 -27.81
C GLU A 169 2.35 -31.36 -29.18
N ILE A 170 2.81 -30.25 -29.81
CA ILE A 170 2.33 -29.86 -31.15
C ILE A 170 2.59 -30.98 -32.16
N VAL A 171 3.83 -31.47 -32.23
CA VAL A 171 4.19 -32.52 -33.17
C VAL A 171 3.41 -33.80 -32.89
N LEU A 172 3.18 -34.13 -31.61
CA LEU A 172 2.45 -35.34 -31.22
C LEU A 172 0.99 -35.24 -31.65
N VAL A 173 0.34 -34.09 -31.39
CA VAL A 173 -1.05 -33.84 -31.76
C VAL A 173 -1.21 -33.89 -33.28
N LEU A 174 -0.23 -33.37 -34.03
CA LEU A 174 -0.28 -33.40 -35.49
C LEU A 174 -0.18 -34.83 -36.00
N GLU A 175 0.77 -35.61 -35.50
CA GLU A 175 0.88 -37.03 -35.92
C GLU A 175 -0.47 -37.74 -35.74
N GLU A 176 -1.14 -37.51 -34.61
CA GLU A 176 -2.43 -38.14 -34.32
C GLU A 176 -3.52 -37.80 -35.37
N MET A 177 -3.23 -36.81 -36.22
CA MET A 177 -4.21 -36.37 -37.25
C MET A 177 -3.60 -36.57 -38.65
N GLY A 178 -2.83 -37.63 -38.84
CA GLY A 178 -2.26 -37.93 -40.17
C GLY A 178 -1.31 -36.86 -40.66
N PHE A 179 -0.52 -36.27 -39.77
CA PHE A 179 0.44 -35.24 -40.19
C PHE A 179 1.87 -35.76 -39.98
N GLU A 180 2.71 -35.62 -41.00
CA GLU A 180 4.10 -36.13 -40.93
C GLU A 180 5.07 -34.94 -40.87
N VAL A 181 5.72 -34.73 -39.73
CA VAL A 181 6.69 -33.61 -39.59
C VAL A 181 8.11 -34.18 -39.72
N GLU A 182 8.97 -33.48 -40.47
CA GLU A 182 10.36 -33.97 -40.67
C GLU A 182 11.22 -33.62 -39.44
N ALA A 183 11.20 -32.35 -39.03
CA ALA A 183 12.01 -31.91 -37.90
C ALA A 183 11.51 -30.58 -37.34
N ALA A 184 11.84 -30.30 -36.08
CA ALA A 184 11.50 -29.06 -35.39
C ALA A 184 12.73 -28.56 -34.64
N HIS A 185 12.88 -27.24 -34.54
CA HIS A 185 14.04 -26.65 -33.87
C HIS A 185 13.78 -25.20 -33.45
N HIS A 186 14.60 -24.69 -32.53
CA HIS A 186 14.52 -23.30 -32.10
C HIS A 186 15.15 -22.45 -33.20
N GLU A 187 14.57 -21.31 -33.53
CA GLU A 187 15.08 -20.43 -34.58
C GLU A 187 16.01 -19.32 -34.01
N VAL A 188 16.47 -18.37 -34.85
CA VAL A 188 17.44 -17.34 -34.48
C VAL A 188 16.94 -16.41 -33.36
N ALA A 189 15.74 -15.85 -33.52
CA ALA A 189 15.20 -14.88 -32.57
C ALA A 189 14.70 -15.52 -31.26
N PHE A 190 14.63 -14.71 -30.20
CA PHE A 190 14.17 -15.14 -28.88
C PHE A 190 12.72 -15.60 -28.96
N GLY A 191 12.46 -16.82 -28.49
CA GLY A 191 11.12 -17.40 -28.50
C GLY A 191 10.60 -17.81 -29.86
N GLN A 192 11.47 -17.84 -30.89
CA GLN A 192 11.08 -18.24 -32.23
C GLN A 192 11.38 -19.71 -32.44
N HIS A 193 10.51 -20.40 -33.17
CA HIS A 193 10.63 -21.82 -33.45
C HIS A 193 10.25 -22.14 -34.90
N GLU A 194 10.63 -23.32 -35.39
CA GLU A 194 10.32 -23.75 -36.75
C GLU A 194 9.95 -25.20 -36.76
N ILE A 195 8.91 -25.55 -37.52
CA ILE A 195 8.45 -26.92 -37.67
C ILE A 195 8.33 -27.17 -39.16
N ASP A 196 9.21 -28.03 -39.70
CA ASP A 196 9.21 -28.34 -41.12
C ASP A 196 8.54 -29.67 -41.32
N PHE A 197 7.56 -29.71 -42.23
CA PHE A 197 6.93 -31.01 -42.58
C PHE A 197 7.29 -31.36 -44.02
N LYS A 198 7.27 -32.65 -44.33
CA LYS A 198 7.62 -33.16 -45.65
C LYS A 198 6.60 -32.81 -46.73
N TYR A 199 7.02 -32.94 -47.98
CA TYR A 199 6.21 -32.58 -49.13
C TYR A 199 4.93 -33.39 -49.27
N ASP A 200 3.93 -32.74 -49.88
CA ASP A 200 2.66 -33.35 -50.25
C ASP A 200 1.99 -32.46 -51.32
N ASN A 201 0.91 -32.92 -51.98
CA ASN A 201 0.21 -32.09 -52.97
C ASN A 201 -0.25 -30.76 -52.37
N ALA A 202 -0.31 -29.70 -53.17
CA ALA A 202 -0.65 -28.36 -52.70
C ALA A 202 -1.90 -28.28 -51.82
N LEU A 203 -2.95 -29.07 -52.12
CA LEU A 203 -4.19 -29.03 -51.35
C LEU A 203 -4.02 -29.64 -49.96
N ALA A 204 -3.43 -30.84 -49.86
CA ALA A 204 -3.21 -31.48 -48.56
C ALA A 204 -2.28 -30.63 -47.71
N THR A 205 -1.25 -30.03 -48.32
CA THR A 205 -0.33 -29.16 -47.60
C THR A 205 -1.02 -27.92 -47.07
N ALA A 206 -1.87 -27.27 -47.88
CA ALA A 206 -2.58 -26.08 -47.44
C ALA A 206 -3.52 -26.40 -46.28
N ASP A 207 -4.22 -27.56 -46.34
CA ASP A 207 -5.07 -28.03 -45.25
C ASP A 207 -4.24 -28.23 -43.98
N ASN A 208 -3.05 -28.82 -44.13
CA ASN A 208 -2.11 -29.09 -43.05
C ASN A 208 -1.55 -27.81 -42.44
N VAL A 209 -1.32 -26.76 -43.25
CA VAL A 209 -0.82 -25.47 -42.78
C VAL A 209 -1.87 -24.84 -41.86
N ILE A 210 -3.15 -24.86 -42.27
CA ILE A 210 -4.24 -24.30 -41.46
C ILE A 210 -4.36 -25.07 -40.15
N THR A 211 -4.24 -26.39 -40.21
CA THR A 211 -4.31 -27.24 -39.01
C THR A 211 -3.17 -26.91 -38.06
N LEU A 212 -1.94 -26.77 -38.57
CA LEU A 212 -0.85 -26.43 -37.61
C LEU A 212 -1.22 -25.14 -36.88
N LYS A 213 -1.49 -24.06 -37.61
CA LYS A 213 -1.73 -22.79 -36.95
C LYS A 213 -2.80 -22.92 -35.85
N TYR A 214 -3.87 -23.65 -36.15
CA TYR A 214 -4.96 -23.90 -35.20
C TYR A 214 -4.46 -24.68 -33.97
N VAL A 215 -3.73 -25.79 -34.21
CA VAL A 215 -3.18 -26.63 -33.14
C VAL A 215 -2.17 -25.86 -32.27
N ALA A 216 -1.21 -25.14 -32.89
CA ALA A 216 -0.20 -24.41 -32.15
C ALA A 216 -0.82 -23.33 -31.26
N LYS A 217 -1.77 -22.55 -31.79
CA LYS A 217 -2.44 -21.50 -31.02
C LYS A 217 -3.31 -22.08 -29.89
N THR A 218 -3.93 -23.25 -30.13
CA THR A 218 -4.77 -23.90 -29.11
C THR A 218 -3.89 -24.43 -27.96
N LEU A 219 -2.81 -25.15 -28.27
CA LEU A 219 -1.93 -25.69 -27.24
C LEU A 219 -1.14 -24.59 -26.51
N ALA A 220 -0.87 -23.47 -27.18
CA ALA A 220 -0.19 -22.34 -26.55
C ALA A 220 -1.08 -21.77 -25.45
N LEU A 221 -2.38 -21.60 -25.74
CA LEU A 221 -3.31 -21.07 -24.74
C LEU A 221 -3.42 -22.02 -23.55
N GLN A 222 -3.39 -23.34 -23.78
CA GLN A 222 -3.42 -24.32 -22.69
C GLN A 222 -2.27 -24.13 -21.70
N HIS A 223 -1.10 -23.67 -22.18
CA HIS A 223 0.06 -23.41 -21.32
C HIS A 223 0.22 -21.93 -20.90
N GLY A 224 -0.83 -21.13 -21.06
CA GLY A 224 -0.79 -19.70 -20.71
C GLY A 224 0.08 -18.86 -21.61
N LEU A 225 0.33 -19.33 -22.84
CA LEU A 225 1.15 -18.65 -23.85
C LEU A 225 0.33 -18.30 -25.10
N HIS A 226 0.94 -17.60 -26.05
CA HIS A 226 0.29 -17.19 -27.28
C HIS A 226 1.22 -17.46 -28.45
N ALA A 227 0.83 -18.37 -29.36
CA ALA A 227 1.61 -18.65 -30.56
C ALA A 227 1.13 -17.72 -31.65
N THR A 228 2.05 -17.12 -32.41
CA THR A 228 1.69 -16.22 -33.48
C THR A 228 2.55 -16.50 -34.71
N PHE A 229 1.90 -16.41 -35.86
CA PHE A 229 2.51 -16.55 -37.17
C PHE A 229 2.60 -15.16 -37.83
N MET A 230 2.71 -14.09 -37.02
CA MET A 230 2.85 -12.71 -37.56
C MET A 230 4.24 -12.57 -38.20
N PRO A 231 4.40 -11.90 -39.36
CA PRO A 231 5.71 -11.84 -40.02
C PRO A 231 6.83 -11.16 -39.22
N LYS A 232 6.54 -10.04 -38.55
CA LYS A 232 7.53 -9.29 -37.78
C LYS A 232 6.91 -8.75 -36.49
N PRO A 233 6.72 -9.62 -35.47
CA PRO A 233 6.15 -9.14 -34.22
C PRO A 233 7.08 -8.27 -33.36
N ILE A 234 8.41 -8.40 -33.56
CA ILE A 234 9.37 -7.62 -32.79
C ILE A 234 10.36 -6.95 -33.74
N PHE A 235 10.64 -5.66 -33.51
CA PHE A 235 11.60 -4.92 -34.30
C PHE A 235 13.03 -5.25 -33.82
N GLY A 236 13.98 -5.32 -34.76
CA GLY A 236 15.37 -5.56 -34.43
C GLY A 236 15.79 -7.02 -34.32
N VAL A 237 14.83 -7.95 -34.43
CA VAL A 237 15.12 -9.40 -34.37
C VAL A 237 14.60 -10.06 -35.66
N ASN A 238 14.93 -11.35 -35.88
CA ASN A 238 14.50 -12.09 -37.06
C ASN A 238 12.97 -12.18 -37.11
N GLY A 239 12.44 -12.20 -38.33
CA GLY A 239 11.00 -12.32 -38.56
C GLY A 239 10.63 -13.74 -38.93
N SER A 240 9.34 -14.08 -38.87
CA SER A 240 8.85 -15.41 -39.21
C SER A 240 8.59 -15.51 -40.71
N GLY A 241 9.19 -16.52 -41.33
CA GLY A 241 9.04 -16.79 -42.74
C GLY A 241 8.41 -18.14 -43.00
N MET A 242 7.87 -18.34 -44.21
CA MET A 242 7.30 -19.61 -44.65
C MET A 242 8.03 -19.99 -45.93
N HIS A 243 9.22 -20.59 -45.81
CA HIS A 243 9.99 -21.00 -46.98
C HIS A 243 9.30 -22.20 -47.57
N THR A 244 8.87 -22.09 -48.83
CA THR A 244 8.10 -23.13 -49.50
C THR A 244 8.92 -23.94 -50.49
N ASN A 245 9.24 -25.19 -50.13
CA ASN A 245 9.94 -26.11 -51.02
C ASN A 245 8.92 -26.55 -52.05
N THR A 246 9.20 -26.32 -53.33
CA THR A 246 8.26 -26.62 -54.42
C THR A 246 8.92 -27.45 -55.51
N SER A 247 8.18 -28.45 -56.00
CA SER A 247 8.59 -29.31 -57.08
C SER A 247 7.38 -29.65 -57.94
N LEU A 248 7.60 -29.91 -59.21
CA LEU A 248 6.52 -30.25 -60.14
C LEU A 248 6.72 -31.68 -60.60
N PHE A 249 5.63 -32.48 -60.68
CA PHE A 249 5.71 -33.89 -61.04
C PHE A 249 4.84 -34.18 -62.26
N LYS A 250 5.45 -34.76 -63.30
CA LYS A 250 4.74 -35.12 -64.52
C LYS A 250 5.01 -36.57 -64.82
N ASP A 251 3.95 -37.33 -65.20
CA ASP A 251 4.07 -38.75 -65.51
C ASP A 251 4.65 -39.56 -64.32
N GLY A 252 4.40 -39.11 -63.08
CA GLY A 252 4.90 -39.80 -61.90
C GLY A 252 6.32 -39.43 -61.50
N LYS A 253 7.15 -39.00 -62.47
CA LYS A 253 8.51 -38.59 -62.20
C LYS A 253 8.57 -37.09 -61.90
N ASN A 254 9.65 -36.68 -61.24
CA ASN A 254 9.91 -35.29 -60.90
C ASN A 254 10.31 -34.53 -62.20
N ALA A 255 9.46 -33.60 -62.66
CA ALA A 255 9.69 -32.81 -63.87
C ALA A 255 10.89 -31.85 -63.77
N PHE A 256 11.47 -31.70 -62.58
CA PHE A 256 12.59 -30.73 -62.40
C PHE A 256 13.94 -31.45 -62.50
N TYR A 257 13.94 -32.78 -62.60
CA TYR A 257 15.16 -33.57 -62.69
C TYR A 257 15.44 -34.01 -64.13
N ASP A 258 16.66 -33.75 -64.61
CA ASP A 258 17.12 -34.17 -65.93
C ASP A 258 18.56 -34.67 -65.74
N PRO A 259 18.82 -36.00 -65.67
CA PRO A 259 20.19 -36.47 -65.44
C PRO A 259 21.23 -36.09 -66.49
N ASP A 260 20.80 -35.80 -67.71
CA ASP A 260 21.70 -35.45 -68.81
C ASP A 260 22.04 -33.96 -68.84
N ALA A 261 21.17 -33.09 -68.29
CA ALA A 261 21.40 -31.65 -68.30
C ALA A 261 22.49 -31.23 -67.28
N PRO A 262 23.17 -30.09 -67.47
CA PRO A 262 24.20 -29.68 -66.48
C PRO A 262 23.61 -29.41 -65.09
N ASP A 263 24.36 -29.73 -64.02
CA ASP A 263 23.86 -29.58 -62.65
C ASP A 263 22.53 -30.34 -62.43
N GLN A 264 22.15 -31.24 -63.37
CA GLN A 264 20.94 -32.03 -63.32
C GLN A 264 19.63 -31.21 -63.21
N ILE A 265 19.67 -29.94 -63.59
CA ILE A 265 18.38 -29.17 -63.57
C ILE A 265 17.68 -29.30 -64.91
N SER A 266 16.41 -29.73 -64.92
CA SER A 266 15.67 -29.83 -66.16
C SER A 266 15.32 -28.40 -66.66
N ASP A 267 14.94 -28.29 -67.94
CA ASP A 267 14.49 -27.01 -68.51
C ASP A 267 13.22 -26.53 -67.80
N THR A 268 12.32 -27.46 -67.44
CA THR A 268 11.07 -27.16 -66.72
C THR A 268 11.33 -26.37 -65.44
N LEU A 269 12.43 -26.67 -64.71
CA LEU A 269 12.75 -25.94 -63.48
C LEU A 269 13.09 -24.49 -63.83
N ARG A 270 14.00 -24.27 -64.80
CA ARG A 270 14.40 -22.93 -65.20
C ARG A 270 13.21 -22.11 -65.69
N TYR A 271 12.30 -22.71 -66.48
CA TYR A 271 11.13 -21.98 -66.96
C TYR A 271 10.17 -21.67 -65.81
N PHE A 272 9.96 -22.64 -64.89
CA PHE A 272 9.09 -22.43 -63.73
C PHE A 272 9.64 -21.28 -62.86
N VAL A 273 10.96 -21.25 -62.62
CA VAL A 273 11.62 -20.19 -61.85
C VAL A 273 11.45 -18.85 -62.57
N GLY A 274 11.64 -18.85 -63.90
CA GLY A 274 11.48 -17.65 -64.72
C GLY A 274 10.09 -17.05 -64.63
N GLY A 275 9.08 -17.92 -64.57
CA GLY A 275 7.69 -17.50 -64.45
C GLY A 275 7.38 -16.92 -63.09
N VAL A 276 7.83 -17.58 -62.02
CA VAL A 276 7.61 -17.10 -60.64
C VAL A 276 8.29 -15.74 -60.46
N LEU A 277 9.53 -15.59 -60.92
CA LEU A 277 10.26 -14.32 -60.79
C LEU A 277 9.66 -13.19 -61.63
N LYS A 278 8.96 -13.53 -62.73
CA LYS A 278 8.32 -12.54 -63.59
C LYS A 278 7.16 -11.88 -62.84
N HIS A 279 6.36 -12.68 -62.12
CA HIS A 279 5.19 -12.20 -61.38
C HIS A 279 5.43 -12.10 -59.87
N ILE A 280 6.69 -12.17 -59.38
CA ILE A 280 6.95 -12.16 -57.94
C ILE A 280 6.51 -10.89 -57.22
N ARG A 281 6.60 -9.73 -57.89
CA ARG A 281 6.16 -8.47 -57.29
C ARG A 281 4.65 -8.51 -56.99
N ALA A 282 3.87 -9.17 -57.87
CA ALA A 282 2.44 -9.35 -57.71
C ALA A 282 2.11 -10.46 -56.70
N ILE A 283 2.88 -11.57 -56.73
CA ILE A 283 2.69 -12.70 -55.80
C ILE A 283 2.89 -12.23 -54.35
N THR A 284 3.80 -11.25 -54.12
CA THR A 284 4.08 -10.72 -52.79
C THR A 284 2.82 -10.19 -52.09
N ALA A 285 1.84 -9.66 -52.84
CA ALA A 285 0.59 -9.19 -52.22
C ALA A 285 -0.21 -10.34 -51.58
N ILE A 286 -0.05 -11.58 -52.10
CA ILE A 286 -0.72 -12.78 -51.61
C ILE A 286 0.10 -13.47 -50.52
N THR A 287 1.40 -13.69 -50.78
CA THR A 287 2.31 -14.39 -49.87
C THR A 287 2.77 -13.56 -48.67
N ASN A 288 2.70 -12.23 -48.79
CA ASN A 288 3.07 -11.26 -47.76
C ASN A 288 1.89 -10.27 -47.70
N PRO A 289 0.72 -10.69 -47.18
CA PRO A 289 -0.49 -9.84 -47.28
C PRO A 289 -0.72 -8.77 -46.23
N LEU A 290 0.00 -8.79 -45.11
CA LEU A 290 -0.22 -7.80 -44.05
C LEU A 290 0.68 -6.59 -44.23
N VAL A 291 0.31 -5.47 -43.58
CA VAL A 291 1.16 -4.26 -43.57
C VAL A 291 2.50 -4.61 -42.86
N ASN A 292 2.43 -5.44 -41.81
CA ASN A 292 3.57 -5.91 -41.04
C ASN A 292 4.52 -6.82 -41.85
N SER A 293 4.02 -7.49 -42.89
CA SER A 293 4.85 -8.35 -43.74
C SER A 293 6.02 -7.60 -44.37
N TYR A 294 5.84 -6.32 -44.64
CA TYR A 294 6.90 -5.51 -45.26
C TYR A 294 7.92 -4.97 -44.25
N LYS A 295 7.67 -5.11 -42.93
CA LYS A 295 8.65 -4.83 -41.89
C LYS A 295 9.62 -6.04 -41.75
N ARG A 296 9.23 -7.23 -42.25
CA ARG A 296 10.06 -8.43 -42.31
C ARG A 296 10.95 -8.35 -43.55
N LEU A 297 10.43 -7.86 -44.69
CA LEU A 297 11.19 -7.73 -45.93
C LEU A 297 12.10 -6.50 -45.88
N VAL A 298 13.10 -6.56 -44.98
CA VAL A 298 14.10 -5.53 -44.78
C VAL A 298 15.49 -6.22 -44.73
N PRO A 299 16.59 -5.58 -45.20
CA PRO A 299 17.90 -6.26 -45.13
C PRO A 299 18.40 -6.48 -43.70
N GLY A 300 19.26 -7.48 -43.52
CA GLY A 300 19.86 -7.80 -42.24
C GLY A 300 19.39 -9.08 -41.58
N TYR A 301 18.28 -9.66 -42.05
CA TYR A 301 17.71 -10.89 -41.48
C TYR A 301 17.60 -12.00 -42.55
N GLU A 302 17.11 -13.19 -42.13
CA GLU A 302 16.90 -14.40 -42.95
C GLU A 302 15.66 -14.28 -43.89
N ALA A 303 15.29 -13.06 -44.26
CA ALA A 303 14.27 -12.76 -45.25
C ALA A 303 14.86 -12.21 -46.57
N PRO A 304 14.43 -12.73 -47.75
CA PRO A 304 14.93 -12.17 -49.01
C PRO A 304 14.28 -10.83 -49.33
N VAL A 305 15.03 -9.92 -49.95
CA VAL A 305 14.55 -8.59 -50.32
C VAL A 305 14.80 -8.33 -51.82
N TYR A 306 15.92 -8.81 -52.39
CA TYR A 306 16.26 -8.63 -53.79
C TYR A 306 15.76 -9.83 -54.61
N ILE A 307 15.27 -9.56 -55.82
CA ILE A 307 14.72 -10.58 -56.71
C ILE A 307 15.84 -11.31 -57.46
N THR A 308 16.36 -12.41 -56.89
CA THR A 308 17.41 -13.24 -57.48
C THR A 308 17.15 -14.72 -57.20
N TRP A 309 17.80 -15.62 -57.96
CA TRP A 309 17.75 -17.05 -57.74
C TRP A 309 19.17 -17.60 -57.81
N SER A 310 19.49 -18.61 -57.01
CA SER A 310 20.84 -19.16 -56.96
C SER A 310 20.84 -20.61 -56.39
N GLY A 311 22.03 -21.19 -56.23
CA GLY A 311 22.19 -22.53 -55.66
C GLY A 311 22.08 -22.51 -54.15
N PRO A 312 22.52 -23.58 -53.45
CA PRO A 312 22.43 -23.57 -51.97
C PRO A 312 23.42 -22.67 -51.23
N ASN A 313 24.58 -22.33 -51.83
CA ASN A 313 25.61 -21.53 -51.15
C ASN A 313 25.15 -20.12 -50.74
N ARG A 314 24.38 -19.47 -51.62
CA ARG A 314 23.93 -18.08 -51.36
C ARG A 314 22.43 -18.06 -51.01
N SER A 315 22.04 -17.27 -50.02
CA SER A 315 20.63 -17.12 -49.69
C SER A 315 19.99 -16.11 -50.65
N SER A 316 18.95 -16.54 -51.37
CA SER A 316 18.25 -15.72 -52.38
C SER A 316 16.72 -15.86 -52.23
N LEU A 317 15.94 -15.20 -53.12
CA LEU A 317 14.49 -15.32 -53.12
C LEU A 317 14.12 -16.77 -53.46
N ILE A 318 14.69 -17.30 -54.54
CA ILE A 318 14.54 -18.70 -54.91
C ILE A 318 15.91 -19.32 -54.77
N ARG A 319 15.93 -20.53 -54.19
CA ARG A 319 17.22 -21.25 -53.99
C ARG A 319 17.01 -22.68 -54.48
N VAL A 320 18.01 -23.23 -55.15
CA VAL A 320 17.92 -24.58 -55.70
C VAL A 320 18.81 -25.49 -54.83
N PRO A 321 18.24 -26.26 -53.88
CA PRO A 321 19.09 -27.13 -53.03
C PRO A 321 19.85 -28.21 -53.78
N ALA A 322 20.92 -28.76 -53.15
CA ALA A 322 21.75 -29.79 -53.76
C ALA A 322 21.02 -31.12 -54.02
N PRO A 323 20.19 -31.67 -53.11
CA PRO A 323 19.49 -32.94 -53.40
C PRO A 323 18.87 -33.07 -54.78
N ARG A 324 19.11 -34.21 -55.45
CA ARG A 324 18.64 -34.50 -56.80
C ARG A 324 17.79 -35.79 -56.82
N GLY A 325 17.40 -36.26 -58.01
CA GLY A 325 16.53 -37.42 -58.13
C GLY A 325 15.10 -37.00 -57.87
N ASN A 326 14.41 -37.76 -57.02
CA ASN A 326 13.02 -37.47 -56.67
C ASN A 326 12.91 -36.24 -55.73
N SER A 327 14.01 -35.81 -55.08
CA SER A 327 14.01 -34.66 -54.18
C SER A 327 14.47 -33.34 -54.85
N THR A 328 14.49 -33.25 -56.21
CA THR A 328 14.87 -32.00 -56.88
C THR A 328 13.76 -31.00 -56.63
N ARG A 329 14.13 -29.77 -56.24
CA ARG A 329 13.13 -28.76 -55.88
C ARG A 329 13.72 -27.35 -55.87
N ILE A 330 12.85 -26.34 -55.66
CA ILE A 330 13.23 -24.95 -55.49
C ILE A 330 12.61 -24.46 -54.18
N GLU A 331 13.33 -23.64 -53.43
CA GLU A 331 12.86 -23.11 -52.16
C GLU A 331 12.54 -21.64 -52.33
N ILE A 332 11.23 -21.31 -52.38
CA ILE A 332 10.80 -19.91 -52.52
C ILE A 332 10.74 -19.38 -51.08
N ARG A 333 11.66 -18.47 -50.72
CA ARG A 333 11.84 -17.95 -49.37
C ARG A 333 11.11 -16.63 -49.05
N SER A 334 10.43 -15.99 -50.01
CA SER A 334 9.77 -14.72 -49.75
C SER A 334 8.49 -14.78 -48.90
N PRO A 335 7.65 -15.84 -49.00
CA PRO A 335 6.41 -15.86 -48.22
C PRO A 335 6.61 -15.85 -46.71
N ASP A 336 5.56 -15.43 -46.00
CA ASP A 336 5.54 -15.47 -44.56
C ASP A 336 4.34 -16.29 -44.06
N PRO A 337 4.38 -16.81 -42.83
CA PRO A 337 3.29 -17.64 -42.34
C PRO A 337 1.89 -17.02 -42.27
N SER A 338 1.76 -15.68 -42.31
CA SER A 338 0.44 -15.04 -42.26
C SER A 338 -0.37 -15.21 -43.54
N CYS A 339 0.23 -15.69 -44.63
CA CYS A 339 -0.46 -15.79 -45.90
C CYS A 339 -1.50 -16.89 -45.91
N ASN A 340 -2.49 -16.75 -46.80
CA ASN A 340 -3.51 -17.77 -46.99
C ASN A 340 -2.80 -18.85 -47.82
N PRO A 341 -2.55 -20.06 -47.29
CA PRO A 341 -1.81 -21.06 -48.07
C PRO A 341 -2.52 -21.48 -49.36
N TYR A 342 -3.86 -21.52 -49.36
CA TYR A 342 -4.62 -21.90 -50.55
C TYR A 342 -4.33 -20.95 -51.71
N LEU A 343 -4.30 -19.65 -51.43
CA LEU A 343 -4.05 -18.64 -52.44
C LEU A 343 -2.57 -18.48 -52.76
N ALA A 344 -1.69 -18.66 -51.76
CA ALA A 344 -0.24 -18.56 -51.99
C ALA A 344 0.24 -19.63 -52.98
N PHE A 345 -0.18 -20.89 -52.79
CA PHE A 345 0.22 -21.97 -53.68
C PHE A 345 -0.43 -21.81 -55.05
N ALA A 346 -1.68 -21.33 -55.11
CA ALA A 346 -2.36 -21.11 -56.40
C ALA A 346 -1.64 -20.04 -57.21
N ALA A 347 -1.20 -18.96 -56.58
CA ALA A 347 -0.47 -17.88 -57.26
C ALA A 347 0.88 -18.37 -57.77
N ILE A 348 1.61 -19.17 -56.98
CA ILE A 348 2.91 -19.69 -57.39
C ILE A 348 2.74 -20.68 -58.54
N LEU A 349 1.72 -21.54 -58.47
CA LEU A 349 1.46 -22.52 -59.51
C LEU A 349 1.11 -21.86 -60.84
N ALA A 350 0.23 -20.84 -60.81
CA ALA A 350 -0.17 -20.15 -62.03
C ALA A 350 0.98 -19.39 -62.69
N ALA A 351 1.80 -18.70 -61.88
CA ALA A 351 2.94 -17.95 -62.41
C ALA A 351 4.01 -18.92 -62.93
N GLY A 352 4.26 -19.99 -62.18
CA GLY A 352 5.24 -21.00 -62.58
C GLY A 352 4.86 -21.75 -63.83
N LEU A 353 3.55 -22.08 -63.98
CA LEU A 353 3.10 -22.79 -65.18
C LEU A 353 3.13 -21.88 -66.41
N ASP A 354 2.91 -20.57 -66.24
CA ASP A 354 3.04 -19.63 -67.36
C ASP A 354 4.53 -19.60 -67.83
N GLY A 355 5.46 -19.76 -66.89
CA GLY A 355 6.88 -19.87 -67.17
C GLY A 355 7.19 -21.06 -68.05
N VAL A 356 6.66 -22.27 -67.69
CA VAL A 356 6.88 -23.50 -68.48
C VAL A 356 6.15 -23.41 -69.83
N LYS A 357 4.94 -22.82 -69.85
CA LYS A 357 4.18 -22.68 -71.08
C LYS A 357 4.92 -21.77 -72.06
N ASN A 358 5.07 -20.48 -71.72
CA ASN A 358 5.77 -19.56 -72.60
C ASN A 358 7.28 -19.74 -72.66
N LYS A 359 7.86 -20.68 -71.89
CA LYS A 359 9.29 -20.94 -71.89
C LYS A 359 10.11 -19.70 -71.59
N ILE A 360 9.73 -19.04 -70.48
CA ILE A 360 10.42 -17.79 -70.05
C ILE A 360 11.75 -18.16 -69.40
N GLU A 361 12.86 -17.72 -70.00
CA GLU A 361 14.17 -17.97 -69.44
C GLU A 361 14.39 -17.10 -68.20
N PRO A 362 14.87 -17.66 -67.09
CA PRO A 362 15.11 -16.83 -65.89
C PRO A 362 16.40 -16.03 -66.00
N PRO A 363 16.58 -14.98 -65.17
CA PRO A 363 17.84 -14.23 -65.20
C PRO A 363 19.04 -15.07 -64.74
N GLU A 364 20.26 -14.52 -64.87
CA GLU A 364 21.46 -15.26 -64.48
C GLU A 364 21.49 -15.46 -62.97
N ARG A 365 22.05 -16.58 -62.53
CA ARG A 365 22.15 -16.88 -61.11
C ARG A 365 23.08 -15.88 -60.44
N VAL A 366 22.65 -15.31 -59.31
CA VAL A 366 23.49 -14.37 -58.57
C VAL A 366 24.09 -15.16 -57.40
N GLU A 367 25.31 -15.73 -57.60
CA GLU A 367 26.01 -16.50 -56.57
C GLU A 367 26.78 -15.59 -55.60
N LYS A 368 27.19 -14.37 -56.05
CA LYS A 368 27.84 -13.40 -55.15
C LYS A 368 26.75 -12.76 -54.29
N ASN A 369 27.06 -12.46 -53.03
CA ASN A 369 26.06 -11.86 -52.11
C ASN A 369 25.65 -10.49 -52.64
N ILE A 370 24.33 -10.26 -52.78
CA ILE A 370 23.82 -8.95 -53.29
C ILE A 370 24.05 -7.89 -52.22
N TYR A 371 23.90 -8.26 -50.95
CA TYR A 371 24.04 -7.29 -49.84
C TYR A 371 25.33 -6.47 -50.02
N LYS A 372 26.49 -7.13 -49.90
CA LYS A 372 27.76 -6.40 -49.99
C LYS A 372 27.80 -5.37 -51.13
N LEU A 373 27.11 -5.64 -52.25
CA LEU A 373 27.14 -4.75 -53.41
C LEU A 373 26.41 -3.43 -53.12
N THR A 374 26.84 -2.34 -53.80
CA THR A 374 26.20 -1.03 -53.64
C THR A 374 25.01 -0.88 -54.61
N GLU A 375 24.18 0.15 -54.41
CA GLU A 375 22.97 0.38 -55.20
C GLU A 375 23.22 0.54 -56.70
N GLU A 376 24.29 1.25 -57.09
CA GLU A 376 24.60 1.43 -58.50
C GLU A 376 25.05 0.13 -59.17
N GLU A 377 25.69 -0.79 -58.40
CA GLU A 377 26.12 -2.06 -58.97
C GLU A 377 24.90 -2.94 -59.25
N ARG A 378 23.97 -3.02 -58.28
CA ARG A 378 22.73 -3.81 -58.45
C ARG A 378 21.94 -3.35 -59.69
N GLU A 379 22.02 -2.06 -60.04
CA GLU A 379 21.32 -1.55 -61.23
C GLU A 379 21.97 -2.14 -62.49
N LYS A 380 23.30 -2.21 -62.52
CA LYS A 380 24.03 -2.72 -63.67
C LYS A 380 23.61 -4.16 -63.98
N LEU A 381 23.44 -4.99 -62.94
CA LEU A 381 23.02 -6.39 -63.10
C LEU A 381 21.50 -6.54 -63.35
N GLY A 382 20.73 -5.46 -63.23
CA GLY A 382 19.30 -5.48 -63.43
C GLY A 382 18.57 -6.22 -62.32
N ILE A 383 19.10 -6.15 -61.08
CA ILE A 383 18.50 -6.79 -59.91
C ILE A 383 17.43 -5.87 -59.35
N GLY A 384 16.21 -6.37 -59.27
CA GLY A 384 15.07 -5.63 -58.73
C GLY A 384 14.89 -5.88 -57.26
N MET A 385 13.97 -5.13 -56.65
CA MET A 385 13.62 -5.25 -55.24
C MET A 385 12.16 -5.65 -55.13
N LEU A 386 11.82 -6.38 -54.06
CA LEU A 386 10.43 -6.73 -53.79
C LEU A 386 9.69 -5.45 -53.33
N PRO A 387 8.35 -5.41 -53.44
CA PRO A 387 7.61 -4.22 -52.97
C PRO A 387 7.95 -3.84 -51.52
N GLY A 388 8.16 -2.55 -51.26
CA GLY A 388 8.52 -2.06 -49.94
C GLY A 388 7.35 -1.88 -48.99
N THR A 389 6.14 -1.68 -49.53
CA THR A 389 4.92 -1.49 -48.75
C THR A 389 3.79 -2.40 -49.27
N LEU A 390 2.71 -2.57 -48.49
CA LEU A 390 1.57 -3.38 -48.91
C LEU A 390 0.87 -2.72 -50.11
N LYS A 391 0.74 -1.38 -50.10
CA LYS A 391 0.09 -0.63 -51.22
C LYS A 391 0.90 -0.85 -52.50
N GLU A 392 2.23 -0.89 -52.39
CA GLU A 392 3.10 -1.06 -53.55
C GLU A 392 2.91 -2.45 -54.18
N ALA A 393 2.71 -3.48 -53.33
CA ALA A 393 2.48 -4.85 -53.80
C ALA A 393 1.08 -4.99 -54.39
N ILE A 394 0.07 -4.35 -53.80
CA ILE A 394 -1.31 -4.41 -54.28
C ILE A 394 -1.42 -3.73 -55.64
N GLU A 395 -0.71 -2.62 -55.86
CA GLU A 395 -0.73 -1.94 -57.15
C GLU A 395 -0.13 -2.85 -58.23
N CYS A 396 0.94 -3.58 -57.91
CA CYS A 396 1.55 -4.53 -58.85
C CYS A 396 0.63 -5.74 -59.10
N PHE A 397 -0.07 -6.21 -58.06
CA PHE A 397 -1.01 -7.32 -58.18
C PHE A 397 -2.23 -6.96 -59.05
N LYS A 398 -2.71 -5.74 -58.90
CA LYS A 398 -3.88 -5.23 -59.64
C LYS A 398 -3.61 -5.25 -61.16
N GLU A 399 -2.37 -4.97 -61.57
CA GLU A 399 -1.97 -4.95 -62.98
C GLU A 399 -1.63 -6.34 -63.54
N ASP A 400 -1.36 -7.32 -62.69
CA ASP A 400 -1.02 -8.67 -63.16
C ASP A 400 -2.30 -9.41 -63.55
N GLU A 401 -2.67 -9.34 -64.82
CA GLU A 401 -3.88 -9.95 -65.35
C GLU A 401 -3.92 -11.47 -65.18
N LEU A 402 -2.76 -12.14 -65.22
CA LEU A 402 -2.70 -13.59 -65.07
C LEU A 402 -3.12 -14.03 -63.68
N LEU A 403 -2.56 -13.43 -62.62
CA LEU A 403 -2.91 -13.80 -61.25
C LEU A 403 -4.34 -13.44 -60.90
N VAL A 404 -4.86 -12.33 -61.46
CA VAL A 404 -6.24 -11.93 -61.19
C VAL A 404 -7.19 -12.99 -61.79
N SER A 405 -6.89 -13.48 -63.00
CA SER A 405 -7.72 -14.50 -63.65
C SER A 405 -7.56 -15.87 -62.98
N ALA A 406 -6.33 -16.20 -62.51
CA ALA A 406 -6.06 -17.47 -61.85
C ALA A 406 -6.77 -17.56 -60.50
N LEU A 407 -6.71 -16.47 -59.72
CA LEU A 407 -7.37 -16.41 -58.42
C LEU A 407 -8.87 -16.05 -58.49
N GLY A 408 -9.33 -15.57 -59.64
CA GLY A 408 -10.73 -15.21 -59.83
C GLY A 408 -10.96 -13.76 -59.46
N GLU A 409 -11.93 -13.12 -60.11
CA GLU A 409 -12.18 -11.68 -59.85
C GLU A 409 -12.69 -11.50 -58.43
N HIS A 410 -13.51 -12.43 -57.93
CA HIS A 410 -14.10 -12.28 -56.60
C HIS A 410 -13.02 -12.28 -55.51
N VAL A 411 -12.08 -13.23 -55.56
CA VAL A 411 -11.00 -13.33 -54.58
C VAL A 411 -10.03 -12.16 -54.73
N SER A 412 -9.65 -11.85 -55.97
CA SER A 412 -8.66 -10.76 -56.20
C SER A 412 -9.21 -9.45 -55.64
N GLN A 413 -10.49 -9.15 -55.91
CA GLN A 413 -11.10 -7.88 -55.45
C GLN A 413 -11.08 -7.83 -53.92
N SER A 414 -11.47 -8.93 -53.28
CA SER A 414 -11.51 -8.97 -51.79
C SER A 414 -10.10 -8.70 -51.23
N ILE A 415 -9.09 -9.35 -51.80
CA ILE A 415 -7.69 -9.12 -51.34
C ILE A 415 -7.39 -7.62 -51.43
N ILE A 416 -7.79 -6.98 -52.54
CA ILE A 416 -7.49 -5.57 -52.73
C ILE A 416 -8.28 -4.71 -51.75
N ASN A 417 -9.56 -5.01 -51.54
CA ASN A 417 -10.39 -4.26 -50.62
C ASN A 417 -9.90 -4.35 -49.16
N VAL A 418 -9.58 -5.57 -48.70
CA VAL A 418 -9.09 -5.77 -47.33
C VAL A 418 -7.75 -5.07 -47.13
N ALA A 419 -6.82 -5.23 -48.09
CA ALA A 419 -5.49 -4.63 -47.98
C ALA A 419 -5.55 -3.11 -48.01
N MET A 420 -6.41 -2.53 -48.83
CA MET A 420 -6.45 -1.05 -48.94
C MET A 420 -7.16 -0.47 -47.71
N ALA A 421 -8.11 -1.21 -47.14
CA ALA A 421 -8.77 -0.74 -45.92
C ALA A 421 -7.74 -0.69 -44.79
N ASP A 422 -6.87 -1.71 -44.70
CA ASP A 422 -5.81 -1.76 -43.69
C ASP A 422 -4.76 -0.66 -43.95
N TRP A 423 -4.35 -0.48 -45.22
CA TRP A 423 -3.36 0.53 -45.56
C TRP A 423 -3.86 1.95 -45.31
N ASP A 424 -5.10 2.26 -45.71
CA ASP A 424 -5.66 3.59 -45.49
C ASP A 424 -5.79 3.91 -43.99
N SER A 425 -5.98 2.88 -43.14
CA SER A 425 -6.06 3.08 -41.70
C SER A 425 -4.65 3.27 -41.10
N TYR A 426 -3.69 2.47 -41.56
CA TYR A 426 -2.30 2.52 -41.09
C TYR A 426 -1.60 3.82 -41.47
N ARG A 427 -1.74 4.27 -42.72
CA ARG A 427 -1.06 5.48 -43.20
C ARG A 427 -1.46 6.76 -42.46
N THR A 428 -2.73 6.88 -42.05
CA THR A 428 -3.19 8.06 -41.33
C THR A 428 -2.80 8.06 -39.85
N GLN A 429 -2.50 6.90 -39.27
CA GLN A 429 -2.14 6.80 -37.86
C GLN A 429 -0.86 7.54 -37.49
N VAL A 430 -0.82 8.07 -36.26
CA VAL A 430 0.34 8.75 -35.71
C VAL A 430 0.99 7.76 -34.74
N HIS A 431 2.10 7.19 -35.14
CA HIS A 431 2.80 6.17 -34.35
C HIS A 431 3.68 6.79 -33.26
N GLN A 432 4.03 5.99 -32.26
CA GLN A 432 4.85 6.51 -31.12
C GLN A 432 6.21 6.99 -31.65
N TRP A 433 6.77 6.27 -32.63
CA TRP A 433 8.09 6.65 -33.17
C TRP A 433 8.15 8.14 -33.50
N GLU A 434 7.05 8.68 -34.04
CA GLU A 434 6.96 10.07 -34.45
C GLU A 434 6.99 10.98 -33.22
N LEU A 435 6.26 10.62 -32.15
CA LEU A 435 6.27 11.40 -30.91
C LEU A 435 7.66 11.33 -30.27
N ASP A 436 8.29 10.14 -30.25
CA ASP A 436 9.63 9.97 -29.69
C ASP A 436 10.68 10.77 -30.48
N ARG A 437 10.49 10.93 -31.79
CA ARG A 437 11.42 11.61 -32.67
C ARG A 437 11.23 13.14 -32.74
N TYR A 438 10.00 13.65 -32.55
CA TYR A 438 9.79 15.10 -32.79
C TYR A 438 9.15 15.87 -31.62
N LEU A 439 8.28 15.25 -30.82
CA LEU A 439 7.55 16.00 -29.79
C LEU A 439 8.44 16.89 -28.90
N GLN A 440 9.56 16.36 -28.42
CA GLN A 440 10.46 17.10 -27.54
C GLN A 440 11.11 18.29 -28.22
N THR A 441 11.61 18.09 -29.45
CA THR A 441 12.35 19.11 -30.18
C THR A 441 11.48 20.15 -30.87
N TYR A 442 10.48 19.72 -31.66
CA TYR A 442 9.62 20.65 -32.38
C TYR A 442 8.49 21.16 -31.51
N SER B 3 23.20 -55.85 -35.38
CA SER B 3 23.86 -54.55 -35.36
C SER B 3 23.30 -53.62 -34.27
N LYS B 4 23.98 -52.49 -34.02
CA LYS B 4 23.61 -51.50 -33.01
C LYS B 4 22.28 -50.83 -33.38
N GLU B 5 22.03 -50.61 -34.68
CA GLU B 5 20.79 -50.02 -35.17
C GLU B 5 19.59 -50.89 -34.77
N ASP B 6 19.74 -52.22 -34.87
CA ASP B 6 18.63 -53.12 -34.45
C ASP B 6 18.38 -52.92 -32.95
N GLU B 7 19.43 -52.90 -32.13
CA GLU B 7 19.28 -52.74 -30.68
C GLU B 7 18.60 -51.43 -30.34
N ILE B 8 18.90 -50.34 -31.09
CA ILE B 8 18.26 -49.03 -30.88
C ILE B 8 16.75 -49.16 -31.08
N PHE B 9 16.32 -49.76 -32.21
CA PHE B 9 14.90 -49.94 -32.49
C PHE B 9 14.19 -50.84 -31.48
N ARG B 10 14.93 -51.77 -30.85
CA ARG B 10 14.39 -52.64 -29.81
C ARG B 10 14.08 -51.82 -28.55
N ILE B 11 14.99 -50.89 -28.18
CA ILE B 11 14.79 -50.01 -27.02
C ILE B 11 13.64 -49.03 -27.29
N VAL B 12 13.47 -48.59 -28.56
CA VAL B 12 12.40 -47.69 -28.99
C VAL B 12 11.04 -48.32 -28.66
N GLU B 13 10.83 -49.58 -29.08
CA GLU B 13 9.59 -50.30 -28.86
C GLU B 13 9.37 -50.64 -27.39
N GLU B 14 10.46 -51.00 -26.67
CA GLU B 14 10.38 -51.36 -25.25
C GLU B 14 10.03 -50.14 -24.38
N LYS B 15 10.80 -49.05 -24.50
CA LYS B 15 10.59 -47.83 -23.71
C LYS B 15 9.54 -46.87 -24.29
N ASN B 16 8.91 -47.19 -25.45
CA ASN B 16 7.90 -46.36 -26.10
C ASN B 16 8.46 -44.97 -26.44
N VAL B 17 9.63 -44.94 -27.11
CA VAL B 17 10.30 -43.70 -27.52
C VAL B 17 9.48 -43.11 -28.65
N ARG B 18 9.21 -41.81 -28.60
CA ARG B 18 8.39 -41.14 -29.65
C ARG B 18 9.20 -40.03 -30.34
N PHE B 19 10.07 -39.33 -29.61
CA PHE B 19 10.87 -38.24 -30.17
C PHE B 19 12.36 -38.46 -29.88
N VAL B 20 13.26 -38.10 -30.83
CA VAL B 20 14.70 -38.29 -30.70
C VAL B 20 15.39 -36.95 -30.96
N ARG B 21 16.35 -36.58 -30.08
CA ARG B 21 17.11 -35.34 -30.18
C ARG B 21 18.45 -35.63 -30.83
N LEU B 22 18.72 -35.02 -31.98
CA LEU B 22 20.00 -35.19 -32.66
C LEU B 22 20.93 -34.12 -32.14
N GLN B 23 21.62 -34.43 -31.04
CA GLN B 23 22.53 -33.51 -30.38
C GLN B 23 23.83 -33.30 -31.11
N PHE B 24 24.37 -32.12 -30.96
CA PHE B 24 25.69 -31.75 -31.44
C PHE B 24 26.15 -30.48 -30.69
N VAL B 25 27.37 -30.02 -30.95
CA VAL B 25 27.91 -28.86 -30.18
C VAL B 25 28.55 -27.85 -31.13
N ASP B 26 28.41 -26.56 -30.82
CA ASP B 26 29.03 -25.52 -31.63
C ASP B 26 30.51 -25.35 -31.18
N VAL B 27 31.26 -24.42 -31.79
CA VAL B 27 32.67 -24.22 -31.44
C VAL B 27 32.86 -23.76 -29.97
N GLN B 28 31.81 -23.22 -29.33
CA GLN B 28 31.88 -22.73 -27.95
C GLN B 28 31.45 -23.76 -26.89
N GLY B 29 31.17 -25.01 -27.28
CA GLY B 29 30.77 -26.05 -26.34
C GLY B 29 29.31 -26.00 -25.94
N ILE B 30 28.47 -25.19 -26.63
CA ILE B 30 27.06 -25.07 -26.31
C ILE B 30 26.28 -26.16 -27.04
N PRO B 31 25.43 -26.94 -26.33
CA PRO B 31 24.69 -28.00 -27.03
C PRO B 31 23.57 -27.48 -27.93
N LYS B 32 23.52 -28.01 -29.15
CA LYS B 32 22.52 -27.70 -30.16
C LYS B 32 21.86 -29.03 -30.57
N ASN B 33 20.63 -28.97 -31.10
CA ASN B 33 19.94 -30.20 -31.49
C ASN B 33 18.84 -29.98 -32.53
N VAL B 34 18.35 -31.10 -33.09
CA VAL B 34 17.22 -31.13 -34.03
C VAL B 34 16.29 -32.20 -33.48
N ALA B 35 15.05 -31.83 -33.17
CA ALA B 35 14.07 -32.78 -32.65
C ALA B 35 13.36 -33.44 -33.83
N ILE B 36 13.37 -34.77 -33.90
CA ILE B 36 12.70 -35.49 -34.98
C ILE B 36 11.75 -36.52 -34.39
N PRO B 37 10.58 -36.78 -35.01
CA PRO B 37 9.73 -37.88 -34.53
C PRO B 37 10.40 -39.23 -34.78
N VAL B 38 10.01 -40.24 -34.02
CA VAL B 38 10.61 -41.57 -34.12
C VAL B 38 10.46 -42.19 -35.52
N GLY B 39 9.47 -41.74 -36.30
CA GLY B 39 9.29 -42.21 -37.68
C GLY B 39 10.48 -41.86 -38.57
N GLN B 40 11.18 -40.76 -38.27
CA GLN B 40 12.35 -40.32 -39.01
C GLN B 40 13.68 -40.91 -38.47
N LEU B 41 13.61 -41.76 -37.45
CA LEU B 41 14.86 -42.32 -36.86
C LEU B 41 15.58 -43.16 -37.91
N GLU B 42 14.85 -44.00 -38.65
CA GLU B 42 15.46 -44.86 -39.66
C GLU B 42 16.23 -44.01 -40.69
N LYS B 43 15.67 -42.86 -41.05
CA LYS B 43 16.34 -41.94 -42.01
C LYS B 43 17.61 -41.37 -41.35
N ALA B 44 17.52 -41.00 -40.08
CA ALA B 44 18.66 -40.40 -39.40
C ALA B 44 19.85 -41.38 -39.33
N LEU B 45 19.60 -42.64 -38.94
CA LEU B 45 20.67 -43.64 -38.88
C LEU B 45 21.16 -44.10 -40.27
N GLY B 46 20.38 -43.88 -41.32
CA GLY B 46 20.75 -44.23 -42.69
C GLY B 46 21.38 -43.07 -43.42
N PRO B 47 20.67 -42.35 -44.31
CA PRO B 47 21.28 -41.24 -45.09
C PRO B 47 21.57 -40.00 -44.25
N GLY B 48 20.97 -39.87 -43.06
CA GLY B 48 21.15 -38.71 -42.20
C GLY B 48 20.11 -37.64 -42.42
N ILE B 49 20.03 -36.67 -41.48
CA ILE B 49 19.09 -35.55 -41.54
C ILE B 49 19.84 -34.27 -41.93
N HIS B 50 19.28 -33.51 -42.90
CA HIS B 50 19.91 -32.28 -43.36
C HIS B 50 19.52 -31.10 -42.47
N PHE B 51 20.41 -30.11 -42.35
CA PHE B 51 20.20 -28.90 -41.57
C PHE B 51 21.16 -27.77 -42.02
N ASP B 52 20.91 -26.53 -41.58
CA ASP B 52 21.78 -25.40 -41.92
C ASP B 52 22.92 -25.31 -40.89
N GLY B 53 24.15 -25.61 -41.31
CA GLY B 53 25.29 -25.63 -40.38
C GLY B 53 25.82 -24.26 -40.03
N SER B 54 25.04 -23.20 -40.29
CA SER B 54 25.47 -21.84 -39.89
C SER B 54 25.63 -21.79 -38.36
N SER B 55 24.83 -22.56 -37.63
CA SER B 55 24.88 -22.55 -36.15
C SER B 55 26.25 -22.99 -35.64
N ILE B 56 26.86 -23.99 -36.28
CA ILE B 56 28.17 -24.54 -35.81
C ILE B 56 29.15 -23.39 -35.62
N GLU B 57 29.16 -22.42 -36.54
CA GLU B 57 30.13 -21.29 -36.48
C GLU B 57 29.85 -20.44 -35.24
N GLY B 58 28.57 -20.24 -34.91
CA GLY B 58 28.19 -19.43 -33.74
C GLY B 58 28.62 -17.97 -33.90
N GLU B 64 27.35 -24.54 -48.78
CA GLU B 64 27.91 -23.74 -47.69
C GLU B 64 27.05 -23.89 -46.42
N SER B 65 25.73 -23.73 -46.56
CA SER B 65 24.81 -23.81 -45.43
C SER B 65 24.32 -25.24 -45.22
N ASP B 66 24.05 -25.99 -46.29
CA ASP B 66 23.53 -27.34 -46.16
C ASP B 66 24.57 -28.32 -45.60
N MET B 67 24.20 -29.04 -44.51
CA MET B 67 25.04 -30.05 -43.85
C MET B 67 24.17 -31.23 -43.37
N VAL B 68 24.81 -32.37 -43.03
CA VAL B 68 24.12 -33.60 -42.63
C VAL B 68 24.51 -34.00 -41.21
N LEU B 69 23.55 -34.53 -40.44
CA LEU B 69 23.77 -35.02 -39.09
C LEU B 69 23.95 -36.52 -39.17
N ARG B 70 25.07 -37.04 -38.64
CA ARG B 70 25.37 -38.47 -38.64
C ARG B 70 25.38 -38.97 -37.21
N PRO B 71 24.26 -39.54 -36.75
CA PRO B 71 24.21 -40.04 -35.37
C PRO B 71 25.21 -41.15 -35.05
N ASP B 72 25.80 -41.11 -33.85
CA ASP B 72 26.72 -42.16 -33.39
C ASP B 72 25.84 -43.19 -32.68
N PRO B 73 25.65 -44.41 -33.23
CA PRO B 73 24.77 -45.38 -32.56
C PRO B 73 25.14 -45.75 -31.12
N ASP B 74 26.43 -45.64 -30.77
CA ASP B 74 26.88 -45.96 -29.40
C ASP B 74 26.38 -44.95 -28.36
N THR B 75 25.95 -43.75 -28.78
CA THR B 75 25.49 -42.68 -27.89
C THR B 75 23.97 -42.61 -27.74
N PHE B 76 23.22 -43.63 -28.22
CA PHE B 76 21.76 -43.64 -28.08
C PHE B 76 21.38 -43.84 -26.63
N ARG B 77 20.72 -42.87 -26.02
CA ARG B 77 20.30 -42.96 -24.63
C ARG B 77 18.90 -42.42 -24.44
N VAL B 78 18.10 -43.09 -23.61
CA VAL B 78 16.75 -42.65 -23.33
C VAL B 78 16.85 -41.62 -22.18
N LEU B 79 16.22 -40.45 -22.35
CA LEU B 79 16.23 -39.40 -21.33
C LEU B 79 15.38 -39.87 -20.13
N PRO B 80 15.95 -40.10 -18.92
CA PRO B 80 15.13 -40.63 -17.82
C PRO B 80 13.91 -39.79 -17.38
N TRP B 81 13.85 -38.49 -17.71
CA TRP B 81 12.68 -37.67 -17.36
C TRP B 81 11.58 -38.06 -18.36
N SER B 82 10.71 -39.02 -17.95
CA SER B 82 9.64 -39.54 -18.80
C SER B 82 8.76 -38.40 -19.33
N GLY B 83 8.49 -38.38 -20.63
CA GLY B 83 7.69 -37.34 -21.25
C GLY B 83 6.23 -37.42 -20.85
N ASN B 84 5.39 -36.76 -21.62
CA ASN B 84 3.95 -36.73 -21.33
C ASN B 84 3.26 -38.04 -21.69
N GLU B 85 2.55 -38.62 -20.70
CA GLU B 85 1.72 -39.82 -20.86
C GLU B 85 2.47 -41.06 -21.35
N GLY B 86 3.50 -41.45 -20.61
CA GLY B 86 4.30 -42.63 -20.92
C GLY B 86 5.16 -42.54 -22.17
N THR B 87 5.07 -41.43 -22.94
CA THR B 87 5.89 -41.29 -24.14
C THR B 87 7.28 -40.85 -23.72
N ALA B 88 8.29 -41.63 -24.06
CA ALA B 88 9.67 -41.34 -23.68
C ALA B 88 10.41 -40.62 -24.81
N GLU B 89 11.54 -40.00 -24.47
CA GLU B 89 12.40 -39.26 -25.39
C GLU B 89 13.78 -39.90 -25.40
N ALA B 90 14.48 -39.78 -26.52
CA ALA B 90 15.83 -40.31 -26.64
C ALA B 90 16.78 -39.28 -27.28
N ARG B 91 18.10 -39.48 -27.14
CA ARG B 91 19.09 -38.58 -27.69
C ARG B 91 20.13 -39.36 -28.50
N LEU B 92 20.81 -38.67 -29.40
CA LEU B 92 21.88 -39.23 -30.20
C LEU B 92 22.91 -38.16 -30.48
N ILE B 93 24.15 -38.34 -30.03
CA ILE B 93 25.22 -37.39 -30.32
C ILE B 93 25.58 -37.61 -31.77
N CYS B 94 25.65 -36.53 -32.54
CA CYS B 94 25.88 -36.57 -33.98
C CYS B 94 27.18 -35.93 -34.37
N ASP B 95 27.77 -36.48 -35.43
CA ASP B 95 28.94 -35.95 -36.11
C ASP B 95 28.41 -35.20 -37.32
N ILE B 96 29.07 -34.12 -37.71
CA ILE B 96 28.62 -33.30 -38.83
C ILE B 96 29.39 -33.67 -40.08
N GLU B 97 28.66 -33.89 -41.18
CA GLU B 97 29.23 -34.22 -42.47
C GLU B 97 28.71 -33.26 -43.51
N LEU B 98 29.51 -33.05 -44.54
CA LEU B 98 29.14 -32.20 -45.68
C LEU B 98 28.20 -32.99 -46.61
N PRO B 99 27.41 -32.34 -47.49
CA PRO B 99 26.49 -33.11 -48.35
C PRO B 99 27.10 -34.26 -49.14
N ASP B 100 28.38 -34.13 -49.54
CA ASP B 100 29.06 -35.17 -50.31
C ASP B 100 29.42 -36.43 -49.49
N GLY B 101 29.69 -36.27 -48.20
CA GLY B 101 30.04 -37.38 -47.31
C GLY B 101 31.30 -37.18 -46.50
N LYS B 102 32.22 -36.32 -46.96
CA LYS B 102 33.47 -36.07 -46.21
C LYS B 102 33.16 -35.29 -44.88
N PRO B 103 33.86 -35.57 -43.75
CA PRO B 103 33.57 -34.89 -42.49
C PRO B 103 33.80 -33.38 -42.50
N PHE B 104 32.91 -32.65 -41.84
CA PHE B 104 33.01 -31.20 -41.71
C PHE B 104 34.09 -30.92 -40.68
N MET B 105 35.25 -30.38 -41.11
CA MET B 105 36.39 -30.13 -40.23
C MET B 105 36.16 -29.04 -39.17
N GLY B 106 35.06 -28.29 -39.28
CA GLY B 106 34.66 -27.29 -38.30
C GLY B 106 33.93 -27.88 -37.10
N CYS B 107 33.53 -29.16 -37.16
CA CYS B 107 32.83 -29.82 -36.07
C CYS B 107 33.80 -30.11 -34.91
N PRO B 108 33.55 -29.61 -33.69
CA PRO B 108 34.48 -29.88 -32.58
C PRO B 108 34.70 -31.36 -32.26
N ARG B 109 33.66 -32.18 -32.35
CA ARG B 109 33.78 -33.62 -32.08
C ARG B 109 34.68 -34.29 -33.11
N GLN B 110 34.58 -33.89 -34.40
CA GLN B 110 35.44 -34.41 -35.48
C GLN B 110 36.90 -34.06 -35.22
N VAL B 111 37.17 -32.86 -34.67
CA VAL B 111 38.52 -32.39 -34.37
C VAL B 111 39.19 -33.30 -33.34
N LEU B 112 38.49 -33.61 -32.23
CA LEU B 112 39.05 -34.49 -31.21
C LEU B 112 39.27 -35.89 -31.78
N LYS B 113 38.31 -36.38 -32.60
CA LYS B 113 38.43 -37.68 -33.26
C LYS B 113 39.70 -37.73 -34.13
N LYS B 114 39.97 -36.68 -34.90
CA LYS B 114 41.16 -36.61 -35.75
C LYS B 114 42.42 -36.67 -34.90
N ASN B 115 42.51 -35.83 -33.85
CA ASN B 115 43.68 -35.83 -32.97
C ASN B 115 43.87 -37.17 -32.26
N MET B 116 42.78 -37.89 -31.93
CA MET B 116 42.87 -39.20 -31.30
C MET B 116 43.35 -40.25 -32.31
N GLU B 117 42.93 -40.14 -33.58
CA GLU B 117 43.37 -41.06 -34.63
C GLU B 117 44.87 -40.89 -34.89
N GLU B 118 45.37 -39.64 -34.87
CA GLU B 118 46.79 -39.37 -35.06
C GLU B 118 47.61 -39.92 -33.88
N ALA B 119 47.04 -39.92 -32.66
CA ALA B 119 47.69 -40.48 -31.48
C ALA B 119 47.69 -42.01 -31.57
N ALA B 120 46.58 -42.62 -32.04
CA ALA B 120 46.44 -44.06 -32.21
C ALA B 120 47.45 -44.61 -33.22
N LYS B 121 47.87 -43.79 -34.22
CA LYS B 121 48.90 -44.19 -35.18
C LYS B 121 50.20 -44.54 -34.47
N LEU B 122 50.54 -43.81 -33.39
CA LEU B 122 51.74 -44.04 -32.59
C LEU B 122 51.47 -44.97 -31.38
N GLY B 123 50.36 -45.71 -31.39
CA GLY B 123 49.97 -46.62 -30.31
C GLY B 123 49.52 -45.94 -29.03
N TYR B 124 49.21 -44.64 -29.07
CA TYR B 124 48.80 -43.89 -27.88
C TYR B 124 47.29 -43.66 -27.82
N VAL B 125 46.71 -43.72 -26.60
CA VAL B 125 45.30 -43.44 -26.35
C VAL B 125 45.26 -42.60 -25.07
N MET B 126 44.63 -41.43 -25.13
CA MET B 126 44.57 -40.54 -23.97
C MET B 126 43.31 -40.79 -23.18
N ASN B 127 43.47 -40.91 -21.86
CA ASN B 127 42.38 -41.12 -20.92
C ASN B 127 42.25 -39.88 -20.06
N THR B 128 41.03 -39.36 -19.92
CA THR B 128 40.74 -38.15 -19.17
C THR B 128 39.67 -38.42 -18.10
N GLY B 129 39.84 -37.81 -16.94
CA GLY B 129 38.93 -37.92 -15.80
C GLY B 129 38.77 -36.55 -15.16
N PRO B 130 37.78 -35.75 -15.59
CA PRO B 130 37.65 -34.39 -15.07
C PRO B 130 36.89 -34.25 -13.75
N GLU B 131 37.26 -33.22 -12.99
CA GLU B 131 36.63 -32.85 -11.72
C GLU B 131 35.79 -31.64 -12.09
N MET B 132 34.47 -31.84 -12.19
CA MET B 132 33.56 -30.79 -12.64
C MET B 132 32.96 -29.97 -11.50
N GLU B 133 33.42 -28.72 -11.35
CA GLU B 133 32.90 -27.79 -10.36
C GLU B 133 31.80 -26.94 -11.00
N PHE B 134 30.78 -26.60 -10.22
CA PHE B 134 29.67 -25.78 -10.71
C PHE B 134 28.93 -25.12 -9.55
N PHE B 135 28.08 -24.14 -9.86
CA PHE B 135 27.30 -23.42 -8.85
C PHE B 135 25.81 -23.66 -9.05
N LEU B 136 25.04 -23.62 -7.96
CA LEU B 136 23.60 -23.76 -8.00
C LEU B 136 23.03 -22.48 -7.40
N PHE B 137 22.44 -21.64 -8.26
CA PHE B 137 21.92 -20.35 -7.87
C PHE B 137 20.41 -20.28 -7.87
N LYS B 138 19.86 -19.33 -7.09
CA LYS B 138 18.42 -19.12 -7.01
C LYS B 138 17.92 -18.42 -8.29
N ARG B 139 16.61 -18.46 -8.52
CA ARG B 139 15.96 -17.82 -9.66
C ARG B 139 14.99 -16.77 -9.13
N GLN B 140 15.05 -15.54 -9.65
CA GLN B 140 14.14 -14.47 -9.24
C GLN B 140 13.34 -14.03 -10.45
N ASP B 141 12.00 -14.17 -10.37
CA ASP B 141 11.08 -13.80 -11.44
C ASP B 141 11.38 -14.56 -12.74
N GLY B 142 11.63 -15.86 -12.62
CA GLY B 142 11.94 -16.71 -13.75
C GLY B 142 13.32 -16.55 -14.37
N MET B 143 14.07 -15.49 -14.00
CA MET B 143 15.40 -15.24 -14.53
C MET B 143 16.48 -15.74 -13.56
N PRO B 144 17.62 -16.27 -14.07
CA PRO B 144 18.68 -16.73 -13.17
C PRO B 144 19.45 -15.58 -12.52
N THR B 145 20.01 -15.86 -11.34
CA THR B 145 20.76 -14.89 -10.55
C THR B 145 22.14 -15.53 -10.18
N ASN B 146 23.00 -14.80 -9.44
CA ASN B 146 24.26 -15.33 -8.92
C ASN B 146 24.18 -15.42 -7.37
N ILE B 147 22.96 -15.65 -6.81
CA ILE B 147 22.77 -15.76 -5.37
C ILE B 147 22.85 -17.25 -5.02
N PRO B 148 23.81 -17.68 -4.18
CA PRO B 148 23.87 -19.11 -3.82
C PRO B 148 22.60 -19.64 -3.18
N GLN B 149 22.23 -20.86 -3.56
CA GLN B 149 21.06 -21.57 -3.03
C GLN B 149 21.27 -21.95 -1.56
N ASP B 150 22.52 -22.33 -1.21
CA ASP B 150 22.89 -22.72 0.15
C ASP B 150 24.06 -21.86 0.68
N ARG B 151 24.31 -21.89 1.99
CA ARG B 151 25.44 -21.17 2.57
C ARG B 151 26.43 -22.18 3.12
N GLY B 152 26.79 -23.14 2.28
CA GLY B 152 27.71 -24.21 2.64
C GLY B 152 29.15 -23.97 2.23
N GLY B 153 30.04 -24.79 2.80
CA GLY B 153 31.47 -24.66 2.49
C GLY B 153 32.06 -25.98 2.05
N TYR B 154 33.35 -26.22 2.32
CA TYR B 154 34.01 -27.44 1.81
C TYR B 154 33.46 -28.71 2.44
N PHE B 155 33.26 -29.74 1.63
CA PHE B 155 32.78 -31.07 2.13
C PHE B 155 31.74 -30.89 3.24
N ASP B 156 30.86 -29.88 3.14
CA ASP B 156 29.80 -29.73 4.14
C ASP B 156 28.63 -30.71 3.91
N LEU B 157 27.93 -31.01 5.01
CA LEU B 157 26.80 -31.94 5.05
C LEU B 157 25.49 -31.19 5.35
N ALA B 158 24.34 -31.77 4.94
CA ALA B 158 23.02 -31.18 5.21
C ALA B 158 22.79 -31.06 6.71
N PRO B 159 21.98 -30.08 7.18
CA PRO B 159 21.26 -29.07 6.41
C PRO B 159 22.09 -27.87 5.92
N ILE B 160 23.42 -27.91 6.10
CA ILE B 160 24.27 -26.81 5.61
C ILE B 160 24.28 -26.87 4.06
N ASP B 161 24.37 -28.08 3.49
CA ASP B 161 24.30 -28.33 2.05
C ASP B 161 22.81 -28.59 1.71
N LEU B 162 22.10 -27.59 1.15
CA LEU B 162 20.68 -27.76 0.77
C LEU B 162 20.50 -28.51 -0.55
N ALA B 163 21.54 -28.59 -1.40
CA ALA B 163 21.47 -29.21 -2.72
C ALA B 163 21.78 -30.70 -2.73
N GLU B 164 21.48 -31.41 -1.64
CA GLU B 164 21.75 -32.85 -1.57
C GLU B 164 20.78 -33.64 -2.45
N GLU B 165 19.49 -33.24 -2.51
CA GLU B 165 18.50 -33.95 -3.31
C GLU B 165 18.80 -33.79 -4.80
N ILE B 166 19.00 -32.55 -5.25
CA ILE B 166 19.34 -32.29 -6.66
C ILE B 166 20.64 -33.02 -7.07
N LYS B 167 21.71 -32.97 -6.25
CA LYS B 167 22.95 -33.68 -6.59
C LYS B 167 22.72 -35.19 -6.66
N ARG B 168 21.91 -35.73 -5.73
CA ARG B 168 21.55 -37.15 -5.69
C ARG B 168 20.82 -37.52 -6.99
N GLU B 169 19.91 -36.64 -7.46
CA GLU B 169 19.19 -36.87 -8.71
C GLU B 169 20.13 -36.78 -9.92
N ILE B 170 21.08 -35.83 -9.94
CA ILE B 170 22.03 -35.70 -11.05
C ILE B 170 22.83 -37.00 -11.22
N VAL B 171 23.43 -37.50 -10.15
CA VAL B 171 24.22 -38.72 -10.20
C VAL B 171 23.37 -39.92 -10.62
N LEU B 172 22.13 -40.00 -10.14
CA LEU B 172 21.24 -41.13 -10.50
C LEU B 172 20.91 -41.07 -12.00
N VAL B 173 20.50 -39.90 -12.48
CA VAL B 173 20.15 -39.71 -13.89
C VAL B 173 21.34 -40.06 -14.77
N LEU B 174 22.57 -39.69 -14.35
CA LEU B 174 23.77 -40.01 -15.13
C LEU B 174 24.01 -41.51 -15.17
N GLU B 175 23.90 -42.21 -14.03
CA GLU B 175 24.11 -43.67 -13.99
C GLU B 175 23.14 -44.40 -14.90
N GLU B 176 21.92 -43.88 -15.09
CA GLU B 176 20.94 -44.52 -16.01
C GLU B 176 21.39 -44.41 -17.46
N MET B 177 22.34 -43.50 -17.74
CA MET B 177 22.83 -43.25 -19.12
C MET B 177 24.25 -43.78 -19.26
N GLY B 178 24.54 -44.96 -18.72
CA GLY B 178 25.85 -45.60 -18.83
C GLY B 178 26.98 -44.70 -18.41
N PHE B 179 26.79 -44.10 -17.23
CA PHE B 179 27.79 -43.16 -16.67
C PHE B 179 28.24 -43.66 -15.29
N GLU B 180 29.54 -43.65 -15.04
CA GLU B 180 30.13 -44.09 -13.78
C GLU B 180 30.69 -42.88 -13.03
N VAL B 181 30.13 -42.56 -11.86
CA VAL B 181 30.59 -41.41 -11.07
C VAL B 181 31.45 -41.93 -9.92
N GLU B 182 32.51 -41.17 -9.57
CA GLU B 182 33.47 -41.54 -8.55
C GLU B 182 32.97 -41.04 -7.20
N ALA B 183 32.74 -39.72 -7.08
CA ALA B 183 32.29 -39.07 -5.85
C ALA B 183 31.78 -37.65 -6.14
N ALA B 184 30.94 -37.13 -5.25
CA ALA B 184 30.39 -35.78 -5.33
C ALA B 184 30.47 -35.15 -3.95
N HIS B 185 30.69 -33.82 -3.89
CA HIS B 185 30.83 -33.12 -2.61
C HIS B 185 30.59 -31.62 -2.77
N HIS B 186 30.31 -30.94 -1.66
CA HIS B 186 30.15 -29.50 -1.65
C HIS B 186 31.56 -28.88 -1.72
N GLU B 187 31.72 -27.82 -2.52
CA GLU B 187 33.03 -27.16 -2.67
C GLU B 187 33.22 -25.97 -1.69
N VAL B 188 34.31 -25.21 -1.81
CA VAL B 188 34.68 -24.15 -0.88
C VAL B 188 33.64 -23.01 -0.84
N ALA B 189 33.26 -22.48 -2.01
CA ALA B 189 32.35 -21.35 -2.10
C ALA B 189 30.88 -21.71 -1.81
N PHE B 190 30.08 -20.70 -1.42
CA PHE B 190 28.66 -20.85 -1.12
C PHE B 190 27.91 -21.32 -2.36
N GLY B 191 27.18 -22.42 -2.24
CA GLY B 191 26.40 -22.99 -3.33
C GLY B 191 27.21 -23.66 -4.42
N GLN B 192 28.52 -23.89 -4.18
CA GLN B 192 29.38 -24.54 -5.15
C GLN B 192 29.45 -26.04 -4.86
N HIS B 193 29.51 -26.85 -5.92
CA HIS B 193 29.57 -28.30 -5.81
C HIS B 193 30.54 -28.88 -6.83
N GLU B 194 30.93 -30.14 -6.63
CA GLU B 194 31.85 -30.82 -7.54
C GLU B 194 31.39 -32.25 -7.72
N ILE B 195 31.47 -32.75 -8.96
CA ILE B 195 31.13 -34.12 -9.30
C ILE B 195 32.29 -34.66 -10.11
N ASP B 196 33.04 -35.61 -9.55
CA ASP B 196 34.19 -36.20 -10.23
C ASP B 196 33.77 -37.55 -10.76
N PHE B 197 34.02 -37.83 -12.04
CA PHE B 197 33.71 -39.12 -12.63
C PHE B 197 34.97 -39.81 -13.10
N LYS B 198 34.89 -41.14 -13.25
CA LYS B 198 36.08 -41.96 -13.56
C LYS B 198 36.68 -41.65 -14.93
N TYR B 199 37.92 -42.07 -15.14
CA TYR B 199 38.61 -41.87 -16.40
C TYR B 199 37.99 -42.71 -17.50
N ASP B 200 38.13 -42.21 -18.72
CA ASP B 200 37.70 -42.89 -19.93
C ASP B 200 38.42 -42.22 -21.13
N ASN B 201 38.34 -42.79 -22.34
CA ASN B 201 38.97 -42.18 -23.53
C ASN B 201 38.45 -40.74 -23.75
N ALA B 202 39.29 -39.87 -24.31
CA ALA B 202 38.94 -38.46 -24.50
C ALA B 202 37.58 -38.20 -25.15
N LEU B 203 37.17 -39.04 -26.13
CA LEU B 203 35.89 -38.84 -26.81
C LEU B 203 34.70 -39.16 -25.91
N ALA B 204 34.71 -40.32 -25.24
CA ALA B 204 33.62 -40.68 -24.34
C ALA B 204 33.54 -39.58 -23.29
N THR B 205 34.67 -39.27 -22.62
CA THR B 205 34.72 -38.21 -21.62
C THR B 205 34.14 -36.88 -22.08
N ALA B 206 34.48 -36.43 -23.30
CA ALA B 206 33.95 -35.17 -23.81
C ALA B 206 32.43 -35.26 -23.98
N ASP B 207 31.92 -36.39 -24.49
CA ASP B 207 30.49 -36.64 -24.63
C ASP B 207 29.80 -36.58 -23.26
N ASN B 208 30.47 -37.13 -22.24
CA ASN B 208 29.88 -37.20 -20.88
C ASN B 208 29.92 -35.83 -20.20
N VAL B 209 30.93 -35.01 -20.52
CA VAL B 209 30.99 -33.66 -19.96
C VAL B 209 29.79 -32.85 -20.48
N ILE B 210 29.49 -32.94 -21.79
CA ILE B 210 28.35 -32.23 -22.38
C ILE B 210 27.05 -32.72 -21.75
N THR B 211 26.93 -34.05 -21.56
CA THR B 211 25.75 -34.64 -20.94
C THR B 211 25.58 -34.14 -19.52
N LEU B 212 26.67 -34.09 -18.74
CA LEU B 212 26.58 -33.59 -17.35
C LEU B 212 25.97 -32.18 -17.34
N LYS B 213 26.56 -31.26 -18.11
CA LYS B 213 26.08 -29.88 -18.11
C LYS B 213 24.59 -29.80 -18.46
N TYR B 214 24.17 -30.56 -19.48
CA TYR B 214 22.78 -30.61 -19.92
C TYR B 214 21.87 -31.14 -18.79
N VAL B 215 22.24 -32.27 -18.18
CA VAL B 215 21.48 -32.90 -17.10
C VAL B 215 21.39 -31.97 -15.86
N ALA B 216 22.52 -31.41 -15.42
CA ALA B 216 22.53 -30.54 -14.24
C ALA B 216 21.66 -29.30 -14.44
N LYS B 217 21.75 -28.63 -15.59
CA LYS B 217 20.95 -27.45 -15.88
C LYS B 217 19.46 -27.79 -16.02
N THR B 218 19.13 -28.98 -16.56
CA THR B 218 17.74 -29.42 -16.72
C THR B 218 17.11 -29.70 -15.35
N LEU B 219 17.80 -30.48 -14.49
CA LEU B 219 17.28 -30.81 -13.18
C LEU B 219 17.26 -29.61 -12.25
N ALA B 220 18.16 -28.63 -12.43
CA ALA B 220 18.14 -27.42 -11.61
C ALA B 220 16.89 -26.63 -11.89
N LEU B 221 16.50 -26.50 -13.18
CA LEU B 221 15.29 -25.77 -13.55
C LEU B 221 14.05 -26.46 -12.97
N GLN B 222 14.04 -27.80 -12.94
CA GLN B 222 12.93 -28.55 -12.34
C GLN B 222 12.71 -28.18 -10.87
N HIS B 223 13.78 -27.81 -10.14
CA HIS B 223 13.69 -27.41 -8.73
C HIS B 223 13.67 -25.88 -8.53
N GLY B 224 13.42 -25.11 -9.59
CA GLY B 224 13.39 -23.66 -9.52
C GLY B 224 14.74 -23.01 -9.29
N LEU B 225 15.82 -23.72 -9.64
CA LEU B 225 17.20 -23.26 -9.49
C LEU B 225 17.90 -23.14 -10.86
N HIS B 226 19.15 -22.65 -10.87
CA HIS B 226 19.93 -22.49 -12.09
C HIS B 226 21.34 -22.98 -11.85
N ALA B 227 21.74 -24.06 -12.54
CA ALA B 227 23.10 -24.58 -12.43
C ALA B 227 23.93 -23.87 -13.48
N THR B 228 25.14 -23.45 -13.12
CA THR B 228 26.02 -22.77 -14.06
C THR B 228 27.45 -23.28 -13.92
N PHE B 229 28.10 -23.42 -15.05
CA PHE B 229 29.49 -23.81 -15.16
C PHE B 229 30.34 -22.58 -15.54
N MET B 230 29.89 -21.39 -15.15
CA MET B 230 30.65 -20.14 -15.43
C MET B 230 31.91 -20.12 -14.57
N PRO B 231 33.09 -19.71 -15.08
CA PRO B 231 34.33 -19.78 -14.29
C PRO B 231 34.34 -18.96 -12.99
N LYS B 232 33.82 -17.72 -13.01
CA LYS B 232 33.81 -16.84 -11.86
C LYS B 232 32.49 -16.06 -11.79
N PRO B 233 31.40 -16.70 -11.36
CA PRO B 233 30.11 -15.99 -11.27
C PRO B 233 30.02 -14.99 -10.12
N ILE B 234 30.85 -15.15 -9.07
CA ILE B 234 30.82 -14.25 -7.92
C ILE B 234 32.24 -13.78 -7.61
N PHE B 235 32.41 -12.47 -7.37
CA PHE B 235 33.70 -11.91 -7.01
C PHE B 235 33.97 -12.15 -5.51
N GLY B 236 35.22 -12.41 -5.16
CA GLY B 236 35.62 -12.59 -3.76
C GLY B 236 35.48 -13.99 -3.22
N VAL B 237 34.92 -14.92 -4.01
CA VAL B 237 34.77 -16.33 -3.60
C VAL B 237 35.48 -17.24 -4.62
N ASN B 238 35.60 -18.54 -4.32
CA ASN B 238 36.25 -19.49 -5.22
C ASN B 238 35.51 -19.58 -6.55
N GLY B 239 36.26 -19.82 -7.62
CA GLY B 239 35.70 -19.98 -8.97
C GLY B 239 35.65 -21.43 -9.37
N SER B 240 34.75 -21.79 -10.31
CA SER B 240 34.63 -23.16 -10.78
C SER B 240 35.73 -23.51 -11.77
N GLY B 241 36.38 -24.65 -11.50
CA GLY B 241 37.45 -25.19 -12.32
C GLY B 241 37.11 -26.56 -12.86
N MET B 242 37.82 -26.99 -13.91
CA MET B 242 37.69 -28.33 -14.49
C MET B 242 39.08 -28.96 -14.47
N HIS B 243 39.48 -29.52 -13.32
CA HIS B 243 40.79 -30.14 -13.19
C HIS B 243 40.73 -31.44 -13.97
N THR B 244 41.60 -31.58 -14.98
CA THR B 244 41.59 -32.73 -15.88
C THR B 244 42.70 -33.72 -15.58
N ASN B 245 42.34 -34.88 -15.00
CA ASN B 245 43.29 -35.96 -14.76
C ASN B 245 43.57 -36.60 -16.11
N THR B 246 44.84 -36.63 -16.53
CA THR B 246 45.23 -37.12 -17.84
C THR B 246 46.33 -38.15 -17.75
N SER B 247 46.19 -39.22 -18.52
CA SER B 247 47.18 -40.29 -18.63
C SER B 247 47.23 -40.78 -20.07
N LEU B 248 48.37 -41.29 -20.49
CA LEU B 248 48.54 -41.81 -21.84
C LEU B 248 48.78 -43.31 -21.76
N PHE B 249 48.16 -44.09 -22.64
CA PHE B 249 48.26 -45.55 -22.62
C PHE B 249 48.83 -46.05 -23.95
N LYS B 250 50.03 -46.66 -23.89
CA LYS B 250 50.71 -47.21 -25.05
C LYS B 250 50.60 -48.73 -25.01
N ASP B 251 49.98 -49.33 -26.04
CA ASP B 251 49.84 -50.78 -26.18
C ASP B 251 49.26 -51.46 -24.93
N GLY B 252 48.15 -50.91 -24.43
CA GLY B 252 47.46 -51.44 -23.26
C GLY B 252 47.97 -51.01 -21.89
N LYS B 253 49.28 -50.73 -21.77
CA LYS B 253 49.88 -50.33 -20.49
C LYS B 253 49.91 -48.81 -20.33
N ASN B 254 49.98 -48.34 -19.08
CA ASN B 254 50.07 -46.91 -18.80
C ASN B 254 51.49 -46.43 -19.19
N ALA B 255 51.60 -45.61 -20.25
CA ALA B 255 52.87 -45.08 -20.74
C ALA B 255 53.56 -44.11 -19.76
N PHE B 256 52.88 -43.73 -18.67
CA PHE B 256 53.44 -42.75 -17.71
C PHE B 256 54.10 -43.45 -16.53
N TYR B 257 54.01 -44.79 -16.45
CA TYR B 257 54.59 -45.54 -15.38
C TYR B 257 55.87 -46.26 -15.78
N ASP B 258 56.96 -46.07 -15.01
CA ASP B 258 58.24 -46.73 -15.21
C ASP B 258 58.76 -47.09 -13.80
N PRO B 259 58.63 -48.35 -13.35
CA PRO B 259 59.07 -48.68 -11.98
C PRO B 259 60.55 -48.47 -11.66
N ASP B 260 61.41 -48.47 -12.69
CA ASP B 260 62.86 -48.31 -12.51
C ASP B 260 63.29 -46.84 -12.49
N ALA B 261 62.51 -45.93 -13.10
CA ALA B 261 62.87 -44.52 -13.16
C ALA B 261 62.66 -43.79 -11.82
N PRO B 262 63.33 -42.63 -11.57
CA PRO B 262 63.12 -41.93 -10.29
C PRO B 262 61.67 -41.48 -10.09
N ASP B 263 61.13 -41.64 -8.88
CA ASP B 263 59.73 -41.24 -8.59
C ASP B 263 58.74 -42.11 -9.36
N GLN B 264 59.22 -43.20 -9.97
CA GLN B 264 58.38 -44.12 -10.73
C GLN B 264 57.57 -43.42 -11.85
N ILE B 265 58.05 -42.26 -12.32
CA ILE B 265 57.43 -41.48 -13.40
C ILE B 265 58.25 -41.77 -14.66
N SER B 266 57.59 -42.23 -15.73
CA SER B 266 58.27 -42.56 -16.98
C SER B 266 58.80 -41.31 -17.70
N ASP B 267 59.69 -41.49 -18.68
CA ASP B 267 60.20 -40.39 -19.47
C ASP B 267 59.06 -39.75 -20.26
N THR B 268 58.12 -40.57 -20.80
CA THR B 268 56.95 -40.11 -21.55
C THR B 268 56.13 -39.08 -20.76
N LEU B 269 56.02 -39.23 -19.42
CA LEU B 269 55.28 -38.25 -18.61
C LEU B 269 56.01 -36.92 -18.64
N ARG B 270 57.33 -36.90 -18.35
CA ARG B 270 58.10 -35.64 -18.33
C ARG B 270 58.02 -34.91 -19.68
N TYR B 271 58.10 -35.64 -20.80
CA TYR B 271 58.00 -34.99 -22.11
C TYR B 271 56.59 -34.47 -22.35
N PHE B 272 55.56 -35.24 -21.94
CA PHE B 272 54.16 -34.81 -22.07
C PHE B 272 53.93 -33.51 -21.29
N VAL B 273 54.45 -33.43 -20.05
CA VAL B 273 54.33 -32.24 -19.21
C VAL B 273 55.09 -31.08 -19.88
N GLY B 274 56.26 -31.36 -20.43
CA GLY B 274 57.07 -30.36 -21.10
C GLY B 274 56.39 -29.76 -22.31
N GLY B 275 55.69 -30.60 -23.07
CA GLY B 275 54.94 -30.16 -24.25
C GLY B 275 53.74 -29.31 -23.90
N VAL B 276 52.95 -29.74 -22.91
CA VAL B 276 51.77 -29.01 -22.45
C VAL B 276 52.19 -27.64 -21.91
N LEU B 277 53.24 -27.59 -21.08
CA LEU B 277 53.73 -26.32 -20.52
C LEU B 277 54.32 -25.38 -21.56
N LYS B 278 54.83 -25.92 -22.68
CA LYS B 278 55.39 -25.10 -23.74
C LYS B 278 54.28 -24.30 -24.44
N HIS B 279 53.14 -24.97 -24.70
CA HIS B 279 52.00 -24.36 -25.39
C HIS B 279 50.87 -23.97 -24.43
N ILE B 280 51.09 -23.94 -23.10
CA ILE B 280 50.01 -23.65 -22.15
C ILE B 280 49.41 -22.26 -22.30
N ARG B 281 50.20 -21.24 -22.65
CA ARG B 281 49.66 -19.88 -22.85
C ARG B 281 48.66 -19.88 -24.01
N ALA B 282 48.90 -20.69 -25.06
CA ALA B 282 48.00 -20.84 -26.20
C ALA B 282 46.80 -21.73 -25.87
N ILE B 283 47.01 -22.82 -25.11
CA ILE B 283 45.95 -23.74 -24.70
C ILE B 283 44.91 -22.98 -23.84
N THR B 284 45.35 -21.99 -23.05
CA THR B 284 44.45 -21.21 -22.19
C THR B 284 43.33 -20.54 -22.97
N ALA B 285 43.55 -20.17 -24.24
CA ALA B 285 42.47 -19.59 -25.06
C ALA B 285 41.31 -20.58 -25.30
N ILE B 286 41.62 -21.89 -25.31
CA ILE B 286 40.66 -22.97 -25.54
C ILE B 286 40.05 -23.43 -24.20
N THR B 287 40.89 -23.71 -23.20
CA THR B 287 40.46 -24.22 -21.89
C THR B 287 39.83 -23.16 -20.98
N ASN B 288 40.12 -21.88 -21.23
CA ASN B 288 39.61 -20.73 -20.48
C ASN B 288 39.14 -19.75 -21.58
N PRO B 289 38.02 -20.04 -22.27
CA PRO B 289 37.65 -19.22 -23.45
C PRO B 289 36.84 -17.96 -23.23
N LEU B 290 36.26 -17.75 -22.04
CA LEU B 290 35.43 -16.58 -21.80
C LEU B 290 36.24 -15.42 -21.23
N VAL B 291 35.71 -14.20 -21.32
CA VAL B 291 36.33 -13.02 -20.71
C VAL B 291 36.37 -13.24 -19.17
N ASN B 292 35.28 -13.83 -18.62
CA ASN B 292 35.14 -14.15 -17.21
C ASN B 292 36.13 -15.21 -16.71
N SER B 293 36.64 -16.07 -17.60
CA SER B 293 37.62 -17.10 -17.24
C SER B 293 38.88 -16.52 -16.61
N TYR B 294 39.26 -15.30 -17.00
CA TYR B 294 40.46 -14.64 -16.48
C TYR B 294 40.21 -13.91 -15.14
N LYS B 295 38.95 -13.78 -14.71
CA LYS B 295 38.63 -13.30 -13.36
C LYS B 295 38.79 -14.46 -12.33
N ARG B 296 38.80 -15.74 -12.81
CA ARG B 296 39.05 -16.92 -12.01
C ARG B 296 40.57 -17.11 -11.86
N LEU B 297 41.35 -16.83 -12.93
CA LEU B 297 42.81 -16.96 -12.91
C LEU B 297 43.45 -15.75 -12.21
N VAL B 298 43.18 -15.64 -10.90
CA VAL B 298 43.71 -14.59 -10.04
C VAL B 298 44.26 -15.27 -8.76
N PRO B 299 45.32 -14.75 -8.11
CA PRO B 299 45.81 -15.41 -6.88
C PRO B 299 44.82 -15.34 -5.72
N GLY B 300 44.94 -16.30 -4.79
CA GLY B 300 44.11 -16.36 -3.60
C GLY B 300 43.08 -17.47 -3.55
N TYR B 301 42.81 -18.12 -4.70
CA TYR B 301 41.83 -19.22 -4.78
C TYR B 301 42.53 -20.52 -5.29
N GLU B 302 41.80 -21.65 -5.36
CA GLU B 302 42.40 -22.93 -5.79
C GLU B 302 42.94 -22.93 -7.24
N ALA B 303 42.56 -21.92 -8.03
CA ALA B 303 42.95 -21.87 -9.46
C ALA B 303 44.45 -21.61 -9.61
N PRO B 304 45.15 -22.29 -10.55
CA PRO B 304 46.56 -22.02 -10.80
C PRO B 304 46.73 -20.77 -11.67
N VAL B 305 47.78 -19.98 -11.42
CA VAL B 305 48.00 -18.75 -12.22
C VAL B 305 49.44 -18.76 -12.73
N TYR B 306 50.33 -19.45 -12.02
CA TYR B 306 51.76 -19.48 -12.42
C TYR B 306 52.07 -20.78 -13.17
N ILE B 307 52.93 -20.70 -14.19
CA ILE B 307 53.21 -21.88 -15.01
C ILE B 307 54.28 -22.74 -14.37
N THR B 308 53.84 -23.76 -13.62
CA THR B 308 54.75 -24.68 -12.93
C THR B 308 54.12 -26.07 -12.79
N TRP B 309 54.98 -27.08 -12.52
CA TRP B 309 54.52 -28.44 -12.29
C TRP B 309 55.24 -28.98 -11.05
N SER B 310 54.56 -29.84 -10.29
CA SER B 310 55.12 -30.37 -9.05
C SER B 310 54.43 -31.70 -8.66
N GLY B 311 54.75 -32.20 -7.47
CA GLY B 311 54.15 -33.41 -6.93
C GLY B 311 52.81 -33.14 -6.26
N PRO B 312 52.32 -34.13 -5.51
CA PRO B 312 51.01 -33.97 -4.86
C PRO B 312 50.97 -33.07 -3.63
N ASN B 313 52.08 -32.37 -3.36
CA ASN B 313 52.14 -31.54 -2.12
C ASN B 313 52.15 -30.05 -2.47
N ARG B 314 51.72 -29.69 -3.69
CA ARG B 314 51.77 -28.27 -4.11
C ARG B 314 50.63 -27.98 -5.10
N SER B 315 49.99 -26.81 -4.97
CA SER B 315 48.90 -26.41 -5.90
C SER B 315 49.50 -25.75 -7.14
N SER B 316 49.98 -26.54 -8.10
CA SER B 316 50.59 -26.04 -9.32
C SER B 316 49.64 -26.22 -10.52
N LEU B 317 50.03 -25.70 -11.71
CA LEU B 317 49.25 -25.83 -12.93
C LEU B 317 49.11 -27.31 -13.27
N ILE B 318 50.22 -28.05 -13.20
CA ILE B 318 50.22 -29.50 -13.41
C ILE B 318 50.68 -30.14 -12.11
N ARG B 319 49.96 -31.14 -11.62
CA ARG B 319 50.34 -31.87 -10.41
C ARG B 319 50.43 -33.32 -10.73
N VAL B 320 51.43 -33.99 -10.18
CA VAL B 320 51.61 -35.42 -10.40
C VAL B 320 51.18 -36.13 -9.12
N PRO B 321 49.95 -36.69 -9.04
CA PRO B 321 49.53 -37.36 -7.80
C PRO B 321 50.36 -38.57 -7.40
N ALA B 322 50.29 -38.98 -6.12
CA ALA B 322 51.06 -40.10 -5.60
C ALA B 322 50.68 -41.47 -6.22
N PRO B 323 49.39 -41.80 -6.41
CA PRO B 323 49.05 -43.12 -7.03
C PRO B 323 49.88 -43.50 -8.25
N ARG B 324 50.48 -44.71 -8.22
CA ARG B 324 51.31 -45.24 -9.32
C ARG B 324 50.62 -46.49 -9.98
N GLY B 325 51.35 -47.25 -10.80
CA GLY B 325 50.80 -48.41 -11.49
C GLY B 325 49.92 -47.97 -12.64
N ASN B 326 48.69 -48.50 -12.70
CA ASN B 326 47.75 -48.11 -13.79
C ASN B 326 47.16 -46.71 -13.53
N SER B 327 47.21 -46.23 -12.28
CA SER B 327 46.64 -44.93 -11.95
C SER B 327 47.65 -43.79 -12.03
N THR B 328 48.82 -43.98 -12.71
CA THR B 328 49.79 -42.88 -12.85
C THR B 328 49.17 -41.85 -13.78
N ARG B 329 49.23 -40.57 -13.39
CA ARG B 329 48.58 -39.52 -14.16
C ARG B 329 49.10 -38.13 -13.80
N ILE B 330 48.65 -37.12 -14.54
CA ILE B 330 48.94 -35.72 -14.28
C ILE B 330 47.61 -34.97 -14.20
N GLU B 331 47.48 -34.02 -13.29
CA GLU B 331 46.26 -33.26 -13.10
C GLU B 331 46.49 -31.84 -13.62
N ILE B 332 45.93 -31.52 -14.79
CA ILE B 332 46.05 -30.19 -15.37
C ILE B 332 44.90 -29.39 -14.77
N ARG B 333 45.23 -28.41 -13.93
CA ARG B 333 44.27 -27.66 -13.13
C ARG B 333 43.86 -26.29 -13.68
N SER B 334 44.44 -25.86 -14.81
CA SER B 334 44.10 -24.55 -15.38
C SER B 334 42.73 -24.44 -16.05
N PRO B 335 42.20 -25.49 -16.72
CA PRO B 335 40.90 -25.34 -17.39
C PRO B 335 39.73 -25.04 -16.47
N ASP B 336 38.70 -24.40 -17.04
CA ASP B 336 37.45 -24.15 -16.33
C ASP B 336 36.33 -24.93 -17.03
N PRO B 337 35.19 -25.21 -16.36
CA PRO B 337 34.18 -26.05 -16.99
C PRO B 337 33.33 -25.37 -18.07
N SER B 338 33.63 -24.12 -18.44
CA SER B 338 32.94 -23.45 -19.54
C SER B 338 33.61 -23.75 -20.91
N CYS B 339 34.76 -24.45 -20.94
CA CYS B 339 35.47 -24.78 -22.16
C CYS B 339 34.76 -25.86 -22.97
N ASN B 340 35.04 -25.89 -24.29
CA ASN B 340 34.51 -26.93 -25.16
C ASN B 340 35.37 -28.16 -24.84
N PRO B 341 34.84 -29.25 -24.25
CA PRO B 341 35.70 -30.39 -23.92
C PRO B 341 36.35 -31.05 -25.12
N TYR B 342 35.66 -31.07 -26.27
CA TYR B 342 36.22 -31.69 -27.47
C TYR B 342 37.51 -30.99 -27.90
N LEU B 343 37.50 -29.66 -27.87
CA LEU B 343 38.66 -28.87 -28.25
C LEU B 343 39.71 -28.78 -27.15
N ALA B 344 39.29 -28.77 -25.88
CA ALA B 344 40.22 -28.71 -24.76
C ALA B 344 41.12 -29.96 -24.73
N PHE B 345 40.53 -31.17 -24.87
CA PHE B 345 41.31 -32.40 -24.86
C PHE B 345 42.15 -32.51 -26.14
N ALA B 346 41.64 -32.05 -27.29
CA ALA B 346 42.38 -32.06 -28.55
C ALA B 346 43.65 -31.20 -28.44
N ALA B 347 43.53 -30.00 -27.82
CA ALA B 347 44.67 -29.10 -27.65
C ALA B 347 45.71 -29.68 -26.69
N ILE B 348 45.27 -30.31 -25.59
CA ILE B 348 46.18 -30.91 -24.62
C ILE B 348 46.89 -32.10 -25.24
N LEU B 349 46.17 -32.93 -26.01
CA LEU B 349 46.75 -34.10 -26.64
C LEU B 349 47.80 -33.71 -27.68
N ALA B 350 47.52 -32.70 -28.52
CA ALA B 350 48.45 -32.27 -29.55
C ALA B 350 49.72 -31.66 -28.96
N ALA B 351 49.58 -30.82 -27.92
CA ALA B 351 50.73 -30.20 -27.27
C ALA B 351 51.54 -31.24 -26.50
N GLY B 352 50.86 -32.15 -25.81
CA GLY B 352 51.48 -33.23 -25.07
C GLY B 352 52.22 -34.22 -25.94
N LEU B 353 51.66 -34.56 -27.11
CA LEU B 353 52.33 -35.48 -28.05
C LEU B 353 53.52 -34.84 -28.72
N ASP B 354 53.49 -33.52 -28.96
CA ASP B 354 54.66 -32.82 -29.48
C ASP B 354 55.82 -32.89 -28.45
N GLY B 355 55.48 -32.85 -27.16
CA GLY B 355 56.40 -33.03 -26.06
C GLY B 355 57.11 -34.36 -26.14
N VAL B 356 56.34 -35.43 -26.31
CA VAL B 356 56.85 -36.80 -26.44
C VAL B 356 57.70 -36.96 -27.71
N LYS B 357 57.18 -36.49 -28.84
CA LYS B 357 57.87 -36.63 -30.11
C LYS B 357 59.22 -35.87 -30.10
N ASN B 358 59.21 -34.55 -29.87
CA ASN B 358 60.44 -33.75 -29.84
C ASN B 358 61.30 -33.90 -28.56
N LYS B 359 60.90 -34.76 -27.59
CA LYS B 359 61.65 -34.96 -26.34
C LYS B 359 61.91 -33.64 -25.62
N ILE B 360 60.84 -32.86 -25.38
CA ILE B 360 60.97 -31.57 -24.73
C ILE B 360 61.03 -31.79 -23.22
N GLU B 361 62.17 -31.47 -22.61
CA GLU B 361 62.35 -31.60 -21.15
C GLU B 361 61.56 -30.51 -20.45
N PRO B 362 60.79 -30.85 -19.40
CA PRO B 362 60.06 -29.80 -18.67
C PRO B 362 60.96 -29.05 -17.68
N PRO B 363 60.53 -27.86 -17.20
CA PRO B 363 61.34 -27.15 -16.20
C PRO B 363 61.41 -27.90 -14.86
N GLU B 364 62.24 -27.42 -13.93
CA GLU B 364 62.39 -28.08 -12.63
C GLU B 364 61.10 -27.96 -11.81
N ARG B 365 60.76 -29.03 -11.04
CA ARG B 365 59.55 -29.10 -10.22
C ARG B 365 59.60 -28.11 -9.05
N VAL B 366 58.79 -27.05 -9.10
CA VAL B 366 58.75 -26.05 -8.02
C VAL B 366 57.89 -26.59 -6.89
N GLU B 367 58.51 -27.11 -5.84
CA GLU B 367 57.81 -27.65 -4.68
C GLU B 367 57.47 -26.58 -3.62
N LYS B 368 58.07 -25.38 -3.68
CA LYS B 368 57.76 -24.31 -2.72
C LYS B 368 56.39 -23.65 -3.04
N ASN B 369 55.84 -22.83 -2.13
CA ASN B 369 54.56 -22.18 -2.33
C ASN B 369 54.76 -20.91 -3.17
N ILE B 370 54.36 -20.97 -4.43
CA ILE B 370 54.56 -19.95 -5.45
C ILE B 370 53.97 -18.58 -5.05
N TYR B 371 52.82 -18.57 -4.35
CA TYR B 371 52.21 -17.31 -3.93
C TYR B 371 53.09 -16.60 -2.88
N LYS B 372 53.74 -17.39 -2.00
CA LYS B 372 54.62 -16.84 -0.97
C LYS B 372 55.93 -16.30 -1.56
N LEU B 373 56.42 -16.88 -2.68
CA LEU B 373 57.67 -16.40 -3.29
C LEU B 373 57.47 -14.99 -3.87
N THR B 374 58.51 -14.16 -3.76
CA THR B 374 58.47 -12.78 -4.24
C THR B 374 58.55 -12.74 -5.76
N GLU B 375 57.88 -11.76 -6.41
CA GLU B 375 57.90 -11.59 -7.86
C GLU B 375 59.33 -11.39 -8.41
N GLU B 376 60.20 -10.79 -7.60
CA GLU B 376 61.60 -10.57 -7.95
C GLU B 376 62.32 -11.92 -8.12
N GLU B 377 62.02 -12.90 -7.25
CA GLU B 377 62.64 -14.23 -7.32
C GLU B 377 62.09 -15.08 -8.48
N ARG B 378 60.79 -14.94 -8.81
CA ARG B 378 60.18 -15.73 -9.89
C ARG B 378 60.84 -15.49 -11.23
N GLU B 379 61.18 -14.24 -11.55
CA GLU B 379 61.86 -13.89 -12.80
C GLU B 379 63.27 -14.50 -12.87
N LYS B 380 63.93 -14.71 -11.71
CA LYS B 380 65.26 -15.30 -11.64
C LYS B 380 65.15 -16.82 -11.87
N LEU B 381 64.12 -17.47 -11.29
CA LEU B 381 63.86 -18.90 -11.46
C LEU B 381 63.44 -19.21 -12.91
N GLY B 382 62.65 -18.32 -13.51
CA GLY B 382 62.11 -18.48 -14.85
C GLY B 382 60.65 -18.91 -14.88
N ILE B 383 59.89 -18.52 -13.85
CA ILE B 383 58.48 -18.88 -13.73
C ILE B 383 57.62 -17.84 -14.43
N GLY B 384 56.87 -18.29 -15.43
CA GLY B 384 55.97 -17.45 -16.21
C GLY B 384 54.59 -17.40 -15.61
N MET B 385 53.73 -16.56 -16.17
CA MET B 385 52.34 -16.44 -15.74
C MET B 385 51.43 -16.78 -16.89
N LEU B 386 50.22 -17.25 -16.56
CA LEU B 386 49.22 -17.52 -17.58
C LEU B 386 48.69 -16.18 -18.12
N PRO B 387 48.11 -16.15 -19.34
CA PRO B 387 47.55 -14.89 -19.85
C PRO B 387 46.56 -14.24 -18.86
N GLY B 388 46.68 -12.93 -18.67
CA GLY B 388 45.84 -12.20 -17.74
C GLY B 388 44.47 -11.82 -18.29
N THR B 389 44.35 -11.74 -19.63
CA THR B 389 43.09 -11.38 -20.30
C THR B 389 42.82 -12.38 -21.46
N LEU B 390 41.58 -12.37 -21.99
CA LEU B 390 41.21 -13.23 -23.10
C LEU B 390 41.99 -12.83 -24.35
N LYS B 391 42.15 -11.52 -24.60
CA LYS B 391 42.91 -11.00 -25.74
C LYS B 391 44.35 -11.49 -25.70
N GLU B 392 44.98 -11.51 -24.50
CA GLU B 392 46.35 -11.97 -24.37
C GLU B 392 46.48 -13.44 -24.75
N ALA B 393 45.50 -14.27 -24.34
CA ALA B 393 45.55 -15.69 -24.66
C ALA B 393 45.29 -15.93 -26.14
N ILE B 394 44.38 -15.16 -26.75
CA ILE B 394 44.08 -15.30 -28.18
C ILE B 394 45.28 -14.91 -29.03
N GLU B 395 46.03 -13.88 -28.63
CA GLU B 395 47.22 -13.47 -29.37
C GLU B 395 48.27 -14.58 -29.30
N CYS B 396 48.43 -15.24 -28.14
CA CYS B 396 49.36 -16.35 -28.00
C CYS B 396 48.90 -17.58 -28.80
N PHE B 397 47.58 -17.83 -28.84
CA PHE B 397 47.00 -18.94 -29.61
C PHE B 397 47.17 -18.73 -31.11
N LYS B 398 47.01 -17.48 -31.58
CA LYS B 398 47.13 -17.13 -32.99
C LYS B 398 48.54 -17.47 -33.53
N GLU B 399 49.55 -17.33 -32.67
CA GLU B 399 50.95 -17.58 -33.11
C GLU B 399 51.31 -19.07 -33.02
N ASP B 400 50.60 -19.83 -32.17
CA ASP B 400 50.94 -21.24 -31.99
C ASP B 400 50.49 -22.04 -33.20
N GLU B 401 51.39 -22.22 -34.18
CA GLU B 401 51.10 -22.95 -35.42
C GLU B 401 50.67 -24.39 -35.19
N LEU B 402 51.18 -25.04 -34.15
CA LEU B 402 50.84 -26.43 -33.89
C LEU B 402 49.37 -26.59 -33.51
N LEU B 403 48.88 -25.79 -32.56
CA LEU B 403 47.48 -25.87 -32.14
C LEU B 403 46.52 -25.45 -33.23
N VAL B 404 46.91 -24.47 -34.06
CA VAL B 404 46.06 -24.03 -35.16
C VAL B 404 45.89 -25.17 -36.17
N SER B 405 46.97 -25.90 -36.47
CA SER B 405 46.90 -27.04 -37.40
C SER B 405 46.19 -28.23 -36.78
N ALA B 406 46.39 -28.47 -35.48
CA ALA B 406 45.75 -29.59 -34.78
C ALA B 406 44.24 -29.39 -34.70
N LEU B 407 43.77 -28.18 -34.39
CA LEU B 407 42.34 -27.90 -34.33
C LEU B 407 41.73 -27.57 -35.71
N GLY B 408 42.56 -27.27 -36.71
CA GLY B 408 42.09 -26.93 -38.04
C GLY B 408 41.92 -25.42 -38.18
N GLU B 409 42.05 -24.92 -39.41
CA GLU B 409 41.96 -23.44 -39.63
C GLU B 409 40.51 -22.97 -39.39
N HIS B 410 39.53 -23.81 -39.75
CA HIS B 410 38.13 -23.42 -39.59
C HIS B 410 37.76 -23.19 -38.11
N VAL B 411 38.11 -24.15 -37.24
CA VAL B 411 37.82 -24.06 -35.81
C VAL B 411 38.64 -22.94 -35.16
N SER B 412 39.93 -22.86 -35.48
CA SER B 412 40.82 -21.84 -34.92
C SER B 412 40.33 -20.43 -35.25
N GLN B 413 39.89 -20.21 -36.51
CA GLN B 413 39.39 -18.90 -36.92
C GLN B 413 38.10 -18.56 -36.20
N SER B 414 37.19 -19.55 -36.04
CA SER B 414 35.92 -19.33 -35.34
C SER B 414 36.15 -18.94 -33.88
N ILE B 415 37.13 -19.59 -33.24
CA ILE B 415 37.45 -19.27 -31.82
C ILE B 415 37.95 -17.83 -31.73
N ILE B 416 38.84 -17.43 -32.64
CA ILE B 416 39.41 -16.10 -32.62
C ILE B 416 38.34 -15.04 -32.88
N ASN B 417 37.46 -15.29 -33.85
CA ASN B 417 36.39 -14.35 -34.17
C ASN B 417 35.41 -14.16 -33.02
N VAL B 418 34.95 -15.25 -32.39
CA VAL B 418 34.01 -15.17 -31.27
C VAL B 418 34.67 -14.46 -30.08
N ALA B 419 35.92 -14.82 -29.74
CA ALA B 419 36.61 -14.21 -28.62
C ALA B 419 36.89 -12.73 -28.82
N MET B 420 37.28 -12.34 -30.04
CA MET B 420 37.59 -10.92 -30.33
C MET B 420 36.29 -10.10 -30.31
N ALA B 421 35.18 -10.67 -30.78
CA ALA B 421 33.92 -9.95 -30.78
C ALA B 421 33.50 -9.68 -29.32
N ASP B 422 33.68 -10.67 -28.43
CA ASP B 422 33.38 -10.53 -27.01
C ASP B 422 34.31 -9.51 -26.35
N TRP B 423 35.63 -9.59 -26.64
CA TRP B 423 36.61 -8.69 -26.05
C TRP B 423 36.39 -7.25 -26.49
N ASP B 424 36.15 -7.01 -27.79
CA ASP B 424 35.93 -5.66 -28.29
C ASP B 424 34.65 -5.03 -27.67
N SER B 425 33.64 -5.86 -27.33
CA SER B 425 32.43 -5.37 -26.69
C SER B 425 32.67 -5.09 -25.20
N TYR B 426 33.40 -5.98 -24.52
CA TYR B 426 33.72 -5.85 -23.10
C TYR B 426 34.64 -4.65 -22.80
N ARG B 427 35.70 -4.46 -23.59
CA ARG B 427 36.66 -3.39 -23.34
C ARG B 427 36.07 -1.98 -23.45
N THR B 428 35.10 -1.77 -24.35
CA THR B 428 34.47 -0.46 -24.50
C THR B 428 33.43 -0.15 -23.42
N GLN B 429 32.88 -1.20 -22.76
CA GLN B 429 31.86 -1.01 -21.74
C GLN B 429 32.32 -0.23 -20.53
N VAL B 430 31.40 0.55 -19.94
CA VAL B 430 31.65 1.32 -18.72
C VAL B 430 30.97 0.55 -17.60
N HIS B 431 31.76 -0.11 -16.76
CA HIS B 431 31.25 -0.94 -15.68
C HIS B 431 30.89 -0.11 -14.43
N GLN B 432 30.05 -0.68 -13.57
CA GLN B 432 29.61 0.01 -12.35
C GLN B 432 30.77 0.32 -11.42
N TRP B 433 31.84 -0.51 -11.40
CA TRP B 433 33.03 -0.28 -10.58
C TRP B 433 33.63 1.10 -10.84
N GLU B 434 33.63 1.52 -12.11
CA GLU B 434 34.20 2.80 -12.52
C GLU B 434 33.36 3.95 -11.97
N LEU B 435 32.03 3.84 -12.04
CA LEU B 435 31.15 4.87 -11.49
C LEU B 435 31.29 4.93 -9.97
N ASP B 436 31.36 3.76 -9.31
CA ASP B 436 31.52 3.71 -7.86
C ASP B 436 32.88 4.30 -7.41
N ARG B 437 33.91 4.17 -8.24
CA ARG B 437 35.26 4.63 -7.93
C ARG B 437 35.53 6.11 -8.28
N TYR B 438 34.85 6.66 -9.30
CA TYR B 438 35.23 8.02 -9.76
C TYR B 438 34.07 9.03 -9.81
N LEU B 439 32.84 8.62 -10.09
CA LEU B 439 31.75 9.59 -10.30
C LEU B 439 31.62 10.65 -9.19
N GLN B 440 31.70 10.25 -7.93
CA GLN B 440 31.54 11.18 -6.81
C GLN B 440 32.70 12.17 -6.72
N THR B 441 33.94 11.69 -6.87
CA THR B 441 35.13 12.50 -6.70
C THR B 441 35.47 13.37 -7.91
N TYR B 442 35.54 12.78 -9.11
CA TYR B 442 35.90 13.52 -10.31
C TYR B 442 34.68 14.23 -10.91
N GLY C 2 54.66 42.65 3.06
CA GLY C 2 54.54 43.20 1.72
C GLY C 2 53.17 43.81 1.45
N SER C 3 53.06 44.63 0.39
CA SER C 3 51.78 45.27 0.08
C SER C 3 50.72 44.34 -0.50
N LYS C 4 51.05 43.18 -1.07
CA LYS C 4 49.97 42.23 -1.47
C LYS C 4 49.25 41.81 -0.20
N GLU C 5 49.99 41.53 0.87
CA GLU C 5 49.47 41.15 2.17
C GLU C 5 48.59 42.27 2.73
N ASP C 6 48.99 43.54 2.60
CA ASP C 6 48.17 44.67 3.06
C ASP C 6 46.86 44.74 2.27
N GLU C 7 46.93 44.43 0.97
CA GLU C 7 45.80 44.39 0.05
C GLU C 7 44.82 43.29 0.44
N ILE C 8 45.33 42.13 0.89
CA ILE C 8 44.52 41.00 1.32
C ILE C 8 43.71 41.41 2.55
N PHE C 9 44.38 41.99 3.57
CA PHE C 9 43.71 42.41 4.80
C PHE C 9 42.69 43.51 4.57
N ARG C 10 42.86 44.35 3.53
CA ARG C 10 41.89 45.40 3.18
C ARG C 10 40.60 44.75 2.70
N ILE C 11 40.71 43.73 1.84
CA ILE C 11 39.56 43.01 1.31
C ILE C 11 38.85 42.24 2.44
N VAL C 12 39.62 41.72 3.42
CA VAL C 12 39.07 41.00 4.58
C VAL C 12 38.10 41.91 5.34
N GLU C 13 38.57 43.12 5.70
CA GLU C 13 37.80 44.11 6.44
C GLU C 13 36.58 44.59 5.63
N GLU C 14 36.73 44.74 4.31
CA GLU C 14 35.63 45.17 3.46
C GLU C 14 34.50 44.13 3.37
N LYS C 15 34.83 42.90 2.95
CA LYS C 15 33.79 41.86 2.73
C LYS C 15 33.48 41.07 4.02
N ASN C 16 34.09 41.44 5.15
CA ASN C 16 33.83 40.77 6.43
C ASN C 16 34.10 39.28 6.29
N VAL C 17 35.32 38.95 5.88
CA VAL C 17 35.72 37.56 5.67
C VAL C 17 36.12 36.98 7.01
N ARG C 18 35.53 35.85 7.41
CA ARG C 18 35.82 35.23 8.70
C ARG C 18 36.60 33.93 8.61
N PHE C 19 36.60 33.24 7.46
CA PHE C 19 37.32 31.97 7.28
C PHE C 19 38.06 31.97 5.96
N VAL C 20 39.23 31.32 5.93
CA VAL C 20 40.06 31.24 4.74
C VAL C 20 40.42 29.78 4.51
N ARG C 21 40.31 29.35 3.23
CA ARG C 21 40.63 28.00 2.81
C ARG C 21 42.02 27.98 2.23
N LEU C 22 42.91 27.17 2.82
CA LEU C 22 44.24 27.03 2.29
C LEU C 22 44.23 25.85 1.34
N GLN C 23 43.82 26.10 0.09
CA GLN C 23 43.69 25.07 -0.90
C GLN C 23 45.01 24.63 -1.50
N PHE C 24 45.07 23.36 -1.85
CA PHE C 24 46.21 22.71 -2.52
C PHE C 24 45.66 21.45 -3.24
N VAL C 25 46.50 20.73 -3.97
CA VAL C 25 46.07 19.60 -4.78
C VAL C 25 46.98 18.39 -4.56
N ASP C 26 46.40 17.19 -4.56
CA ASP C 26 47.19 15.95 -4.42
C ASP C 26 47.75 15.52 -5.77
N VAL C 27 48.45 14.39 -5.82
CA VAL C 27 49.03 13.88 -7.07
C VAL C 27 47.96 13.62 -8.15
N GLN C 28 46.70 13.35 -7.74
CA GLN C 28 45.59 13.01 -8.63
C GLN C 28 44.71 14.20 -9.07
N GLY C 29 45.10 15.43 -8.72
CA GLY C 29 44.34 16.62 -9.11
C GLY C 29 43.12 16.90 -8.27
N ILE C 30 42.92 16.16 -7.14
CA ILE C 30 41.76 16.39 -6.27
C ILE C 30 42.09 17.54 -5.33
N PRO C 31 41.19 18.54 -5.17
CA PRO C 31 41.48 19.64 -4.26
C PRO C 31 41.36 19.25 -2.79
N LYS C 32 42.37 19.66 -2.02
CA LYS C 32 42.45 19.48 -0.57
C LYS C 32 42.61 20.85 0.06
N ASN C 33 42.24 20.96 1.34
CA ASN C 33 42.28 22.30 1.99
C ASN C 33 42.29 22.23 3.52
N VAL C 34 42.73 23.31 4.18
CA VAL C 34 42.74 23.46 5.62
C VAL C 34 41.95 24.74 5.87
N ALA C 35 40.86 24.65 6.63
CA ALA C 35 40.04 25.81 6.94
C ALA C 35 40.60 26.46 8.19
N ILE C 36 40.93 27.76 8.13
CA ILE C 36 41.45 28.49 9.28
C ILE C 36 40.60 29.73 9.52
N PRO C 37 40.39 30.14 10.78
CA PRO C 37 39.70 31.42 11.01
C PRO C 37 40.57 32.58 10.57
N VAL C 38 39.96 33.72 10.27
CA VAL C 38 40.67 34.89 9.78
C VAL C 38 41.74 35.41 10.76
N GLY C 39 41.62 35.08 12.05
CA GLY C 39 42.63 35.45 13.04
C GLY C 39 43.98 34.81 12.75
N GLN C 40 43.98 33.61 12.12
CA GLN C 40 45.19 32.89 11.75
C GLN C 40 45.74 33.27 10.36
N LEU C 41 45.10 34.21 9.63
CA LEU C 41 45.55 34.59 8.29
C LEU C 41 46.91 35.26 8.31
N GLU C 42 47.22 36.05 9.35
CA GLU C 42 48.53 36.68 9.47
C GLU C 42 49.61 35.61 9.63
N LYS C 43 49.31 34.54 10.40
CA LYS C 43 50.25 33.44 10.60
C LYS C 43 50.45 32.64 9.30
N ALA C 44 49.39 32.47 8.50
CA ALA C 44 49.49 31.73 7.25
C ALA C 44 50.37 32.47 6.23
N LEU C 45 50.17 33.78 6.07
CA LEU C 45 50.98 34.58 5.14
C LEU C 45 52.42 34.80 5.64
N GLY C 46 52.68 34.63 6.94
CA GLY C 46 54.00 34.78 7.53
C GLY C 46 54.73 33.45 7.62
N PRO C 47 54.81 32.80 8.82
CA PRO C 47 55.55 31.54 8.97
C PRO C 47 54.87 30.32 8.34
N GLY C 48 53.59 30.44 7.98
CA GLY C 48 52.83 29.35 7.37
C GLY C 48 52.13 28.46 8.37
N ILE C 49 51.20 27.63 7.90
CA ILE C 49 50.42 26.70 8.73
C ILE C 49 50.93 25.28 8.54
N HIS C 50 51.15 24.54 9.64
CA HIS C 50 51.63 23.17 9.56
C HIS C 50 50.49 22.17 9.37
N PHE C 51 50.78 21.06 8.70
CA PHE C 51 49.81 19.99 8.44
C PHE C 51 50.54 18.66 8.10
N ASP C 52 49.81 17.53 8.10
CA ASP C 52 50.40 16.23 7.79
C ASP C 52 50.38 16.00 6.26
N GLY C 53 51.60 15.89 5.69
CA GLY C 53 51.83 15.73 4.26
C GLY C 53 51.35 14.46 3.58
N SER C 54 50.88 13.45 4.34
CA SER C 54 50.37 12.20 3.77
C SER C 54 49.25 12.46 2.72
N SER C 55 48.49 13.56 2.90
CA SER C 55 47.39 13.96 2.02
C SER C 55 47.79 14.20 0.56
N ILE C 56 48.99 14.79 0.31
CA ILE C 56 49.50 15.03 -1.06
C ILE C 56 49.53 13.73 -1.87
N GLU C 57 49.85 12.59 -1.22
CA GLU C 57 49.93 11.30 -1.91
C GLU C 57 48.56 10.61 -1.86
N ASP C 66 54.97 15.75 8.12
CA ASP C 66 54.94 17.15 8.52
C ASP C 66 55.41 18.05 7.37
N MET C 67 54.55 19.01 7.02
CA MET C 67 54.90 20.00 5.96
C MET C 67 54.24 21.32 6.31
N VAL C 68 54.53 22.38 5.54
CA VAL C 68 53.97 23.70 5.77
C VAL C 68 53.23 24.18 4.53
N LEU C 69 52.19 24.98 4.73
CA LEU C 69 51.42 25.54 3.64
C LEU C 69 51.90 26.97 3.42
N ARG C 70 52.26 27.30 2.18
CA ARG C 70 52.73 28.61 1.78
C ARG C 70 51.72 29.23 0.84
N PRO C 71 50.84 30.08 1.36
CA PRO C 71 49.87 30.71 0.47
C PRO C 71 50.49 31.63 -0.58
N ASP C 72 49.96 31.61 -1.81
CA ASP C 72 50.40 32.49 -2.89
C ASP C 72 49.51 33.73 -2.76
N PRO C 73 50.05 34.90 -2.34
CA PRO C 73 49.16 36.08 -2.19
C PRO C 73 48.40 36.50 -3.44
N ASP C 74 48.89 36.14 -4.63
CA ASP C 74 48.23 36.56 -5.90
C ASP C 74 46.96 35.75 -6.15
N THR C 75 46.77 34.64 -5.44
CA THR C 75 45.60 33.77 -5.60
C THR C 75 44.51 34.01 -4.55
N PHE C 76 44.58 35.09 -3.74
CA PHE C 76 43.55 35.37 -2.74
C PHE C 76 42.26 35.81 -3.43
N ARG C 77 41.17 35.04 -3.28
CA ARG C 77 39.88 35.40 -3.86
C ARG C 77 38.76 35.10 -2.87
N VAL C 78 37.77 36.00 -2.79
CA VAL C 78 36.63 35.84 -1.90
C VAL C 78 35.65 34.93 -2.61
N LEU C 79 35.13 33.91 -1.93
CA LEU C 79 34.18 32.98 -2.52
C LEU C 79 32.84 33.72 -2.68
N PRO C 80 32.34 33.97 -3.91
CA PRO C 80 31.10 34.77 -4.05
C PRO C 80 29.84 34.25 -3.35
N TRP C 81 29.81 32.97 -2.94
CA TRP C 81 28.65 32.45 -2.20
C TRP C 81 28.76 32.91 -0.74
N THR C 87 28.70 34.70 7.17
CA THR C 87 29.67 35.79 6.86
C THR C 87 30.26 35.57 5.47
N ALA C 88 31.53 35.91 5.27
CA ALA C 88 32.19 35.76 3.96
C ALA C 88 33.37 34.80 4.07
N GLU C 89 33.65 34.05 3.00
CA GLU C 89 34.79 33.14 3.01
C GLU C 89 35.78 33.49 1.91
N ALA C 90 37.06 33.14 2.11
CA ALA C 90 38.10 33.40 1.11
C ALA C 90 38.98 32.15 0.88
N ARG C 91 39.75 32.16 -0.23
CA ARG C 91 40.59 31.07 -0.70
C ARG C 91 42.03 31.53 -0.87
N LEU C 92 42.99 30.58 -0.77
CA LEU C 92 44.37 30.85 -1.08
C LEU C 92 45.02 29.58 -1.59
N ILE C 93 45.51 29.58 -2.85
CA ILE C 93 46.21 28.42 -3.38
C ILE C 93 47.58 28.42 -2.72
N CYS C 94 47.98 27.27 -2.18
CA CYS C 94 49.20 27.12 -1.42
C CYS C 94 50.20 26.22 -2.10
N ASP C 95 51.47 26.53 -1.90
CA ASP C 95 52.59 25.70 -2.31
C ASP C 95 53.04 24.96 -1.06
N ILE C 96 53.54 23.74 -1.21
CA ILE C 96 53.94 22.93 -0.06
C ILE C 96 55.45 22.96 0.10
N GLU C 97 55.94 23.04 1.35
CA GLU C 97 57.37 22.93 1.63
C GLU C 97 57.58 22.04 2.84
N LEU C 98 58.81 21.54 2.98
CA LEU C 98 59.18 20.74 4.12
C LEU C 98 59.47 21.70 5.34
N PRO C 99 59.46 21.19 6.59
CA PRO C 99 59.61 22.10 7.75
C PRO C 99 60.80 23.05 7.76
N ASP C 100 61.93 22.65 7.15
CA ASP C 100 63.14 23.49 7.10
C ASP C 100 63.03 24.70 6.15
N GLY C 101 62.25 24.56 5.08
CA GLY C 101 62.07 25.65 4.12
C GLY C 101 62.20 25.29 2.66
N LYS C 102 62.87 24.18 2.29
CA LYS C 102 63.00 23.84 0.86
C LYS C 102 61.66 23.37 0.25
N PRO C 103 61.34 23.67 -1.03
CA PRO C 103 60.06 23.24 -1.60
C PRO C 103 59.92 21.71 -1.69
N PHE C 104 58.71 21.20 -1.45
CA PHE C 104 58.45 19.76 -1.53
C PHE C 104 58.33 19.36 -2.99
N MET C 105 59.24 18.49 -3.47
CA MET C 105 59.23 18.07 -4.87
C MET C 105 58.08 17.09 -5.23
N GLY C 106 57.27 16.68 -4.26
CA GLY C 106 56.09 15.88 -4.48
C GLY C 106 54.84 16.72 -4.76
N CYS C 107 54.90 18.06 -4.54
CA CYS C 107 53.78 18.95 -4.78
C CYS C 107 53.56 19.14 -6.28
N PRO C 108 52.37 18.83 -6.83
CA PRO C 108 52.15 19.01 -8.27
C PRO C 108 52.35 20.44 -8.78
N ARG C 109 51.94 21.45 -8.00
CA ARG C 109 52.10 22.85 -8.40
C ARG C 109 53.58 23.21 -8.49
N GLN C 110 54.42 22.71 -7.56
CA GLN C 110 55.86 22.95 -7.57
C GLN C 110 56.52 22.30 -8.80
N VAL C 111 56.00 21.15 -9.26
CA VAL C 111 56.52 20.45 -10.44
C VAL C 111 56.33 21.30 -11.71
N LEU C 112 55.11 21.83 -11.93
CA LEU C 112 54.85 22.66 -13.11
C LEU C 112 55.70 23.93 -13.05
N LYS C 113 55.84 24.53 -11.86
CA LYS C 113 56.67 25.70 -11.67
C LYS C 113 58.13 25.43 -12.07
N LYS C 114 58.67 24.27 -11.66
CA LYS C 114 60.03 23.88 -11.99
C LYS C 114 60.21 23.73 -13.51
N ASN C 115 59.27 23.02 -14.17
CA ASN C 115 59.35 22.85 -15.63
C ASN C 115 59.20 24.18 -16.38
N MET C 116 58.42 25.14 -15.83
CA MET C 116 58.27 26.45 -16.44
C MET C 116 59.54 27.28 -16.27
N GLU C 117 60.23 27.15 -15.12
CA GLU C 117 61.49 27.86 -14.87
C GLU C 117 62.57 27.36 -15.82
N GLU C 118 62.60 26.03 -16.08
CA GLU C 118 63.56 25.45 -17.01
C GLU C 118 63.30 25.95 -18.44
N ALA C 119 62.02 26.14 -18.81
CA ALA C 119 61.64 26.66 -20.12
C ALA C 119 62.03 28.14 -20.22
N ALA C 120 61.82 28.92 -19.13
CA ALA C 120 62.15 30.34 -19.06
C ALA C 120 63.66 30.58 -19.20
N LYS C 121 64.50 29.70 -18.65
CA LYS C 121 65.96 29.84 -18.80
C LYS C 121 66.38 29.83 -20.29
N LEU C 122 65.56 29.19 -21.17
CA LEU C 122 65.76 29.12 -22.62
C LEU C 122 64.87 30.16 -23.41
N GLY C 123 64.32 31.15 -22.70
CA GLY C 123 63.47 32.21 -23.25
C GLY C 123 62.07 31.79 -23.66
N TYR C 124 61.62 30.58 -23.27
CA TYR C 124 60.31 30.06 -23.65
C TYR C 124 59.29 30.18 -22.51
N VAL C 125 58.03 30.47 -22.87
CA VAL C 125 56.91 30.54 -21.93
C VAL C 125 55.73 29.84 -22.61
N MET C 126 55.14 28.82 -21.97
CA MET C 126 54.03 28.09 -22.55
C MET C 126 52.70 28.68 -22.12
N ASN C 127 51.82 28.89 -23.11
CA ASN C 127 50.48 29.41 -22.88
C ASN C 127 49.49 28.30 -23.23
N THR C 128 48.53 28.08 -22.34
CA THR C 128 47.53 27.02 -22.47
C THR C 128 46.12 27.62 -22.37
N GLY C 129 45.21 27.10 -23.19
CA GLY C 129 43.80 27.50 -23.24
C GLY C 129 42.93 26.27 -23.40
N PRO C 130 42.48 25.66 -22.28
CA PRO C 130 41.72 24.40 -22.39
C PRO C 130 40.23 24.55 -22.64
N GLU C 131 39.65 23.56 -23.31
CA GLU C 131 38.24 23.44 -23.61
C GLU C 131 37.74 22.40 -22.62
N MET C 132 37.06 22.86 -21.57
CA MET C 132 36.61 21.98 -20.49
C MET C 132 35.21 21.42 -20.67
N GLU C 133 35.12 20.11 -21.00
CA GLU C 133 33.86 19.42 -21.15
C GLU C 133 33.49 18.75 -19.82
N PHE C 134 32.19 18.69 -19.51
CA PHE C 134 31.71 18.09 -18.28
C PHE C 134 30.24 17.71 -18.40
N PHE C 135 29.74 16.91 -17.45
CA PHE C 135 28.35 16.49 -17.44
C PHE C 135 27.64 17.02 -16.22
N LEU C 136 26.32 17.21 -16.34
CA LEU C 136 25.48 17.64 -15.23
C LEU C 136 24.41 16.57 -15.05
N PHE C 137 24.51 15.81 -13.95
CA PHE C 137 23.63 14.69 -13.67
C PHE C 137 22.67 14.93 -12.52
N LYS C 138 21.55 14.19 -12.54
CA LYS C 138 20.55 14.26 -11.48
C LYS C 138 21.07 13.56 -10.22
N ARG C 139 20.40 13.81 -9.08
CA ARG C 139 20.74 13.20 -7.81
C ARG C 139 19.53 12.44 -7.29
N GLN C 140 19.73 11.21 -6.84
CA GLN C 140 18.66 10.36 -6.31
C GLN C 140 18.98 10.03 -4.86
N ASP C 141 18.13 10.49 -3.92
CA ASP C 141 18.28 10.26 -2.48
C ASP C 141 19.60 10.81 -1.96
N GLY C 142 19.95 12.02 -2.38
CA GLY C 142 21.18 12.69 -1.95
C GLY C 142 22.47 12.12 -2.49
N MET C 143 22.38 11.18 -3.43
CA MET C 143 23.58 10.56 -3.99
C MET C 143 23.61 10.83 -5.48
N PRO C 144 24.82 11.04 -6.03
CA PRO C 144 24.91 11.33 -7.46
C PRO C 144 24.65 10.11 -8.34
N THR C 145 24.15 10.37 -9.56
CA THR C 145 23.84 9.35 -10.54
C THR C 145 24.53 9.72 -11.89
N ASN C 146 24.35 8.91 -12.94
CA ASN C 146 24.85 9.21 -14.28
C ASN C 146 23.65 9.46 -15.23
N ILE C 147 22.52 9.98 -14.70
CA ILE C 147 21.33 10.25 -15.48
C ILE C 147 21.41 11.72 -15.93
N PRO C 148 21.46 12.02 -17.25
CA PRO C 148 21.52 13.44 -17.66
C PRO C 148 20.36 14.28 -17.17
N GLN C 149 20.64 15.52 -16.76
CA GLN C 149 19.62 16.45 -16.31
C GLN C 149 18.74 16.87 -17.48
N ASP C 150 19.35 17.10 -18.65
CA ASP C 150 18.65 17.55 -19.83
C ASP C 150 18.78 16.53 -20.98
N ARG C 151 17.93 16.66 -22.01
CA ARG C 151 17.96 15.80 -23.18
C ARG C 151 18.43 16.62 -24.39
N GLY C 152 19.46 17.45 -24.18
CA GLY C 152 19.90 18.37 -25.26
C GLY C 152 21.05 17.86 -26.11
N GLY C 153 21.53 18.71 -27.03
CA GLY C 153 22.60 18.30 -27.95
C GLY C 153 23.60 19.40 -28.25
N TYR C 154 24.36 19.28 -29.34
CA TYR C 154 25.43 20.26 -29.64
C TYR C 154 24.86 21.67 -29.83
N PHE C 155 25.48 22.66 -29.19
CA PHE C 155 25.07 24.08 -29.36
C PHE C 155 23.54 24.19 -29.25
N ASP C 156 22.94 23.41 -28.36
CA ASP C 156 21.46 23.43 -28.24
C ASP C 156 21.02 24.61 -27.37
N LEU C 157 19.80 25.10 -27.55
CA LEU C 157 19.27 26.25 -26.82
C LEU C 157 18.09 25.81 -25.94
N ALA C 158 17.81 26.57 -24.87
CA ALA C 158 16.68 26.32 -23.98
C ALA C 158 15.36 26.40 -24.75
N PRO C 159 14.31 25.66 -24.34
CA PRO C 159 14.23 24.75 -23.20
C PRO C 159 14.84 23.37 -23.41
N ILE C 160 15.54 23.13 -24.54
CA ILE C 160 16.20 21.84 -24.77
C ILE C 160 17.39 21.73 -23.78
N ASP C 161 18.15 22.83 -23.61
CA ASP C 161 19.24 22.92 -22.64
C ASP C 161 18.64 23.46 -21.33
N LEU C 162 18.41 22.59 -20.34
CA LEU C 162 17.85 22.99 -19.03
C LEU C 162 18.90 23.57 -18.07
N ALA C 163 20.21 23.40 -18.36
CA ALA C 163 21.29 23.89 -17.51
C ALA C 163 21.82 25.28 -17.90
N GLU C 164 21.04 26.13 -18.61
CA GLU C 164 21.56 27.44 -18.99
C GLU C 164 21.66 28.41 -17.80
N GLU C 165 20.87 28.21 -16.73
CA GLU C 165 20.94 29.05 -15.53
C GLU C 165 22.14 28.66 -14.65
N ILE C 166 22.46 27.37 -14.57
CA ILE C 166 23.65 26.94 -13.78
C ILE C 166 24.92 27.39 -14.50
N LYS C 167 25.00 27.13 -15.81
CA LYS C 167 26.16 27.56 -16.61
C LYS C 167 26.34 29.06 -16.51
N ARG C 168 25.23 29.83 -16.52
CA ARG C 168 25.25 31.28 -16.40
C ARG C 168 25.88 31.67 -15.07
N GLU C 169 25.48 30.99 -13.99
CA GLU C 169 26.02 31.23 -12.67
C GLU C 169 27.49 30.85 -12.59
N ILE C 170 27.90 29.71 -13.21
CA ILE C 170 29.31 29.27 -13.21
C ILE C 170 30.20 30.36 -13.82
N VAL C 171 29.88 30.79 -15.04
CA VAL C 171 30.70 31.80 -15.76
C VAL C 171 30.79 33.09 -14.92
N LEU C 172 29.64 33.57 -14.47
CA LEU C 172 29.53 34.80 -13.63
C LEU C 172 30.47 34.71 -12.43
N VAL C 173 30.33 33.64 -11.64
CA VAL C 173 31.13 33.43 -10.40
C VAL C 173 32.62 33.43 -10.77
N LEU C 174 32.97 32.75 -11.86
CA LEU C 174 34.36 32.73 -12.29
C LEU C 174 34.85 34.14 -12.61
N GLU C 175 34.05 34.95 -13.32
CA GLU C 175 34.45 36.33 -13.64
C GLU C 175 34.68 37.16 -12.37
N GLU C 176 33.93 36.88 -11.29
CA GLU C 176 34.13 37.52 -9.99
C GLU C 176 35.49 37.15 -9.33
N MET C 177 36.21 36.16 -9.85
CA MET C 177 37.50 35.77 -9.31
C MET C 177 38.60 35.95 -10.34
N GLY C 178 38.58 37.07 -11.06
CA GLY C 178 39.60 37.39 -12.05
C GLY C 178 39.79 36.33 -13.11
N PHE C 179 38.66 35.87 -13.67
CA PHE C 179 38.68 34.79 -14.69
C PHE C 179 37.98 35.27 -15.96
N GLU C 180 38.64 35.14 -17.10
CA GLU C 180 38.11 35.54 -18.41
C GLU C 180 37.63 34.29 -19.15
N VAL C 181 36.33 34.23 -19.46
CA VAL C 181 35.77 33.04 -20.16
C VAL C 181 35.49 33.39 -21.62
N GLU C 182 35.99 32.57 -22.55
CA GLU C 182 35.81 32.84 -24.00
C GLU C 182 34.35 32.55 -24.39
N ALA C 183 33.81 31.40 -23.98
CA ALA C 183 32.44 31.03 -24.40
C ALA C 183 31.97 29.75 -23.71
N ALA C 184 30.69 29.41 -23.84
CA ALA C 184 30.13 28.20 -23.24
C ALA C 184 29.00 27.70 -24.13
N HIS C 185 28.83 26.37 -24.22
CA HIS C 185 27.78 25.79 -25.06
C HIS C 185 27.45 24.36 -24.64
N HIS C 186 26.29 23.87 -25.08
CA HIS C 186 25.89 22.49 -24.83
C HIS C 186 26.69 21.60 -25.79
N GLU C 187 27.17 20.45 -25.31
CA GLU C 187 27.96 19.52 -26.13
C GLU C 187 27.08 18.43 -26.80
N VAL C 188 27.70 17.45 -27.47
CA VAL C 188 26.99 16.42 -28.25
C VAL C 188 26.08 15.55 -27.38
N ALA C 189 26.64 14.98 -26.29
CA ALA C 189 25.90 14.06 -25.43
C ALA C 189 24.85 14.75 -24.54
N PHE C 190 23.85 13.96 -24.08
CA PHE C 190 22.78 14.44 -23.21
C PHE C 190 23.35 14.91 -21.88
N GLY C 191 23.04 16.16 -21.52
CA GLY C 191 23.51 16.76 -20.27
C GLY C 191 24.97 17.13 -20.26
N GLN C 192 25.65 17.12 -21.43
CA GLN C 192 27.05 17.48 -21.52
C GLN C 192 27.19 18.95 -21.90
N HIS C 193 28.20 19.63 -21.35
CA HIS C 193 28.45 21.04 -21.60
C HIS C 193 29.95 21.31 -21.74
N GLU C 194 30.31 22.48 -22.29
CA GLU C 194 31.70 22.86 -22.48
C GLU C 194 31.87 24.33 -22.16
N ILE C 195 32.95 24.68 -21.44
CA ILE C 195 33.27 26.05 -21.09
C ILE C 195 34.72 26.25 -21.50
N ASP C 196 34.91 27.05 -22.56
CA ASP C 196 36.26 27.35 -23.05
C ASP C 196 36.66 28.72 -22.48
N PHE C 197 37.87 28.82 -21.94
CA PHE C 197 38.32 30.14 -21.41
C PHE C 197 39.58 30.60 -22.14
N LYS C 198 39.88 31.89 -22.05
CA LYS C 198 41.02 32.48 -22.79
C LYS C 198 42.33 31.79 -22.37
N TYR C 199 43.38 32.00 -23.17
CA TYR C 199 44.69 31.38 -22.87
C TYR C 199 45.46 32.21 -21.83
N ASP C 200 46.40 31.57 -21.16
CA ASP C 200 47.23 32.19 -20.13
C ASP C 200 48.44 31.27 -19.84
N ASN C 201 49.43 31.73 -19.05
CA ASN C 201 50.59 30.89 -18.72
C ASN C 201 50.14 29.57 -18.03
N ALA C 202 50.89 28.49 -18.23
CA ALA C 202 50.54 27.18 -17.70
C ALA C 202 50.13 27.15 -16.21
N LEU C 203 50.80 27.95 -15.35
CA LEU C 203 50.48 27.96 -13.92
C LEU C 203 49.13 28.61 -13.62
N ALA C 204 48.85 29.80 -14.18
CA ALA C 204 47.58 30.47 -13.96
C ALA C 204 46.43 29.62 -14.52
N THR C 205 46.66 28.98 -15.68
CA THR C 205 45.65 28.13 -16.29
C THR C 205 45.37 26.92 -15.42
N ALA C 206 46.39 26.25 -14.87
CA ALA C 206 46.17 25.09 -14.01
C ALA C 206 45.43 25.46 -12.73
N ASP C 207 45.75 26.64 -12.14
CA ASP C 207 45.03 27.16 -10.97
C ASP C 207 43.55 27.38 -11.34
N ASN C 208 43.32 27.94 -12.53
CA ASN C 208 41.98 28.23 -13.06
C ASN C 208 41.18 26.95 -13.32
N VAL C 209 41.85 25.90 -13.81
CA VAL C 209 41.21 24.61 -14.08
C VAL C 209 40.68 24.02 -12.76
N ILE C 210 41.50 24.04 -11.70
CA ILE C 210 41.10 23.52 -10.39
C ILE C 210 39.91 24.33 -9.86
N THR C 211 39.97 25.65 -10.01
CA THR C 211 38.89 26.53 -9.56
C THR C 211 37.60 26.21 -10.30
N LEU C 212 37.66 26.04 -11.62
CA LEU C 212 36.42 25.69 -12.37
C LEU C 212 35.79 24.43 -11.77
N LYS C 213 36.54 23.34 -11.65
CA LYS C 213 35.98 22.09 -11.17
C LYS C 213 35.31 22.27 -9.81
N TYR C 214 35.96 23.01 -8.91
CA TYR C 214 35.45 23.31 -7.58
C TYR C 214 34.14 24.12 -7.66
N VAL C 215 34.14 25.21 -8.45
CA VAL C 215 32.97 26.07 -8.62
C VAL C 215 31.80 25.32 -9.26
N ALA C 216 32.04 24.57 -10.36
CA ALA C 216 30.97 23.84 -11.04
C ALA C 216 30.32 22.80 -10.13
N LYS C 217 31.12 22.01 -9.39
CA LYS C 217 30.59 20.99 -8.48
C LYS C 217 29.85 21.63 -7.30
N THR C 218 30.30 22.79 -6.82
CA THR C 218 29.64 23.48 -5.71
C THR C 218 28.28 24.03 -6.15
N LEU C 219 28.22 24.73 -7.28
CA LEU C 219 26.97 25.29 -7.77
C LEU C 219 25.99 24.22 -8.24
N ALA C 220 26.49 23.06 -8.72
CA ALA C 220 25.61 21.97 -9.12
C ALA C 220 24.89 21.43 -7.89
N LEU C 221 25.60 21.26 -6.76
CA LEU C 221 24.99 20.76 -5.53
C LEU C 221 23.91 21.74 -5.05
N GLN C 222 24.15 23.05 -5.18
CA GLN C 222 23.17 24.07 -4.78
C GLN C 222 21.84 23.90 -5.53
N HIS C 223 21.87 23.40 -6.79
CA HIS C 223 20.67 23.16 -7.58
C HIS C 223 20.19 21.69 -7.54
N GLY C 224 20.67 20.89 -6.60
CA GLY C 224 20.30 19.48 -6.47
C GLY C 224 20.84 18.60 -7.58
N LEU C 225 21.91 19.03 -8.26
CA LEU C 225 22.56 18.31 -9.36
C LEU C 225 24.00 17.93 -9.00
N HIS C 226 24.68 17.20 -9.89
CA HIS C 226 26.05 16.77 -9.69
C HIS C 226 26.85 16.98 -10.96
N ALA C 227 27.84 17.87 -10.92
CA ALA C 227 28.71 18.10 -12.06
C ALA C 227 29.88 17.14 -11.95
N THR C 228 30.26 16.52 -13.06
CA THR C 228 31.39 15.59 -13.06
C THR C 228 32.26 15.82 -14.28
N PHE C 229 33.56 15.70 -14.05
CA PHE C 229 34.60 15.79 -15.07
C PHE C 229 35.16 14.37 -15.36
N MET C 230 34.34 13.35 -15.15
CA MET C 230 34.76 11.94 -15.42
C MET C 230 34.89 11.77 -16.93
N PRO C 231 35.90 11.03 -17.46
CA PRO C 231 36.07 10.94 -18.93
C PRO C 231 34.92 10.26 -19.68
N LYS C 232 34.36 9.17 -19.14
CA LYS C 232 33.30 8.42 -19.79
C LYS C 232 32.28 7.93 -18.76
N PRO C 233 31.41 8.84 -18.26
CA PRO C 233 30.40 8.41 -17.28
C PRO C 233 29.27 7.56 -17.85
N ILE C 234 29.01 7.65 -19.16
CA ILE C 234 27.93 6.90 -19.79
C ILE C 234 28.47 6.18 -21.02
N PHE C 235 28.13 4.89 -21.16
CA PHE C 235 28.53 4.10 -22.32
C PHE C 235 27.60 4.42 -23.51
N GLY C 236 28.16 4.44 -24.72
CA GLY C 236 27.38 4.67 -25.93
C GLY C 236 27.17 6.12 -26.31
N VAL C 237 27.62 7.07 -25.49
CA VAL C 237 27.50 8.50 -25.78
C VAL C 237 28.91 9.16 -25.75
N ASN C 238 29.02 10.42 -26.19
CA ASN C 238 30.30 11.13 -26.19
C ASN C 238 30.87 11.25 -24.77
N GLY C 239 32.20 11.22 -24.68
CA GLY C 239 32.90 11.36 -23.41
C GLY C 239 33.49 12.75 -23.25
N SER C 240 33.72 13.18 -22.01
CA SER C 240 34.29 14.50 -21.74
C SER C 240 35.78 14.53 -21.99
N GLY C 241 36.22 15.52 -22.77
CA GLY C 241 37.61 15.76 -23.10
C GLY C 241 38.10 17.11 -22.63
N MET C 242 39.42 17.28 -22.55
CA MET C 242 40.05 18.55 -22.21
C MET C 242 41.02 18.88 -23.32
N HIS C 243 40.51 19.45 -24.42
CA HIS C 243 41.35 19.81 -25.55
C HIS C 243 42.18 21.00 -25.14
N THR C 244 43.51 20.87 -25.17
CA THR C 244 44.42 21.90 -24.70
C THR C 244 45.09 22.66 -25.84
N ASN C 245 44.67 23.93 -26.05
CA ASN C 245 45.29 24.80 -27.04
C ASN C 245 46.62 25.23 -26.44
N THR C 246 47.73 24.95 -27.14
CA THR C 246 49.07 25.22 -26.64
C THR C 246 49.88 26.01 -27.65
N SER C 247 50.63 27.01 -27.15
CA SER C 247 51.53 27.84 -27.95
C SER C 247 52.76 28.15 -27.11
N LEU C 248 53.89 28.36 -27.76
CA LEU C 248 55.13 28.69 -27.09
C LEU C 248 55.54 30.09 -27.50
N PHE C 249 56.02 30.90 -26.54
CA PHE C 249 56.44 32.29 -26.77
C PHE C 249 57.94 32.45 -26.49
N LYS C 250 58.68 33.02 -27.46
CA LYS C 250 60.11 33.28 -27.37
C LYS C 250 60.34 34.79 -27.38
N ASP C 251 60.74 35.36 -26.23
CA ASP C 251 60.99 36.79 -26.09
C ASP C 251 59.79 37.65 -26.53
N GLY C 252 58.59 37.29 -26.04
CA GLY C 252 57.36 38.01 -26.35
C GLY C 252 56.65 37.64 -27.64
N LYS C 253 57.36 37.05 -28.61
CA LYS C 253 56.80 36.69 -29.92
C LYS C 253 56.36 35.22 -29.94
N ASN C 254 55.38 34.88 -30.80
CA ASN C 254 54.92 33.50 -30.90
C ASN C 254 55.96 32.67 -31.69
N ALA C 255 56.68 31.78 -30.97
CA ALA C 255 57.71 30.91 -31.54
C ALA C 255 57.18 29.95 -32.60
N PHE C 256 55.85 29.84 -32.74
CA PHE C 256 55.28 28.84 -33.69
C PHE C 256 54.91 29.49 -35.03
N TYR C 257 55.05 30.80 -35.15
CA TYR C 257 54.70 31.52 -36.38
C TYR C 257 55.93 31.86 -37.23
N ASP C 258 55.91 31.46 -38.52
CA ASP C 258 56.96 31.77 -39.50
C ASP C 258 56.22 32.08 -40.82
N PRO C 259 56.06 33.37 -41.20
CA PRO C 259 55.30 33.70 -42.41
C PRO C 259 55.84 33.12 -43.73
N ASP C 260 57.15 32.82 -43.77
CA ASP C 260 57.80 32.30 -44.98
C ASP C 260 57.71 30.77 -45.11
N ALA C 261 57.56 30.06 -43.98
CA ALA C 261 57.52 28.60 -44.00
C ALA C 261 56.19 28.05 -44.55
N PRO C 262 56.13 26.78 -45.04
CA PRO C 262 54.85 26.25 -45.56
C PRO C 262 53.77 26.20 -44.50
N ASP C 263 52.53 26.53 -44.89
CA ASP C 263 51.38 26.62 -43.97
C ASP C 263 51.59 27.66 -42.86
N GLN C 264 52.62 28.53 -42.96
CA GLN C 264 52.93 29.57 -41.98
C GLN C 264 53.23 29.02 -40.57
N ILE C 265 53.75 27.78 -40.49
CA ILE C 265 54.13 27.18 -39.22
C ILE C 265 55.66 27.14 -39.15
N SER C 266 56.21 27.56 -38.01
CA SER C 266 57.66 27.59 -37.80
C SER C 266 58.24 26.20 -37.55
N ASP C 267 59.58 26.07 -37.65
CA ASP C 267 60.24 24.79 -37.36
C ASP C 267 60.00 24.41 -35.89
N THR C 268 59.99 25.40 -34.97
CA THR C 268 59.72 25.19 -33.53
C THR C 268 58.40 24.45 -33.31
N LEU C 269 57.34 24.74 -34.10
CA LEU C 269 56.06 24.05 -33.96
C LEU C 269 56.24 22.59 -34.33
N ARG C 270 56.84 22.30 -35.51
CA ARG C 270 57.04 20.93 -35.96
C ARG C 270 57.89 20.12 -34.98
N TYR C 271 58.96 20.72 -34.42
CA TYR C 271 59.79 20.02 -33.45
C TYR C 271 59.02 19.80 -32.15
N PHE C 272 58.24 20.80 -31.67
CA PHE C 272 57.43 20.66 -30.47
C PHE C 272 56.41 19.53 -30.64
N VAL C 273 55.73 19.48 -31.80
CA VAL C 273 54.76 18.45 -32.14
C VAL C 273 55.46 17.09 -32.18
N GLY C 274 56.63 17.02 -32.80
CA GLY C 274 57.42 15.80 -32.88
C GLY C 274 57.79 15.24 -31.52
N GLY C 275 58.12 16.14 -30.58
CA GLY C 275 58.46 15.76 -29.23
C GLY C 275 57.27 15.23 -28.45
N VAL C 276 56.12 15.92 -28.53
CA VAL C 276 54.90 15.50 -27.86
C VAL C 276 54.46 14.13 -28.38
N LEU C 277 54.46 13.93 -29.71
CA LEU C 277 54.07 12.66 -30.31
C LEU C 277 55.04 11.51 -30.00
N LYS C 278 56.30 11.82 -29.72
CA LYS C 278 57.29 10.80 -29.38
C LYS C 278 56.97 10.21 -28.01
N HIS C 279 56.61 11.06 -27.03
CA HIS C 279 56.30 10.65 -25.67
C HIS C 279 54.79 10.59 -25.39
N ILE C 280 53.92 10.64 -26.41
CA ILE C 280 52.47 10.68 -26.18
C ILE C 280 51.93 9.44 -25.48
N ARG C 281 52.48 8.26 -25.78
CA ARG C 281 52.04 7.03 -25.12
C ARG C 281 52.31 7.10 -23.59
N ALA C 282 53.41 7.76 -23.18
CA ALA C 282 53.75 7.97 -21.78
C ALA C 282 52.94 9.12 -21.17
N ILE C 283 52.74 10.21 -21.91
CA ILE C 283 51.95 11.36 -21.45
C ILE C 283 50.51 10.93 -21.14
N THR C 284 49.96 9.96 -21.90
CA THR C 284 48.59 9.47 -21.70
C THR C 284 48.37 8.98 -20.27
N ALA C 285 49.39 8.45 -19.58
CA ALA C 285 49.24 8.03 -18.19
C ALA C 285 48.92 9.22 -17.25
N ILE C 286 49.38 10.43 -17.61
CA ILE C 286 49.18 11.65 -16.84
C ILE C 286 47.89 12.37 -17.26
N THR C 287 47.70 12.56 -18.58
CA THR C 287 46.55 13.26 -19.15
C THR C 287 45.25 12.45 -19.15
N ASN C 288 45.36 11.12 -19.09
CA ASN C 288 44.27 10.17 -19.07
C ASN C 288 44.59 9.21 -17.90
N PRO C 289 44.49 9.67 -16.64
CA PRO C 289 44.97 8.85 -15.51
C PRO C 289 44.04 7.80 -14.91
N LEU C 290 42.74 7.84 -15.22
CA LEU C 290 41.80 6.89 -14.62
C LEU C 290 41.64 5.64 -15.49
N VAL C 291 41.13 4.56 -14.90
CA VAL C 291 40.80 3.34 -15.65
C VAL C 291 39.70 3.68 -16.68
N ASN C 292 38.74 4.54 -16.27
CA ASN C 292 37.63 5.01 -17.10
C ASN C 292 38.09 5.87 -18.28
N SER C 293 39.25 6.54 -18.16
CA SER C 293 39.80 7.36 -19.24
C SER C 293 39.97 6.59 -20.55
N TYR C 294 40.25 5.29 -20.48
CA TYR C 294 40.46 4.44 -21.66
C TYR C 294 39.14 3.91 -22.26
N LYS C 295 38.00 4.10 -21.57
CA LYS C 295 36.68 3.82 -22.13
C LYS C 295 36.24 5.02 -23.02
N ARG C 296 36.87 6.21 -22.87
CA ARG C 296 36.66 7.39 -23.69
C ARG C 296 37.52 7.26 -24.96
N LEU C 297 38.75 6.74 -24.84
CA LEU C 297 39.66 6.56 -25.97
C LEU C 297 39.28 5.32 -26.79
N VAL C 298 38.09 5.39 -27.42
CA VAL C 298 37.54 4.34 -28.26
C VAL C 298 37.03 5.00 -29.56
N PRO C 299 37.08 4.33 -30.73
CA PRO C 299 36.57 4.98 -31.96
C PRO C 299 35.06 5.23 -31.94
N GLY C 300 34.62 6.21 -32.72
CA GLY C 300 33.21 6.56 -32.86
C GLY C 300 32.78 7.87 -32.23
N TYR C 301 33.63 8.46 -31.36
CA TYR C 301 33.33 9.72 -30.67
C TYR C 301 34.41 10.78 -30.99
N GLU C 302 34.26 12.00 -30.47
CA GLU C 302 35.19 13.12 -30.80
C GLU C 302 36.57 12.96 -30.15
N ALA C 303 36.80 11.86 -29.43
CA ALA C 303 38.07 11.57 -28.77
C ALA C 303 39.10 10.97 -29.75
N PRO C 304 40.36 11.46 -29.77
CA PRO C 304 41.36 10.86 -30.66
C PRO C 304 41.85 9.51 -30.12
N VAL C 305 42.14 8.58 -31.02
CA VAL C 305 42.64 7.24 -30.67
C VAL C 305 43.95 6.93 -31.40
N TYR C 306 44.10 7.39 -32.67
CA TYR C 306 45.30 7.17 -33.45
C TYR C 306 46.27 8.33 -33.31
N ILE C 307 47.58 8.01 -33.27
CA ILE C 307 48.65 8.99 -33.11
C ILE C 307 48.95 9.69 -34.43
N THR C 308 48.26 10.81 -34.71
CA THR C 308 48.48 11.61 -35.92
C THR C 308 48.35 13.11 -35.61
N TRP C 309 48.86 13.94 -36.53
CA TRP C 309 48.70 15.42 -36.39
C TRP C 309 48.26 15.96 -37.75
N SER C 310 47.41 16.99 -37.77
CA SER C 310 46.87 17.48 -39.07
C SER C 310 46.35 18.92 -38.94
N GLY C 311 45.92 19.50 -40.06
CA GLY C 311 45.38 20.88 -40.06
C GLY C 311 43.99 20.93 -39.47
N PRO C 312 43.27 22.06 -39.55
CA PRO C 312 41.95 22.19 -38.91
C PRO C 312 40.82 21.34 -39.46
N ASN C 313 40.99 20.77 -40.65
CA ASN C 313 39.92 20.02 -41.30
C ASN C 313 39.77 18.58 -40.81
N ARG C 314 40.60 18.17 -39.83
CA ARG C 314 40.55 16.74 -39.39
C ARG C 314 40.60 16.62 -37.86
N SER C 315 39.79 15.73 -37.28
CA SER C 315 39.82 15.46 -35.86
C SER C 315 40.96 14.46 -35.64
N SER C 316 42.11 14.96 -35.15
CA SER C 316 43.30 14.14 -34.91
C SER C 316 43.83 14.37 -33.49
N LEU C 317 44.92 13.71 -33.08
CA LEU C 317 45.45 13.87 -31.73
C LEU C 317 45.92 15.31 -31.55
N ILE C 318 46.71 15.81 -32.51
CA ILE C 318 47.17 17.19 -32.53
C ILE C 318 46.58 17.84 -33.76
N ARG C 319 45.98 19.01 -33.60
CA ARG C 319 45.32 19.73 -34.70
C ARG C 319 45.92 21.13 -34.75
N VAL C 320 46.32 21.61 -35.94
CA VAL C 320 46.93 22.93 -36.08
C VAL C 320 45.84 23.86 -36.64
N PRO C 321 45.16 24.68 -35.82
CA PRO C 321 44.10 25.55 -36.34
C PRO C 321 44.55 26.57 -37.38
N ALA C 322 43.60 27.09 -38.18
CA ALA C 322 43.89 28.06 -39.23
C ALA C 322 44.44 29.41 -38.72
N PRO C 323 43.87 30.02 -37.64
CA PRO C 323 44.42 31.31 -37.15
C PRO C 323 45.95 31.39 -37.06
N ARG C 324 46.52 32.50 -37.57
CA ARG C 324 47.96 32.71 -37.60
C ARG C 324 48.36 34.00 -36.86
N GLY C 325 49.62 34.39 -36.95
CA GLY C 325 50.11 35.56 -36.25
C GLY C 325 50.36 35.21 -34.81
N ASN C 326 49.82 36.01 -33.88
CA ASN C 326 49.99 35.72 -32.43
C ASN C 326 49.04 34.59 -32.01
N SER C 327 48.13 34.17 -32.89
CA SER C 327 47.13 33.14 -32.52
C SER C 327 47.58 31.75 -33.00
N THR C 328 48.80 31.65 -33.53
CA THR C 328 49.34 30.34 -33.99
C THR C 328 49.37 29.38 -32.79
N ARG C 329 48.78 28.19 -32.93
CA ARG C 329 48.73 27.24 -31.83
C ARG C 329 48.57 25.79 -32.30
N ILE C 330 48.66 24.83 -31.38
CA ILE C 330 48.35 23.43 -31.63
C ILE C 330 47.32 22.99 -30.58
N GLU C 331 46.34 22.19 -30.97
CA GLU C 331 45.30 21.72 -30.08
C GLU C 331 45.53 20.24 -29.78
N ILE C 332 46.01 19.92 -28.58
CA ILE C 332 46.26 18.54 -28.17
C ILE C 332 44.91 18.06 -27.60
N ARG C 333 44.25 17.14 -28.30
CA ARG C 333 42.90 16.69 -27.96
C ARG C 333 42.81 15.38 -27.17
N SER C 334 43.94 14.72 -26.86
CA SER C 334 43.89 13.45 -26.13
C SER C 334 43.54 13.57 -24.64
N PRO C 335 43.93 14.64 -23.90
CA PRO C 335 43.61 14.69 -22.48
C PRO C 335 42.14 14.73 -22.15
N ASP C 336 41.81 14.28 -20.94
CA ASP C 336 40.44 14.35 -20.41
C ASP C 336 40.46 15.29 -19.20
N PRO C 337 39.30 15.85 -18.79
CA PRO C 337 39.33 16.84 -17.69
C PRO C 337 39.49 16.24 -16.29
N SER C 338 39.69 14.92 -16.17
CA SER C 338 39.97 14.31 -14.86
C SER C 338 41.49 14.34 -14.53
N CYS C 339 42.35 14.78 -15.46
CA CYS C 339 43.80 14.83 -15.23
C CYS C 339 44.20 15.95 -14.29
N ASN C 340 45.37 15.80 -13.66
CA ASN C 340 45.92 16.84 -12.80
C ASN C 340 46.48 17.88 -13.78
N PRO C 341 45.92 19.11 -13.84
CA PRO C 341 46.42 20.08 -14.82
C PRO C 341 47.87 20.47 -14.61
N TYR C 342 48.33 20.53 -13.35
CA TYR C 342 49.72 20.89 -13.06
C TYR C 342 50.70 19.90 -13.70
N LEU C 343 50.37 18.61 -13.62
CA LEU C 343 51.26 17.57 -14.18
C LEU C 343 51.04 17.44 -15.69
N ALA C 344 49.79 17.56 -16.16
CA ALA C 344 49.50 17.42 -17.58
C ALA C 344 50.28 18.46 -18.41
N PHE C 345 50.28 19.73 -17.98
CA PHE C 345 51.01 20.77 -18.69
C PHE C 345 52.52 20.59 -18.54
N ALA C 346 52.99 20.12 -17.36
CA ALA C 346 54.42 19.89 -17.15
C ALA C 346 54.92 18.79 -18.08
N ALA C 347 54.14 17.70 -18.25
CA ALA C 347 54.52 16.60 -19.12
C ALA C 347 54.55 17.04 -20.59
N ILE C 348 53.57 17.84 -21.03
CA ILE C 348 53.52 18.32 -22.41
C ILE C 348 54.69 19.28 -22.67
N LEU C 349 54.99 20.16 -21.70
CA LEU C 349 56.08 21.11 -21.86
C LEU C 349 57.43 20.40 -21.96
N ALA C 350 57.68 19.42 -21.09
CA ALA C 350 58.95 18.70 -21.10
C ALA C 350 59.14 17.88 -22.39
N ALA C 351 58.09 17.19 -22.86
CA ALA C 351 58.18 16.40 -24.09
C ALA C 351 58.32 17.32 -25.30
N GLY C 352 57.56 18.41 -25.32
CA GLY C 352 57.62 19.39 -26.41
C GLY C 352 58.94 20.11 -26.50
N LEU C 353 59.55 20.46 -25.34
CA LEU C 353 60.85 21.14 -25.34
C LEU C 353 61.97 20.18 -25.75
N ASP C 354 61.85 18.89 -25.45
CA ASP C 354 62.83 17.91 -25.92
C ASP C 354 62.78 17.82 -27.46
N GLY C 355 61.60 17.97 -28.05
CA GLY C 355 61.43 18.01 -29.50
C GLY C 355 62.17 19.18 -30.11
N VAL C 356 62.03 20.37 -29.50
CA VAL C 356 62.71 21.58 -29.95
C VAL C 356 64.23 21.43 -29.77
N LYS C 357 64.66 20.95 -28.61
CA LYS C 357 66.07 20.75 -28.30
C LYS C 357 66.75 19.77 -29.29
N ASN C 358 66.31 18.51 -29.30
CA ASN C 358 66.89 17.46 -30.13
C ASN C 358 66.48 17.53 -31.62
N LYS C 359 65.69 18.55 -32.03
CA LYS C 359 65.24 18.69 -33.44
C LYS C 359 64.58 17.41 -33.95
N ILE C 360 63.54 16.94 -33.22
CA ILE C 360 62.84 15.72 -33.60
C ILE C 360 61.78 16.07 -34.63
N GLU C 361 61.93 15.55 -35.85
CA GLU C 361 61.00 15.79 -36.94
C GLU C 361 59.71 15.00 -36.71
N PRO C 362 58.53 15.61 -36.84
CA PRO C 362 57.29 14.84 -36.66
C PRO C 362 56.95 14.01 -37.89
N PRO C 363 56.06 13.01 -37.76
CA PRO C 363 55.64 12.24 -38.94
C PRO C 363 54.85 13.10 -39.95
N GLU C 364 54.57 12.55 -41.14
CA GLU C 364 53.85 13.31 -42.16
C GLU C 364 52.41 13.54 -41.69
N ARG C 365 51.86 14.76 -41.91
CA ARG C 365 50.49 15.04 -41.47
C ARG C 365 49.47 14.20 -42.24
N VAL C 366 48.53 13.56 -41.51
CA VAL C 366 47.52 12.65 -42.05
C VAL C 366 46.24 13.43 -42.30
N GLU C 367 46.02 13.90 -43.53
CA GLU C 367 44.83 14.70 -43.85
C GLU C 367 43.59 13.87 -44.19
N LYS C 368 43.73 12.57 -44.49
CA LYS C 368 42.56 11.72 -44.79
C LYS C 368 41.80 11.33 -43.51
N ASN C 369 40.57 10.78 -43.66
CA ASN C 369 39.81 10.32 -42.50
C ASN C 369 40.25 8.98 -41.92
N ILE C 370 41.15 9.03 -40.94
CA ILE C 370 41.74 7.80 -40.34
C ILE C 370 40.67 6.77 -40.02
N TYR C 371 39.57 7.17 -39.38
CA TYR C 371 38.54 6.25 -38.95
C TYR C 371 38.05 5.37 -40.13
N LYS C 372 38.01 5.95 -41.33
CA LYS C 372 37.53 5.19 -42.52
C LYS C 372 38.68 4.38 -43.14
N LEU C 373 39.94 4.71 -42.82
CA LEU C 373 41.10 4.01 -43.44
C LEU C 373 41.17 2.56 -42.97
N THR C 374 41.61 1.66 -43.85
CA THR C 374 41.75 0.22 -43.49
C THR C 374 42.97 0.03 -42.59
N GLU C 375 43.01 -1.06 -41.82
CA GLU C 375 44.16 -1.31 -40.92
C GLU C 375 45.42 -1.45 -41.78
N GLU C 376 45.35 -2.27 -42.83
CA GLU C 376 46.50 -2.45 -43.70
C GLU C 376 47.03 -1.12 -44.28
N GLU C 377 46.14 -0.15 -44.46
CA GLU C 377 46.60 1.17 -44.93
C GLU C 377 47.41 1.80 -43.80
N ARG C 378 46.81 1.93 -42.61
CA ARG C 378 47.52 2.58 -41.47
C ARG C 378 48.88 1.90 -41.29
N GLU C 379 48.92 0.58 -41.41
CA GLU C 379 50.18 -0.16 -41.26
C GLU C 379 51.23 0.42 -42.22
N LYS C 380 50.85 0.74 -43.47
CA LYS C 380 51.77 1.32 -44.45
C LYS C 380 52.22 2.71 -43.99
N LEU C 381 51.28 3.54 -43.49
CA LEU C 381 51.60 4.87 -42.99
C LEU C 381 52.35 4.89 -41.65
N GLY C 382 52.40 3.75 -40.96
CA GLY C 382 53.07 3.66 -39.66
C GLY C 382 52.31 4.40 -38.59
N ILE C 383 50.97 4.29 -38.65
CA ILE C 383 50.10 5.00 -37.67
C ILE C 383 49.97 4.16 -36.40
N GLY C 384 50.38 4.72 -35.26
CA GLY C 384 50.28 4.06 -33.97
C GLY C 384 48.96 4.34 -33.30
N MET C 385 48.69 3.62 -32.21
CA MET C 385 47.48 3.78 -31.40
C MET C 385 47.87 4.18 -30.00
N LEU C 386 47.01 4.94 -29.33
CA LEU C 386 47.25 5.32 -27.93
C LEU C 386 47.07 4.08 -27.04
N PRO C 387 47.63 4.06 -25.81
CA PRO C 387 47.43 2.90 -24.93
C PRO C 387 45.94 2.56 -24.74
N GLY C 388 45.60 1.27 -24.80
CA GLY C 388 44.23 0.82 -24.68
C GLY C 388 43.74 0.69 -23.25
N THR C 389 44.66 0.50 -22.29
CA THR C 389 44.33 0.36 -20.88
C THR C 389 45.23 1.28 -20.02
N LEU C 390 44.87 1.49 -18.74
CA LEU C 390 45.67 2.30 -17.83
C LEU C 390 47.02 1.63 -17.57
N LYS C 391 47.02 0.30 -17.40
CA LYS C 391 48.29 -0.43 -17.15
C LYS C 391 49.23 -0.27 -18.36
N GLU C 392 48.67 -0.29 -19.58
CA GLU C 392 49.46 -0.17 -20.79
C GLU C 392 50.14 1.21 -20.85
N ALA C 393 49.45 2.27 -20.42
CA ALA C 393 50.02 3.62 -20.39
C ALA C 393 51.05 3.77 -19.27
N ILE C 394 50.79 3.16 -18.10
CA ILE C 394 51.72 3.23 -16.97
C ILE C 394 53.02 2.51 -17.30
N GLU C 395 52.96 1.39 -18.01
CA GLU C 395 54.16 0.67 -18.41
C GLU C 395 55.01 1.52 -19.36
N CYS C 396 54.36 2.25 -20.29
CA CYS C 396 55.06 3.15 -21.20
C CYS C 396 55.63 4.36 -20.46
N PHE C 397 54.90 4.89 -19.46
CA PHE C 397 55.35 6.02 -18.65
C PHE C 397 56.55 5.65 -17.78
N LYS C 398 56.53 4.45 -17.22
CA LYS C 398 57.60 3.95 -16.36
C LYS C 398 58.95 3.91 -17.09
N GLU C 399 58.93 3.59 -18.39
CA GLU C 399 60.13 3.51 -19.22
C GLU C 399 60.58 4.87 -19.81
N ASP C 400 59.70 5.89 -19.81
CA ASP C 400 60.05 7.19 -20.33
C ASP C 400 60.87 7.96 -19.29
N GLU C 401 62.20 7.87 -19.40
CA GLU C 401 63.12 8.48 -18.45
C GLU C 401 63.00 9.99 -18.39
N LEU C 402 62.65 10.64 -19.51
CA LEU C 402 62.51 12.08 -19.55
C LEU C 402 61.35 12.59 -18.69
N LEU C 403 60.14 12.04 -18.86
CA LEU C 403 59.00 12.48 -18.08
C LEU C 403 59.16 12.15 -16.59
N VAL C 404 59.83 11.02 -16.27
CA VAL C 404 60.06 10.66 -14.87
C VAL C 404 60.96 11.71 -14.21
N SER C 405 62.01 12.16 -14.91
CA SER C 405 62.91 13.19 -14.38
C SER C 405 62.24 14.56 -14.35
N ALA C 406 61.42 14.88 -15.35
CA ALA C 406 60.72 16.16 -15.42
C ALA C 406 59.69 16.30 -14.30
N LEU C 407 58.91 15.24 -14.03
CA LEU C 407 57.92 15.28 -12.95
C LEU C 407 58.53 14.96 -11.57
N GLY C 408 59.74 14.41 -11.52
CA GLY C 408 60.38 14.05 -10.27
C GLY C 408 60.07 12.62 -9.89
N GLU C 409 61.00 11.97 -9.18
CA GLU C 409 60.82 10.54 -8.82
C GLU C 409 59.66 10.40 -7.82
N HIS C 410 59.48 11.39 -6.94
CA HIS C 410 58.43 11.30 -5.94
C HIS C 410 57.03 11.30 -6.58
N VAL C 411 56.76 12.24 -7.50
CA VAL C 411 55.49 12.34 -8.19
C VAL C 411 55.26 11.15 -9.13
N SER C 412 56.29 10.78 -9.91
CA SER C 412 56.17 9.66 -10.85
C SER C 412 55.85 8.35 -10.11
N GLN C 413 56.49 8.13 -8.97
CA GLN C 413 56.25 6.89 -8.18
C GLN C 413 54.81 6.90 -7.64
N SER C 414 54.36 8.05 -7.13
CA SER C 414 53.01 8.16 -6.59
C SER C 414 51.96 7.88 -7.65
N ILE C 415 52.20 8.38 -8.87
CA ILE C 415 51.24 8.14 -10.00
C ILE C 415 51.19 6.64 -10.28
N ILE C 416 52.34 5.98 -10.36
CA ILE C 416 52.40 4.56 -10.66
C ILE C 416 51.72 3.74 -9.57
N ASN C 417 51.98 4.08 -8.30
CA ASN C 417 51.38 3.34 -7.18
C ASN C 417 49.85 3.48 -7.15
N VAL C 418 49.30 4.70 -7.33
CA VAL C 418 47.85 4.87 -7.30
C VAL C 418 47.20 4.20 -8.51
N ALA C 419 47.79 4.33 -9.70
CA ALA C 419 47.23 3.71 -10.90
C ALA C 419 47.26 2.19 -10.83
N MET C 420 48.32 1.59 -10.28
CA MET C 420 48.34 0.11 -10.27
C MET C 420 47.41 -0.39 -9.16
N ALA C 421 47.28 0.37 -8.06
CA ALA C 421 46.34 -0.06 -7.02
C ALA C 421 44.92 -0.10 -7.60
N ASP C 422 44.56 0.90 -8.42
CA ASP C 422 43.25 0.95 -9.08
C ASP C 422 43.12 -0.17 -10.12
N TRP C 423 44.17 -0.39 -10.93
CA TRP C 423 44.14 -1.42 -11.96
C TRP C 423 44.05 -2.82 -11.36
N ASP C 424 44.84 -3.12 -10.32
CA ASP C 424 44.80 -4.43 -9.69
C ASP C 424 43.43 -4.71 -9.04
N SER C 425 42.71 -3.67 -8.60
CA SER C 425 41.37 -3.84 -8.04
C SER C 425 40.33 -4.03 -9.16
N TYR C 426 40.46 -3.26 -10.24
CA TYR C 426 39.55 -3.33 -11.40
C TYR C 426 39.67 -4.67 -12.16
N ARG C 427 40.90 -5.13 -12.39
CA ARG C 427 41.20 -6.38 -13.11
C ARG C 427 40.53 -7.60 -12.49
N THR C 428 40.56 -7.72 -11.17
CA THR C 428 40.00 -8.88 -10.47
C THR C 428 38.47 -8.86 -10.36
N GLN C 429 37.84 -7.68 -10.49
CA GLN C 429 36.40 -7.55 -10.37
C GLN C 429 35.62 -8.31 -11.42
N VAL C 430 34.43 -8.81 -11.04
CA VAL C 430 33.49 -9.48 -11.93
C VAL C 430 32.38 -8.49 -12.21
N HIS C 431 32.39 -7.92 -13.42
CA HIS C 431 31.43 -6.90 -13.81
C HIS C 431 30.09 -7.50 -14.26
N GLN C 432 29.04 -6.69 -14.26
CA GLN C 432 27.69 -7.20 -14.63
C GLN C 432 27.68 -7.67 -16.09
N TRP C 433 28.44 -6.99 -16.95
CA TRP C 433 28.49 -7.38 -18.37
C TRP C 433 28.77 -8.88 -18.52
N GLU C 434 29.64 -9.42 -17.67
CA GLU C 434 30.04 -10.82 -17.71
C GLU C 434 28.87 -11.71 -17.31
N LEU C 435 28.12 -11.33 -16.27
CA LEU C 435 26.94 -12.09 -15.86
C LEU C 435 25.87 -12.02 -16.94
N ASP C 436 25.66 -10.84 -17.53
CA ASP C 436 24.67 -10.68 -18.60
C ASP C 436 25.04 -11.50 -19.85
N ARG C 437 26.34 -11.67 -20.11
CA ARG C 437 26.83 -12.38 -21.28
C ARG C 437 26.95 -13.90 -21.12
N TYR C 438 27.27 -14.38 -19.91
CA TYR C 438 27.56 -15.81 -19.70
C TYR C 438 26.71 -16.60 -18.70
N LEU C 439 26.14 -15.96 -17.67
CA LEU C 439 25.41 -16.70 -16.63
C LEU C 439 24.27 -17.59 -17.13
N GLN C 440 23.46 -17.11 -18.07
CA GLN C 440 22.28 -17.89 -18.53
C GLN C 440 22.72 -19.05 -19.43
N THR C 441 23.71 -18.83 -20.29
CA THR C 441 24.14 -19.85 -21.25
C THR C 441 25.09 -20.90 -20.65
N TYR C 442 26.16 -20.46 -19.98
CA TYR C 442 27.13 -21.39 -19.41
C TYR C 442 26.69 -21.89 -18.05
N SER D 3 30.69 -62.00 7.11
CA SER D 3 31.41 -60.92 7.78
C SER D 3 30.57 -59.60 7.82
N LYS D 4 31.14 -58.46 8.32
CA LYS D 4 30.35 -57.23 8.41
C LYS D 4 30.08 -56.65 7.02
N GLU D 5 31.08 -56.71 6.12
CA GLU D 5 30.93 -56.22 4.75
C GLU D 5 29.80 -56.96 4.03
N ASP D 6 29.68 -58.29 4.23
CA ASP D 6 28.61 -59.07 3.61
C ASP D 6 27.23 -58.62 4.14
N GLU D 7 27.14 -58.34 5.45
CA GLU D 7 25.90 -57.87 6.06
C GLU D 7 25.52 -56.50 5.51
N ILE D 8 26.50 -55.61 5.28
CA ILE D 8 26.25 -54.28 4.71
C ILE D 8 25.59 -54.43 3.33
N PHE D 9 26.19 -55.24 2.44
CA PHE D 9 25.65 -55.45 1.11
C PHE D 9 24.26 -56.10 1.10
N ARG D 10 23.91 -56.90 2.14
CA ARG D 10 22.59 -57.50 2.21
C ARG D 10 21.55 -56.43 2.60
N ILE D 11 21.91 -55.46 3.47
CA ILE D 11 21.03 -54.35 3.82
C ILE D 11 20.85 -53.42 2.61
N VAL D 12 21.90 -53.26 1.78
CA VAL D 12 21.87 -52.45 0.56
C VAL D 12 20.76 -52.95 -0.38
N GLU D 13 20.76 -54.26 -0.65
CA GLU D 13 19.77 -54.87 -1.55
C GLU D 13 18.36 -54.91 -0.93
N GLU D 14 18.27 -55.03 0.41
CA GLU D 14 16.99 -55.10 1.12
C GLU D 14 16.25 -53.77 1.11
N LYS D 15 16.95 -52.66 1.40
CA LYS D 15 16.35 -51.33 1.43
C LYS D 15 16.53 -50.53 0.13
N ASN D 16 17.24 -51.08 -0.88
CA ASN D 16 17.48 -50.41 -2.15
C ASN D 16 18.28 -49.13 -1.93
N VAL D 17 19.43 -49.25 -1.26
CA VAL D 17 20.29 -48.12 -0.98
C VAL D 17 21.05 -47.80 -2.26
N ARG D 18 21.01 -46.55 -2.72
CA ARG D 18 21.67 -46.13 -3.95
C ARG D 18 22.82 -45.16 -3.73
N PHE D 19 22.88 -44.46 -2.57
CA PHE D 19 23.96 -43.52 -2.25
C PHE D 19 24.41 -43.73 -0.82
N VAL D 20 25.70 -43.54 -0.58
CA VAL D 20 26.31 -43.71 0.73
C VAL D 20 27.12 -42.45 1.06
N ARG D 21 26.94 -41.96 2.29
CA ARG D 21 27.66 -40.73 2.74
C ARG D 21 28.84 -41.15 3.62
N LEU D 22 30.06 -40.84 3.19
CA LEU D 22 31.26 -41.16 3.95
C LEU D 22 31.51 -40.01 4.92
N GLN D 23 30.91 -40.17 6.10
CA GLN D 23 30.96 -39.06 7.10
C GLN D 23 32.24 -39.05 7.92
N PHE D 24 32.69 -37.85 8.26
CA PHE D 24 33.84 -37.61 9.11
C PHE D 24 33.68 -36.21 9.77
N VAL D 25 34.59 -35.79 10.64
CA VAL D 25 34.49 -34.48 11.30
C VAL D 25 35.79 -33.74 11.24
N ASP D 26 35.70 -32.41 11.19
CA ASP D 26 36.88 -31.57 11.24
C ASP D 26 37.30 -31.32 12.72
N VAL D 27 38.36 -30.54 12.96
CA VAL D 27 38.83 -30.28 14.32
C VAL D 27 37.77 -29.56 15.18
N GLN D 28 36.81 -28.86 14.57
CA GLN D 28 35.76 -28.12 15.26
C GLN D 28 34.47 -28.92 15.53
N GLY D 29 34.47 -30.22 15.19
CA GLY D 29 33.33 -31.11 15.38
C GLY D 29 32.23 -30.98 14.35
N ILE D 30 32.48 -30.23 13.26
CA ILE D 30 31.48 -30.03 12.21
C ILE D 30 31.49 -31.23 11.28
N PRO D 31 30.32 -31.84 10.99
CA PRO D 31 30.32 -33.01 10.11
C PRO D 31 30.58 -32.67 8.65
N LYS D 32 31.49 -33.44 8.04
CA LYS D 32 31.87 -33.35 6.64
C LYS D 32 31.62 -34.71 6.01
N ASN D 33 31.43 -34.77 4.68
CA ASN D 33 31.16 -36.04 4.01
C ASN D 33 31.49 -36.03 2.51
N VAL D 34 31.51 -37.23 1.92
CA VAL D 34 31.70 -37.45 0.49
C VAL D 34 30.57 -38.36 0.08
N ALA D 35 29.73 -37.92 -0.86
CA ALA D 35 28.62 -38.72 -1.34
C ALA D 35 29.12 -39.60 -2.48
N ILE D 36 28.93 -40.92 -2.39
CA ILE D 36 29.34 -41.84 -3.44
C ILE D 36 28.15 -42.71 -3.85
N PRO D 37 28.03 -43.08 -5.13
CA PRO D 37 26.97 -44.02 -5.51
C PRO D 37 27.29 -45.41 -4.94
N VAL D 38 26.25 -46.23 -4.77
CA VAL D 38 26.40 -47.55 -4.19
C VAL D 38 27.37 -48.47 -4.98
N GLY D 39 27.59 -48.18 -6.26
CA GLY D 39 28.56 -48.92 -7.06
C GLY D 39 29.98 -48.80 -6.54
N GLN D 40 30.30 -47.66 -5.89
CA GLN D 40 31.62 -47.40 -5.31
C GLN D 40 31.74 -47.89 -3.85
N LEU D 41 30.68 -48.50 -3.26
CA LEU D 41 30.73 -48.95 -1.87
C LEU D 41 31.76 -50.06 -1.66
N GLU D 42 31.93 -50.96 -2.65
CA GLU D 42 32.91 -52.03 -2.55
C GLU D 42 34.33 -51.42 -2.50
N LYS D 43 34.58 -50.36 -3.30
CA LYS D 43 35.86 -49.67 -3.30
C LYS D 43 36.10 -48.94 -1.97
N ALA D 44 35.04 -48.37 -1.37
CA ALA D 44 35.13 -47.66 -0.11
C ALA D 44 35.53 -48.61 1.04
N LEU D 45 34.89 -49.76 1.14
CA LEU D 45 35.18 -50.76 2.17
C LEU D 45 36.52 -51.50 1.94
N GLY D 46 37.03 -51.48 0.71
CA GLY D 46 38.29 -52.12 0.36
C GLY D 46 39.46 -51.15 0.43
N PRO D 47 39.98 -50.61 -0.70
CA PRO D 47 41.15 -49.72 -0.66
C PRO D 47 40.82 -48.33 -0.09
N GLY D 48 39.55 -47.94 -0.05
CA GLY D 48 39.14 -46.62 0.42
C GLY D 48 38.99 -45.60 -0.68
N ILE D 49 38.37 -44.46 -0.37
CA ILE D 49 38.12 -43.35 -1.31
C ILE D 49 39.07 -42.20 -1.01
N HIS D 50 39.72 -41.65 -2.04
CA HIS D 50 40.66 -40.53 -1.87
C HIS D 50 39.94 -39.17 -1.84
N PHE D 51 40.52 -38.16 -1.12
CA PHE D 51 39.96 -36.80 -0.98
C PHE D 51 41.04 -35.74 -0.56
N ASP D 52 40.69 -34.42 -0.56
CA ASP D 52 41.59 -33.34 -0.15
C ASP D 52 41.47 -33.10 1.36
N GLY D 53 42.61 -33.00 2.04
CA GLY D 53 42.70 -32.84 3.48
C GLY D 53 42.60 -31.45 4.08
N SER D 54 42.54 -30.38 3.27
CA SER D 54 42.43 -29.01 3.82
C SER D 54 41.18 -28.86 4.73
N SER D 55 40.12 -29.62 4.44
CA SER D 55 38.86 -29.60 5.19
C SER D 55 38.99 -29.93 6.70
N ILE D 56 39.87 -30.89 7.08
CA ILE D 56 40.08 -31.27 8.51
C ILE D 56 40.35 -30.02 9.38
N GLU D 57 41.11 -29.06 8.85
CA GLU D 57 41.47 -27.85 9.58
C GLU D 57 40.46 -26.75 9.25
N SER D 65 48.45 -32.87 0.59
CA SER D 65 47.12 -32.79 1.19
C SER D 65 46.20 -33.98 0.84
N ASP D 66 46.61 -34.90 -0.05
CA ASP D 66 45.78 -36.05 -0.41
C ASP D 66 45.65 -37.02 0.78
N MET D 67 44.45 -37.60 0.98
CA MET D 67 44.17 -38.54 2.07
C MET D 67 43.16 -39.61 1.64
N VAL D 68 42.93 -40.63 2.50
CA VAL D 68 42.01 -41.75 2.23
C VAL D 68 40.96 -41.84 3.32
N LEU D 69 39.71 -42.18 2.95
CA LEU D 69 38.61 -42.38 3.88
C LEU D 69 38.49 -43.86 4.13
N ARG D 70 38.48 -44.25 5.41
CA ARG D 70 38.39 -45.63 5.79
C ARG D 70 37.14 -45.86 6.59
N PRO D 71 36.06 -46.33 5.93
CA PRO D 71 34.80 -46.54 6.64
C PRO D 71 34.85 -47.57 7.76
N ASP D 72 34.17 -47.30 8.87
CA ASP D 72 34.07 -48.23 9.99
C ASP D 72 32.83 -49.08 9.70
N PRO D 73 32.96 -50.39 9.37
CA PRO D 73 31.75 -51.18 9.04
C PRO D 73 30.69 -51.25 10.13
N ASP D 74 31.08 -51.09 11.41
CA ASP D 74 30.13 -51.12 12.53
C ASP D 74 29.18 -49.91 12.54
N THR D 75 29.54 -48.82 11.84
CA THR D 75 28.75 -47.58 11.81
C THR D 75 27.84 -47.46 10.58
N PHE D 76 27.66 -48.54 9.79
CA PHE D 76 26.78 -48.49 8.62
C PHE D 76 25.33 -48.37 9.05
N ARG D 77 24.66 -47.28 8.68
CA ARG D 77 23.25 -47.07 9.05
C ARG D 77 22.48 -46.48 7.89
N VAL D 78 21.24 -46.93 7.69
CA VAL D 78 20.39 -46.40 6.63
C VAL D 78 19.69 -45.16 7.18
N LEU D 79 19.72 -44.05 6.42
CA LEU D 79 19.08 -42.80 6.90
C LEU D 79 17.57 -42.95 6.80
N PRO D 80 16.78 -42.97 7.90
CA PRO D 80 15.34 -43.24 7.80
C PRO D 80 14.50 -42.33 6.90
N TRP D 81 15.00 -41.14 6.53
CA TRP D 81 14.26 -40.27 5.62
C TRP D 81 14.51 -40.84 4.20
N SER D 82 13.65 -41.78 3.74
CA SER D 82 13.87 -42.40 2.42
C SER D 82 13.81 -41.34 1.31
N GLY D 83 14.73 -41.47 0.35
CA GLY D 83 14.87 -40.56 -0.77
C GLY D 83 13.74 -40.65 -1.80
N ASN D 84 13.99 -40.13 -2.99
CA ASN D 84 12.99 -40.11 -4.06
C ASN D 84 12.88 -41.47 -4.77
N GLU D 85 11.65 -41.89 -5.13
CA GLU D 85 11.38 -43.16 -5.83
C GLU D 85 11.75 -44.38 -4.97
N GLY D 86 11.60 -44.27 -3.66
CA GLY D 86 11.96 -45.36 -2.74
C GLY D 86 13.44 -45.65 -2.65
N THR D 87 14.29 -44.89 -3.38
CA THR D 87 15.74 -45.05 -3.31
C THR D 87 16.19 -44.53 -1.95
N ALA D 88 16.78 -45.39 -1.14
CA ALA D 88 17.23 -45.05 0.21
C ALA D 88 18.71 -44.59 0.21
N GLU D 89 19.15 -43.97 1.32
CA GLU D 89 20.50 -43.46 1.48
C GLU D 89 21.11 -44.06 2.75
N ALA D 90 22.43 -44.25 2.78
CA ALA D 90 23.12 -44.82 3.94
C ALA D 90 24.35 -43.98 4.33
N ARG D 91 24.87 -44.16 5.56
CA ARG D 91 26.03 -43.42 6.03
C ARG D 91 27.09 -44.37 6.59
N LEU D 92 28.33 -43.88 6.65
CA LEU D 92 29.43 -44.63 7.21
C LEU D 92 30.40 -43.66 7.84
N ILE D 93 30.63 -43.77 9.16
CA ILE D 93 31.61 -42.91 9.83
C ILE D 93 32.99 -43.44 9.41
N CYS D 94 33.85 -42.52 8.97
CA CYS D 94 35.16 -42.87 8.44
C CYS D 94 36.29 -42.35 9.28
N ASP D 95 37.38 -43.11 9.29
CA ASP D 95 38.64 -42.72 9.89
C ASP D 95 39.53 -42.26 8.73
N ILE D 96 40.43 -41.31 8.97
CA ILE D 96 41.30 -40.80 7.92
C ILE D 96 42.70 -41.37 8.05
N GLU D 97 43.31 -41.74 6.93
CA GLU D 97 44.69 -42.21 6.87
C GLU D 97 45.39 -41.49 5.72
N LEU D 98 46.72 -41.41 5.81
CA LEU D 98 47.51 -40.80 4.76
C LEU D 98 47.66 -41.83 3.59
N PRO D 99 47.98 -41.39 2.36
CA PRO D 99 48.09 -42.34 1.24
C PRO D 99 48.92 -43.59 1.48
N ASP D 100 49.95 -43.50 2.35
CA ASP D 100 50.84 -44.63 2.68
C ASP D 100 50.17 -45.73 3.52
N GLY D 101 49.22 -45.37 4.38
CA GLY D 101 48.51 -46.33 5.22
C GLY D 101 48.48 -46.00 6.69
N LYS D 102 49.42 -45.15 7.18
CA LYS D 102 49.45 -44.78 8.60
C LYS D 102 48.27 -43.87 8.96
N PRO D 103 47.67 -43.99 10.17
CA PRO D 103 46.55 -43.10 10.51
C PRO D 103 46.94 -41.63 10.60
N PHE D 104 46.05 -40.74 10.15
CA PHE D 104 46.31 -39.31 10.20
C PHE D 104 46.10 -38.82 11.64
N MET D 105 47.18 -38.32 12.29
CA MET D 105 47.13 -37.80 13.67
C MET D 105 46.20 -36.59 13.84
N GLY D 106 45.87 -35.90 12.75
CA GLY D 106 45.02 -34.73 12.80
C GLY D 106 43.53 -35.06 12.84
N CYS D 107 43.15 -36.33 12.60
CA CYS D 107 41.75 -36.75 12.63
C CYS D 107 41.24 -36.80 14.07
N PRO D 108 40.18 -36.05 14.44
CA PRO D 108 39.68 -36.10 15.82
C PRO D 108 39.27 -37.49 16.32
N ARG D 109 38.65 -38.30 15.45
CA ARG D 109 38.23 -39.64 15.84
C ARG D 109 39.44 -40.53 16.15
N GLN D 110 40.53 -40.38 15.38
CA GLN D 110 41.76 -41.14 15.62
C GLN D 110 42.41 -40.74 16.96
N VAL D 111 42.28 -39.46 17.35
CA VAL D 111 42.82 -38.95 18.61
C VAL D 111 42.15 -39.64 19.80
N LEU D 112 40.81 -39.70 19.80
CA LEU D 112 40.08 -40.36 20.88
C LEU D 112 40.42 -41.85 20.92
N LYS D 113 40.52 -42.48 19.72
CA LYS D 113 40.89 -43.89 19.61
C LYS D 113 42.26 -44.13 20.26
N LYS D 114 43.25 -43.26 19.99
CA LYS D 114 44.58 -43.40 20.56
C LYS D 114 44.52 -43.29 22.09
N ASN D 115 43.85 -42.25 22.61
CA ASN D 115 43.75 -42.08 24.06
C ASN D 115 43.03 -43.24 24.75
N MET D 116 42.06 -43.84 24.07
CA MET D 116 41.34 -44.98 24.62
C MET D 116 42.19 -46.24 24.56
N GLU D 117 43.04 -46.40 23.54
CA GLU D 117 43.94 -47.55 23.44
C GLU D 117 44.97 -47.48 24.58
N GLU D 118 45.44 -46.27 24.92
CA GLU D 118 46.40 -46.11 26.00
C GLU D 118 45.72 -46.41 27.35
N ALA D 119 44.42 -46.07 27.49
CA ALA D 119 43.67 -46.38 28.70
C ALA D 119 43.46 -47.89 28.81
N ALA D 120 43.15 -48.55 27.67
CA ALA D 120 42.94 -50.00 27.60
C ALA D 120 44.21 -50.77 27.98
N LYS D 121 45.39 -50.20 27.74
CA LYS D 121 46.65 -50.82 28.13
C LYS D 121 46.74 -50.97 29.67
N LEU D 122 46.12 -50.05 30.44
CA LEU D 122 46.04 -50.13 31.91
C LEU D 122 44.71 -50.78 32.39
N GLY D 123 44.01 -51.50 31.51
CA GLY D 123 42.75 -52.16 31.83
C GLY D 123 41.58 -51.22 32.06
N TYR D 124 41.69 -49.94 31.65
CA TYR D 124 40.62 -48.95 31.85
C TYR D 124 39.83 -48.70 30.56
N VAL D 125 38.51 -48.51 30.70
CA VAL D 125 37.61 -48.18 29.60
C VAL D 125 36.67 -47.10 30.13
N MET D 126 36.61 -45.95 29.45
CA MET D 126 35.77 -44.85 29.89
C MET D 126 34.41 -44.92 29.25
N ASN D 127 33.37 -44.76 30.07
CA ASN D 127 31.98 -44.76 29.63
C ASN D 127 31.44 -43.36 29.85
N THR D 128 30.78 -42.82 28.82
CA THR D 128 30.22 -41.47 28.83
C THR D 128 28.73 -41.50 28.49
N GLY D 129 27.95 -40.66 29.17
CA GLY D 129 26.52 -40.53 28.98
C GLY D 129 26.14 -39.06 29.03
N PRO D 130 26.14 -38.36 27.88
CA PRO D 130 25.88 -36.91 27.91
C PRO D 130 24.42 -36.50 27.91
N GLU D 131 24.16 -35.34 28.52
CA GLU D 131 22.84 -34.71 28.60
C GLU D 131 22.92 -33.58 27.56
N MET D 132 22.30 -33.79 26.40
CA MET D 132 22.39 -32.85 25.29
C MET D 132 21.27 -31.80 25.27
N GLU D 133 21.62 -30.55 25.62
CA GLU D 133 20.68 -29.43 25.60
C GLU D 133 20.80 -28.71 24.25
N PHE D 134 19.68 -28.21 23.74
CA PHE D 134 19.67 -27.50 22.47
C PHE D 134 18.43 -26.60 22.36
N PHE D 135 18.43 -25.70 21.37
CA PHE D 135 17.31 -24.79 21.16
C PHE D 135 16.67 -25.05 19.80
N LEU D 136 15.35 -24.77 19.71
CA LEU D 136 14.62 -24.89 18.46
C LEU D 136 14.05 -23.52 18.15
N PHE D 137 14.62 -22.87 17.13
CA PHE D 137 14.26 -21.51 16.75
C PHE D 137 13.48 -21.43 15.44
N LYS D 138 12.73 -20.34 15.28
CA LYS D 138 11.96 -20.09 14.07
C LYS D 138 12.88 -19.65 12.92
N ARG D 139 12.32 -19.60 11.69
CA ARG D 139 13.02 -19.17 10.49
C ARG D 139 12.24 -18.03 9.85
N GLN D 140 12.94 -16.95 9.45
CA GLN D 140 12.32 -15.80 8.77
C GLN D 140 13.10 -15.51 7.49
N ASP D 141 12.39 -15.55 6.33
CA ASP D 141 12.99 -15.36 5.01
C ASP D 141 14.10 -16.39 4.74
N GLY D 142 13.82 -17.64 5.07
CA GLY D 142 14.76 -18.72 4.86
C GLY D 142 15.94 -18.80 5.80
N MET D 143 16.39 -17.67 6.41
CA MET D 143 17.53 -17.64 7.33
C MET D 143 17.14 -18.02 8.77
N PRO D 144 18.02 -18.72 9.53
CA PRO D 144 17.71 -19.02 10.93
C PRO D 144 17.75 -17.78 11.81
N THR D 145 16.99 -17.80 12.90
CA THR D 145 16.89 -16.71 13.86
C THR D 145 17.17 -17.27 15.28
N ASN D 146 17.13 -16.42 16.33
CA ASN D 146 17.26 -16.85 17.72
C ASN D 146 15.90 -16.62 18.44
N ILE D 147 14.76 -16.71 17.72
CA ILE D 147 13.44 -16.52 18.29
C ILE D 147 12.92 -17.91 18.70
N PRO D 148 12.64 -18.17 19.98
CA PRO D 148 12.12 -19.49 20.36
C PRO D 148 10.81 -19.87 19.66
N GLN D 149 10.67 -21.15 19.24
CA GLN D 149 9.43 -21.62 18.61
C GLN D 149 8.30 -21.66 19.64
N ASP D 150 8.62 -22.05 20.88
CA ASP D 150 7.63 -22.17 21.93
C ASP D 150 7.96 -21.23 23.12
N ARG D 151 6.97 -20.97 23.99
CA ARG D 151 7.22 -20.14 25.20
C ARG D 151 7.14 -21.04 26.43
N GLY D 152 7.79 -22.20 26.40
CA GLY D 152 7.79 -23.19 27.47
C GLY D 152 8.92 -23.05 28.45
N GLY D 153 8.75 -23.75 29.58
CA GLY D 153 9.66 -23.76 30.70
C GLY D 153 10.13 -25.15 31.08
N TYR D 154 10.58 -25.31 32.32
CA TYR D 154 11.16 -26.56 32.82
C TYR D 154 10.16 -27.72 32.90
N PHE D 155 10.48 -28.85 32.24
CA PHE D 155 9.64 -30.06 32.17
C PHE D 155 8.20 -29.76 31.73
N ASP D 156 7.98 -28.68 30.95
CA ASP D 156 6.62 -28.32 30.54
C ASP D 156 6.03 -29.30 29.53
N LEU D 157 4.69 -29.37 29.53
CA LEU D 157 3.89 -30.25 28.69
C LEU D 157 3.10 -29.45 27.64
N ALA D 158 2.75 -30.08 26.52
CA ALA D 158 1.94 -29.45 25.46
C ALA D 158 0.58 -29.01 26.00
N PRO D 159 -0.05 -27.94 25.47
CA PRO D 159 0.41 -27.09 24.36
C PRO D 159 1.45 -26.04 24.72
N ILE D 160 2.00 -26.05 25.94
CA ILE D 160 3.04 -25.10 26.31
C ILE D 160 4.33 -25.46 25.53
N ASP D 161 4.64 -26.77 25.43
CA ASP D 161 5.76 -27.29 24.65
C ASP D 161 5.22 -27.61 23.25
N LEU D 162 5.49 -26.73 22.25
CA LEU D 162 5.02 -26.96 20.88
C LEU D 162 5.92 -27.91 20.07
N ALA D 163 7.14 -28.21 20.56
CA ALA D 163 8.09 -29.09 19.87
C ALA D 163 8.00 -30.56 20.29
N GLU D 164 6.85 -31.03 20.78
CA GLU D 164 6.72 -32.43 21.23
C GLU D 164 6.72 -33.42 20.06
N GLU D 165 6.12 -33.04 18.92
CA GLU D 165 6.08 -33.91 17.74
C GLU D 165 7.50 -34.09 17.15
N ILE D 166 8.22 -32.98 16.92
CA ILE D 166 9.58 -33.00 16.38
C ILE D 166 10.54 -33.76 17.31
N LYS D 167 10.45 -33.52 18.62
CA LYS D 167 11.29 -34.22 19.60
C LYS D 167 10.99 -35.73 19.56
N ARG D 168 9.71 -36.07 19.38
CA ARG D 168 9.33 -37.50 19.24
C ARG D 168 9.99 -38.07 17.98
N GLU D 169 9.91 -37.33 16.87
CA GLU D 169 10.53 -37.80 15.62
C GLU D 169 12.05 -37.98 15.79
N ILE D 170 12.74 -37.06 16.50
CA ILE D 170 14.19 -37.18 16.73
C ILE D 170 14.51 -38.50 17.43
N VAL D 171 13.84 -38.77 18.56
CA VAL D 171 14.08 -39.99 19.32
C VAL D 171 13.76 -41.25 18.49
N LEU D 172 12.70 -41.19 17.68
CA LEU D 172 12.30 -42.33 16.86
C LEU D 172 13.35 -42.61 15.77
N VAL D 173 13.82 -41.55 15.08
CA VAL D 173 14.84 -41.65 14.03
C VAL D 173 16.15 -42.20 14.64
N LEU D 174 16.49 -41.78 15.86
CA LEU D 174 17.70 -42.26 16.52
C LEU D 174 17.58 -43.75 16.84
N GLU D 175 16.45 -44.15 17.43
CA GLU D 175 16.24 -45.59 17.72
C GLU D 175 16.53 -46.40 16.45
N GLU D 176 15.98 -46.00 15.30
CA GLU D 176 16.13 -46.80 14.06
C GLU D 176 17.61 -46.97 13.68
N MET D 177 18.52 -46.20 14.30
CA MET D 177 19.95 -46.27 13.99
C MET D 177 20.75 -46.87 15.15
N GLY D 178 20.19 -47.88 15.83
CA GLY D 178 20.84 -48.54 16.95
C GLY D 178 21.25 -47.59 18.05
N PHE D 179 20.29 -46.72 18.43
CA PHE D 179 20.55 -45.70 19.48
C PHE D 179 19.50 -45.85 20.58
N GLU D 180 19.93 -45.94 21.83
CA GLU D 180 19.03 -46.10 22.97
C GLU D 180 19.02 -44.78 23.76
N VAL D 181 17.82 -44.16 23.87
CA VAL D 181 17.64 -42.89 24.56
C VAL D 181 17.04 -43.17 25.95
N GLU D 182 17.42 -42.36 26.94
CA GLU D 182 16.99 -42.54 28.33
C GLU D 182 15.69 -41.76 28.56
N ALA D 183 15.72 -40.45 28.28
CA ALA D 183 14.58 -39.55 28.46
C ALA D 183 14.81 -38.21 27.75
N ALA D 184 13.72 -37.50 27.43
CA ALA D 184 13.74 -36.19 26.80
C ALA D 184 12.74 -35.29 27.51
N HIS D 185 13.05 -33.98 27.60
CA HIS D 185 12.17 -33.04 28.28
C HIS D 185 12.45 -31.60 27.86
N HIS D 186 11.50 -30.70 28.13
CA HIS D 186 11.67 -29.28 27.86
C HIS D 186 12.57 -28.71 28.96
N GLU D 187 13.52 -27.82 28.59
CA GLU D 187 14.44 -27.22 29.56
C GLU D 187 13.93 -25.87 30.11
N VAL D 188 14.75 -25.16 30.91
CA VAL D 188 14.35 -23.93 31.60
C VAL D 188 13.98 -22.80 30.61
N ALA D 189 14.86 -22.51 29.64
CA ALA D 189 14.67 -21.41 28.71
C ALA D 189 13.60 -21.69 27.64
N PHE D 190 13.05 -20.62 27.06
CA PHE D 190 12.03 -20.69 26.01
C PHE D 190 12.59 -21.39 24.77
N GLY D 191 11.90 -22.43 24.32
CA GLY D 191 12.32 -23.20 23.16
C GLY D 191 13.53 -24.09 23.36
N GLN D 192 13.96 -24.28 24.63
CA GLN D 192 15.11 -25.13 24.93
C GLN D 192 14.62 -26.54 25.28
N HIS D 193 15.39 -27.56 24.88
CA HIS D 193 15.07 -28.95 25.12
C HIS D 193 16.32 -29.74 25.49
N GLU D 194 16.10 -30.93 26.07
CA GLU D 194 17.24 -31.81 26.46
C GLU D 194 16.92 -33.26 26.13
N ILE D 195 17.88 -33.98 25.57
CA ILE D 195 17.74 -35.40 25.23
C ILE D 195 18.93 -36.10 25.86
N ASP D 196 18.67 -36.92 26.89
CA ASP D 196 19.73 -37.66 27.57
C ASP D 196 19.72 -39.08 27.06
N PHE D 197 20.87 -39.61 26.66
CA PHE D 197 20.96 -41.00 26.20
C PHE D 197 21.87 -41.81 27.09
N LYS D 198 21.63 -43.13 27.08
CA LYS D 198 22.33 -44.08 27.91
C LYS D 198 23.84 -44.04 27.70
N TYR D 199 24.58 -44.41 28.74
CA TYR D 199 26.04 -44.43 28.69
C TYR D 199 26.54 -45.52 27.74
N ASP D 200 27.74 -45.31 27.21
CA ASP D 200 28.42 -46.23 26.30
C ASP D 200 29.92 -45.83 26.25
N ASN D 201 30.79 -46.65 25.62
CA ASN D 201 32.22 -46.30 25.49
C ASN D 201 32.39 -44.93 24.79
N ALA D 202 33.45 -44.19 25.14
CA ALA D 202 33.69 -42.86 24.61
C ALA D 202 33.56 -42.73 23.08
N LEU D 203 34.02 -43.74 22.32
CA LEU D 203 33.96 -43.67 20.85
C LEU D 203 32.54 -43.79 20.32
N ALA D 204 31.76 -44.79 20.79
CA ALA D 204 30.39 -44.96 20.35
C ALA D 204 29.55 -43.74 20.74
N THR D 205 29.80 -43.19 21.94
CA THR D 205 29.08 -42.00 22.40
C THR D 205 29.41 -40.79 21.53
N ALA D 206 30.68 -40.57 21.19
CA ALA D 206 31.06 -39.44 20.36
C ALA D 206 30.43 -39.56 18.97
N ASP D 207 30.41 -40.78 18.39
CA ASP D 207 29.75 -41.06 17.13
C ASP D 207 28.25 -40.70 17.21
N ASN D 208 27.62 -41.08 18.33
CA ASN D 208 26.22 -40.84 18.61
C ASN D 208 25.91 -39.35 18.81
N VAL D 209 26.83 -38.59 19.42
CA VAL D 209 26.67 -37.15 19.62
C VAL D 209 26.61 -36.45 18.26
N ILE D 210 27.52 -36.81 17.34
CA ILE D 210 27.55 -36.22 16.00
C ILE D 210 26.26 -36.55 15.25
N THR D 211 25.80 -37.80 15.38
CA THR D 211 24.56 -38.24 14.73
C THR D 211 23.37 -37.45 15.28
N LEU D 212 23.29 -37.23 16.60
CA LEU D 212 22.18 -36.48 17.18
C LEU D 212 22.11 -35.06 16.60
N LYS D 213 23.24 -34.34 16.54
CA LYS D 213 23.26 -32.99 16.01
C LYS D 213 22.79 -32.96 14.55
N TYR D 214 23.27 -33.91 13.75
CA TYR D 214 22.91 -34.04 12.34
C TYR D 214 21.39 -34.31 12.19
N VAL D 215 20.86 -35.29 12.93
CA VAL D 215 19.45 -35.67 12.89
C VAL D 215 18.55 -34.52 13.36
N ALA D 216 18.87 -33.88 14.49
CA ALA D 216 18.05 -32.80 15.03
C ALA D 216 17.99 -31.61 14.05
N LYS D 217 19.12 -31.20 13.47
CA LYS D 217 19.15 -30.09 12.53
C LYS D 217 18.43 -30.43 11.22
N THR D 218 18.51 -31.70 10.78
CA THR D 218 17.83 -32.14 9.56
C THR D 218 16.30 -32.15 9.75
N LEU D 219 15.81 -32.74 10.85
CA LEU D 219 14.37 -32.78 11.11
C LEU D 219 13.80 -31.41 11.45
N ALA D 220 14.61 -30.50 12.04
CA ALA D 220 14.13 -29.14 12.32
C ALA D 220 13.87 -28.42 11.01
N LEU D 221 14.75 -28.56 10.02
CA LEU D 221 14.57 -27.91 8.72
C LEU D 221 13.31 -28.46 8.03
N GLN D 222 13.03 -29.76 8.17
CA GLN D 222 11.83 -30.35 7.60
C GLN D 222 10.54 -29.69 8.13
N HIS D 223 10.56 -29.19 9.38
CA HIS D 223 9.41 -28.50 9.97
C HIS D 223 9.50 -26.97 9.89
N GLY D 224 10.40 -26.42 9.07
CA GLY D 224 10.58 -24.99 8.92
C GLY D 224 11.21 -24.31 10.12
N LEU D 225 11.94 -25.08 10.96
CA LEU D 225 12.61 -24.59 12.18
C LEU D 225 14.15 -24.76 12.05
N HIS D 226 14.90 -24.34 13.07
CA HIS D 226 16.35 -24.45 13.10
C HIS D 226 16.79 -24.91 14.49
N ALA D 227 17.38 -26.11 14.58
CA ALA D 227 17.91 -26.60 15.84
C ALA D 227 19.35 -26.13 15.95
N THR D 228 19.75 -25.67 17.14
CA THR D 228 21.11 -25.22 17.35
C THR D 228 21.65 -25.70 18.68
N PHE D 229 22.91 -26.07 18.67
CA PHE D 229 23.65 -26.51 19.84
C PHE D 229 24.64 -25.39 20.27
N MET D 230 24.30 -24.13 19.96
CA MET D 230 25.16 -22.98 20.34
C MET D 230 25.10 -22.80 21.86
N PRO D 231 26.21 -22.49 22.57
CA PRO D 231 26.17 -22.41 24.03
C PRO D 231 25.24 -21.35 24.61
N LYS D 232 25.21 -20.15 24.03
CA LYS D 232 24.40 -19.04 24.52
C LYS D 232 23.81 -18.25 23.35
N PRO D 233 22.77 -18.78 22.70
CA PRO D 233 22.16 -18.05 21.58
C PRO D 233 21.33 -16.82 21.99
N ILE D 234 20.85 -16.78 23.24
CA ILE D 234 20.03 -15.66 23.72
C ILE D 234 20.60 -15.15 25.04
N PHE D 235 20.73 -13.83 25.16
CA PHE D 235 21.20 -13.20 26.39
C PHE D 235 20.05 -13.12 27.41
N GLY D 236 20.35 -13.30 28.68
CA GLY D 236 19.37 -13.19 29.75
C GLY D 236 18.58 -14.45 30.06
N VAL D 237 18.78 -15.54 29.28
CA VAL D 237 18.10 -16.82 29.50
C VAL D 237 19.16 -17.93 29.68
N ASN D 238 18.73 -19.14 30.08
CA ASN D 238 19.64 -20.27 30.28
C ASN D 238 20.35 -20.62 28.96
N GLY D 239 21.59 -21.10 29.08
CA GLY D 239 22.39 -21.52 27.94
C GLY D 239 22.45 -23.04 27.84
N SER D 240 22.70 -23.56 26.63
CA SER D 240 22.77 -25.00 26.40
C SER D 240 24.10 -25.57 26.88
N GLY D 241 24.01 -26.62 27.69
CA GLY D 241 25.16 -27.34 28.23
C GLY D 241 25.19 -28.79 27.80
N MET D 242 26.35 -29.44 27.92
CA MET D 242 26.53 -30.87 27.64
C MET D 242 27.11 -31.49 28.91
N HIS D 243 26.25 -31.80 29.88
CA HIS D 243 26.72 -32.40 31.13
C HIS D 243 27.11 -33.83 30.81
N THR D 244 28.38 -34.18 31.00
CA THR D 244 28.89 -35.51 30.65
C THR D 244 29.07 -36.44 31.84
N ASN D 245 28.17 -37.43 31.99
CA ASN D 245 28.27 -38.43 33.04
C ASN D 245 29.42 -39.34 32.65
N THR D 246 30.43 -39.48 33.51
CA THR D 246 31.64 -40.23 33.22
C THR D 246 31.94 -41.23 34.33
N SER D 247 32.33 -42.44 33.93
CA SER D 247 32.72 -43.52 34.83
C SER D 247 33.86 -44.30 34.17
N LEU D 248 34.71 -44.90 34.99
CA LEU D 248 35.84 -45.68 34.51
C LEU D 248 35.62 -47.13 34.91
N PHE D 249 35.91 -48.07 34.00
CA PHE D 249 35.68 -49.50 34.26
C PHE D 249 36.99 -50.27 34.11
N LYS D 250 37.50 -50.84 35.22
CA LYS D 250 38.74 -51.62 35.22
C LYS D 250 38.40 -53.10 35.31
N ASP D 251 38.72 -53.87 34.24
CA ASP D 251 38.50 -55.31 34.19
C ASP D 251 37.04 -55.70 34.46
N GLY D 252 36.13 -55.11 33.68
CA GLY D 252 34.70 -55.38 33.76
C GLY D 252 33.91 -54.69 34.86
N LYS D 253 34.57 -54.35 35.99
CA LYS D 253 33.89 -53.73 37.12
C LYS D 253 34.05 -52.21 37.13
N ASN D 254 33.12 -51.51 37.80
CA ASN D 254 33.19 -50.06 37.88
C ASN D 254 34.32 -49.67 38.85
N ALA D 255 35.41 -49.09 38.32
CA ALA D 255 36.57 -48.67 39.12
C ALA D 255 36.28 -47.53 40.10
N PHE D 256 35.09 -46.93 40.03
CA PHE D 256 34.75 -45.78 40.90
C PHE D 256 33.94 -46.23 42.13
N TYR D 257 33.61 -47.52 42.22
CA TYR D 257 32.84 -48.05 43.34
C TYR D 257 33.72 -48.81 44.34
N ASP D 258 33.64 -48.45 45.63
CA ASP D 258 34.34 -49.11 46.74
C ASP D 258 33.34 -49.14 47.91
N PRO D 259 32.65 -50.27 48.17
CA PRO D 259 31.66 -50.27 49.26
C PRO D 259 32.17 -49.97 50.66
N ASP D 260 33.46 -50.20 50.91
CA ASP D 260 34.08 -49.99 52.22
C ASP D 260 34.56 -48.56 52.44
N ALA D 261 34.86 -47.82 51.37
CA ALA D 261 35.37 -46.45 51.48
C ALA D 261 34.27 -45.45 51.90
N PRO D 262 34.64 -44.27 52.47
CA PRO D 262 33.59 -43.30 52.86
C PRO D 262 32.79 -42.80 51.67
N ASP D 263 31.47 -42.62 51.86
CA ASP D 263 30.57 -42.20 50.79
C ASP D 263 30.52 -43.24 49.63
N GLN D 264 31.06 -44.46 49.84
CA GLN D 264 31.10 -45.54 48.86
C GLN D 264 31.85 -45.19 47.55
N ILE D 265 32.64 -44.09 47.52
CA ILE D 265 33.42 -43.69 46.33
C ILE D 265 34.85 -44.26 46.48
N SER D 266 35.38 -44.88 45.42
CA SER D 266 36.72 -45.46 45.41
C SER D 266 37.79 -44.37 45.34
N ASP D 267 39.04 -44.75 45.64
CA ASP D 267 40.15 -43.77 45.51
C ASP D 267 40.26 -43.35 44.04
N THR D 268 40.16 -44.31 43.12
CA THR D 268 40.24 -44.01 41.68
C THR D 268 39.35 -42.83 41.27
N LEU D 269 38.15 -42.70 41.87
CA LEU D 269 37.27 -41.58 41.55
C LEU D 269 37.92 -40.27 42.02
N ARG D 270 38.38 -40.20 43.29
CA ARG D 270 39.00 -38.97 43.79
C ARG D 270 40.23 -38.56 42.98
N TYR D 271 41.07 -39.52 42.60
CA TYR D 271 42.25 -39.21 41.80
C TYR D 271 41.85 -38.76 40.41
N PHE D 272 40.84 -39.41 39.79
CA PHE D 272 40.36 -39.00 38.47
C PHE D 272 39.81 -37.56 38.51
N VAL D 273 39.01 -37.25 39.56
CA VAL D 273 38.46 -35.92 39.77
C VAL D 273 39.59 -34.90 39.97
N GLY D 274 40.61 -35.26 40.74
CA GLY D 274 41.76 -34.39 40.98
C GLY D 274 42.49 -34.02 39.71
N GLY D 275 42.69 -35.01 38.84
CA GLY D 275 43.35 -34.81 37.55
C GLY D 275 42.54 -33.93 36.61
N VAL D 276 41.22 -34.16 36.52
CA VAL D 276 40.36 -33.33 35.67
C VAL D 276 40.38 -31.88 36.17
N LEU D 277 40.25 -31.67 37.49
CA LEU D 277 40.26 -30.32 38.06
C LEU D 277 41.61 -29.62 37.95
N LYS D 278 42.70 -30.38 37.86
CA LYS D 278 44.03 -29.81 37.72
C LYS D 278 44.17 -29.17 36.33
N HIS D 279 43.68 -29.85 35.29
CA HIS D 279 43.78 -29.38 33.90
C HIS D 279 42.47 -28.78 33.39
N ILE D 280 41.48 -28.49 34.25
CA ILE D 280 40.17 -28.00 33.79
C ILE D 280 40.24 -26.66 33.05
N ARG D 281 41.13 -25.75 33.45
CA ARG D 281 41.27 -24.48 32.74
C ARG D 281 41.69 -24.71 31.28
N ALA D 282 42.56 -25.70 31.06
CA ALA D 282 43.03 -26.06 29.73
C ALA D 282 41.96 -26.85 28.96
N ILE D 283 41.24 -27.77 29.64
CA ILE D 283 40.17 -28.57 29.03
C ILE D 283 39.05 -27.65 28.50
N THR D 284 38.80 -26.51 29.18
CA THR D 284 37.76 -25.57 28.78
C THR D 284 37.94 -25.06 27.35
N ALA D 285 39.19 -24.96 26.85
CA ALA D 285 39.42 -24.54 25.47
C ALA D 285 38.85 -25.56 24.46
N ILE D 286 38.77 -26.85 24.85
CA ILE D 286 38.27 -27.94 24.01
C ILE D 286 36.75 -28.11 24.21
N THR D 287 36.31 -28.17 25.47
CA THR D 287 34.90 -28.41 25.82
C THR D 287 33.99 -27.18 25.65
N ASN D 288 34.58 -25.98 25.64
CA ASN D 288 33.92 -24.69 25.47
C ASN D 288 34.75 -23.95 24.42
N PRO D 289 34.71 -24.38 23.13
CA PRO D 289 35.63 -23.82 22.13
C PRO D 289 35.26 -22.53 21.41
N LEU D 290 34.00 -22.10 21.50
CA LEU D 290 33.53 -20.88 20.81
C LEU D 290 33.75 -19.64 21.68
N VAL D 291 33.77 -18.45 21.06
CA VAL D 291 33.80 -17.17 21.79
C VAL D 291 32.49 -17.06 22.62
N ASN D 292 31.37 -17.52 22.03
CA ASN D 292 30.05 -17.54 22.66
C ASN D 292 29.96 -18.48 23.88
N SER D 293 30.81 -19.52 23.94
CA SER D 293 30.82 -20.45 25.07
C SER D 293 31.07 -19.77 26.40
N TYR D 294 31.74 -18.61 26.38
CA TYR D 294 32.09 -17.91 27.64
C TYR D 294 30.95 -16.97 28.05
N LYS D 295 30.01 -16.68 27.15
CA LYS D 295 28.80 -15.93 27.51
C LYS D 295 27.82 -16.86 28.29
N ARG D 296 27.99 -18.21 28.19
CA ARG D 296 27.25 -19.21 28.94
C ARG D 296 27.87 -19.36 30.32
N LEU D 297 29.23 -19.33 30.42
CA LEU D 297 29.93 -19.47 31.69
C LEU D 297 29.91 -18.15 32.47
N VAL D 298 28.70 -17.76 32.90
CA VAL D 298 28.44 -16.55 33.67
C VAL D 298 27.54 -16.94 34.87
N PRO D 299 27.65 -16.30 36.04
CA PRO D 299 26.75 -16.67 37.15
C PRO D 299 25.28 -16.33 36.90
N GLY D 300 24.38 -17.06 37.57
CA GLY D 300 22.95 -16.85 37.46
C GLY D 300 22.16 -17.93 36.74
N TYR D 301 22.85 -18.81 35.99
CA TYR D 301 22.20 -19.90 35.24
C TYR D 301 22.72 -21.26 35.72
N GLU D 302 22.07 -22.30 35.22
CA GLU D 302 22.41 -23.68 35.52
C GLU D 302 23.60 -24.09 34.68
N ALA D 303 24.74 -23.46 34.97
CA ALA D 303 26.03 -23.69 34.31
C ALA D 303 27.14 -23.36 35.33
N PRO D 304 28.20 -24.18 35.42
CA PRO D 304 29.22 -23.94 36.45
C PRO D 304 30.23 -22.88 36.03
N VAL D 305 30.72 -22.10 37.00
CA VAL D 305 31.71 -21.04 36.77
C VAL D 305 32.92 -21.21 37.70
N TYR D 306 32.70 -21.64 38.96
CA TYR D 306 33.77 -21.84 39.92
C TYR D 306 34.26 -23.29 39.90
N ILE D 307 35.57 -23.50 40.05
CA ILE D 307 36.19 -24.82 39.99
C ILE D 307 36.06 -25.54 41.33
N THR D 308 34.96 -26.31 41.51
CA THR D 308 34.68 -27.08 42.71
C THR D 308 34.05 -28.44 42.36
N TRP D 309 34.07 -29.39 43.30
CA TRP D 309 33.41 -30.68 43.16
C TRP D 309 32.63 -30.97 44.44
N SER D 310 31.47 -31.61 44.30
CA SER D 310 30.61 -31.88 45.44
C SER D 310 29.63 -33.05 45.16
N GLY D 311 28.72 -33.34 46.09
CA GLY D 311 27.71 -34.37 45.93
C GLY D 311 26.55 -33.89 45.07
N PRO D 312 25.41 -34.59 45.09
CA PRO D 312 24.27 -34.18 44.24
C PRO D 312 23.54 -32.90 44.69
N ASN D 313 23.78 -32.45 45.93
CA ASN D 313 23.04 -31.31 46.47
C ASN D 313 23.58 -29.96 46.03
N ARG D 314 24.55 -29.94 45.11
CA ARG D 314 25.16 -28.65 44.66
C ARG D 314 25.46 -28.64 43.17
N SER D 315 25.14 -27.55 42.46
CA SER D 315 25.43 -27.40 41.04
C SER D 315 26.88 -26.94 40.93
N SER D 316 27.81 -27.89 41.03
CA SER D 316 29.24 -27.58 40.95
C SER D 316 29.77 -28.03 39.58
N LEU D 317 31.08 -27.83 39.32
CA LEU D 317 31.69 -28.21 38.06
C LEU D 317 31.62 -29.73 37.91
N ILE D 318 32.01 -30.46 38.96
CA ILE D 318 31.91 -31.91 39.00
C ILE D 318 30.94 -32.27 40.12
N ARG D 319 30.00 -33.15 39.81
CA ARG D 319 28.95 -33.59 40.72
C ARG D 319 29.05 -35.10 40.86
N VAL D 320 28.98 -35.64 42.08
CA VAL D 320 29.01 -37.08 42.29
C VAL D 320 27.57 -37.52 42.63
N PRO D 321 26.78 -38.06 41.68
CA PRO D 321 25.39 -38.45 42.01
C PRO D 321 25.27 -39.54 43.07
N ALA D 322 24.08 -39.66 43.70
CA ALA D 322 23.83 -40.64 44.75
C ALA D 322 23.89 -42.11 44.27
N PRO D 323 23.32 -42.49 43.11
CA PRO D 323 23.41 -43.91 42.67
C PRO D 323 24.78 -44.57 42.80
N ARG D 324 24.82 -45.81 43.34
CA ARG D 324 26.05 -46.56 43.54
C ARG D 324 26.03 -47.92 42.79
N GLY D 325 27.05 -48.77 43.00
CA GLY D 325 27.16 -50.05 42.32
C GLY D 325 27.76 -49.85 40.95
N ASN D 326 27.22 -50.53 39.93
CA ASN D 326 27.72 -50.36 38.55
C ASN D 326 27.39 -48.96 37.97
N SER D 327 26.56 -48.16 38.66
CA SER D 327 26.16 -46.83 38.22
C SER D 327 26.98 -45.71 38.90
N THR D 328 28.13 -46.01 39.58
CA THR D 328 28.95 -44.94 40.18
C THR D 328 29.53 -44.09 39.08
N ARG D 329 29.43 -42.76 39.21
CA ARG D 329 29.90 -41.86 38.16
C ARG D 329 30.09 -40.43 38.68
N ILE D 330 30.66 -39.58 37.83
CA ILE D 330 30.83 -38.16 38.08
C ILE D 330 30.22 -37.41 36.91
N GLU D 331 29.56 -36.29 37.17
CA GLU D 331 28.91 -35.49 36.15
C GLU D 331 29.71 -34.20 35.94
N ILE D 332 30.46 -34.13 34.84
CA ILE D 332 31.27 -32.95 34.51
C ILE D 332 30.30 -32.03 33.77
N ARG D 333 29.98 -30.90 34.39
CA ARG D 333 28.95 -29.98 33.94
C ARG D 333 29.43 -28.76 33.15
N SER D 334 30.75 -28.58 32.99
CA SER D 334 31.29 -27.42 32.29
C SER D 334 31.15 -27.44 30.76
N PRO D 335 31.24 -28.60 30.07
CA PRO D 335 31.14 -28.57 28.61
C PRO D 335 29.83 -28.08 28.05
N ASP D 336 29.88 -27.56 26.82
CA ASP D 336 28.69 -27.16 26.09
C ASP D 336 28.54 -28.06 24.85
N PRO D 337 27.34 -28.15 24.22
CA PRO D 337 27.17 -29.09 23.11
C PRO D 337 27.73 -28.63 21.77
N SER D 338 28.48 -27.52 21.74
CA SER D 338 29.17 -27.09 20.52
C SER D 338 30.60 -27.68 20.42
N CYS D 339 31.09 -28.38 21.47
CA CYS D 339 32.43 -28.96 21.47
C CYS D 339 32.53 -30.18 20.56
N ASN D 340 33.76 -30.49 20.14
CA ASN D 340 34.03 -31.68 19.34
C ASN D 340 34.00 -32.82 20.36
N PRO D 341 33.03 -33.76 20.32
CA PRO D 341 32.99 -34.81 21.34
C PRO D 341 34.21 -35.72 21.34
N TYR D 342 34.81 -35.97 20.17
CA TYR D 342 35.99 -36.83 20.09
C TYR D 342 37.15 -36.25 20.90
N LEU D 343 37.36 -34.93 20.79
CA LEU D 343 38.43 -34.25 21.50
C LEU D 343 38.06 -33.95 22.95
N ALA D 344 36.79 -33.67 23.24
CA ALA D 344 36.35 -33.39 24.61
C ALA D 344 36.56 -34.61 25.50
N PHE D 345 36.16 -35.81 25.05
CA PHE D 345 36.33 -37.04 25.84
C PHE D 345 37.81 -37.43 25.92
N ALA D 346 38.59 -37.20 24.87
CA ALA D 346 40.03 -37.50 24.88
C ALA D 346 40.75 -36.63 25.92
N ALA D 347 40.40 -35.34 26.00
CA ALA D 347 41.00 -34.42 26.96
C ALA D 347 40.64 -34.80 28.39
N ILE D 348 39.38 -35.18 28.64
CA ILE D 348 38.94 -35.58 29.98
C ILE D 348 39.61 -36.89 30.39
N LEU D 349 39.72 -37.84 29.44
CA LEU D 349 40.33 -39.14 29.68
C LEU D 349 41.81 -39.00 30.04
N ALA D 350 42.56 -38.16 29.30
CA ALA D 350 43.98 -37.96 29.54
C ALA D 350 44.25 -37.24 30.87
N ALA D 351 43.46 -36.20 31.19
CA ALA D 351 43.64 -35.47 32.44
C ALA D 351 43.24 -36.34 33.63
N GLY D 352 42.14 -37.08 33.49
CA GLY D 352 41.66 -37.97 34.54
C GLY D 352 42.60 -39.14 34.80
N LEU D 353 43.20 -39.72 33.75
CA LEU D 353 44.14 -40.83 33.94
C LEU D 353 45.45 -40.35 34.55
N ASP D 354 45.87 -39.11 34.27
CA ASP D 354 47.05 -38.54 34.93
C ASP D 354 46.77 -38.40 36.45
N GLY D 355 45.52 -38.10 36.82
CA GLY D 355 45.16 -38.05 38.25
C GLY D 355 45.33 -39.41 38.90
N VAL D 356 44.81 -40.46 38.27
CA VAL D 356 44.93 -41.83 38.77
C VAL D 356 46.40 -42.27 38.84
N LYS D 357 47.13 -42.06 37.75
CA LYS D 357 48.55 -42.44 37.65
C LYS D 357 49.38 -41.70 38.72
N ASN D 358 49.53 -40.38 38.59
CA ASN D 358 50.35 -39.58 39.50
C ASN D 358 49.74 -39.38 40.90
N LYS D 359 48.57 -40.02 41.19
CA LYS D 359 47.90 -39.95 42.49
C LYS D 359 47.80 -38.51 43.03
N ILE D 360 46.92 -37.71 42.41
CA ILE D 360 46.72 -36.32 42.80
C ILE D 360 45.41 -36.26 43.54
N GLU D 361 45.47 -35.81 44.77
CA GLU D 361 44.32 -35.71 45.65
C GLU D 361 43.50 -34.48 45.24
N PRO D 362 42.17 -34.59 45.14
CA PRO D 362 41.36 -33.41 44.77
C PRO D 362 41.16 -32.48 45.96
N PRO D 363 40.76 -31.21 45.71
CA PRO D 363 40.48 -30.31 46.83
C PRO D 363 39.26 -30.75 47.66
N GLU D 364 39.01 -30.07 48.79
CA GLU D 364 37.90 -30.44 49.66
C GLU D 364 36.57 -30.16 48.97
N ARG D 365 35.58 -31.03 49.15
CA ARG D 365 34.28 -30.87 48.52
C ARG D 365 33.59 -29.65 49.09
N VAL D 366 32.98 -28.84 48.22
CA VAL D 366 32.27 -27.63 48.63
C VAL D 366 30.78 -27.89 48.53
N GLU D 367 30.13 -28.15 49.68
CA GLU D 367 28.70 -28.39 49.73
C GLU D 367 27.88 -27.10 49.89
N LYS D 368 28.50 -25.98 50.36
CA LYS D 368 27.83 -24.69 50.51
C LYS D 368 27.53 -24.03 49.16
N ASN D 369 26.59 -23.07 49.14
CA ASN D 369 26.22 -22.41 47.89
C ASN D 369 27.28 -21.38 47.50
N ILE D 370 28.18 -21.81 46.61
CA ILE D 370 29.27 -21.00 46.05
C ILE D 370 28.78 -19.66 45.47
N TYR D 371 27.60 -19.64 44.83
CA TYR D 371 27.05 -18.41 44.27
C TYR D 371 26.66 -17.46 45.41
N LYS D 372 25.97 -17.97 46.44
CA LYS D 372 25.56 -17.18 47.60
C LYS D 372 26.76 -16.78 48.50
N LEU D 373 27.89 -17.45 48.30
CA LEU D 373 29.10 -17.09 49.08
C LEU D 373 29.68 -15.79 48.52
N THR D 374 30.29 -14.98 49.38
CA THR D 374 30.85 -13.69 48.95
C THR D 374 32.22 -13.89 48.27
N GLU D 375 32.69 -12.88 47.52
CA GLU D 375 33.99 -12.96 46.85
C GLU D 375 35.19 -12.92 47.84
N GLU D 376 34.94 -12.67 49.14
CA GLU D 376 35.99 -12.60 50.16
C GLU D 376 36.23 -13.95 50.84
N GLU D 377 35.23 -14.85 50.90
CA GLU D 377 35.43 -16.17 51.48
C GLU D 377 35.89 -17.21 50.42
N ARG D 378 35.79 -16.89 49.10
CA ARG D 378 36.19 -17.81 48.03
C ARG D 378 37.70 -18.07 48.02
N GLU D 379 38.52 -16.99 47.94
CA GLU D 379 39.97 -17.15 47.93
C GLU D 379 40.52 -17.79 49.22
N LYS D 380 39.76 -17.75 50.32
CA LYS D 380 40.15 -18.39 51.56
C LYS D 380 40.20 -19.92 51.34
N LEU D 381 39.18 -20.47 50.66
CA LEU D 381 39.15 -21.92 50.36
C LEU D 381 39.94 -22.29 49.08
N GLY D 382 40.66 -21.34 48.47
CA GLY D 382 41.43 -21.58 47.26
C GLY D 382 40.56 -21.93 46.08
N ILE D 383 39.35 -21.32 45.98
CA ILE D 383 38.42 -21.59 44.87
C ILE D 383 38.83 -20.73 43.67
N GLY D 384 39.09 -21.40 42.54
CA GLY D 384 39.42 -20.74 41.29
C GLY D 384 38.20 -20.55 40.41
N MET D 385 38.38 -19.81 39.31
CA MET D 385 37.32 -19.56 38.32
C MET D 385 37.75 -20.14 36.99
N LEU D 386 36.77 -20.56 36.19
CA LEU D 386 37.06 -21.04 34.85
C LEU D 386 37.48 -19.85 33.97
N PRO D 387 38.20 -20.06 32.85
CA PRO D 387 38.57 -18.93 31.99
C PRO D 387 37.35 -18.09 31.58
N GLY D 388 37.49 -16.76 31.65
CA GLY D 388 36.42 -15.84 31.33
C GLY D 388 36.24 -15.57 29.85
N THR D 389 37.31 -15.76 29.05
CA THR D 389 37.28 -15.54 27.60
C THR D 389 37.91 -16.75 26.87
N LEU D 390 37.72 -16.84 25.54
CA LEU D 390 38.30 -17.91 24.75
C LEU D 390 39.82 -17.78 24.72
N LYS D 391 40.33 -16.55 24.59
CA LYS D 391 41.78 -16.33 24.60
C LYS D 391 42.43 -16.75 25.91
N GLU D 392 41.71 -16.56 27.02
CA GLU D 392 42.20 -16.91 28.35
C GLU D 392 42.32 -18.44 28.47
N ALA D 393 41.37 -19.20 27.88
CA ALA D 393 41.41 -20.66 27.90
C ALA D 393 42.46 -21.21 26.96
N ILE D 394 42.64 -20.59 25.78
CA ILE D 394 43.64 -21.02 24.81
C ILE D 394 45.05 -20.82 25.37
N GLU D 395 45.29 -19.72 26.10
CA GLU D 395 46.60 -19.49 26.71
C GLU D 395 46.90 -20.57 27.74
N CYS D 396 45.90 -20.98 28.53
CA CYS D 396 46.06 -22.06 29.52
C CYS D 396 46.26 -23.41 28.83
N PHE D 397 45.56 -23.66 27.72
CA PHE D 397 45.69 -24.90 26.95
C PHE D 397 47.07 -25.02 26.30
N LYS D 398 47.58 -23.90 25.78
CA LYS D 398 48.88 -23.84 25.11
C LYS D 398 50.01 -24.28 26.06
N GLU D 399 49.90 -23.95 27.36
CA GLU D 399 50.90 -24.30 28.37
C GLU D 399 50.72 -25.71 28.96
N ASP D 400 49.55 -26.34 28.80
CA ASP D 400 49.30 -27.68 29.34
C ASP D 400 49.95 -28.71 28.40
N GLU D 401 51.19 -29.09 28.70
CA GLU D 401 51.96 -30.05 27.90
C GLU D 401 51.29 -31.42 27.78
N LEU D 402 50.56 -31.85 28.82
CA LEU D 402 49.92 -33.15 28.80
C LEU D 402 48.81 -33.22 27.75
N LEU D 403 47.89 -32.23 27.73
CA LEU D 403 46.80 -32.22 26.76
C LEU D 403 47.29 -32.01 25.34
N VAL D 404 48.37 -31.24 25.16
CA VAL D 404 48.92 -31.01 23.82
C VAL D 404 49.47 -32.35 23.28
N SER D 405 50.16 -33.13 24.12
CA SER D 405 50.70 -34.42 23.71
C SER D 405 49.60 -35.47 23.52
N ALA D 406 48.56 -35.44 24.37
CA ALA D 406 47.44 -36.37 24.29
C ALA D 406 46.63 -36.16 23.01
N LEU D 407 46.34 -34.90 22.66
CA LEU D 407 45.60 -34.59 21.44
C LEU D 407 46.48 -34.56 20.18
N GLY D 408 47.80 -34.48 20.35
CA GLY D 408 48.73 -34.42 19.23
C GLY D 408 49.02 -32.99 18.85
N GLU D 409 50.22 -32.74 18.31
CA GLU D 409 50.63 -31.36 17.97
C GLU D 409 49.76 -30.83 16.82
N HIS D 410 49.38 -31.69 15.87
CA HIS D 410 48.60 -31.25 14.72
C HIS D 410 47.23 -30.72 15.14
N VAL D 411 46.50 -31.48 15.98
CA VAL D 411 45.17 -31.11 16.46
C VAL D 411 45.26 -29.88 17.38
N SER D 412 46.21 -29.88 18.33
CA SER D 412 46.36 -28.77 19.26
C SER D 412 46.66 -27.46 18.52
N GLN D 413 47.52 -27.50 17.50
CA GLN D 413 47.86 -26.31 16.73
C GLN D 413 46.64 -25.81 15.95
N SER D 414 45.86 -26.73 15.37
CA SER D 414 44.66 -26.36 14.61
C SER D 414 43.63 -25.68 15.51
N ILE D 415 43.48 -26.20 16.73
CA ILE D 415 42.52 -25.60 17.71
C ILE D 415 42.97 -24.16 18.02
N ILE D 416 44.25 -23.97 18.29
CA ILE D 416 44.78 -22.66 18.65
C ILE D 416 44.63 -21.68 17.49
N ASN D 417 44.93 -22.12 16.26
CA ASN D 417 44.82 -21.26 15.09
C ASN D 417 43.38 -20.82 14.83
N VAL D 418 42.42 -21.76 14.87
CA VAL D 418 41.01 -21.44 14.64
C VAL D 418 40.48 -20.50 15.72
N ALA D 419 40.79 -20.79 17.00
CA ALA D 419 40.31 -19.97 18.10
C ALA D 419 40.90 -18.56 18.09
N MET D 420 42.19 -18.44 17.75
CA MET D 420 42.86 -17.12 17.76
C MET D 420 42.39 -16.29 16.54
N ALA D 421 42.02 -16.94 15.43
CA ALA D 421 41.48 -16.23 14.26
C ALA D 421 40.10 -15.66 14.62
N ASP D 422 39.28 -16.44 15.34
CA ASP D 422 37.95 -15.99 15.78
C ASP D 422 38.07 -14.87 16.82
N TRP D 423 38.99 -15.03 17.80
CA TRP D 423 39.17 -14.03 18.84
C TRP D 423 39.69 -12.70 18.30
N ASP D 424 40.69 -12.75 17.39
CA ASP D 424 41.23 -11.53 16.81
C ASP D 424 40.17 -10.77 15.97
N SER D 425 39.20 -11.50 15.38
CA SER D 425 38.13 -10.87 14.62
C SER D 425 37.06 -10.28 15.57
N TYR D 426 36.77 -10.99 16.66
CA TYR D 426 35.72 -10.54 17.60
C TYR D 426 36.20 -9.37 18.45
N ARG D 427 37.49 -9.35 18.82
CA ARG D 427 38.02 -8.30 19.73
C ARG D 427 38.00 -6.92 19.05
N THR D 428 38.21 -6.88 17.74
CA THR D 428 38.25 -5.62 17.00
C THR D 428 36.86 -5.09 16.65
N GLN D 429 35.84 -5.97 16.62
CA GLN D 429 34.48 -5.57 16.26
C GLN D 429 33.86 -4.55 17.20
N VAL D 430 33.00 -3.67 16.64
CA VAL D 430 32.25 -2.68 17.39
C VAL D 430 30.82 -3.21 17.46
N HIS D 431 30.42 -3.70 18.62
CA HIS D 431 29.10 -4.29 18.82
C HIS D 431 28.01 -3.24 19.06
N GLN D 432 26.75 -3.62 18.84
CA GLN D 432 25.62 -2.72 19.01
C GLN D 432 25.50 -2.22 20.44
N TRP D 433 25.89 -3.04 21.45
CA TRP D 433 25.85 -2.65 22.86
C TRP D 433 26.60 -1.35 23.10
N GLU D 434 27.74 -1.18 22.41
CA GLU D 434 28.60 -0.01 22.57
C GLU D 434 27.90 1.23 22.00
N LEU D 435 27.25 1.10 20.83
CA LEU D 435 26.50 2.22 20.26
C LEU D 435 25.31 2.57 21.15
N ASP D 436 24.59 1.56 21.66
CA ASP D 436 23.45 1.79 22.55
C ASP D 436 23.87 2.46 23.87
N ARG D 437 25.08 2.17 24.35
CA ARG D 437 25.60 2.70 25.61
C ARG D 437 26.26 4.07 25.50
N TYR D 438 26.93 4.37 24.38
CA TYR D 438 27.74 5.59 24.27
C TYR D 438 27.41 6.61 23.16
N LEU D 439 26.83 6.17 22.02
CA LEU D 439 26.60 7.09 20.89
C LEU D 439 25.79 8.34 21.23
N GLN D 440 24.72 8.20 22.00
CA GLN D 440 23.84 9.38 22.27
C GLN D 440 24.51 10.34 23.25
N THR D 441 25.19 9.82 24.28
CA THR D 441 25.79 10.65 25.31
C THR D 441 27.14 11.27 24.90
N TYR D 442 28.09 10.45 24.41
CA TYR D 442 29.41 10.94 24.03
C TYR D 442 29.42 11.52 22.63
N SER E 3 35.16 45.03 40.12
CA SER E 3 35.29 43.59 40.19
C SER E 3 34.63 42.89 38.97
N LYS E 4 34.89 41.58 38.82
CA LYS E 4 34.36 40.75 37.73
C LYS E 4 32.84 40.61 37.83
N GLU E 5 32.31 40.53 39.06
CA GLU E 5 30.88 40.44 39.31
C GLU E 5 30.15 41.66 38.73
N ASP E 6 30.74 42.86 38.87
CA ASP E 6 30.15 44.08 38.32
C ASP E 6 30.10 44.02 36.79
N GLU E 7 31.16 43.49 36.15
CA GLU E 7 31.22 43.33 34.70
C GLU E 7 30.16 42.34 34.22
N ILE E 8 29.93 41.24 34.99
CA ILE E 8 28.91 40.25 34.64
C ILE E 8 27.53 40.92 34.58
N PHE E 9 27.16 41.66 35.64
CA PHE E 9 25.88 42.35 35.68
C PHE E 9 25.72 43.43 34.60
N ARG E 10 26.83 44.02 34.10
CA ARG E 10 26.79 44.97 33.00
C ARG E 10 26.38 44.24 31.73
N ILE E 11 26.99 43.06 31.46
CA ILE E 11 26.66 42.24 30.28
C ILE E 11 25.21 41.73 30.38
N VAL E 12 24.76 41.48 31.60
CA VAL E 12 23.37 40.97 31.82
C VAL E 12 22.38 41.97 31.24
N GLU E 13 22.42 43.23 31.70
CA GLU E 13 21.46 44.22 31.25
C GLU E 13 21.66 44.53 29.77
N GLU E 14 22.92 44.60 29.32
CA GLU E 14 23.22 44.90 27.92
C GLU E 14 22.61 43.85 26.97
N LYS E 15 22.95 42.58 27.16
CA LYS E 15 22.47 41.51 26.29
C LYS E 15 21.03 41.04 26.61
N ASN E 16 20.38 41.63 27.64
CA ASN E 16 19.02 41.26 28.03
C ASN E 16 18.93 39.78 28.38
N VAL E 17 19.90 39.30 29.17
CA VAL E 17 19.91 37.90 29.59
C VAL E 17 18.80 37.70 30.63
N ARG E 18 18.18 36.53 30.64
CA ARG E 18 17.10 36.21 31.57
C ARG E 18 17.35 34.94 32.38
N PHE E 19 18.18 34.01 31.86
CA PHE E 19 18.49 32.73 32.52
C PHE E 19 19.97 32.46 32.45
N VAL E 20 20.49 31.79 33.49
CA VAL E 20 21.90 31.45 33.60
C VAL E 20 22.01 29.97 33.91
N ARG E 21 22.92 29.31 33.19
CA ARG E 21 23.14 27.85 33.38
C ARG E 21 24.39 27.65 34.24
N LEU E 22 24.23 27.02 35.40
CA LEU E 22 25.35 26.74 36.27
C LEU E 22 25.92 25.39 35.90
N GLN E 23 26.85 25.41 34.93
CA GLN E 23 27.46 24.21 34.39
C GLN E 23 28.47 23.58 35.33
N PHE E 24 28.59 22.27 35.24
CA PHE E 24 29.59 21.48 35.93
C PHE E 24 29.70 20.11 35.22
N VAL E 25 30.59 19.24 35.67
CA VAL E 25 30.84 17.97 35.00
C VAL E 25 30.92 16.82 35.99
N ASP E 26 30.38 15.64 35.63
CA ASP E 26 30.45 14.45 36.48
C ASP E 26 31.83 13.75 36.29
N VAL E 27 32.07 12.61 36.93
CA VAL E 27 33.42 11.94 36.83
C VAL E 27 33.66 11.44 35.40
N GLN E 28 32.61 11.29 34.60
CA GLN E 28 32.72 10.75 33.24
C GLN E 28 32.84 11.84 32.16
N GLY E 29 32.97 13.10 32.54
CA GLY E 29 33.12 14.19 31.58
C GLY E 29 31.83 14.66 30.95
N ILE E 30 30.66 14.21 31.46
CA ILE E 30 29.36 14.59 30.89
C ILE E 30 28.92 15.92 31.51
N PRO E 31 28.52 16.92 30.70
CA PRO E 31 28.10 18.19 31.29
C PRO E 31 26.73 18.11 31.98
N LYS E 32 26.66 18.67 33.18
CA LYS E 32 25.47 18.78 34.01
C LYS E 32 25.26 20.26 34.35
N ASN E 33 24.01 20.66 34.67
CA ASN E 33 23.73 22.06 34.97
C ASN E 33 22.47 22.28 35.81
N VAL E 34 22.32 23.52 36.32
CA VAL E 34 21.15 23.97 37.07
C VAL E 34 20.75 25.28 36.40
N ALA E 35 19.53 25.36 35.89
CA ALA E 35 19.05 26.58 35.25
C ALA E 35 18.44 27.47 36.31
N ILE E 36 18.90 28.72 36.42
CA ILE E 36 18.37 29.67 37.40
C ILE E 36 17.94 30.95 36.68
N PRO E 37 16.86 31.62 37.13
CA PRO E 37 16.53 32.92 36.53
C PRO E 37 17.58 33.95 36.94
N VAL E 38 17.71 35.01 36.14
CA VAL E 38 18.71 36.05 36.39
C VAL E 38 18.55 36.74 37.76
N GLY E 39 17.36 36.68 38.36
CA GLY E 39 17.14 37.22 39.70
C GLY E 39 17.97 36.52 40.76
N GLN E 40 18.28 35.23 40.54
CA GLN E 40 19.09 34.42 41.45
C GLN E 40 20.62 34.50 41.15
N LEU E 41 21.05 35.28 40.13
CA LEU E 41 22.47 35.37 39.78
C LEU E 41 23.30 36.01 40.89
N GLU E 42 22.74 36.98 41.62
CA GLU E 42 23.45 37.62 42.73
C GLU E 42 23.69 36.59 43.85
N LYS E 43 22.70 35.71 44.07
CA LYS E 43 22.86 34.65 45.11
C LYS E 43 23.77 33.49 44.67
N ALA E 44 24.00 33.35 43.37
CA ALA E 44 24.91 32.31 42.89
C ALA E 44 26.34 32.81 43.06
N LEU E 45 26.59 34.06 42.65
CA LEU E 45 27.93 34.62 42.77
C LEU E 45 28.34 34.92 44.23
N GLY E 46 27.36 35.01 45.14
CA GLY E 46 27.60 35.26 46.56
C GLY E 46 27.67 33.97 47.35
N PRO E 47 26.62 33.56 48.10
CA PRO E 47 26.69 32.35 48.92
C PRO E 47 26.66 31.05 48.11
N GLY E 48 26.22 31.11 46.85
CA GLY E 48 26.10 29.93 45.99
C GLY E 48 24.73 29.29 46.01
N ILE E 49 24.47 28.39 45.05
CA ILE E 49 23.20 27.67 44.90
C ILE E 49 23.35 26.23 45.38
N HIS E 50 22.40 25.76 46.20
CA HIS E 50 22.41 24.38 46.71
C HIS E 50 21.81 23.40 45.70
N PHE E 51 22.34 22.17 45.67
CA PHE E 51 21.89 21.11 44.72
C PHE E 51 22.25 19.71 45.25
N ASP E 52 22.19 18.65 44.41
CA ASP E 52 22.55 17.29 44.84
C ASP E 52 23.85 16.82 44.17
N GLY E 53 24.86 16.48 44.98
CA GLY E 53 26.15 16.02 44.52
C GLY E 53 26.25 14.61 43.97
N SER E 54 25.17 13.81 44.05
CA SER E 54 25.19 12.43 43.54
C SER E 54 25.32 12.39 42.00
N SER E 55 24.87 13.46 41.30
CA SER E 55 25.00 13.58 39.85
C SER E 55 26.47 13.60 39.42
N ILE E 56 27.35 14.11 40.29
CA ILE E 56 28.81 14.17 39.97
C ILE E 56 29.36 12.74 39.93
N GLU E 57 29.02 11.92 40.93
CA GLU E 57 29.58 10.54 41.00
C GLU E 57 28.93 9.65 39.92
N GLY E 58 27.79 10.07 39.36
CA GLY E 58 27.06 9.34 38.33
C GLY E 58 27.72 8.13 37.69
N SER E 65 24.52 14.30 50.82
CA SER E 65 24.58 14.56 49.38
C SER E 65 24.15 16.00 48.99
N ASP E 66 23.79 16.86 49.96
CA ASP E 66 23.43 18.26 49.69
C ASP E 66 24.75 19.03 49.59
N MET E 67 24.91 19.82 48.52
CA MET E 67 26.18 20.59 48.29
C MET E 67 25.88 21.97 47.67
N VAL E 68 26.93 22.72 47.30
CA VAL E 68 26.76 24.06 46.73
C VAL E 68 27.61 24.28 45.47
N LEU E 69 27.10 25.10 44.53
CA LEU E 69 27.80 25.45 43.29
C LEU E 69 28.44 26.83 43.46
N ARG E 70 29.74 26.94 43.17
CA ARG E 70 30.50 28.19 43.27
C ARG E 70 30.95 28.60 41.84
N PRO E 71 30.16 29.46 41.17
CA PRO E 71 30.51 29.88 39.80
C PRO E 71 31.87 30.56 39.68
N ASP E 72 32.60 30.28 38.59
CA ASP E 72 33.88 30.92 38.31
C ASP E 72 33.55 32.18 37.50
N PRO E 73 33.71 33.40 38.04
CA PRO E 73 33.35 34.60 37.27
C PRO E 73 34.05 34.77 35.92
N ASP E 74 35.27 34.22 35.78
CA ASP E 74 36.02 34.30 34.52
C ASP E 74 35.37 33.50 33.37
N THR E 75 34.49 32.55 33.69
CA THR E 75 33.83 31.68 32.70
C THR E 75 32.42 32.15 32.30
N PHE E 76 32.01 33.37 32.67
CA PHE E 76 30.69 33.88 32.30
C PHE E 76 30.65 34.16 30.81
N ARG E 77 29.78 33.46 30.07
CA ARG E 77 29.65 33.64 28.63
C ARG E 77 28.20 33.63 28.21
N VAL E 78 27.82 34.50 27.27
CA VAL E 78 26.46 34.55 26.75
C VAL E 78 26.38 33.49 25.62
N LEU E 79 25.36 32.60 25.66
CA LEU E 79 25.22 31.55 24.63
C LEU E 79 24.80 32.26 23.31
N PRO E 80 25.59 32.22 22.21
CA PRO E 80 25.20 32.97 21.00
C PRO E 80 23.88 32.59 20.32
N TRP E 81 23.28 31.41 20.63
CA TRP E 81 21.98 31.08 20.05
C TRP E 81 20.94 31.84 20.87
N SER E 82 20.53 33.01 20.37
CA SER E 82 19.59 33.86 21.10
C SER E 82 18.28 33.12 21.40
N GLY E 83 17.79 33.26 22.64
CA GLY E 83 16.58 32.56 23.06
C GLY E 83 15.32 33.10 22.43
N ASN E 84 14.19 32.73 23.00
CA ASN E 84 12.89 33.13 22.47
C ASN E 84 12.54 34.58 22.79
N GLU E 85 12.15 35.34 21.76
CA GLU E 85 11.68 36.72 21.84
C GLU E 85 12.70 37.68 22.45
N GLY E 86 13.89 37.74 21.87
CA GLY E 86 14.95 38.63 22.31
C GLY E 86 15.60 38.31 23.64
N THR E 87 15.11 37.31 24.38
CA THR E 87 15.66 36.95 25.68
C THR E 87 16.92 36.11 25.47
N ALA E 88 18.07 36.57 26.00
CA ALA E 88 19.33 35.85 25.86
C ALA E 88 19.60 34.96 27.09
N GLU E 89 20.58 34.05 26.97
CA GLU E 89 20.93 33.15 28.05
C GLU E 89 22.43 33.16 28.27
N ALA E 90 22.86 32.82 29.49
CA ALA E 90 24.28 32.81 29.83
C ALA E 90 24.69 31.54 30.59
N ARG E 91 26.00 31.25 30.65
CA ARG E 91 26.51 30.07 31.34
C ARG E 91 27.61 30.47 32.32
N LEU E 92 27.85 29.61 33.31
CA LEU E 92 28.91 29.79 34.28
C LEU E 92 29.43 28.43 34.69
N ILE E 93 30.72 28.16 34.46
CA ILE E 93 31.31 26.90 34.89
C ILE E 93 31.47 27.02 36.39
N CYS E 94 30.92 26.06 37.11
CA CYS E 94 30.84 26.06 38.55
C CYS E 94 31.75 25.05 39.18
N ASP E 95 32.33 25.46 40.30
CA ASP E 95 33.10 24.49 41.10
C ASP E 95 32.09 23.94 42.11
N ILE E 96 32.48 22.93 42.87
CA ILE E 96 31.57 22.26 43.85
C ILE E 96 32.23 22.25 45.23
N GLU E 97 31.55 22.84 46.21
CA GLU E 97 32.00 22.91 47.60
C GLU E 97 30.98 22.20 48.49
N LEU E 98 31.42 21.82 49.70
CA LEU E 98 30.54 21.19 50.68
C LEU E 98 29.73 22.30 51.42
N PRO E 99 28.63 21.97 52.15
CA PRO E 99 27.81 23.06 52.74
C PRO E 99 28.56 24.05 53.62
N ASP E 100 29.56 23.61 54.38
CA ASP E 100 30.33 24.50 55.25
C ASP E 100 31.30 25.44 54.50
N GLY E 101 31.85 24.97 53.37
CA GLY E 101 32.76 25.76 52.57
C GLY E 101 33.97 25.05 51.99
N LYS E 102 34.45 23.88 52.53
CA LYS E 102 35.65 23.28 51.92
C LYS E 102 35.34 22.60 50.56
N PRO E 103 36.31 22.59 49.61
CA PRO E 103 36.04 21.99 48.29
C PRO E 103 35.80 20.50 48.28
N PHE E 104 34.86 20.03 47.44
CA PHE E 104 34.55 18.60 47.33
C PHE E 104 35.64 17.96 46.47
N MET E 105 36.42 17.03 47.06
CA MET E 105 37.50 16.33 46.36
C MET E 105 37.00 15.41 45.22
N GLY E 106 35.70 15.13 45.17
CA GLY E 106 35.11 14.32 44.11
C GLY E 106 34.84 15.09 42.82
N CYS E 107 34.90 16.43 42.86
CA CYS E 107 34.68 17.25 41.68
C CYS E 107 35.86 17.16 40.71
N PRO E 108 35.67 16.74 39.45
CA PRO E 108 36.81 16.65 38.52
C PRO E 108 37.57 17.95 38.29
N ARG E 109 36.87 19.11 38.22
CA ARG E 109 37.52 20.40 38.01
C ARG E 109 38.40 20.75 39.21
N GLN E 110 37.97 20.41 40.44
CA GLN E 110 38.76 20.65 41.66
C GLN E 110 40.03 19.78 41.68
N VAL E 111 39.96 18.57 41.11
CA VAL E 111 41.10 17.65 41.05
C VAL E 111 42.20 18.24 40.17
N LEU E 112 41.84 18.74 38.96
CA LEU E 112 42.84 19.35 38.08
C LEU E 112 43.41 20.59 38.72
N LYS E 113 42.56 21.41 39.39
CA LYS E 113 43.01 22.59 40.11
C LYS E 113 44.06 22.24 41.17
N LYS E 114 43.81 21.17 41.95
CA LYS E 114 44.75 20.73 42.98
C LYS E 114 46.08 20.32 42.36
N ASN E 115 46.05 19.49 41.31
CA ASN E 115 47.28 19.05 40.64
C ASN E 115 48.03 20.23 40.02
N MET E 116 47.32 21.26 39.52
CA MET E 116 47.96 22.44 38.95
C MET E 116 48.59 23.28 40.06
N GLU E 117 47.95 23.38 41.24
CA GLU E 117 48.49 24.13 42.37
C GLU E 117 49.77 23.48 42.87
N GLU E 118 49.81 22.15 42.89
CA GLU E 118 51.05 21.42 43.31
C GLU E 118 52.15 21.73 42.31
N ALA E 119 51.83 21.75 41.01
CA ALA E 119 52.81 22.02 39.99
C ALA E 119 53.32 23.47 40.12
N ALA E 120 52.40 24.43 40.40
CA ALA E 120 52.73 25.85 40.57
C ALA E 120 53.66 26.08 41.75
N LYS E 121 53.59 25.23 42.79
CA LYS E 121 54.49 25.34 43.94
C LYS E 121 55.96 25.16 43.50
N LEU E 122 56.20 24.31 42.47
CA LEU E 122 57.53 24.08 41.90
C LEU E 122 57.82 24.99 40.66
N GLY E 123 57.05 26.06 40.50
CA GLY E 123 57.20 27.00 39.40
C GLY E 123 56.80 26.45 38.04
N TYR E 124 56.06 25.33 38.00
CA TYR E 124 55.64 24.71 36.74
C TYR E 124 54.19 25.01 36.41
N VAL E 125 53.90 25.20 35.11
CA VAL E 125 52.54 25.46 34.62
C VAL E 125 52.42 24.63 33.34
N MET E 126 51.43 23.74 33.25
CA MET E 126 51.26 22.90 32.08
C MET E 126 50.32 23.55 31.09
N ASN E 127 50.74 23.56 29.83
CA ASN E 127 49.97 24.09 28.73
C ASN E 127 49.57 22.93 27.81
N THR E 128 48.29 22.88 27.45
CA THR E 128 47.72 21.83 26.62
C THR E 128 47.02 22.43 25.39
N GLY E 129 47.18 21.75 24.26
CA GLY E 129 46.58 22.14 22.99
C GLY E 129 46.06 20.89 22.29
N PRO E 130 44.80 20.50 22.51
CA PRO E 130 44.29 19.24 21.92
C PRO E 130 43.79 19.34 20.50
N GLU E 131 43.91 18.22 19.78
CA GLU E 131 43.43 18.05 18.41
C GLU E 131 42.16 17.22 18.58
N MET E 132 40.99 17.86 18.46
CA MET E 132 39.71 17.22 18.71
C MET E 132 39.07 16.62 17.47
N GLU E 133 39.09 15.29 17.37
CA GLU E 133 38.45 14.56 16.27
C GLU E 133 37.04 14.16 16.67
N PHE E 134 36.11 14.17 15.72
CA PHE E 134 34.73 13.81 15.99
C PHE E 134 34.01 13.40 14.70
N PHE E 135 32.83 12.79 14.82
CA PHE E 135 32.05 12.36 13.68
C PHE E 135 30.73 13.11 13.62
N LEU E 136 30.20 13.30 12.41
CA LEU E 136 28.91 13.94 12.19
C LEU E 136 28.04 12.92 11.47
N PHE E 137 27.06 12.35 12.17
CA PHE E 137 26.19 11.32 11.63
C PHE E 137 24.77 11.79 11.37
N LYS E 138 24.06 11.06 10.49
CA LYS E 138 22.68 11.33 10.15
C LYS E 138 21.75 10.91 11.30
N ARG E 139 20.53 11.44 11.30
CA ARG E 139 19.51 11.10 12.29
C ARG E 139 18.34 10.46 11.55
N GLN E 140 17.88 9.28 12.00
CA GLN E 140 16.76 8.57 11.36
C GLN E 140 15.71 8.30 12.41
N ASP E 141 14.46 8.71 12.13
CA ASP E 141 13.34 8.58 13.05
C ASP E 141 13.62 9.29 14.37
N GLY E 142 14.28 10.45 14.31
CA GLY E 142 14.63 11.24 15.48
C GLY E 142 15.68 10.63 16.39
N MET E 143 16.35 9.54 15.95
CA MET E 143 17.33 8.83 16.76
C MET E 143 18.71 8.84 16.13
N PRO E 144 19.77 9.41 16.76
CA PRO E 144 21.12 9.29 16.19
C PRO E 144 21.52 7.91 15.68
N THR E 145 22.27 7.89 14.59
CA THR E 145 22.77 6.69 13.93
C THR E 145 24.31 6.80 13.82
N ASN E 146 24.98 5.80 13.22
CA ASN E 146 26.41 5.83 12.95
C ASN E 146 26.64 5.90 11.42
N ILE E 147 25.70 6.51 10.66
CA ILE E 147 25.81 6.63 9.21
C ILE E 147 26.46 7.98 8.92
N PRO E 148 27.65 8.04 8.28
CA PRO E 148 28.26 9.34 7.99
C PRO E 148 27.39 10.26 7.16
N GLN E 149 27.36 11.55 7.53
CA GLN E 149 26.61 12.57 6.80
C GLN E 149 27.28 12.85 5.45
N ASP E 150 28.62 12.83 5.40
CA ASP E 150 29.35 13.05 4.15
C ASP E 150 30.17 11.82 3.75
N ARG E 151 30.62 11.81 2.50
CA ARG E 151 31.44 10.73 1.95
C ARG E 151 32.82 11.31 1.62
N GLY E 152 33.41 11.98 2.60
CA GLY E 152 34.70 12.62 2.44
C GLY E 152 35.87 11.91 3.10
N GLY E 153 37.07 12.35 2.74
CA GLY E 153 38.33 11.79 3.21
C GLY E 153 39.25 12.83 3.80
N TYR E 154 40.56 12.55 3.79
CA TYR E 154 41.57 13.40 4.42
C TYR E 154 41.74 14.76 3.76
N PHE E 155 41.59 15.85 4.55
CA PHE E 155 41.69 17.24 4.10
C PHE E 155 40.81 17.53 2.89
N ASP E 156 39.70 16.80 2.70
CA ASP E 156 38.84 17.00 1.53
C ASP E 156 38.08 18.32 1.58
N LEU E 157 37.74 18.84 0.39
CA LEU E 157 37.05 20.11 0.19
C LEU E 157 35.63 19.87 -0.35
N ALA E 158 34.71 20.83 -0.13
CA ALA E 158 33.34 20.75 -0.64
C ALA E 158 33.34 20.68 -2.17
N PRO E 159 32.32 20.04 -2.79
CA PRO E 159 31.16 19.37 -2.19
C PRO E 159 31.41 17.98 -1.63
N ILE E 160 32.67 17.52 -1.57
CA ILE E 160 32.98 16.21 -0.99
C ILE E 160 32.74 16.29 0.54
N ASP E 161 33.16 17.42 1.16
CA ASP E 161 32.92 17.70 2.58
C ASP E 161 31.61 18.49 2.66
N LEU E 162 30.51 17.82 3.02
CA LEU E 162 29.21 18.48 3.11
C LEU E 162 28.99 19.20 4.47
N ALA E 163 29.86 18.98 5.48
CA ALA E 163 29.74 19.62 6.80
C ALA E 163 30.56 20.90 6.92
N GLU E 164 30.74 21.65 5.82
CA GLU E 164 31.53 22.87 5.87
C GLU E 164 30.77 24.04 6.53
N GLU E 165 29.44 24.12 6.34
CA GLU E 165 28.65 25.18 6.99
C GLU E 165 28.50 24.90 8.49
N ILE E 166 28.39 23.63 8.90
CA ILE E 166 28.22 23.26 10.30
C ILE E 166 29.54 23.52 11.04
N LYS E 167 30.67 23.14 10.44
CA LYS E 167 32.00 23.39 11.03
C LYS E 167 32.31 24.88 11.10
N ARG E 168 31.94 25.63 10.05
CA ARG E 168 32.14 27.07 9.99
C ARG E 168 31.34 27.74 11.12
N GLU E 169 30.13 27.25 11.39
CA GLU E 169 29.28 27.76 12.45
C GLU E 169 29.87 27.41 13.84
N ILE E 170 30.42 26.17 14.04
CA ILE E 170 31.05 25.76 15.30
C ILE E 170 32.20 26.70 15.66
N VAL E 171 33.12 26.93 14.72
CA VAL E 171 34.28 27.80 14.96
C VAL E 171 33.82 29.23 15.26
N LEU E 172 32.78 29.71 14.57
CA LEU E 172 32.26 31.07 14.77
C LEU E 172 31.67 31.22 16.17
N VAL E 173 30.83 30.25 16.59
CA VAL E 173 30.19 30.25 17.91
C VAL E 173 31.27 30.19 19.01
N LEU E 174 32.35 29.43 18.79
CA LEU E 174 33.42 29.34 19.77
C LEU E 174 34.16 30.67 19.89
N GLU E 175 34.49 31.32 18.76
CA GLU E 175 35.19 32.61 18.80
C GLU E 175 34.39 33.67 19.55
N GLU E 176 33.06 33.61 19.48
CA GLU E 176 32.20 34.53 20.25
C GLU E 176 32.41 34.36 21.77
N MET E 177 32.88 33.19 22.23
CA MET E 177 33.01 32.86 23.64
C MET E 177 34.48 32.90 24.10
N GLY E 178 35.25 33.84 23.58
CA GLY E 178 36.67 33.99 23.92
C GLY E 178 37.48 32.74 23.67
N PHE E 179 37.29 32.20 22.46
CA PHE E 179 37.98 30.95 22.09
C PHE E 179 38.76 31.21 20.80
N GLU E 180 40.02 30.78 20.77
CA GLU E 180 40.91 30.97 19.64
C GLU E 180 41.19 29.61 18.99
N VAL E 181 40.76 29.41 17.72
CA VAL E 181 40.93 28.16 17.01
C VAL E 181 42.12 28.29 16.04
N GLU E 182 42.86 27.21 15.84
CA GLU E 182 44.05 27.26 14.97
C GLU E 182 43.64 26.86 13.54
N ALA E 183 43.02 25.70 13.39
CA ALA E 183 42.59 25.21 12.09
C ALA E 183 41.59 24.06 12.23
N ALA E 184 40.79 23.83 11.19
CA ALA E 184 39.80 22.76 11.13
C ALA E 184 39.90 22.09 9.76
N HIS E 185 39.66 20.77 9.70
CA HIS E 185 39.75 20.03 8.45
C HIS E 185 38.99 18.71 8.52
N HIS E 186 38.69 18.13 7.35
CA HIS E 186 38.05 16.83 7.27
C HIS E 186 39.12 15.78 7.57
N GLU E 187 38.77 14.74 8.34
CA GLU E 187 39.70 13.67 8.70
C GLU E 187 39.63 12.47 7.73
N VAL E 188 40.35 11.37 8.02
CA VAL E 188 40.48 10.22 7.13
C VAL E 188 39.13 9.52 6.87
N ALA E 189 38.39 9.20 7.94
CA ALA E 189 37.14 8.46 7.83
C ALA E 189 35.97 9.30 7.30
N PHE E 190 34.95 8.62 6.74
CA PHE E 190 33.74 9.26 6.21
C PHE E 190 32.99 9.99 7.33
N GLY E 191 32.69 11.27 7.15
CA GLY E 191 31.99 12.06 8.15
C GLY E 191 32.82 12.45 9.37
N GLN E 192 34.14 12.22 9.33
CA GLN E 192 35.01 12.57 10.45
C GLN E 192 35.63 13.92 10.21
N HIS E 193 35.79 14.71 11.28
CA HIS E 193 36.37 16.04 11.23
C HIS E 193 37.29 16.28 12.43
N GLU E 194 38.11 17.34 12.31
CA GLU E 194 39.09 17.66 13.38
C GLU E 194 39.16 19.18 13.56
N ILE E 195 39.11 19.66 14.79
CA ILE E 195 39.20 21.07 15.12
C ILE E 195 40.33 21.20 16.14
N ASP E 196 41.44 21.80 15.72
CA ASP E 196 42.59 22.00 16.62
C ASP E 196 42.57 23.44 17.13
N PHE E 197 42.66 23.63 18.44
CA PHE E 197 42.74 24.97 19.01
C PHE E 197 44.08 25.14 19.72
N LYS E 198 44.54 26.36 19.90
CA LYS E 198 45.90 26.57 20.42
C LYS E 198 46.06 26.42 21.93
N TYR E 199 47.33 26.26 22.32
CA TYR E 199 47.76 26.02 23.69
C TYR E 199 47.20 27.03 24.68
N ASP E 200 46.85 26.53 25.86
CA ASP E 200 46.44 27.34 27.01
C ASP E 200 46.67 26.50 28.29
N ASN E 201 46.59 27.11 29.49
CA ASN E 201 46.76 26.36 30.74
C ASN E 201 45.74 25.19 30.83
N ALA E 202 46.11 24.09 31.49
CA ALA E 202 45.26 22.91 31.57
C ALA E 202 43.81 23.16 31.98
N LEU E 203 43.55 24.11 32.89
CA LEU E 203 42.18 24.40 33.35
C LEU E 203 41.36 25.09 32.26
N ALA E 204 41.89 26.15 31.63
CA ALA E 204 41.17 26.85 30.58
C ALA E 204 40.93 25.92 29.39
N THR E 205 41.94 25.09 29.06
CA THR E 205 41.82 24.13 27.98
C THR E 205 40.73 23.11 28.28
N ALA E 206 40.71 22.56 29.51
CA ALA E 206 39.69 21.57 29.87
C ALA E 206 38.28 22.16 29.81
N ASP E 207 38.10 23.41 30.27
CA ASP E 207 36.84 24.14 30.18
C ASP E 207 36.42 24.30 28.71
N ASN E 208 37.40 24.61 27.85
CA ASN E 208 37.21 24.80 26.42
C ASN E 208 36.83 23.49 25.72
N VAL E 209 37.41 22.37 26.17
CA VAL E 209 37.13 21.03 25.65
C VAL E 209 35.64 20.70 25.87
N ILE E 210 35.14 20.95 27.10
CA ILE E 210 33.74 20.69 27.46
C ILE E 210 32.81 21.58 26.63
N THR E 211 33.22 22.84 26.43
CA THR E 211 32.38 23.80 25.66
C THR E 211 32.28 23.36 24.20
N LEU E 212 33.40 22.94 23.60
CA LEU E 212 33.40 22.52 22.18
C LEU E 212 32.36 21.41 22.00
N LYS E 213 32.45 20.35 22.82
CA LYS E 213 31.53 19.20 22.67
C LYS E 213 30.09 19.68 22.80
N TYR E 214 29.80 20.46 23.83
CA TYR E 214 28.45 21.02 24.01
C TYR E 214 28.00 21.79 22.76
N VAL E 215 28.83 22.70 22.27
CA VAL E 215 28.53 23.52 21.08
C VAL E 215 28.34 22.65 19.83
N ALA E 216 29.27 21.71 19.57
CA ALA E 216 29.19 20.85 18.39
C ALA E 216 27.92 19.99 18.38
N LYS E 217 27.58 19.38 19.52
CA LYS E 217 26.37 18.55 19.63
C LYS E 217 25.10 19.40 19.51
N THR E 218 25.10 20.63 20.05
CA THR E 218 23.94 21.52 19.96
C THR E 218 23.72 21.97 18.52
N LEU E 219 24.78 22.42 17.84
CA LEU E 219 24.69 22.90 16.47
C LEU E 219 24.39 21.79 15.49
N ALA E 220 24.88 20.55 15.74
CA ALA E 220 24.57 19.44 14.86
C ALA E 220 23.07 19.12 14.93
N LEU E 221 22.45 19.14 16.13
CA LEU E 221 21.02 18.88 16.26
C LEU E 221 20.21 19.94 15.50
N GLN E 222 20.66 21.21 15.53
CA GLN E 222 19.99 22.27 14.79
C GLN E 222 19.92 21.97 13.27
N HIS E 223 20.92 21.25 12.73
CA HIS E 223 20.95 20.88 11.31
C HIS E 223 20.43 19.44 11.04
N GLY E 224 19.75 18.82 12.01
CA GLY E 224 19.23 17.47 11.87
C GLY E 224 20.29 16.38 11.84
N LEU E 225 21.46 16.68 12.43
CA LEU E 225 22.63 15.79 12.50
C LEU E 225 22.96 15.44 13.97
N HIS E 226 23.92 14.54 14.19
CA HIS E 226 24.37 14.15 15.53
C HIS E 226 25.89 14.12 15.57
N ALA E 227 26.51 15.00 16.35
CA ALA E 227 27.95 15.01 16.51
C ALA E 227 28.28 14.10 17.66
N THR E 228 29.32 13.27 17.50
CA THR E 228 29.74 12.37 18.56
C THR E 228 31.24 12.34 18.68
N PHE E 229 31.71 12.28 19.92
CA PHE E 229 33.10 12.17 20.29
C PHE E 229 33.39 10.74 20.78
N MET E 230 32.62 9.76 20.28
CA MET E 230 32.84 8.33 20.66
C MET E 230 34.14 7.85 20.03
N PRO E 231 35.00 7.06 20.71
CA PRO E 231 36.30 6.68 20.14
C PRO E 231 36.25 5.87 18.85
N LYS E 232 35.33 4.90 18.74
CA LYS E 232 35.22 4.03 17.57
C LYS E 232 33.74 3.75 17.26
N PRO E 233 33.03 4.72 16.66
CA PRO E 233 31.62 4.50 16.33
C PRO E 233 31.39 3.55 15.15
N ILE E 234 32.38 3.39 14.27
CA ILE E 234 32.25 2.52 13.10
C ILE E 234 33.45 1.58 13.03
N PHE E 235 33.18 0.29 12.79
CA PHE E 235 34.23 -0.72 12.65
C PHE E 235 34.82 -0.63 11.22
N GLY E 236 36.13 -0.84 11.10
CA GLY E 236 36.79 -0.86 9.80
C GLY E 236 37.25 0.49 9.28
N VAL E 237 36.93 1.59 9.98
CA VAL E 237 37.35 2.94 9.59
C VAL E 237 38.15 3.58 10.75
N ASN E 238 38.77 4.75 10.51
CA ASN E 238 39.54 5.46 11.53
C ASN E 238 38.65 5.83 12.72
N GLY E 239 39.24 5.83 13.91
CA GLY E 239 38.55 6.22 15.13
C GLY E 239 38.95 7.61 15.59
N SER E 240 38.07 8.28 16.35
CA SER E 240 38.35 9.64 16.84
C SER E 240 39.33 9.62 18.01
N GLY E 241 40.38 10.43 17.89
CA GLY E 241 41.42 10.61 18.90
C GLY E 241 41.50 12.03 19.41
N MET E 242 42.13 12.20 20.58
CA MET E 242 42.33 13.55 21.17
C MET E 242 43.84 13.73 21.43
N HIS E 243 44.62 13.98 20.37
CA HIS E 243 46.06 14.13 20.49
C HIS E 243 46.33 15.38 21.29
N THR E 244 46.99 15.25 22.44
CA THR E 244 47.22 16.36 23.35
C THR E 244 48.64 16.90 23.29
N ASN E 245 48.81 18.10 22.69
CA ASN E 245 50.10 18.76 22.66
C ASN E 245 50.35 19.31 24.06
N THR E 246 51.44 18.90 24.73
CA THR E 246 51.74 19.33 26.09
C THR E 246 53.15 19.90 26.19
N SER E 247 53.26 20.95 26.98
CA SER E 247 54.52 21.61 27.27
C SER E 247 54.48 22.11 28.71
N LEU E 248 55.65 22.27 29.34
CA LEU E 248 55.76 22.78 30.69
C LEU E 248 56.48 24.13 30.66
N PHE E 249 56.05 25.08 31.51
CA PHE E 249 56.66 26.40 31.59
C PHE E 249 57.20 26.62 33.00
N LYS E 250 58.48 26.98 33.10
CA LYS E 250 59.16 27.24 34.36
C LYS E 250 59.44 28.73 34.45
N ASP E 251 58.52 29.47 35.08
CA ASP E 251 58.63 30.91 35.31
C ASP E 251 58.67 31.74 34.01
N GLY E 252 57.68 31.50 33.15
CA GLY E 252 57.55 32.24 31.89
C GLY E 252 58.38 31.74 30.72
N LYS E 253 59.24 30.73 30.93
CA LYS E 253 60.08 30.16 29.88
C LYS E 253 59.74 28.70 29.66
N ASN E 254 59.81 28.22 28.41
CA ASN E 254 59.47 26.83 28.12
C ASN E 254 60.51 25.90 28.74
N ALA E 255 60.12 25.14 29.78
CA ALA E 255 61.02 24.21 30.48
C ALA E 255 61.50 23.04 29.61
N PHE E 256 60.94 22.90 28.40
CA PHE E 256 61.31 21.75 27.53
C PHE E 256 62.37 22.16 26.50
N TYR E 257 62.74 23.44 26.46
CA TYR E 257 63.73 23.94 25.53
C TYR E 257 65.09 24.17 26.18
N ASP E 258 66.16 23.59 25.59
CA ASP E 258 67.54 23.77 26.04
C ASP E 258 68.39 23.87 24.74
N PRO E 259 68.79 25.08 24.32
CA PRO E 259 69.55 25.19 23.05
C PRO E 259 70.88 24.45 23.00
N ASP E 260 71.50 24.20 24.16
CA ASP E 260 72.80 23.54 24.24
C ASP E 260 72.71 22.01 24.26
N ALA E 261 71.57 21.46 24.70
CA ALA E 261 71.41 20.00 24.79
C ALA E 261 71.20 19.34 23.41
N PRO E 262 71.47 18.02 23.26
CA PRO E 262 71.27 17.39 21.95
C PRO E 262 69.84 17.49 21.45
N ASP E 263 69.69 17.84 20.16
CA ASP E 263 68.40 18.03 19.50
C ASP E 263 67.58 19.18 20.13
N GLN E 264 68.21 20.09 20.91
CA GLN E 264 67.56 21.21 21.58
C GLN E 264 66.37 20.74 22.45
N ILE E 265 66.60 19.66 23.20
CA ILE E 265 65.61 19.03 24.07
C ILE E 265 66.13 19.12 25.48
N SER E 266 65.37 19.76 26.41
CA SER E 266 65.86 19.87 27.77
C SER E 266 65.74 18.53 28.50
N ASP E 267 66.46 18.38 29.62
CA ASP E 267 66.37 17.18 30.45
C ASP E 267 64.94 17.03 30.99
N THR E 268 64.28 18.16 31.34
CA THR E 268 62.91 18.17 31.84
C THR E 268 61.94 17.46 30.88
N LEU E 269 62.14 17.60 29.55
CA LEU E 269 61.27 16.93 28.57
C LEU E 269 61.47 15.42 28.68
N ARG E 270 62.74 14.99 28.66
CA ARG E 270 63.05 13.53 28.74
C ARG E 270 62.44 12.95 30.02
N TYR E 271 62.65 13.61 31.17
CA TYR E 271 62.14 13.08 32.42
C TYR E 271 60.60 13.09 32.43
N PHE E 272 59.95 14.14 31.90
CA PHE E 272 58.49 14.20 31.82
C PHE E 272 57.95 13.04 30.96
N VAL E 273 58.59 12.79 29.81
CA VAL E 273 58.22 11.70 28.90
C VAL E 273 58.39 10.36 29.62
N GLY E 274 59.51 10.19 30.33
CA GLY E 274 59.80 8.99 31.10
C GLY E 274 58.75 8.70 32.14
N GLY E 275 58.26 9.74 32.80
CA GLY E 275 57.22 9.61 33.81
C GLY E 275 55.87 9.22 33.23
N VAL E 276 55.47 9.87 32.13
CA VAL E 276 54.20 9.57 31.46
C VAL E 276 54.20 8.12 30.95
N LEU E 277 55.31 7.69 30.32
CA LEU E 277 55.41 6.33 29.80
C LEU E 277 55.46 5.27 30.90
N LYS E 278 55.93 5.63 32.11
CA LYS E 278 55.98 4.70 33.23
C LYS E 278 54.56 4.36 33.70
N HIS E 279 53.68 5.37 33.77
CA HIS E 279 52.30 5.21 34.23
C HIS E 279 51.28 5.19 33.08
N ILE E 280 51.71 5.05 31.82
CA ILE E 280 50.78 5.12 30.68
C ILE E 280 49.71 4.03 30.69
N ARG E 281 50.03 2.81 31.14
CA ARG E 281 49.01 1.74 31.22
C ARG E 281 47.88 2.19 32.15
N ALA E 282 48.22 2.81 33.27
CA ALA E 282 47.26 3.29 34.24
C ALA E 282 46.50 4.54 33.74
N ILE E 283 47.21 5.46 33.06
CA ILE E 283 46.61 6.69 32.51
C ILE E 283 45.55 6.32 31.46
N THR E 284 45.74 5.20 30.72
CA THR E 284 44.80 4.76 29.70
C THR E 284 43.38 4.55 30.26
N ALA E 285 43.24 4.16 31.53
CA ALA E 285 41.91 4.00 32.14
C ALA E 285 41.15 5.34 32.22
N ILE E 286 41.89 6.47 32.31
CA ILE E 286 41.33 7.81 32.41
C ILE E 286 41.15 8.43 31.01
N THR E 287 42.20 8.36 30.17
CA THR E 287 42.21 8.95 28.83
C THR E 287 41.41 8.16 27.78
N ASN E 288 41.19 6.87 28.04
CA ASN E 288 40.45 5.93 27.18
C ASN E 288 39.48 5.21 28.15
N PRO E 289 38.43 5.90 28.66
CA PRO E 289 37.61 5.31 29.72
C PRO E 289 36.45 4.41 29.34
N LEU E 290 36.05 4.38 28.06
CA LEU E 290 34.91 3.55 27.64
C LEU E 290 35.37 2.18 27.19
N VAL E 291 34.42 1.22 27.15
CA VAL E 291 34.69 -0.12 26.62
C VAL E 291 35.06 0.01 25.12
N ASN E 292 34.36 0.94 24.41
CA ASN E 292 34.59 1.23 23.00
C ASN E 292 35.96 1.86 22.71
N SER E 293 36.57 2.53 23.71
CA SER E 293 37.90 3.12 23.54
C SER E 293 38.96 2.12 23.13
N TYR E 294 38.82 0.87 23.53
CA TYR E 294 39.78 -0.19 23.21
C TYR E 294 39.53 -0.83 21.84
N LYS E 295 38.39 -0.52 21.18
CA LYS E 295 38.15 -0.91 19.79
C LYS E 295 38.88 0.09 18.84
N ARG E 296 39.26 1.30 19.35
CA ARG E 296 40.05 2.30 18.64
C ARG E 296 41.53 1.93 18.76
N LEU E 297 41.97 1.45 19.94
CA LEU E 297 43.36 1.05 20.17
C LEU E 297 43.65 -0.32 19.55
N VAL E 298 43.59 -0.39 18.22
CA VAL E 298 43.85 -1.58 17.43
C VAL E 298 44.81 -1.19 16.27
N PRO E 299 45.72 -2.08 15.80
CA PRO E 299 46.61 -1.68 14.70
C PRO E 299 45.88 -1.43 13.38
N GLY E 300 46.48 -0.60 12.52
CA GLY E 300 45.94 -0.29 11.20
C GLY E 300 45.40 1.13 11.01
N TYR E 301 45.18 1.86 12.11
CA TYR E 301 44.66 3.24 12.06
C TYR E 301 45.66 4.22 12.73
N GLU E 302 45.36 5.52 12.76
CA GLU E 302 46.33 6.54 13.29
C GLU E 302 46.48 6.44 14.81
N ALA E 303 45.75 5.55 15.47
CA ALA E 303 45.76 5.40 16.92
C ALA E 303 46.99 4.63 17.38
N PRO E 304 47.74 5.13 18.38
CA PRO E 304 48.91 4.37 18.86
C PRO E 304 48.47 3.17 19.68
N VAL E 305 49.21 2.08 19.58
CA VAL E 305 48.95 0.84 20.32
C VAL E 305 50.18 0.41 21.12
N TYR E 306 51.39 0.66 20.58
CA TYR E 306 52.65 0.30 21.19
C TYR E 306 53.22 1.46 22.02
N ILE E 307 53.79 1.16 23.20
CA ILE E 307 54.34 2.18 24.11
C ILE E 307 55.75 2.60 23.69
N THR E 308 55.85 3.62 22.83
CA THR E 308 57.12 4.17 22.34
C THR E 308 57.05 5.70 22.22
N TRP E 309 58.21 6.35 22.14
CA TRP E 309 58.30 7.79 21.90
C TRP E 309 59.34 8.03 20.81
N SER E 310 59.12 9.04 19.96
CA SER E 310 60.01 9.32 18.84
C SER E 310 59.85 10.78 18.35
N GLY E 311 60.55 11.14 17.27
CA GLY E 311 60.46 12.45 16.66
C GLY E 311 59.21 12.59 15.79
N PRO E 312 59.14 13.60 14.91
CA PRO E 312 57.91 13.78 14.09
C PRO E 312 57.64 12.77 12.99
N ASN E 313 58.69 12.21 12.38
CA ASN E 313 58.50 11.32 11.20
C ASN E 313 57.70 10.06 11.56
N ARG E 314 57.70 9.66 12.84
CA ARG E 314 57.04 8.40 13.24
C ARG E 314 55.81 8.70 14.10
N SER E 315 54.71 7.96 13.86
CA SER E 315 53.47 8.12 14.60
C SER E 315 53.50 7.24 15.86
N SER E 316 54.41 7.57 16.78
CA SER E 316 54.55 6.84 18.04
C SER E 316 53.49 7.30 19.07
N LEU E 317 53.53 6.74 20.28
CA LEU E 317 52.59 7.11 21.33
C LEU E 317 52.80 8.57 21.72
N ILE E 318 54.05 8.94 22.01
CA ILE E 318 54.49 10.30 22.30
C ILE E 318 55.36 10.71 21.12
N ARG E 319 55.08 11.89 20.55
CA ARG E 319 55.82 12.43 19.42
C ARG E 319 56.42 13.76 19.82
N VAL E 320 57.68 14.02 19.45
CA VAL E 320 58.33 15.30 19.76
C VAL E 320 58.39 16.10 18.46
N PRO E 321 57.46 17.05 18.20
CA PRO E 321 57.50 17.80 16.93
C PRO E 321 58.77 18.62 16.71
N ALA E 322 59.05 19.00 15.45
CA ALA E 322 60.24 19.77 15.10
C ALA E 322 60.28 21.20 15.70
N PRO E 323 59.17 21.98 15.70
CA PRO E 323 59.23 23.34 16.31
C PRO E 323 59.93 23.43 17.67
N ARG E 324 60.88 24.36 17.81
CA ARG E 324 61.63 24.57 19.04
C ARG E 324 61.33 26.00 19.59
N GLY E 325 62.12 26.49 20.56
CA GLY E 325 61.91 27.79 21.16
C GLY E 325 60.74 27.73 22.12
N ASN E 326 59.82 28.70 22.03
CA ASN E 326 58.61 28.74 22.85
C ASN E 326 57.59 27.66 22.47
N SER E 327 57.71 27.05 21.28
CA SER E 327 56.79 26.03 20.80
C SER E 327 57.30 24.59 20.99
N THR E 328 58.39 24.34 21.75
CA THR E 328 58.83 22.96 22.00
C THR E 328 57.75 22.26 22.84
N ARG E 329 57.39 21.04 22.47
CA ARG E 329 56.31 20.31 23.11
C ARG E 329 56.38 18.81 22.79
N ILE E 330 55.48 18.02 23.40
CA ILE E 330 55.31 16.60 23.14
C ILE E 330 53.84 16.36 22.82
N GLU E 331 53.55 15.48 21.86
CA GLU E 331 52.20 15.18 21.45
C GLU E 331 51.83 13.79 21.94
N ILE E 332 51.00 13.70 22.99
CA ILE E 332 50.55 12.42 23.54
C ILE E 332 49.32 12.04 22.73
N ARG E 333 49.44 11.01 21.89
CA ARG E 333 48.41 10.62 20.94
C ARG E 333 47.47 9.48 21.38
N SER E 334 47.65 8.91 22.58
CA SER E 334 46.78 7.80 23.04
C SER E 334 45.37 8.20 23.47
N PRO E 335 45.13 9.39 24.07
CA PRO E 335 43.77 9.71 24.50
C PRO E 335 42.74 9.81 23.39
N ASP E 336 41.47 9.56 23.74
CA ASP E 336 40.34 9.74 22.83
C ASP E 336 39.48 10.90 23.35
N PRO E 337 38.64 11.53 22.49
CA PRO E 337 37.89 12.71 22.97
C PRO E 337 36.68 12.39 23.86
N SER E 338 36.47 11.13 24.25
CA SER E 338 35.41 10.78 25.19
C SER E 338 35.90 10.87 26.67
N CYS E 339 37.20 11.12 26.90
CA CYS E 339 37.75 11.23 28.25
C CYS E 339 37.33 12.51 28.95
N ASN E 340 37.36 12.49 30.29
CA ASN E 340 37.07 13.66 31.09
C ASN E 340 38.35 14.51 30.98
N PRO E 341 38.29 15.72 30.38
CA PRO E 341 39.51 16.52 30.24
C PRO E 341 40.13 16.95 31.55
N TYR E 342 39.30 17.38 32.54
CA TYR E 342 39.81 17.81 33.85
C TYR E 342 40.58 16.66 34.52
N LEU E 343 39.97 15.48 34.52
CA LEU E 343 40.61 14.30 35.15
C LEU E 343 41.81 13.85 34.33
N ALA E 344 41.69 13.81 33.00
CA ALA E 344 42.79 13.33 32.19
C ALA E 344 44.03 14.21 32.37
N PHE E 345 43.88 15.54 32.26
CA PHE E 345 45.01 16.45 32.40
C PHE E 345 45.68 16.34 33.80
N ALA E 346 44.91 15.99 34.84
CA ALA E 346 45.50 15.79 36.17
C ALA E 346 46.41 14.54 36.16
N ALA E 347 46.02 13.48 35.42
CA ALA E 347 46.78 12.24 35.37
C ALA E 347 48.10 12.40 34.62
N ILE E 348 48.10 13.10 33.46
CA ILE E 348 49.34 13.31 32.71
C ILE E 348 50.28 14.20 33.51
N LEU E 349 49.75 15.26 34.14
CA LEU E 349 50.59 16.18 34.90
C LEU E 349 51.25 15.49 36.09
N ALA E 350 50.49 14.67 36.84
CA ALA E 350 51.04 13.97 38.00
C ALA E 350 52.10 12.94 37.60
N ALA E 351 51.86 12.17 36.53
CA ALA E 351 52.82 11.17 36.06
C ALA E 351 54.06 11.86 35.49
N GLY E 352 53.87 12.92 34.72
CA GLY E 352 54.97 13.67 34.13
C GLY E 352 55.82 14.37 35.17
N LEU E 353 55.19 14.95 36.23
CA LEU E 353 55.96 15.62 37.28
C LEU E 353 56.73 14.61 38.13
N ASP E 354 56.20 13.39 38.31
CA ASP E 354 56.95 12.34 39.01
C ASP E 354 58.22 11.99 38.20
N GLY E 355 58.13 12.03 36.86
CA GLY E 355 59.24 11.84 35.96
C GLY E 355 60.35 12.85 36.21
N VAL E 356 59.96 14.14 36.29
CA VAL E 356 60.87 15.25 36.55
C VAL E 356 61.47 15.16 37.96
N LYS E 357 60.62 14.94 38.98
CA LYS E 357 61.07 14.85 40.37
C LYS E 357 62.10 13.72 40.54
N ASN E 358 61.74 12.49 40.13
CA ASN E 358 62.61 11.32 40.31
C ASN E 358 63.65 11.13 39.20
N LYS E 359 63.80 12.10 38.27
CA LYS E 359 64.77 12.00 37.18
C LYS E 359 64.71 10.66 36.43
N ILE E 360 63.52 10.29 35.95
CA ILE E 360 63.29 9.03 35.25
C ILE E 360 63.71 9.14 33.80
N GLU E 361 64.79 8.47 33.42
CA GLU E 361 65.21 8.49 31.99
C GLU E 361 64.23 7.66 31.17
N PRO E 362 63.72 8.16 30.03
CA PRO E 362 62.80 7.39 29.18
C PRO E 362 63.52 6.33 28.36
N PRO E 363 62.78 5.35 27.81
CA PRO E 363 63.43 4.33 26.96
C PRO E 363 63.98 4.92 25.65
N GLU E 364 64.71 4.11 24.90
CA GLU E 364 65.33 4.53 23.64
C GLU E 364 64.24 4.88 22.62
N ARG E 365 64.48 5.93 21.82
CA ARG E 365 63.51 6.35 20.82
C ARG E 365 63.41 5.31 19.71
N VAL E 366 62.18 4.97 19.32
CA VAL E 366 61.93 3.98 18.27
C VAL E 366 61.59 4.76 17.01
N GLU E 367 62.59 5.06 16.19
CA GLU E 367 62.34 5.90 14.99
C GLU E 367 61.74 5.06 13.86
N LYS E 368 61.97 3.74 13.85
CA LYS E 368 61.47 2.88 12.79
C LYS E 368 59.93 2.80 12.86
N ASN E 369 59.26 2.37 11.77
CA ASN E 369 57.81 2.21 11.79
C ASN E 369 57.54 0.95 12.60
N ILE E 370 56.80 1.09 13.70
CA ILE E 370 56.56 -0.01 14.63
C ILE E 370 55.56 -1.04 14.07
N TYR E 371 54.61 -0.59 13.22
CA TYR E 371 53.62 -1.47 12.61
C TYR E 371 54.26 -2.46 11.63
N LYS E 372 55.26 -2.01 10.85
CA LYS E 372 55.95 -2.86 9.87
C LYS E 372 56.84 -3.95 10.52
N LEU E 373 56.99 -3.89 11.84
CA LEU E 373 57.80 -4.91 12.55
C LEU E 373 56.87 -6.01 13.06
N THR E 374 57.29 -7.28 12.91
CA THR E 374 56.47 -8.38 13.42
C THR E 374 56.74 -8.62 14.95
N GLU E 375 56.05 -9.62 15.55
CA GLU E 375 56.15 -9.94 16.97
C GLU E 375 57.59 -10.12 17.43
N GLU E 376 58.40 -10.89 16.68
CA GLU E 376 59.80 -11.18 17.03
C GLU E 376 60.63 -9.88 17.04
N GLU E 377 60.39 -9.01 16.05
CA GLU E 377 61.18 -7.75 15.94
C GLU E 377 60.82 -6.82 17.10
N ARG E 378 59.54 -6.78 17.49
CA ARG E 378 59.09 -5.94 18.60
C ARG E 378 59.60 -6.50 19.94
N GLU E 379 59.58 -7.83 20.13
CA GLU E 379 60.04 -8.49 21.35
C GLU E 379 61.52 -8.17 21.61
N LYS E 380 62.34 -8.14 20.56
CA LYS E 380 63.76 -7.82 20.69
C LYS E 380 63.95 -6.39 21.20
N LEU E 381 63.19 -5.42 20.67
CA LEU E 381 63.27 -4.02 21.11
C LEU E 381 62.50 -3.72 22.43
N GLY E 382 61.90 -4.75 23.06
CA GLY E 382 61.18 -4.62 24.32
C GLY E 382 60.04 -3.63 24.33
N ILE E 383 59.25 -3.63 23.26
CA ILE E 383 58.15 -2.69 23.10
C ILE E 383 56.90 -3.21 23.82
N GLY E 384 56.37 -2.48 24.82
CA GLY E 384 55.16 -2.90 25.50
C GLY E 384 53.93 -2.48 24.71
N MET E 385 52.77 -2.99 25.12
CA MET E 385 51.49 -2.69 24.51
C MET E 385 50.58 -2.02 25.50
N LEU E 386 49.70 -1.15 25.01
CA LEU E 386 48.71 -0.51 25.86
C LEU E 386 47.65 -1.56 26.27
N PRO E 387 46.89 -1.35 27.35
CA PRO E 387 45.85 -2.31 27.73
C PRO E 387 44.87 -2.61 26.58
N GLY E 388 44.54 -3.89 26.38
CA GLY E 388 43.66 -4.31 25.30
C GLY E 388 42.18 -4.17 25.60
N THR E 389 41.81 -4.17 26.90
CA THR E 389 40.41 -4.04 27.34
C THR E 389 40.31 -2.97 28.45
N LEU E 390 39.08 -2.53 28.76
CA LEU E 390 38.85 -1.55 29.83
C LEU E 390 39.21 -2.16 31.18
N LYS E 391 38.84 -3.44 31.40
CA LYS E 391 39.16 -4.14 32.64
C LYS E 391 40.66 -4.22 32.87
N GLU E 392 41.43 -4.42 31.79
CA GLU E 392 42.88 -4.54 31.85
C GLU E 392 43.50 -3.20 32.27
N ALA E 393 42.95 -2.07 31.79
CA ALA E 393 43.45 -0.74 32.16
C ALA E 393 43.04 -0.37 33.59
N ILE E 394 41.83 -0.75 34.01
CA ILE E 394 41.35 -0.46 35.36
C ILE E 394 42.18 -1.23 36.39
N GLU E 395 42.56 -2.47 36.09
CA GLU E 395 43.40 -3.25 37.01
C GLU E 395 44.77 -2.58 37.17
N CYS E 396 45.34 -2.05 36.08
CA CYS E 396 46.61 -1.34 36.12
C CYS E 396 46.48 -0.01 36.86
N PHE E 397 45.35 0.70 36.68
CA PHE E 397 45.08 1.97 37.37
C PHE E 397 44.91 1.77 38.87
N LYS E 398 44.24 0.70 39.27
CA LYS E 398 44.00 0.38 40.68
C LYS E 398 45.32 0.22 41.45
N GLU E 399 46.34 -0.37 40.81
CA GLU E 399 47.64 -0.60 41.42
C GLU E 399 48.57 0.62 41.40
N ASP E 400 48.30 1.62 40.54
CA ASP E 400 49.12 2.81 40.44
C ASP E 400 48.77 3.76 41.59
N GLU E 401 49.50 3.64 42.72
CA GLU E 401 49.25 4.46 43.90
C GLU E 401 49.41 5.96 43.66
N LEU E 402 50.29 6.35 42.75
CA LEU E 402 50.51 7.76 42.47
C LEU E 402 49.27 8.41 41.86
N LEU E 403 48.70 7.82 40.81
CA LEU E 403 47.51 8.37 40.17
C LEU E 403 46.30 8.33 41.06
N VAL E 404 46.18 7.32 41.93
CA VAL E 404 45.05 7.21 42.84
C VAL E 404 45.11 8.38 43.85
N SER E 405 46.32 8.69 44.35
CA SER E 405 46.50 9.79 45.30
C SER E 405 46.36 11.16 44.61
N ALA E 406 46.83 11.29 43.36
CA ALA E 406 46.75 12.53 42.61
C ALA E 406 45.29 12.87 42.26
N LEU E 407 44.50 11.88 41.84
CA LEU E 407 43.09 12.12 41.53
C LEU E 407 42.17 12.06 42.77
N GLY E 408 42.66 11.53 43.89
CA GLY E 408 41.90 11.41 45.11
C GLY E 408 41.18 10.08 45.19
N GLU E 409 40.95 9.58 46.40
CA GLU E 409 40.32 8.25 46.57
C GLU E 409 38.86 8.30 46.07
N HIS E 410 38.18 9.43 46.27
CA HIS E 410 36.78 9.54 45.87
C HIS E 410 36.60 9.41 44.36
N VAL E 411 37.41 10.15 43.58
CA VAL E 411 37.36 10.13 42.12
C VAL E 411 37.84 8.78 41.58
N SER E 412 38.96 8.26 42.10
CA SER E 412 39.49 6.99 41.63
C SER E 412 38.50 5.85 41.86
N GLN E 413 37.83 5.84 43.01
CA GLN E 413 36.83 4.78 43.29
C GLN E 413 35.67 4.92 42.30
N SER E 414 35.23 6.16 42.04
CA SER E 414 34.09 6.41 41.11
C SER E 414 34.44 5.87 39.73
N ILE E 415 35.66 6.13 39.25
CA ILE E 415 36.09 5.66 37.90
C ILE E 415 36.04 4.13 37.89
N ILE E 416 36.53 3.48 38.94
CA ILE E 416 36.59 2.03 38.97
C ILE E 416 35.19 1.44 39.03
N ASN E 417 34.30 2.00 39.83
CA ASN E 417 32.93 1.51 39.95
C ASN E 417 32.14 1.64 38.64
N VAL E 418 32.22 2.81 37.99
CA VAL E 418 31.51 3.04 36.72
C VAL E 418 32.06 2.10 35.63
N ALA E 419 33.40 2.00 35.52
CA ALA E 419 34.02 1.16 34.50
C ALA E 419 33.71 -0.32 34.70
N MET E 420 33.72 -0.78 35.96
CA MET E 420 33.46 -2.21 36.25
C MET E 420 31.98 -2.53 35.99
N ALA E 421 31.08 -1.58 36.28
CA ALA E 421 29.66 -1.81 36.03
C ALA E 421 29.42 -1.95 34.52
N ASP E 422 30.10 -1.12 33.70
CA ASP E 422 30.01 -1.20 32.24
C ASP E 422 30.62 -2.49 31.72
N TRP E 423 31.80 -2.88 32.24
CA TRP E 423 32.49 -4.08 31.79
C TRP E 423 31.70 -5.35 32.15
N ASP E 424 31.18 -5.43 33.39
CA ASP E 424 30.39 -6.60 33.79
C ASP E 424 29.11 -6.75 32.95
N SER E 425 28.54 -5.63 32.46
CA SER E 425 27.36 -5.68 31.60
C SER E 425 27.74 -6.08 30.17
N TYR E 426 28.85 -5.53 29.66
CA TYR E 426 29.35 -5.81 28.31
C TYR E 426 29.81 -7.27 28.14
N ARG E 427 30.58 -7.80 29.10
CA ARG E 427 31.12 -9.15 28.99
C ARG E 427 30.07 -10.25 28.95
N THR E 428 28.94 -10.08 29.66
CA THR E 428 27.87 -11.08 29.66
C THR E 428 27.00 -11.02 28.39
N GLN E 429 26.97 -9.88 27.68
CA GLN E 429 26.14 -9.71 26.49
C GLN E 429 26.51 -10.65 25.35
N VAL E 430 25.48 -11.06 24.57
CA VAL E 430 25.64 -11.90 23.39
C VAL E 430 25.50 -10.97 22.19
N HIS E 431 26.62 -10.72 21.52
CA HIS E 431 26.62 -9.75 20.39
C HIS E 431 26.22 -10.41 19.08
N GLN E 432 25.82 -9.61 18.10
CA GLN E 432 25.38 -10.10 16.81
C GLN E 432 26.49 -10.86 16.09
N TRP E 433 27.78 -10.47 16.29
CA TRP E 433 28.92 -11.15 15.67
C TRP E 433 28.91 -12.65 15.97
N GLU E 434 28.53 -13.00 17.21
CA GLU E 434 28.51 -14.38 17.66
C GLU E 434 27.42 -15.16 16.93
N LEU E 435 26.23 -14.56 16.77
CA LEU E 435 25.15 -15.21 16.04
C LEU E 435 25.53 -15.35 14.56
N ASP E 436 26.14 -14.32 13.97
CA ASP E 436 26.57 -14.36 12.57
C ASP E 436 27.66 -15.43 12.33
N ARG E 437 28.52 -15.69 13.32
CA ARG E 437 29.62 -16.65 13.20
C ARG E 437 29.22 -18.09 13.56
N TYR E 438 28.29 -18.30 14.50
CA TYR E 438 28.00 -19.65 15.00
C TYR E 438 26.58 -20.20 14.83
N LEU E 439 25.54 -19.35 14.78
CA LEU E 439 24.15 -19.84 14.73
C LEU E 439 23.84 -20.80 13.59
N GLN E 440 24.30 -20.50 12.38
CA GLN E 440 23.94 -21.36 11.21
C GLN E 440 24.69 -22.69 11.27
N THR E 441 25.97 -22.67 11.66
CA THR E 441 26.79 -23.87 11.67
C THR E 441 26.57 -24.79 12.88
N TYR E 442 26.66 -24.24 14.11
CA TYR E 442 26.51 -25.04 15.32
C TYR E 442 25.05 -25.22 15.69
N SER F 3 26.25 54.96 -34.64
CA SER F 3 25.96 53.76 -35.43
C SER F 3 25.20 52.69 -34.58
N LYS F 4 25.05 51.45 -35.09
CA LYS F 4 24.28 50.43 -34.38
C LYS F 4 25.05 49.79 -33.24
N GLU F 5 26.35 49.54 -33.43
CA GLU F 5 27.21 48.96 -32.39
C GLU F 5 27.25 49.86 -31.15
N ASP F 6 27.29 51.18 -31.34
CA ASP F 6 27.29 52.12 -30.22
C ASP F 6 25.97 52.05 -29.46
N GLU F 7 24.85 51.92 -30.18
CA GLU F 7 23.52 51.81 -29.57
C GLU F 7 23.42 50.51 -28.77
N ILE F 8 24.00 49.40 -29.27
CA ILE F 8 24.00 48.12 -28.57
C ILE F 8 24.69 48.27 -27.20
N PHE F 9 25.91 48.84 -27.20
CA PHE F 9 26.64 49.03 -25.95
C PHE F 9 25.94 49.98 -24.97
N ARG F 10 25.12 50.92 -25.46
CA ARG F 10 24.35 51.82 -24.59
C ARG F 10 23.24 51.03 -23.89
N ILE F 11 22.58 50.10 -24.60
CA ILE F 11 21.53 49.26 -24.01
C ILE F 11 22.17 48.29 -23.00
N VAL F 12 23.40 47.82 -23.26
CA VAL F 12 24.15 46.93 -22.37
C VAL F 12 24.32 47.57 -20.98
N GLU F 13 24.86 48.81 -20.93
CA GLU F 13 25.07 49.51 -19.66
C GLU F 13 23.77 49.91 -18.98
N GLU F 14 22.75 50.33 -19.77
CA GLU F 14 21.47 50.74 -19.22
C GLU F 14 20.72 49.56 -18.58
N LYS F 15 20.45 48.49 -19.35
CA LYS F 15 19.74 47.33 -18.84
C LYS F 15 20.62 46.36 -18.02
N ASN F 16 21.95 46.55 -18.01
CA ASN F 16 22.90 45.72 -17.25
C ASN F 16 22.89 44.26 -17.75
N VAL F 17 23.17 44.05 -19.05
CA VAL F 17 23.23 42.69 -19.60
C VAL F 17 24.66 42.18 -19.36
N ARG F 18 24.77 40.93 -18.92
CA ARG F 18 26.06 40.29 -18.63
C ARG F 18 26.38 39.15 -19.60
N PHE F 19 25.37 38.58 -20.28
CA PHE F 19 25.57 37.48 -21.23
C PHE F 19 24.80 37.74 -22.49
N VAL F 20 25.37 37.28 -23.62
CA VAL F 20 24.77 37.45 -24.93
C VAL F 20 24.74 36.09 -25.62
N ARG F 21 23.60 35.76 -26.25
CA ARG F 21 23.34 34.51 -26.95
C ARG F 21 23.53 34.72 -28.43
N LEU F 22 24.53 34.07 -29.03
CA LEU F 22 24.75 34.19 -30.46
C LEU F 22 23.93 33.12 -31.16
N GLN F 23 22.67 33.45 -31.46
CA GLN F 23 21.75 32.53 -32.08
C GLN F 23 22.00 32.28 -33.55
N PHE F 24 21.57 31.11 -33.99
CA PHE F 24 21.55 30.70 -35.38
C PHE F 24 20.66 29.44 -35.50
N VAL F 25 20.37 28.98 -36.72
CA VAL F 25 19.55 27.77 -36.89
C VAL F 25 20.25 26.80 -37.82
N ASP F 26 20.01 25.52 -37.59
CA ASP F 26 20.54 24.45 -38.43
C ASP F 26 19.60 24.28 -39.67
N VAL F 27 19.89 23.33 -40.57
CA VAL F 27 19.05 23.15 -41.78
C VAL F 27 17.63 22.69 -41.44
N GLN F 28 17.38 22.17 -40.22
CA GLN F 28 16.06 21.72 -39.81
C GLN F 28 15.23 22.78 -39.05
N GLY F 29 15.72 24.02 -38.96
CA GLY F 29 14.99 25.09 -38.28
C GLY F 29 15.12 25.07 -36.77
N ILE F 30 16.02 24.25 -36.21
CA ILE F 30 16.20 24.15 -34.76
C ILE F 30 17.17 25.23 -34.31
N PRO F 31 16.81 26.03 -33.28
CA PRO F 31 17.73 27.08 -32.83
C PRO F 31 18.94 26.54 -32.08
N LYS F 32 20.12 27.04 -32.46
CA LYS F 32 21.41 26.74 -31.85
C LYS F 32 22.04 28.05 -31.39
N ASN F 33 22.94 28.01 -30.40
CA ASN F 33 23.56 29.24 -29.91
C ASN F 33 24.90 29.02 -29.20
N VAL F 34 25.61 30.13 -28.95
CA VAL F 34 26.87 30.15 -28.22
C VAL F 34 26.69 31.25 -27.19
N ALA F 35 26.81 30.90 -25.90
CA ALA F 35 26.68 31.88 -24.84
C ALA F 35 28.04 32.51 -24.58
N ILE F 36 28.13 33.84 -24.64
CA ILE F 36 29.38 34.54 -24.38
C ILE F 36 29.16 35.59 -23.31
N PRO F 37 30.15 35.85 -22.43
CA PRO F 37 29.99 36.98 -21.48
C PRO F 37 30.05 38.31 -22.24
N VAL F 38 29.48 39.35 -21.65
CA VAL F 38 29.42 40.67 -22.28
C VAL F 38 30.81 41.26 -22.61
N GLY F 39 31.86 40.80 -21.93
CA GLY F 39 33.22 41.22 -22.23
C GLY F 39 33.66 40.83 -23.63
N GLN F 40 33.04 39.79 -24.19
CA GLN F 40 33.43 39.31 -25.55
C GLN F 40 32.51 39.89 -26.62
N LEU F 41 31.52 40.72 -26.24
CA LEU F 41 30.59 41.30 -27.21
C LEU F 41 31.30 42.17 -28.25
N GLU F 42 32.35 42.90 -27.84
CA GLU F 42 33.11 43.73 -28.77
C GLU F 42 33.81 42.83 -29.81
N LYS F 43 34.35 41.67 -29.36
CA LYS F 43 35.00 40.68 -30.22
C LYS F 43 34.01 40.05 -31.21
N ALA F 44 32.75 39.82 -30.79
CA ALA F 44 31.74 39.22 -31.65
C ALA F 44 31.28 40.20 -32.74
N LEU F 45 31.01 41.46 -32.38
CA LEU F 45 30.60 42.46 -33.38
C LEU F 45 31.76 42.86 -34.32
N GLY F 46 33.01 42.61 -33.92
CA GLY F 46 34.20 42.92 -34.73
C GLY F 46 34.65 41.72 -35.54
N PRO F 47 35.70 40.98 -35.14
CA PRO F 47 36.21 39.85 -35.96
C PRO F 47 35.29 38.62 -35.92
N GLY F 48 34.37 38.55 -34.96
CA GLY F 48 33.46 37.41 -34.82
C GLY F 48 33.99 36.33 -33.90
N ILE F 49 33.10 35.40 -33.49
CA ILE F 49 33.42 34.28 -32.59
C ILE F 49 33.50 32.98 -33.39
N HIS F 50 34.53 32.19 -33.10
CA HIS F 50 34.73 30.90 -33.82
C HIS F 50 33.96 29.77 -33.17
N PHE F 51 33.55 28.79 -33.97
CA PHE F 51 32.83 27.61 -33.48
C PHE F 51 32.92 26.46 -34.50
N ASP F 52 32.55 25.23 -34.11
CA ASP F 52 32.56 24.09 -35.03
C ASP F 52 31.21 23.99 -35.76
N GLY F 53 31.24 24.16 -37.09
CA GLY F 53 30.06 24.16 -37.94
C GLY F 53 29.44 22.82 -38.29
N SER F 54 29.82 21.73 -37.61
CA SER F 54 29.17 20.42 -37.82
C SER F 54 27.75 20.35 -37.19
N SER F 55 27.24 21.47 -36.63
CA SER F 55 25.94 21.61 -35.99
C SER F 55 24.88 22.05 -36.99
N ILE F 56 25.24 22.81 -38.01
CA ILE F 56 24.19 23.36 -38.92
C ILE F 56 23.68 22.26 -39.86
N GLU F 57 24.45 21.19 -40.04
CA GLU F 57 24.05 20.09 -40.97
C GLU F 57 23.29 18.99 -40.22
N GLY F 58 22.98 19.20 -38.94
CA GLY F 58 22.25 18.21 -38.15
C GLY F 58 23.04 16.95 -37.89
N SER F 65 35.78 22.83 -41.01
CA SER F 65 35.11 22.46 -39.77
C SER F 65 34.83 23.72 -38.94
N ASP F 66 35.88 24.50 -38.68
CA ASP F 66 35.73 25.75 -37.90
C ASP F 66 35.04 26.82 -38.76
N MET F 67 34.19 27.62 -38.12
CA MET F 67 33.46 28.70 -38.84
C MET F 67 33.39 29.92 -37.91
N VAL F 68 32.83 31.02 -38.41
CA VAL F 68 32.71 32.25 -37.65
C VAL F 68 31.26 32.70 -37.55
N LEU F 69 30.87 33.26 -36.40
CA LEU F 69 29.53 33.79 -36.18
C LEU F 69 29.60 35.30 -36.40
N ARG F 70 28.73 35.83 -37.28
CA ARG F 70 28.65 37.23 -37.61
C ARG F 70 27.32 37.78 -37.16
N PRO F 71 27.27 38.38 -35.96
CA PRO F 71 26.00 38.91 -35.46
C PRO F 71 25.40 40.01 -36.33
N ASP F 72 24.06 40.01 -36.47
CA ASP F 72 23.34 41.04 -37.21
C ASP F 72 23.01 42.11 -36.17
N PRO F 73 23.63 43.31 -36.21
CA PRO F 73 23.32 44.32 -35.17
C PRO F 73 21.85 44.73 -35.05
N ASP F 74 21.08 44.62 -36.14
CA ASP F 74 19.65 44.97 -36.12
C ASP F 74 18.80 44.02 -35.27
N THR F 75 19.31 42.80 -34.97
CA THR F 75 18.60 41.78 -34.21
C THR F 75 18.97 41.74 -32.72
N PHE F 76 19.70 42.75 -32.21
CA PHE F 76 20.06 42.77 -30.80
C PHE F 76 18.82 43.04 -29.96
N ARG F 77 18.45 42.06 -29.12
CA ARG F 77 17.24 42.20 -28.27
C ARG F 77 17.53 41.69 -26.87
N VAL F 78 17.06 42.40 -25.85
CA VAL F 78 17.25 41.98 -24.45
C VAL F 78 16.11 41.00 -24.11
N LEU F 79 16.48 39.89 -23.48
CA LEU F 79 15.50 38.84 -23.16
C LEU F 79 14.81 39.19 -21.85
N PRO F 80 13.47 39.39 -21.83
CA PRO F 80 12.76 39.81 -20.61
C PRO F 80 13.08 38.95 -19.38
N TRP F 81 13.28 37.65 -19.58
CA TRP F 81 13.54 36.72 -18.46
C TRP F 81 14.93 37.02 -17.88
N SER F 82 15.01 37.20 -16.57
CA SER F 82 16.30 37.50 -15.90
C SER F 82 16.03 37.57 -14.40
N THR F 87 20.79 40.23 -13.24
CA THR F 87 21.61 40.46 -14.43
C THR F 87 20.77 40.17 -15.67
N ALA F 88 20.69 41.14 -16.59
CA ALA F 88 19.93 40.96 -17.83
C ALA F 88 20.71 40.07 -18.84
N GLU F 89 20.03 39.62 -19.90
CA GLU F 89 20.62 38.76 -20.92
C GLU F 89 20.15 39.24 -22.28
N ALA F 90 20.96 39.07 -23.32
CA ALA F 90 20.62 39.56 -24.66
C ALA F 90 20.88 38.50 -25.73
N ARG F 91 20.32 38.69 -26.94
CA ARG F 91 20.52 37.75 -28.03
C ARG F 91 20.86 38.48 -29.31
N LEU F 92 21.50 37.76 -30.22
CA LEU F 92 21.89 38.29 -31.51
C LEU F 92 21.79 37.19 -32.54
N ILE F 93 20.95 37.43 -33.55
CA ILE F 93 20.83 36.48 -34.69
C ILE F 93 22.12 36.59 -35.49
N CYS F 94 22.76 35.47 -35.78
CA CYS F 94 24.03 35.47 -36.48
C CYS F 94 23.95 34.81 -37.83
N ASP F 95 24.76 35.33 -38.75
CA ASP F 95 24.98 34.78 -40.06
C ASP F 95 26.30 34.03 -39.96
N ILE F 96 26.44 32.94 -40.68
CA ILE F 96 27.63 32.09 -40.57
C ILE F 96 28.55 32.35 -41.74
N GLU F 97 29.84 32.61 -41.43
CA GLU F 97 30.88 32.92 -42.41
C GLU F 97 32.03 31.93 -42.28
N LEU F 98 32.77 31.72 -43.38
CA LEU F 98 33.92 30.82 -43.36
C LEU F 98 35.13 31.59 -42.80
N PRO F 99 36.21 30.91 -42.38
CA PRO F 99 37.33 31.64 -41.75
C PRO F 99 37.91 32.81 -42.56
N ASP F 100 37.88 32.75 -43.90
CA ASP F 100 38.40 33.81 -44.73
C ASP F 100 37.53 35.08 -44.70
N GLY F 101 36.22 34.91 -44.67
CA GLY F 101 35.28 36.03 -44.70
C GLY F 101 34.08 35.83 -45.62
N LYS F 102 34.13 34.80 -46.47
CA LYS F 102 33.02 34.51 -47.38
C LYS F 102 31.79 34.01 -46.64
N PRO F 103 30.56 34.26 -47.11
CA PRO F 103 29.39 33.64 -46.44
C PRO F 103 29.27 32.15 -46.67
N PHE F 104 28.87 31.41 -45.63
CA PHE F 104 28.69 29.97 -45.72
C PHE F 104 27.37 29.68 -46.45
N MET F 105 27.47 29.01 -47.59
CA MET F 105 26.32 28.70 -48.43
C MET F 105 25.34 27.69 -47.78
N GLY F 106 25.78 26.99 -46.73
CA GLY F 106 24.96 26.04 -46.00
C GLY F 106 24.08 26.66 -44.92
N CYS F 107 24.30 27.95 -44.59
CA CYS F 107 23.51 28.64 -43.58
C CYS F 107 22.10 28.93 -44.12
N PRO F 108 21.02 28.45 -43.46
CA PRO F 108 19.68 28.74 -43.96
C PRO F 108 19.32 30.22 -44.10
N ARG F 109 19.77 31.06 -43.15
CA ARG F 109 19.50 32.48 -43.20
C ARG F 109 20.18 33.13 -44.41
N GLN F 110 21.41 32.69 -44.76
CA GLN F 110 22.13 33.20 -45.92
C GLN F 110 21.41 32.81 -47.23
N VAL F 111 20.77 31.64 -47.25
CA VAL F 111 20.04 31.16 -48.43
C VAL F 111 18.84 32.09 -48.73
N LEU F 112 18.04 32.42 -47.70
CA LEU F 112 16.90 33.31 -47.89
C LEU F 112 17.39 34.71 -48.31
N LYS F 113 18.50 35.18 -47.70
CA LYS F 113 19.09 36.48 -48.03
C LYS F 113 19.46 36.53 -49.50
N LYS F 114 20.10 35.46 -50.01
CA LYS F 114 20.49 35.37 -51.41
C LYS F 114 19.27 35.43 -52.32
N ASN F 115 18.24 34.61 -52.04
CA ASN F 115 17.04 34.59 -52.86
C ASN F 115 16.31 35.94 -52.83
N MET F 116 16.37 36.67 -51.70
CA MET F 116 15.74 37.99 -51.60
C MET F 116 16.55 39.02 -52.40
N GLU F 117 17.88 38.91 -52.43
CA GLU F 117 18.74 39.82 -53.19
C GLU F 117 18.50 39.64 -54.68
N GLU F 118 18.31 38.38 -55.14
CA GLU F 118 18.00 38.11 -56.54
C GLU F 118 16.62 38.63 -56.93
N ALA F 119 15.67 38.63 -55.99
CA ALA F 119 14.33 39.16 -56.22
C ALA F 119 14.41 40.69 -56.29
N ALA F 120 15.21 41.32 -55.39
CA ALA F 120 15.41 42.77 -55.35
C ALA F 120 16.05 43.29 -56.64
N LYS F 121 16.84 42.47 -57.34
CA LYS F 121 17.43 42.86 -58.62
C LYS F 121 16.33 43.14 -59.66
N LEU F 122 15.20 42.40 -59.60
CA LEU F 122 14.04 42.63 -60.48
C LEU F 122 12.99 43.59 -59.85
N GLY F 123 13.38 44.35 -58.82
CA GLY F 123 12.49 45.28 -58.14
C GLY F 123 11.42 44.63 -57.28
N TYR F 124 11.54 43.33 -56.97
CA TYR F 124 10.54 42.61 -56.18
C TYR F 124 10.97 42.42 -54.72
N VAL F 125 10.02 42.49 -53.80
CA VAL F 125 10.26 42.28 -52.37
C VAL F 125 9.09 41.45 -51.86
N MET F 126 9.38 40.30 -51.25
CA MET F 126 8.36 39.40 -50.73
C MET F 126 8.00 39.74 -49.30
N ASN F 127 6.69 39.85 -49.01
CA ASN F 127 6.19 40.09 -47.68
C ASN F 127 5.39 38.87 -47.26
N THR F 128 5.67 38.36 -46.05
CA THR F 128 5.05 37.17 -45.50
C THR F 128 4.41 37.47 -44.14
N GLY F 129 3.23 36.88 -43.91
CA GLY F 129 2.47 37.02 -42.67
C GLY F 129 1.92 35.67 -42.27
N PRO F 130 2.65 34.88 -41.47
CA PRO F 130 2.17 33.52 -41.14
C PRO F 130 1.20 33.43 -39.98
N GLU F 131 0.33 32.41 -40.05
CA GLU F 131 -0.65 32.07 -39.03
C GLU F 131 -0.04 30.86 -38.33
N MET F 132 0.51 31.08 -37.12
CA MET F 132 1.22 30.03 -36.39
C MET F 132 0.34 29.25 -35.43
N GLU F 133 0.03 27.99 -35.79
CA GLU F 133 -0.74 27.09 -34.94
C GLU F 133 0.21 26.24 -34.12
N PHE F 134 -0.19 25.91 -32.89
CA PHE F 134 0.64 25.10 -31.99
C PHE F 134 -0.22 24.46 -30.89
N PHE F 135 0.33 23.48 -30.19
CA PHE F 135 -0.35 22.81 -29.11
C PHE F 135 0.33 23.05 -27.77
N LEU F 136 -0.45 23.04 -26.69
CA LEU F 136 0.08 23.19 -25.34
C LEU F 136 -0.31 21.93 -24.58
N PHE F 137 0.68 21.07 -24.30
CA PHE F 137 0.46 19.79 -23.66
C PHE F 137 0.96 19.73 -22.23
N LYS F 138 0.41 18.79 -21.46
CA LYS F 138 0.78 18.55 -20.06
C LYS F 138 2.14 17.82 -20.00
N ARG F 139 2.77 17.84 -18.82
CA ARG F 139 4.05 17.19 -18.58
C ARG F 139 3.88 16.11 -17.50
N GLN F 140 4.55 14.96 -17.71
CA GLN F 140 4.51 13.87 -16.71
C GLN F 140 5.94 13.58 -16.26
N ASP F 141 6.27 13.90 -15.01
CA ASP F 141 7.62 13.68 -14.48
C ASP F 141 8.65 14.41 -15.34
N GLY F 142 8.36 15.66 -15.67
CA GLY F 142 9.23 16.47 -16.51
C GLY F 142 9.24 16.10 -17.99
N MET F 143 8.77 14.88 -18.35
CA MET F 143 8.77 14.45 -19.74
C MET F 143 7.51 14.98 -20.45
N PRO F 144 7.66 15.57 -21.64
CA PRO F 144 6.47 16.06 -22.35
C PRO F 144 5.58 14.93 -22.83
N THR F 145 4.28 15.23 -22.95
CA THR F 145 3.26 14.28 -23.40
C THR F 145 2.47 14.92 -24.57
N ASN F 146 1.47 14.20 -25.12
CA ASN F 146 0.58 14.73 -26.14
C ASN F 146 -0.85 14.86 -25.55
N ILE F 147 -0.97 15.10 -24.22
CA ILE F 147 -2.27 15.25 -23.56
C ILE F 147 -2.60 16.74 -23.54
N PRO F 148 -3.70 17.18 -24.16
CA PRO F 148 -4.03 18.61 -24.13
C PRO F 148 -4.19 19.18 -22.73
N GLN F 149 -3.69 20.40 -22.52
CA GLN F 149 -3.80 21.10 -21.24
C GLN F 149 -5.24 21.52 -20.97
N ASP F 150 -5.98 21.91 -22.02
CA ASP F 150 -7.38 22.33 -21.92
C ASP F 150 -8.28 21.48 -22.82
N ARG F 151 -9.59 21.53 -22.58
CA ARG F 151 -10.55 20.82 -23.40
C ARG F 151 -11.39 21.85 -24.18
N GLY F 152 -10.69 22.77 -24.87
CA GLY F 152 -11.32 23.83 -25.65
C GLY F 152 -11.41 23.57 -27.13
N GLY F 153 -12.18 24.41 -27.81
CA GLY F 153 -12.41 24.31 -29.24
C GLY F 153 -12.20 25.63 -29.95
N TYR F 154 -12.89 25.81 -31.09
CA TYR F 154 -12.69 26.96 -31.95
C TYR F 154 -13.12 28.29 -31.35
N PHE F 155 -12.18 29.27 -31.29
CA PHE F 155 -12.39 30.61 -30.72
C PHE F 155 -12.98 30.57 -29.30
N ASP F 156 -12.75 29.49 -28.54
CA ASP F 156 -13.33 29.37 -27.20
C ASP F 156 -12.71 30.34 -26.20
N LEU F 157 -13.51 30.68 -25.18
CA LEU F 157 -13.17 31.63 -24.12
C LEU F 157 -13.01 30.90 -22.78
N ALA F 158 -12.24 31.48 -21.84
CA ALA F 158 -12.06 30.93 -20.50
C ALA F 158 -13.40 30.84 -19.76
N PRO F 159 -13.60 29.88 -18.84
CA PRO F 159 -12.64 28.86 -18.39
C PRO F 159 -12.49 27.65 -19.31
N ILE F 160 -13.09 27.66 -20.51
CA ILE F 160 -12.92 26.54 -21.45
C ILE F 160 -11.46 26.57 -21.98
N ASP F 161 -10.94 27.77 -22.29
CA ASP F 161 -9.55 27.97 -22.69
C ASP F 161 -8.73 28.26 -21.42
N LEU F 162 -7.97 27.26 -20.92
CA LEU F 162 -7.16 27.44 -19.72
C LEU F 162 -5.80 28.10 -19.98
N ALA F 163 -5.36 28.17 -21.26
CA ALA F 163 -4.09 28.76 -21.63
C ALA F 163 -4.15 30.25 -21.96
N GLU F 164 -5.12 30.98 -21.40
CA GLU F 164 -5.25 32.41 -21.68
C GLU F 164 -4.16 33.24 -21.01
N GLU F 165 -3.66 32.86 -19.82
CA GLU F 165 -2.59 33.60 -19.16
C GLU F 165 -1.23 33.35 -19.80
N ILE F 166 -1.01 32.16 -20.35
CA ILE F 166 0.26 31.79 -20.96
C ILE F 166 0.35 32.44 -22.33
N LYS F 167 -0.76 32.42 -23.11
CA LYS F 167 -0.83 33.11 -24.42
C LYS F 167 -0.67 34.62 -24.24
N ARG F 168 -1.25 35.16 -23.17
CA ARG F 168 -1.16 36.58 -22.84
C ARG F 168 0.30 36.96 -22.59
N GLU F 169 1.04 36.10 -21.86
CA GLU F 169 2.46 36.30 -21.61
C GLU F 169 3.29 36.18 -22.89
N ILE F 170 2.98 35.21 -23.79
CA ILE F 170 3.70 35.05 -25.06
C ILE F 170 3.63 36.33 -25.89
N VAL F 171 2.42 36.86 -26.10
CA VAL F 171 2.23 38.08 -26.88
C VAL F 171 2.93 39.27 -26.22
N LEU F 172 2.91 39.34 -24.91
CA LEU F 172 3.55 40.47 -24.21
C LEU F 172 5.06 40.39 -24.40
N VAL F 173 5.65 39.22 -24.17
CA VAL F 173 7.10 39.01 -24.31
C VAL F 173 7.54 39.33 -25.74
N LEU F 174 6.71 38.97 -26.74
CA LEU F 174 7.04 39.27 -28.13
C LEU F 174 7.02 40.77 -28.39
N GLU F 175 5.98 41.49 -27.90
CA GLU F 175 5.90 42.94 -28.10
C GLU F 175 7.11 43.66 -27.50
N GLU F 176 7.65 43.14 -26.40
CA GLU F 176 8.85 43.70 -25.77
C GLU F 176 10.12 43.54 -26.65
N MET F 177 10.06 42.73 -27.73
CA MET F 177 11.16 42.48 -28.65
C MET F 177 10.87 43.01 -30.06
N GLY F 178 10.21 44.17 -30.15
CA GLY F 178 9.86 44.80 -31.42
C GLY F 178 9.06 43.90 -32.33
N PHE F 179 8.00 43.30 -31.78
CA PHE F 179 7.16 42.36 -32.56
C PHE F 179 5.69 42.78 -32.41
N GLU F 180 5.00 42.98 -33.54
CA GLU F 180 3.60 43.40 -33.50
C GLU F 180 2.74 42.22 -33.91
N VAL F 181 1.81 41.84 -33.03
CA VAL F 181 0.92 40.71 -33.20
C VAL F 181 -0.46 41.24 -33.65
N GLU F 182 -1.15 40.47 -34.54
CA GLU F 182 -2.45 40.85 -35.10
C GLU F 182 -3.53 40.39 -34.14
N ALA F 183 -3.58 39.08 -33.88
CA ALA F 183 -4.59 38.46 -33.02
C ALA F 183 -4.17 37.04 -32.63
N ALA F 184 -4.73 36.54 -31.52
CA ALA F 184 -4.50 35.20 -31.02
C ALA F 184 -5.84 34.59 -30.62
N HIS F 185 -6.00 33.27 -30.79
CA HIS F 185 -7.25 32.59 -30.46
C HIS F 185 -7.05 31.10 -30.28
N HIS F 186 -8.02 30.45 -29.62
CA HIS F 186 -8.00 29.01 -29.44
C HIS F 186 -8.41 28.38 -30.79
N GLU F 187 -7.75 27.30 -31.20
CA GLU F 187 -8.04 26.64 -32.48
C GLU F 187 -9.05 25.47 -32.29
N VAL F 188 -9.32 24.69 -33.36
CA VAL F 188 -10.35 23.63 -33.38
C VAL F 188 -10.04 22.51 -32.37
N ALA F 189 -8.83 21.96 -32.40
CA ALA F 189 -8.46 20.84 -31.56
C ALA F 189 -8.23 21.21 -30.09
N PHE F 190 -8.35 20.22 -29.19
CA PHE F 190 -8.15 20.39 -27.74
C PHE F 190 -6.71 20.83 -27.46
N GLY F 191 -6.54 21.91 -26.73
CA GLY F 191 -5.22 22.45 -26.40
C GLY F 191 -4.48 23.08 -27.57
N GLN F 192 -5.16 23.35 -28.69
CA GLN F 192 -4.53 23.99 -29.85
C GLN F 192 -4.80 25.47 -29.84
N HIS F 193 -3.81 26.27 -30.26
CA HIS F 193 -3.91 27.72 -30.30
C HIS F 193 -3.26 28.28 -31.56
N GLU F 194 -3.56 29.54 -31.89
CA GLU F 194 -3.01 30.19 -33.07
C GLU F 194 -2.66 31.62 -32.75
N ILE F 195 -1.50 32.08 -33.22
CA ILE F 195 -1.03 33.45 -33.03
C ILE F 195 -0.65 33.96 -34.41
N ASP F 196 -1.42 34.91 -34.95
CA ASP F 196 -1.16 35.48 -36.26
C ASP F 196 -0.48 36.81 -36.05
N PHE F 197 0.67 37.03 -36.69
CA PHE F 197 1.36 38.32 -36.60
C PHE F 197 1.38 39.01 -37.95
N LYS F 198 1.56 40.34 -37.92
CA LYS F 198 1.48 41.17 -39.11
C LYS F 198 2.55 40.88 -40.16
N TYR F 199 2.26 41.27 -41.41
CA TYR F 199 3.16 41.03 -42.52
C TYR F 199 4.46 41.82 -42.38
N ASP F 200 5.54 41.28 -42.94
CA ASP F 200 6.84 41.91 -42.97
C ASP F 200 7.72 41.22 -44.04
N ASN F 201 8.90 41.78 -44.37
CA ASN F 201 9.79 41.13 -45.35
C ASN F 201 10.16 39.70 -44.92
N ALA F 202 10.40 38.81 -45.88
CA ALA F 202 10.67 37.40 -45.59
C ALA F 202 11.75 37.15 -44.52
N LEU F 203 12.82 37.97 -44.48
CA LEU F 203 13.89 37.77 -43.50
C LEU F 203 13.45 38.13 -42.07
N ALA F 204 12.83 39.30 -41.88
CA ALA F 204 12.36 39.69 -40.55
C ALA F 204 11.30 38.72 -40.05
N THR F 205 10.39 38.27 -40.93
CA THR F 205 9.36 37.31 -40.56
C THR F 205 9.99 35.98 -40.16
N ALA F 206 10.99 35.47 -40.90
CA ALA F 206 11.64 34.20 -40.54
C ALA F 206 12.35 34.30 -39.19
N ASP F 207 13.03 35.42 -38.91
CA ASP F 207 13.66 35.69 -37.61
C ASP F 207 12.60 35.67 -36.50
N ASN F 208 11.43 36.22 -36.81
CA ASN F 208 10.34 36.33 -35.79
C ASN F 208 9.69 34.96 -35.57
N VAL F 209 9.61 34.13 -36.62
CA VAL F 209 9.06 32.78 -36.50
C VAL F 209 9.91 31.98 -35.51
N ILE F 210 11.25 32.05 -35.66
CA ILE F 210 12.18 31.33 -34.79
C ILE F 210 12.04 31.85 -33.35
N THR F 211 11.92 33.17 -33.20
CA THR F 211 11.75 33.79 -31.89
C THR F 211 10.46 33.31 -31.23
N LEU F 212 9.33 33.26 -31.98
CA LEU F 212 8.06 32.78 -31.41
C LEU F 212 8.19 31.37 -30.84
N LYS F 213 8.76 30.44 -31.63
CA LYS F 213 8.90 29.06 -31.17
C LYS F 213 9.73 28.97 -29.90
N TYR F 214 10.84 29.73 -29.84
CA TYR F 214 11.72 29.79 -28.68
C TYR F 214 10.97 30.34 -27.45
N VAL F 215 10.29 31.49 -27.61
CA VAL F 215 9.53 32.13 -26.55
C VAL F 215 8.39 31.24 -26.02
N ALA F 216 7.58 30.67 -26.94
CA ALA F 216 6.45 29.83 -26.55
C ALA F 216 6.91 28.59 -25.75
N LYS F 217 7.96 27.90 -26.23
CA LYS F 217 8.47 26.72 -25.55
C LYS F 217 9.10 27.07 -24.19
N THR F 218 9.74 28.25 -24.08
CA THR F 218 10.35 28.70 -22.83
C THR F 218 9.27 29.01 -21.79
N LEU F 219 8.25 29.81 -22.16
CA LEU F 219 7.17 30.17 -21.24
C LEU F 219 6.29 28.98 -20.87
N ALA F 220 6.14 28.00 -21.79
CA ALA F 220 5.36 26.81 -21.47
C ALA F 220 6.05 26.02 -20.37
N LEU F 221 7.38 25.87 -20.43
CA LEU F 221 8.12 25.16 -19.40
C LEU F 221 8.00 25.86 -18.05
N GLN F 222 7.99 27.21 -18.04
CA GLN F 222 7.81 27.98 -16.82
C GLN F 222 6.49 27.64 -16.10
N HIS F 223 5.44 27.28 -16.86
CA HIS F 223 4.14 26.90 -16.29
C HIS F 223 3.93 25.38 -16.20
N GLY F 224 5.00 24.58 -16.30
CA GLY F 224 4.92 23.13 -16.21
C GLY F 224 4.25 22.47 -17.41
N LEU F 225 4.23 23.17 -18.56
CA LEU F 225 3.61 22.70 -19.81
C LEU F 225 4.67 22.55 -20.92
N HIS F 226 4.25 22.05 -22.08
CA HIS F 226 5.14 21.86 -23.22
C HIS F 226 4.44 22.35 -24.48
N ALA F 227 4.98 23.40 -25.11
CA ALA F 227 4.45 23.90 -26.37
C ALA F 227 5.14 23.16 -27.48
N THR F 228 4.39 22.75 -28.50
CA THR F 228 4.96 22.06 -29.64
C THR F 228 4.36 22.56 -30.93
N PHE F 229 5.21 22.65 -31.94
CA PHE F 229 4.85 23.04 -33.30
C PHE F 229 4.90 21.80 -34.21
N MET F 230 4.67 20.62 -33.63
CA MET F 230 4.67 19.36 -34.42
C MET F 230 3.44 19.35 -35.33
N PRO F 231 3.51 18.89 -36.59
CA PRO F 231 2.35 18.97 -37.50
C PRO F 231 1.12 18.18 -37.06
N LYS F 232 1.29 16.96 -36.55
CA LYS F 232 0.18 16.11 -36.13
C LYS F 232 0.56 15.34 -34.87
N PRO F 233 0.53 16.00 -33.71
CA PRO F 233 0.85 15.29 -32.46
C PRO F 233 -0.22 14.31 -31.97
N ILE F 234 -1.48 14.49 -32.40
CA ILE F 234 -2.58 13.62 -31.99
C ILE F 234 -3.36 13.15 -33.20
N PHE F 235 -3.66 11.85 -33.26
CA PHE F 235 -4.44 11.27 -34.35
C PHE F 235 -5.94 11.54 -34.09
N GLY F 236 -6.70 11.79 -35.15
CA GLY F 236 -8.14 12.00 -35.06
C GLY F 236 -8.58 13.41 -34.77
N VAL F 237 -7.63 14.34 -34.53
CA VAL F 237 -7.95 15.76 -34.27
C VAL F 237 -7.20 16.64 -35.30
N ASN F 238 -7.50 17.95 -35.33
CA ASN F 238 -6.87 18.88 -36.25
C ASN F 238 -5.35 18.94 -36.00
N GLY F 239 -4.59 19.15 -37.07
CA GLY F 239 -3.14 19.28 -37.00
C GLY F 239 -2.71 20.72 -37.12
N SER F 240 -1.52 21.04 -36.60
CA SER F 240 -0.98 22.40 -36.63
C SER F 240 -0.42 22.75 -38.01
N GLY F 241 -0.90 23.88 -38.56
CA GLY F 241 -0.47 24.39 -39.84
C GLY F 241 0.18 25.76 -39.74
N MET F 242 0.92 26.16 -40.78
CA MET F 242 1.54 27.49 -40.87
C MET F 242 1.06 28.09 -42.19
N HIS F 243 -0.15 28.67 -42.18
CA HIS F 243 -0.70 29.28 -43.39
C HIS F 243 0.07 30.57 -43.62
N THR F 244 0.74 30.67 -44.78
CA THR F 244 1.60 31.80 -45.10
C THR F 244 0.95 32.80 -46.07
N ASN F 245 0.54 33.96 -45.56
CA ASN F 245 0.00 35.03 -46.39
C ASN F 245 1.19 35.65 -47.11
N THR F 246 1.11 35.71 -48.44
CA THR F 246 2.21 36.14 -49.29
C THR F 246 1.79 37.18 -50.31
N SER F 247 2.61 38.22 -50.47
CA SER F 247 2.42 39.26 -51.48
C SER F 247 3.80 39.69 -52.00
N LEU F 248 3.86 40.14 -53.23
CA LEU F 248 5.10 40.60 -53.83
C LEU F 248 4.91 42.07 -54.18
N PHE F 249 5.88 42.91 -53.77
CA PHE F 249 5.81 44.36 -53.98
C PHE F 249 6.87 44.81 -54.99
N LYS F 250 6.41 45.29 -56.16
CA LYS F 250 7.29 45.78 -57.23
C LYS F 250 7.40 47.30 -57.16
N ASP F 251 8.56 47.83 -56.72
CA ASP F 251 8.82 49.26 -56.60
C ASP F 251 7.85 49.97 -55.64
N GLY F 252 7.63 49.38 -54.47
CA GLY F 252 6.76 49.95 -53.44
C GLY F 252 5.29 49.66 -53.56
N LYS F 253 4.77 49.41 -54.79
CA LYS F 253 3.34 49.10 -55.02
C LYS F 253 3.10 47.59 -54.93
N ASN F 254 1.87 47.18 -54.61
CA ASN F 254 1.54 45.76 -54.57
C ASN F 254 1.43 45.25 -56.00
N ALA F 255 2.41 44.42 -56.42
CA ALA F 255 2.45 43.85 -57.78
C ALA F 255 1.29 42.89 -58.07
N PHE F 256 0.49 42.55 -57.06
CA PHE F 256 -0.62 41.58 -57.23
C PHE F 256 -1.94 42.31 -57.48
N TYR F 257 -1.93 43.65 -57.49
CA TYR F 257 -3.17 44.44 -57.69
C TYR F 257 -3.24 45.06 -59.09
N ASP F 258 -4.33 44.83 -59.81
CA ASP F 258 -4.57 45.41 -61.12
C ASP F 258 -6.07 45.77 -61.19
N PRO F 259 -6.45 47.05 -61.01
CA PRO F 259 -7.88 47.38 -60.98
C PRO F 259 -8.68 47.08 -62.25
N ASP F 260 -7.99 47.00 -63.41
CA ASP F 260 -8.64 46.75 -64.70
C ASP F 260 -8.81 45.26 -65.01
N ALA F 261 -7.98 44.40 -64.42
CA ALA F 261 -8.03 42.96 -64.69
C ALA F 261 -9.24 42.28 -64.00
N PRO F 262 -9.69 41.10 -64.48
CA PRO F 262 -10.82 40.43 -63.81
C PRO F 262 -10.53 40.07 -62.37
N ASP F 263 -11.53 40.21 -61.49
CA ASP F 263 -11.38 39.95 -60.06
C ASP F 263 -10.30 40.86 -59.39
N GLN F 264 -9.85 41.94 -60.09
CA GLN F 264 -8.86 42.89 -59.60
C GLN F 264 -7.51 42.23 -59.19
N ILE F 265 -7.18 41.09 -59.81
CA ILE F 265 -5.92 40.38 -59.54
C ILE F 265 -5.03 40.55 -60.77
N SER F 266 -3.79 40.95 -60.54
CA SER F 266 -2.84 41.20 -61.63
C SER F 266 -2.33 39.91 -62.26
N ASP F 267 -1.71 40.02 -63.43
CA ASP F 267 -1.13 38.82 -64.08
C ASP F 267 -0.01 38.27 -63.19
N THR F 268 0.77 39.17 -62.58
CA THR F 268 1.87 38.76 -61.69
C THR F 268 1.38 37.77 -60.61
N LEU F 269 0.16 37.95 -60.07
CA LEU F 269 -0.37 37.02 -59.07
C LEU F 269 -0.60 35.67 -59.72
N ARG F 270 -1.31 35.65 -60.88
CA ARG F 270 -1.60 34.43 -61.64
C ARG F 270 -0.32 33.66 -61.97
N TYR F 271 0.73 34.36 -62.44
CA TYR F 271 1.99 33.72 -62.79
C TYR F 271 2.71 33.22 -61.53
N PHE F 272 2.71 34.01 -60.44
CA PHE F 272 3.35 33.59 -59.18
C PHE F 272 2.67 32.31 -58.66
N VAL F 273 1.33 32.27 -58.67
CA VAL F 273 0.55 31.11 -58.24
C VAL F 273 0.88 29.91 -59.14
N GLY F 274 0.95 30.14 -60.44
CA GLY F 274 1.29 29.09 -61.40
C GLY F 274 2.66 28.47 -61.16
N GLY F 275 3.62 29.31 -60.77
CA GLY F 275 4.97 28.86 -60.45
C GLY F 275 5.04 28.05 -59.18
N VAL F 276 4.36 28.52 -58.12
CA VAL F 276 4.33 27.82 -56.83
C VAL F 276 3.66 26.45 -57.01
N LEU F 277 2.52 26.39 -57.73
CA LEU F 277 1.81 25.14 -57.97
C LEU F 277 2.59 24.16 -58.86
N LYS F 278 3.48 24.66 -59.72
CA LYS F 278 4.29 23.83 -60.59
C LYS F 278 5.30 23.04 -59.76
N HIS F 279 5.94 23.71 -58.78
CA HIS F 279 6.95 23.11 -57.92
C HIS F 279 6.43 22.74 -56.53
N ILE F 280 5.10 22.73 -56.29
CA ILE F 280 4.56 22.48 -54.95
C ILE F 280 4.89 21.09 -54.40
N ARG F 281 4.94 20.05 -55.24
CA ARG F 281 5.31 18.71 -54.75
C ARG F 281 6.74 18.70 -54.21
N ALA F 282 7.64 19.49 -54.83
CA ALA F 282 9.01 19.62 -54.37
C ALA F 282 9.12 20.54 -53.14
N ILE F 283 8.35 21.64 -53.11
CA ILE F 283 8.33 22.58 -51.98
C ILE F 283 7.86 21.87 -50.71
N THR F 284 6.94 20.88 -50.84
CA THR F 284 6.43 20.12 -49.69
C THR F 284 7.54 19.46 -48.88
N ALA F 285 8.66 19.06 -49.50
CA ALA F 285 9.77 18.48 -48.75
C ALA F 285 10.41 19.49 -47.78
N ILE F 286 10.33 20.80 -48.09
CA ILE F 286 10.88 21.88 -47.28
C ILE F 286 9.83 22.37 -46.26
N THR F 287 8.61 22.65 -46.73
CA THR F 287 7.53 23.20 -45.90
C THR F 287 6.87 22.17 -44.97
N ASN F 288 6.99 20.88 -45.31
CA ASN F 288 6.44 19.75 -44.56
C ASN F 288 7.62 18.75 -44.46
N PRO F 289 8.65 19.05 -43.65
CA PRO F 289 9.87 18.22 -43.67
C PRO F 289 9.92 16.97 -42.81
N LEU F 290 9.00 16.79 -41.85
CA LEU F 290 9.03 15.63 -40.98
C LEU F 290 8.20 14.49 -41.54
N VAL F 291 8.46 13.27 -41.03
CA VAL F 291 7.65 12.09 -41.40
C VAL F 291 6.20 12.32 -40.92
N ASN F 292 6.05 12.95 -39.73
CA ASN F 292 4.77 13.29 -39.12
C ASN F 292 3.98 14.33 -39.92
N SER F 293 4.66 15.19 -40.70
CA SER F 293 4.00 16.20 -41.54
C SER F 293 2.99 15.61 -42.50
N TYR F 294 3.17 14.35 -42.89
CA TYR F 294 2.27 13.73 -43.90
C TYR F 294 1.08 13.08 -43.19
N LYS F 295 1.13 12.91 -41.86
CA LYS F 295 -0.04 12.46 -41.10
C LYS F 295 -1.04 13.64 -40.93
N ARG F 296 -0.59 14.92 -41.14
CA ARG F 296 -1.44 16.11 -41.15
C ARG F 296 -2.06 16.26 -42.52
N LEU F 297 -1.31 15.97 -43.60
CA LEU F 297 -1.81 16.06 -44.97
C LEU F 297 -2.69 14.85 -45.30
N VAL F 298 -3.82 14.75 -44.57
CA VAL F 298 -4.84 13.70 -44.66
C VAL F 298 -6.23 14.41 -44.81
N PRO F 299 -7.20 13.94 -45.64
CA PRO F 299 -8.50 14.64 -45.72
C PRO F 299 -9.29 14.62 -44.41
N GLY F 300 -10.19 15.59 -44.24
CA GLY F 300 -11.04 15.69 -43.06
C GLY F 300 -10.73 16.82 -42.11
N TYR F 301 -9.56 17.45 -42.23
CA TYR F 301 -9.13 18.56 -41.36
C TYR F 301 -8.84 19.83 -42.22
N GLU F 302 -8.48 20.96 -41.60
CA GLU F 302 -8.27 22.24 -42.34
C GLU F 302 -7.05 22.19 -43.27
N ALA F 303 -6.27 21.11 -43.24
CA ALA F 303 -5.05 20.96 -44.03
C ALA F 303 -5.35 20.64 -45.49
N PRO F 304 -4.74 21.36 -46.45
CA PRO F 304 -4.99 21.04 -47.86
C PRO F 304 -4.27 19.76 -48.28
N VAL F 305 -4.86 19.02 -49.20
CA VAL F 305 -4.30 17.77 -49.71
C VAL F 305 -4.23 17.78 -51.25
N TYR F 306 -5.26 18.33 -51.91
CA TYR F 306 -5.30 18.40 -53.36
C TYR F 306 -4.68 19.71 -53.85
N ILE F 307 -3.96 19.65 -54.99
CA ILE F 307 -3.26 20.80 -55.55
C ILE F 307 -4.23 21.66 -56.36
N THR F 308 -4.86 22.65 -55.70
CA THR F 308 -5.81 23.57 -56.33
C THR F 308 -5.64 24.99 -55.75
N TRP F 309 -6.16 26.00 -56.47
CA TRP F 309 -6.19 27.39 -56.00
C TRP F 309 -7.59 27.93 -56.23
N SER F 310 -8.08 28.72 -55.27
CA SER F 310 -9.45 29.24 -55.31
C SER F 310 -9.54 30.60 -54.55
N GLY F 311 -10.75 31.16 -54.49
CA GLY F 311 -11.03 32.38 -53.74
C GLY F 311 -11.14 32.10 -52.24
N PRO F 312 -11.64 33.05 -51.39
CA PRO F 312 -11.76 32.75 -49.95
C PRO F 312 -12.89 31.81 -49.56
N ASN F 313 -13.93 31.71 -50.40
CA ASN F 313 -15.10 30.90 -50.11
C ASN F 313 -14.76 29.41 -49.89
N ARG F 314 -13.70 28.94 -50.56
CA ARG F 314 -13.30 27.52 -50.46
C ARG F 314 -11.93 27.38 -49.79
N SER F 315 -11.65 26.24 -49.16
CA SER F 315 -10.37 25.97 -48.50
C SER F 315 -9.52 25.09 -49.43
N SER F 316 -8.58 25.71 -50.13
CA SER F 316 -7.69 25.05 -51.08
C SER F 316 -6.20 25.21 -50.68
N LEU F 317 -5.26 24.72 -51.50
CA LEU F 317 -3.83 24.84 -51.20
C LEU F 317 -3.45 26.32 -51.20
N ILE F 318 -3.88 27.05 -52.24
CA ILE F 318 -3.66 28.49 -52.34
C ILE F 318 -5.03 29.14 -52.36
N ARG F 319 -5.17 30.20 -51.60
CA ARG F 319 -6.43 30.91 -51.49
C ARG F 319 -6.18 32.38 -51.70
N VAL F 320 -7.03 33.02 -52.51
CA VAL F 320 -6.89 34.49 -52.76
C VAL F 320 -7.91 35.21 -51.88
N PRO F 321 -7.50 35.78 -50.73
CA PRO F 321 -8.40 36.53 -49.87
C PRO F 321 -8.97 37.74 -50.60
N ALA F 322 -10.21 38.12 -50.27
CA ALA F 322 -10.86 39.28 -50.93
C ALA F 322 -10.02 40.54 -50.75
N PRO F 323 -9.56 40.88 -49.52
CA PRO F 323 -8.79 42.10 -49.31
C PRO F 323 -7.91 42.39 -50.52
N ARG F 324 -8.18 43.49 -51.22
CA ARG F 324 -7.36 43.88 -52.40
C ARG F 324 -6.55 45.13 -52.03
N GLY F 325 -6.38 46.05 -52.99
CA GLY F 325 -5.58 47.27 -52.73
C GLY F 325 -4.18 46.91 -52.27
N ASN F 326 -3.65 47.62 -51.27
CA ASN F 326 -2.33 47.29 -50.75
C ASN F 326 -2.31 45.93 -50.01
N SER F 327 -3.49 45.32 -49.73
CA SER F 327 -3.59 44.03 -49.06
C SER F 327 -3.92 42.89 -50.04
N THR F 328 -3.53 43.03 -51.31
CA THR F 328 -3.72 41.93 -52.28
C THR F 328 -2.69 40.84 -51.94
N ARG F 329 -3.14 39.60 -51.70
CA ARG F 329 -2.23 38.54 -51.29
C ARG F 329 -2.82 37.15 -51.53
N ILE F 330 -1.97 36.12 -51.42
CA ILE F 330 -2.35 34.72 -51.57
C ILE F 330 -1.97 34.01 -50.26
N GLU F 331 -2.81 33.07 -49.82
CA GLU F 331 -2.58 32.33 -48.58
C GLU F 331 -2.19 30.90 -48.94
N ILE F 332 -0.90 30.55 -48.81
CA ILE F 332 -0.41 29.21 -49.10
C ILE F 332 -0.61 28.44 -47.79
N ARG F 333 -1.53 27.48 -47.79
CA ARG F 333 -1.96 26.75 -46.61
C ARG F 333 -1.31 25.38 -46.39
N SER F 334 -0.44 24.91 -47.30
CA SER F 334 0.18 23.59 -47.15
C SER F 334 1.27 23.50 -46.07
N PRO F 335 2.09 24.54 -45.81
CA PRO F 335 3.15 24.40 -44.81
C PRO F 335 2.67 24.13 -43.41
N ASP F 336 3.55 23.50 -42.61
CA ASP F 336 3.29 23.27 -41.19
C ASP F 336 4.34 24.06 -40.39
N PRO F 337 4.10 24.36 -39.09
CA PRO F 337 5.04 25.20 -38.36
C PRO F 337 6.33 24.51 -37.91
N SER F 338 6.56 23.25 -38.30
CA SER F 338 7.83 22.57 -38.00
C SER F 338 8.90 22.83 -39.10
N CYS F 339 8.53 23.52 -40.21
CA CYS F 339 9.47 23.83 -41.29
C CYS F 339 10.48 24.90 -40.92
N ASN F 340 11.61 24.91 -41.62
CA ASN F 340 12.63 25.93 -41.44
C ASN F 340 12.05 27.15 -42.18
N PRO F 341 11.70 28.26 -41.49
CA PRO F 341 11.11 29.39 -42.21
C PRO F 341 12.03 30.03 -43.24
N TYR F 342 13.34 30.04 -42.98
CA TYR F 342 14.31 30.63 -43.92
C TYR F 342 14.27 29.90 -45.26
N LEU F 343 14.22 28.57 -45.22
CA LEU F 343 14.18 27.76 -46.43
C LEU F 343 12.79 27.68 -47.04
N ALA F 344 11.73 27.69 -46.22
CA ALA F 344 10.36 27.64 -46.73
C ALA F 344 10.05 28.88 -47.58
N PHE F 345 10.40 30.09 -47.10
CA PHE F 345 10.15 31.32 -47.85
C PHE F 345 11.06 31.41 -49.09
N ALA F 346 12.30 30.92 -48.99
CA ALA F 346 13.22 30.92 -50.13
C ALA F 346 12.69 30.03 -51.26
N ALA F 347 12.15 28.85 -50.90
CA ALA F 347 11.60 27.92 -51.89
C ALA F 347 10.36 28.50 -52.56
N ILE F 348 9.48 29.16 -51.79
CA ILE F 348 8.27 29.75 -52.34
C ILE F 348 8.63 30.94 -53.24
N LEU F 349 9.61 31.75 -52.84
CA LEU F 349 10.03 32.90 -53.62
C LEU F 349 10.65 32.47 -54.96
N ALA F 350 11.52 31.45 -54.95
CA ALA F 350 12.17 30.98 -56.16
C ALA F 350 11.17 30.36 -57.14
N ALA F 351 10.23 29.55 -56.64
CA ALA F 351 9.23 28.91 -57.50
C ALA F 351 8.25 29.97 -58.04
N GLY F 352 7.84 30.89 -57.19
CA GLY F 352 6.94 31.96 -57.58
C GLY F 352 7.53 32.93 -58.58
N LEU F 353 8.83 33.26 -58.42
CA LEU F 353 9.50 34.15 -59.38
C LEU F 353 9.73 33.48 -60.73
N ASP F 354 9.94 32.15 -60.74
CA ASP F 354 10.04 31.43 -62.01
C ASP F 354 8.69 31.49 -62.76
N GLY F 355 7.57 31.49 -62.01
CA GLY F 355 6.26 31.63 -62.66
C GLY F 355 6.14 32.99 -63.32
N VAL F 356 6.53 34.05 -62.61
CA VAL F 356 6.50 35.40 -63.16
C VAL F 356 7.44 35.52 -64.38
N LYS F 357 8.67 34.97 -64.31
CA LYS F 357 9.67 35.01 -65.40
C LYS F 357 9.19 34.28 -66.66
N ASN F 358 8.93 32.96 -66.58
CA ASN F 358 8.49 32.20 -67.76
C ASN F 358 7.00 32.41 -68.09
N LYS F 359 6.25 33.17 -67.25
CA LYS F 359 4.83 33.45 -67.45
C LYS F 359 4.03 32.16 -67.54
N ILE F 360 4.10 31.38 -66.45
CA ILE F 360 3.42 30.10 -66.33
C ILE F 360 1.98 30.36 -65.87
N GLU F 361 1.01 30.03 -66.74
CA GLU F 361 -0.41 30.20 -66.43
C GLU F 361 -0.84 29.15 -65.41
N PRO F 362 -1.57 29.53 -64.36
CA PRO F 362 -2.03 28.52 -63.39
C PRO F 362 -3.26 27.76 -63.88
N PRO F 363 -3.57 26.59 -63.29
CA PRO F 363 -4.78 25.86 -63.69
C PRO F 363 -6.06 26.62 -63.33
N GLU F 364 -7.22 26.12 -63.79
CA GLU F 364 -8.50 26.78 -63.54
C GLU F 364 -8.84 26.72 -62.05
N ARG F 365 -9.52 27.75 -61.52
CA ARG F 365 -9.87 27.78 -60.10
C ARG F 365 -10.92 26.73 -59.77
N VAL F 366 -10.71 25.99 -58.68
CA VAL F 366 -11.64 24.94 -58.26
C VAL F 366 -12.47 25.49 -57.09
N GLU F 367 -13.62 26.10 -57.39
CA GLU F 367 -14.50 26.67 -56.36
C GLU F 367 -15.41 25.61 -55.71
N LYS F 368 -15.66 24.48 -56.42
CA LYS F 368 -16.48 23.38 -55.89
C LYS F 368 -15.77 22.71 -54.73
N ASN F 369 -16.52 22.18 -53.75
CA ASN F 369 -15.92 21.51 -52.60
C ASN F 369 -15.25 20.22 -53.08
N ILE F 370 -13.91 20.25 -53.19
CA ILE F 370 -13.13 19.12 -53.68
C ILE F 370 -13.29 17.85 -52.86
N TYR F 371 -13.38 17.96 -51.53
CA TYR F 371 -13.52 16.79 -50.66
C TYR F 371 -14.80 16.01 -50.98
N LYS F 372 -15.91 16.72 -51.23
CA LYS F 372 -17.18 16.07 -51.55
C LYS F 372 -17.22 15.39 -52.92
N LEU F 373 -16.30 15.75 -53.84
CA LEU F 373 -16.27 15.09 -55.15
C LEU F 373 -15.65 13.71 -55.04
N THR F 374 -16.08 12.79 -55.92
CA THR F 374 -15.59 11.41 -55.95
C THR F 374 -14.18 11.34 -56.61
N GLU F 375 -13.51 10.18 -56.52
CA GLU F 375 -12.20 9.98 -57.14
C GLU F 375 -12.30 10.17 -58.66
N GLU F 376 -13.37 9.67 -59.27
CA GLU F 376 -13.57 9.77 -60.72
C GLU F 376 -13.74 11.22 -61.19
N GLU F 377 -14.39 12.04 -60.36
CA GLU F 377 -14.70 13.42 -60.82
C GLU F 377 -13.44 14.29 -60.76
N ARG F 378 -12.29 13.76 -60.34
CA ARG F 378 -11.10 14.63 -60.14
C ARG F 378 -10.06 14.46 -61.26
N GLU F 379 -9.65 13.22 -61.53
CA GLU F 379 -8.58 12.98 -62.54
C GLU F 379 -8.91 13.74 -63.83
N LYS F 380 -10.19 13.70 -64.25
CA LYS F 380 -10.60 14.36 -65.52
C LYS F 380 -10.24 15.84 -65.48
N LEU F 381 -10.22 16.45 -64.29
CA LEU F 381 -9.98 17.92 -64.14
C LEU F 381 -8.48 18.23 -64.06
N GLY F 382 -7.63 17.20 -64.10
CA GLY F 382 -6.19 17.37 -63.98
C GLY F 382 -5.74 17.75 -62.58
N ILE F 383 -6.52 17.33 -61.57
CA ILE F 383 -6.21 17.64 -60.17
C ILE F 383 -5.23 16.62 -59.62
N GLY F 384 -4.13 17.12 -59.09
CA GLY F 384 -3.12 16.29 -58.45
C GLY F 384 -3.23 16.28 -56.93
N MET F 385 -2.44 15.42 -56.29
CA MET F 385 -2.38 15.30 -54.84
C MET F 385 -0.97 15.65 -54.38
N LEU F 386 -0.86 16.17 -53.16
CA LEU F 386 0.44 16.46 -52.57
C LEU F 386 1.12 15.11 -52.22
N PRO F 387 2.45 15.06 -52.06
CA PRO F 387 3.10 13.77 -51.71
C PRO F 387 2.52 13.18 -50.43
N GLY F 388 2.27 11.87 -50.46
CA GLY F 388 1.68 11.16 -49.33
C GLY F 388 2.66 10.79 -48.23
N THR F 389 3.96 10.69 -48.57
CA THR F 389 5.02 10.34 -47.61
C THR F 389 6.20 11.32 -47.74
N LEU F 390 7.11 11.33 -46.76
CA LEU F 390 8.29 12.18 -46.80
C LEU F 390 9.22 11.74 -47.93
N LYS F 391 9.38 10.43 -48.13
CA LYS F 391 10.20 9.89 -49.21
C LYS F 391 9.68 10.32 -50.57
N GLU F 392 8.36 10.38 -50.72
CA GLU F 392 7.72 10.76 -51.98
C GLU F 392 8.01 12.24 -52.30
N ALA F 393 8.03 13.11 -51.28
CA ALA F 393 8.33 14.52 -51.45
C ALA F 393 9.81 14.75 -51.72
N ILE F 394 10.68 13.99 -51.04
CA ILE F 394 12.13 14.11 -51.24
C ILE F 394 12.52 13.68 -52.66
N GLU F 395 11.89 12.64 -53.20
CA GLU F 395 12.17 12.22 -54.56
C GLU F 395 11.77 13.30 -55.56
N CYS F 396 10.64 13.98 -55.33
CA CYS F 396 10.19 15.08 -56.18
C CYS F 396 11.12 16.30 -56.03
N PHE F 397 11.62 16.57 -54.81
CA PHE F 397 12.53 17.67 -54.54
C PHE F 397 13.90 17.44 -55.21
N LYS F 398 14.45 16.21 -55.18
CA LYS F 398 15.76 15.97 -55.81
C LYS F 398 15.69 16.25 -57.33
N GLU F 399 14.56 15.94 -57.99
CA GLU F 399 14.43 16.17 -59.43
C GLU F 399 14.19 17.65 -59.77
N ASP F 400 13.73 18.47 -58.82
CA ASP F 400 13.47 19.88 -59.10
C ASP F 400 14.78 20.66 -59.10
N GLU F 401 15.41 20.79 -60.28
CA GLU F 401 16.70 21.49 -60.45
C GLU F 401 16.65 22.96 -60.01
N LEU F 402 15.49 23.62 -60.15
CA LEU F 402 15.38 25.02 -59.77
C LEU F 402 15.52 25.21 -58.26
N LEU F 403 14.78 24.45 -57.44
CA LEU F 403 14.85 24.59 -55.99
C LEU F 403 16.19 24.14 -55.45
N VAL F 404 16.83 23.13 -56.08
CA VAL F 404 18.14 22.67 -55.63
C VAL F 404 19.17 23.79 -55.83
N SER F 405 19.10 24.50 -56.98
CA SER F 405 20.00 25.60 -57.26
C SER F 405 19.68 26.84 -56.41
N ALA F 406 18.39 27.11 -56.13
CA ALA F 406 17.96 28.24 -55.32
C ALA F 406 18.40 28.08 -53.88
N LEU F 407 18.23 26.88 -53.30
CA LEU F 407 18.67 26.62 -51.93
C LEU F 407 20.15 26.28 -51.80
N GLY F 408 20.82 25.95 -52.91
CA GLY F 408 22.23 25.59 -52.90
C GLY F 408 22.41 24.09 -52.74
N GLU F 409 23.50 23.56 -53.29
CA GLU F 409 23.73 22.09 -53.24
C GLU F 409 23.96 21.66 -51.79
N HIS F 410 24.65 22.49 -50.99
CA HIS F 410 24.97 22.11 -49.63
C HIS F 410 23.70 21.92 -48.79
N VAL F 411 22.76 22.88 -48.85
CA VAL F 411 21.52 22.83 -48.08
C VAL F 411 20.61 21.72 -48.62
N SER F 412 20.47 21.61 -49.95
CA SER F 412 19.62 20.58 -50.55
C SER F 412 20.10 19.18 -50.18
N GLN F 413 21.43 18.96 -50.15
CA GLN F 413 22.00 17.69 -49.74
C GLN F 413 21.72 17.40 -48.26
N SER F 414 21.90 18.41 -47.39
CA SER F 414 21.66 18.27 -45.96
C SER F 414 20.21 17.87 -45.68
N ILE F 415 19.28 18.43 -46.47
CA ILE F 415 17.83 18.11 -46.28
C ILE F 415 17.59 16.66 -46.69
N ILE F 416 18.11 16.24 -47.85
CA ILE F 416 17.88 14.90 -48.35
C ILE F 416 18.47 13.87 -47.40
N ASN F 417 19.68 14.11 -46.89
CA ASN F 417 20.34 13.19 -45.98
C ASN F 417 19.59 13.04 -44.65
N VAL F 418 19.16 14.15 -44.04
CA VAL F 418 18.40 14.11 -42.78
C VAL F 418 17.06 13.40 -42.98
N ALA F 419 16.33 13.75 -44.05
CA ALA F 419 15.02 13.15 -44.31
C ALA F 419 15.11 11.66 -44.61
N MET F 420 16.14 11.23 -45.34
CA MET F 420 16.23 9.81 -45.71
C MET F 420 16.74 9.00 -44.52
N ALA F 421 17.51 9.60 -43.60
CA ALA F 421 17.92 8.92 -42.38
C ALA F 421 16.69 8.67 -41.49
N ASP F 422 15.80 9.67 -41.40
CA ASP F 422 14.55 9.55 -40.63
C ASP F 422 13.61 8.53 -41.27
N TRP F 423 13.45 8.58 -42.60
CA TRP F 423 12.56 7.67 -43.32
C TRP F 423 13.04 6.22 -43.24
N ASP F 424 14.35 5.98 -43.42
CA ASP F 424 14.89 4.62 -43.34
C ASP F 424 14.73 4.03 -41.92
N SER F 425 14.73 4.88 -40.89
CA SER F 425 14.52 4.42 -39.50
C SER F 425 13.03 4.15 -39.24
N TYR F 426 12.15 5.04 -39.74
CA TYR F 426 10.70 4.93 -39.58
C TYR F 426 10.11 3.71 -40.32
N ARG F 427 10.51 3.49 -41.58
CA ARG F 427 9.97 2.40 -42.40
C ARG F 427 10.24 1.01 -41.82
N THR F 428 11.40 0.79 -41.19
CA THR F 428 11.73 -0.51 -40.62
C THR F 428 11.03 -0.78 -39.28
N GLN F 429 10.60 0.29 -38.57
CA GLN F 429 9.96 0.13 -37.26
C GLN F 429 8.65 -0.63 -37.29
N VAL F 430 8.38 -1.37 -36.22
CA VAL F 430 7.15 -2.13 -36.02
C VAL F 430 6.31 -1.31 -35.03
N HIS F 431 5.26 -0.69 -35.54
CA HIS F 431 4.43 0.20 -34.69
C HIS F 431 3.36 -0.57 -33.93
N GLN F 432 2.83 0.05 -32.87
CA GLN F 432 1.81 -0.59 -32.03
C GLN F 432 0.55 -0.93 -32.82
N TRP F 433 0.19 -0.12 -33.85
CA TRP F 433 -0.98 -0.37 -34.69
C TRP F 433 -0.95 -1.78 -35.30
N GLU F 434 0.25 -2.23 -35.70
CA GLU F 434 0.43 -3.53 -36.32
C GLU F 434 0.18 -4.64 -35.31
N LEU F 435 0.69 -4.49 -34.07
CA LEU F 435 0.45 -5.48 -33.02
C LEU F 435 -1.05 -5.50 -32.66
N ASP F 436 -1.68 -4.33 -32.55
CA ASP F 436 -3.11 -4.23 -32.23
C ASP F 436 -3.98 -4.87 -33.33
N ARG F 437 -3.53 -4.78 -34.59
CA ARG F 437 -4.27 -5.29 -35.74
C ARG F 437 -4.04 -6.78 -36.04
N TYR F 438 -2.84 -7.31 -35.79
CA TYR F 438 -2.49 -8.68 -36.20
C TYR F 438 -2.06 -9.68 -35.13
N LEU F 439 -1.47 -9.25 -34.01
CA LEU F 439 -0.94 -10.19 -33.01
C LEU F 439 -1.95 -11.20 -32.47
N GLN F 440 -3.17 -10.78 -32.17
CA GLN F 440 -4.15 -11.73 -31.55
C GLN F 440 -4.68 -12.72 -32.60
N THR F 441 -4.93 -12.25 -33.82
CA THR F 441 -5.51 -13.09 -34.86
C THR F 441 -4.51 -14.00 -35.56
N TYR F 442 -3.38 -13.46 -36.04
CA TYR F 442 -2.38 -14.25 -36.75
C TYR F 442 -1.44 -14.94 -35.79
N SER G 3 -1.26 -59.16 36.91
CA SER G 3 -0.79 -57.86 37.38
C SER G 3 -1.03 -56.76 36.33
N LYS G 4 -1.14 -55.51 36.79
CA LYS G 4 -1.37 -54.37 35.90
C LYS G 4 -0.20 -54.09 34.96
N GLU G 5 1.05 -54.34 35.39
CA GLU G 5 2.22 -54.12 34.53
C GLU G 5 2.12 -54.99 33.27
N ASP G 6 1.62 -56.23 33.38
CA ASP G 6 1.43 -57.11 32.23
C ASP G 6 0.36 -56.54 31.27
N GLU G 7 -0.77 -56.02 31.82
CA GLU G 7 -1.85 -55.39 31.03
C GLU G 7 -1.29 -54.17 30.28
N ILE G 8 -0.41 -53.38 30.92
CA ILE G 8 0.19 -52.21 30.30
C ILE G 8 0.98 -52.63 29.05
N PHE G 9 1.89 -53.60 29.21
CA PHE G 9 2.70 -54.07 28.08
C PHE G 9 1.89 -54.70 26.95
N ARG G 10 0.71 -55.27 27.23
CA ARG G 10 -0.11 -55.83 26.15
C ARG G 10 -0.71 -54.67 25.35
N ILE G 11 -1.21 -53.62 26.03
CA ILE G 11 -1.75 -52.43 25.36
C ILE G 11 -0.65 -51.78 24.50
N VAL G 12 0.61 -51.79 24.98
CA VAL G 12 1.76 -51.24 24.25
C VAL G 12 1.89 -51.92 22.88
N GLU G 13 1.86 -53.27 22.85
CA GLU G 13 1.96 -54.05 21.61
C GLU G 13 0.70 -53.88 20.74
N GLU G 14 -0.49 -53.98 21.35
CA GLU G 14 -1.77 -53.87 20.65
C GLU G 14 -1.91 -52.51 19.94
N LYS G 15 -1.75 -51.40 20.67
CA LYS G 15 -1.90 -50.06 20.12
C LYS G 15 -0.62 -49.53 19.45
N ASN G 16 0.52 -50.24 19.55
CA ASN G 16 1.78 -49.85 18.94
C ASN G 16 2.23 -48.46 19.41
N VAL G 17 2.35 -48.28 20.73
CA VAL G 17 2.82 -47.01 21.29
C VAL G 17 4.35 -47.02 21.27
N ARG G 18 4.97 -45.85 21.05
CA ARG G 18 6.43 -45.73 21.01
C ARG G 18 6.99 -44.76 22.05
N PHE G 19 6.15 -43.89 22.65
CA PHE G 19 6.59 -42.95 23.68
C PHE G 19 5.61 -42.92 24.84
N VAL G 20 6.13 -42.76 26.06
CA VAL G 20 5.32 -42.68 27.27
C VAL G 20 5.68 -41.39 28.00
N ARG G 21 4.65 -40.65 28.45
CA ARG G 21 4.80 -39.38 29.15
C ARG G 21 4.64 -39.63 30.64
N LEU G 22 5.68 -39.37 31.42
CA LEU G 22 5.62 -39.53 32.86
C LEU G 22 5.14 -38.22 33.44
N GLN G 23 3.79 -38.07 33.47
CA GLN G 23 3.12 -36.87 33.97
C GLN G 23 3.23 -36.71 35.47
N PHE G 24 3.30 -35.45 35.90
CA PHE G 24 3.24 -35.04 37.30
C PHE G 24 2.82 -33.56 37.34
N VAL G 25 2.67 -32.99 38.52
CA VAL G 25 2.17 -31.63 38.65
C VAL G 25 3.01 -30.86 39.67
N ASP G 26 3.21 -29.57 39.42
CA ASP G 26 3.95 -28.70 40.37
C ASP G 26 2.98 -28.14 41.41
N VAL G 27 3.47 -27.39 42.39
CA VAL G 27 2.58 -26.89 43.46
C VAL G 27 1.46 -25.98 42.92
N GLN G 28 1.59 -25.44 41.70
CA GLN G 28 0.58 -24.57 41.10
C GLN G 28 -0.45 -25.29 40.21
N GLY G 29 -0.41 -26.63 40.15
CA GLY G 29 -1.34 -27.39 39.34
C GLY G 29 -1.01 -27.46 37.86
N ILE G 30 0.20 -27.02 37.47
CA ILE G 30 0.61 -27.04 36.07
C ILE G 30 1.20 -28.41 35.72
N PRO G 31 0.74 -29.05 34.63
CA PRO G 31 1.29 -30.37 34.30
C PRO G 31 2.71 -30.31 33.75
N LYS G 32 3.56 -31.17 34.29
CA LYS G 32 4.95 -31.36 33.90
C LYS G 32 5.15 -32.83 33.51
N ASN G 33 6.17 -33.10 32.70
CA ASN G 33 6.34 -34.49 32.20
C ASN G 33 7.76 -34.80 31.68
N VAL G 34 8.11 -36.09 31.61
CA VAL G 34 9.37 -36.57 31.08
C VAL G 34 8.97 -37.56 30.00
N ALA G 35 9.40 -37.32 28.76
CA ALA G 35 9.09 -38.21 27.64
C ALA G 35 10.15 -39.29 27.58
N ILE G 36 9.75 -40.56 27.61
CA ILE G 36 10.69 -41.68 27.54
C ILE G 36 10.27 -42.62 26.41
N PRO G 37 11.21 -43.25 25.68
CA PRO G 37 10.80 -44.27 24.70
C PRO G 37 10.27 -45.52 25.41
N VAL G 38 9.43 -46.33 24.73
CA VAL G 38 8.86 -47.55 25.34
C VAL G 38 9.91 -48.52 25.86
N GLY G 39 11.12 -48.49 25.32
CA GLY G 39 12.19 -49.35 25.80
C GLY G 39 12.50 -49.11 27.27
N GLN G 40 12.30 -47.87 27.75
CA GLN G 40 12.53 -47.48 29.14
C GLN G 40 11.28 -47.67 30.04
N LEU G 41 10.14 -48.15 29.50
CA LEU G 41 8.92 -48.33 30.29
C LEU G 41 9.09 -49.37 31.39
N GLU G 42 9.86 -50.44 31.13
CA GLU G 42 10.10 -51.46 32.15
C GLU G 42 10.90 -50.85 33.31
N LYS G 43 11.87 -49.97 33.00
CA LYS G 43 12.66 -49.30 34.03
C LYS G 43 11.80 -48.31 34.84
N ALA G 44 10.84 -47.63 34.18
CA ALA G 44 9.98 -46.68 34.86
C ALA G 44 9.06 -47.40 35.87
N LEU G 45 8.42 -48.51 35.46
CA LEU G 45 7.54 -49.27 36.34
C LEU G 45 8.30 -50.05 37.44
N GLY G 46 9.61 -50.26 37.26
CA GLY G 46 10.45 -50.95 38.24
C GLY G 46 11.15 -49.96 39.16
N PRO G 47 12.46 -49.67 38.97
CA PRO G 47 13.20 -48.78 39.89
C PRO G 47 12.82 -47.31 39.74
N GLY G 48 12.15 -46.93 38.65
CA GLY G 48 11.75 -45.55 38.41
C GLY G 48 12.79 -44.76 37.64
N ILE G 49 12.39 -43.58 37.17
CA ILE G 49 13.30 -42.70 36.37
C ILE G 49 13.73 -41.50 37.22
N HIS G 50 14.99 -41.12 37.12
CA HIS G 50 15.51 -39.98 37.86
C HIS G 50 15.33 -38.68 37.08
N PHE G 51 15.15 -37.58 37.82
CA PHE G 51 14.93 -36.26 37.19
C PHE G 51 15.27 -35.17 38.21
N ASP G 52 15.16 -33.90 37.81
CA ASP G 52 15.44 -32.78 38.74
C ASP G 52 14.13 -32.34 39.42
N GLY G 53 14.09 -32.36 40.75
CA GLY G 53 12.88 -31.97 41.49
C GLY G 53 12.80 -30.47 41.67
N SER G 54 13.82 -29.73 41.21
CA SER G 54 13.80 -28.24 41.29
C SER G 54 12.81 -27.69 40.27
N SER G 55 11.56 -28.16 40.32
CA SER G 55 10.52 -27.70 39.36
C SER G 55 9.13 -27.84 40.00
N ILE G 56 8.92 -28.91 40.79
CA ILE G 56 7.63 -29.11 41.50
C ILE G 56 7.31 -27.83 42.25
N GLU G 57 8.26 -27.31 43.03
CA GLU G 57 7.99 -26.10 43.84
C GLU G 57 8.00 -24.87 42.93
N GLY G 58 7.77 -25.07 41.63
CA GLY G 58 7.76 -23.96 40.67
C GLY G 58 8.65 -22.82 41.11
N SER G 65 18.03 -32.01 44.82
CA SER G 65 17.59 -31.82 43.44
C SER G 65 17.18 -33.16 42.80
N ASP G 66 18.07 -34.18 42.89
CA ASP G 66 17.82 -35.50 42.31
C ASP G 66 16.59 -36.14 42.95
N MET G 67 15.66 -36.62 42.12
CA MET G 67 14.43 -37.27 42.63
C MET G 67 14.05 -38.42 41.68
N VAL G 68 13.02 -39.20 42.03
CA VAL G 68 12.59 -40.36 41.24
C VAL G 68 11.09 -40.26 40.91
N LEU G 69 10.73 -40.64 39.69
CA LEU G 69 9.31 -40.61 39.27
C LEU G 69 8.74 -42.02 39.39
N ARG G 70 7.70 -42.20 40.22
CA ARG G 70 7.10 -43.54 40.42
C ARG G 70 5.73 -43.58 39.74
N PRO G 71 5.60 -44.25 38.57
CA PRO G 71 4.33 -44.28 37.83
C PRO G 71 3.22 -45.07 38.53
N ASP G 72 1.99 -44.57 38.50
CA ASP G 72 0.84 -45.27 39.08
C ASP G 72 0.30 -46.17 37.95
N PRO G 73 0.42 -47.51 38.03
CA PRO G 73 -0.07 -48.35 36.92
C PRO G 73 -1.55 -48.19 36.58
N ASP G 74 -2.39 -47.79 37.54
CA ASP G 74 -3.83 -47.60 37.30
C ASP G 74 -4.12 -46.41 36.37
N THR G 75 -3.17 -45.47 36.21
CA THR G 75 -3.34 -44.28 35.40
C THR G 75 -2.77 -44.38 33.98
N PHE G 76 -2.38 -45.60 33.53
CA PHE G 76 -1.85 -45.77 32.18
C PHE G 76 -2.94 -45.60 31.15
N ARG G 77 -2.72 -44.72 30.17
CA ARG G 77 -3.70 -44.52 29.13
C ARG G 77 -3.06 -44.06 27.85
N VAL G 78 -3.65 -44.47 26.74
CA VAL G 78 -3.14 -44.14 25.42
C VAL G 78 -3.78 -42.83 24.97
N LEU G 79 -2.99 -41.85 24.49
CA LEU G 79 -3.55 -40.59 24.03
C LEU G 79 -4.30 -40.83 22.70
N PRO G 80 -5.63 -40.60 22.61
CA PRO G 80 -6.35 -40.90 21.37
C PRO G 80 -5.89 -40.17 20.09
N TRP G 81 -5.15 -39.05 20.19
CA TRP G 81 -4.65 -38.37 18.99
C TRP G 81 -3.43 -39.11 18.43
N SER G 82 -3.58 -39.73 17.23
CA SER G 82 -2.49 -40.47 16.57
C SER G 82 -1.36 -39.54 16.09
N GLY G 83 -0.18 -40.11 15.91
CA GLY G 83 0.99 -39.38 15.45
C GLY G 83 1.14 -39.39 13.95
N GLY G 86 2.23 -42.80 12.01
CA GLY G 86 1.36 -43.82 12.56
C GLY G 86 1.83 -44.37 13.90
N THR G 87 2.46 -43.53 14.74
CA THR G 87 2.97 -43.94 16.05
C THR G 87 1.99 -43.45 17.13
N ALA G 88 1.74 -44.29 18.16
CA ALA G 88 0.85 -43.91 19.26
C ALA G 88 1.68 -43.51 20.49
N GLU G 89 1.08 -42.76 21.42
CA GLU G 89 1.74 -42.28 22.64
C GLU G 89 0.88 -42.61 23.86
N ALA G 90 1.50 -42.80 25.02
CA ALA G 90 0.80 -43.12 26.26
C ALA G 90 1.26 -42.22 27.41
N ARG G 91 0.50 -42.27 28.51
CA ARG G 91 0.81 -41.38 29.67
C ARG G 91 0.71 -42.16 30.97
N LEU G 92 1.38 -41.67 32.02
CA LEU G 92 1.35 -42.28 33.33
C LEU G 92 1.49 -41.19 34.38
N ILE G 93 0.50 -41.05 35.27
CA ILE G 93 0.59 -40.08 36.35
C ILE G 93 1.57 -40.68 37.36
N CYS G 94 2.53 -39.87 37.79
CA CYS G 94 3.61 -40.30 38.66
C CYS G 94 3.59 -39.63 40.00
N ASP G 95 4.10 -40.36 41.00
CA ASP G 95 4.39 -39.88 42.34
C ASP G 95 5.88 -39.49 42.32
N ILE G 96 6.34 -38.72 43.31
CA ILE G 96 7.73 -38.30 43.39
C ILE G 96 8.31 -38.81 44.70
N GLU G 97 9.52 -39.35 44.62
CA GLU G 97 10.17 -39.88 45.84
C GLU G 97 11.64 -39.45 45.87
N LEU G 98 12.22 -39.39 47.07
CA LEU G 98 13.60 -39.01 47.24
C LEU G 98 14.46 -40.23 46.79
N PRO G 99 15.72 -40.01 46.39
CA PRO G 99 16.58 -41.14 45.96
C PRO G 99 16.65 -42.33 46.91
N ASP G 100 16.53 -42.09 48.23
CA ASP G 100 16.57 -43.16 49.24
C ASP G 100 15.34 -44.08 49.25
N GLY G 101 14.17 -43.54 48.90
CA GLY G 101 12.93 -44.30 48.85
C GLY G 101 11.77 -43.64 49.56
N LYS G 102 12.02 -42.59 50.37
CA LYS G 102 10.97 -41.90 51.12
C LYS G 102 10.10 -41.05 50.19
N PRO G 103 8.75 -40.98 50.36
CA PRO G 103 7.96 -40.12 49.47
C PRO G 103 8.30 -38.63 49.65
N PHE G 104 8.31 -37.87 48.55
CA PHE G 104 8.61 -36.46 48.62
C PHE G 104 7.38 -35.73 49.14
N MET G 105 7.49 -35.12 50.33
CA MET G 105 6.40 -34.38 50.98
C MET G 105 5.99 -33.09 50.23
N GLY G 106 6.76 -32.67 49.23
CA GLY G 106 6.45 -31.51 48.41
C GLY G 106 5.59 -31.83 47.21
N CYS G 107 5.39 -33.13 46.88
CA CYS G 107 4.57 -33.53 45.73
C CYS G 107 3.09 -33.31 46.04
N PRO G 108 2.34 -32.50 45.25
CA PRO G 108 0.92 -32.31 45.54
C PRO G 108 0.08 -33.57 45.56
N ARG G 109 0.36 -34.53 44.68
CA ARG G 109 -0.36 -35.80 44.62
C ARG G 109 -0.14 -36.59 45.91
N GLN G 110 1.08 -36.59 46.45
CA GLN G 110 1.41 -37.30 47.68
C GLN G 110 0.72 -36.65 48.90
N VAL G 111 0.48 -35.33 48.86
CA VAL G 111 -0.22 -34.60 49.92
C VAL G 111 -1.68 -35.06 50.01
N LEU G 112 -2.39 -35.12 48.87
CA LEU G 112 -3.78 -35.56 48.86
C LEU G 112 -3.86 -37.02 49.30
N LYS G 113 -2.91 -37.87 48.84
CA LYS G 113 -2.88 -39.27 49.24
C LYS G 113 -2.71 -39.41 50.77
N LYS G 114 -1.84 -38.58 51.39
CA LYS G 114 -1.64 -38.61 52.84
C LYS G 114 -2.93 -38.21 53.55
N ASN G 115 -3.58 -37.11 53.13
CA ASN G 115 -4.82 -36.68 53.75
C ASN G 115 -5.95 -37.71 53.57
N MET G 116 -5.96 -38.44 52.44
CA MET G 116 -6.97 -39.48 52.21
C MET G 116 -6.70 -40.68 53.11
N GLU G 117 -5.41 -41.03 53.34
CA GLU G 117 -5.03 -42.14 54.24
C GLU G 117 -5.43 -41.81 55.68
N GLU G 118 -5.31 -40.53 56.11
CA GLU G 118 -5.72 -40.12 57.46
C GLU G 118 -7.26 -40.21 57.62
N ALA G 119 -8.01 -39.92 56.54
CA ALA G 119 -9.46 -40.04 56.53
C ALA G 119 -9.84 -41.52 56.57
N ALA G 120 -9.12 -42.38 55.82
CA ALA G 120 -9.38 -43.81 55.78
C ALA G 120 -9.18 -44.46 57.16
N LYS G 121 -8.30 -43.91 58.02
CA LYS G 121 -8.12 -44.41 59.39
C LYS G 121 -9.43 -44.31 60.19
N LEU G 122 -10.25 -43.29 59.91
CA LEU G 122 -11.55 -43.09 60.55
C LEU G 122 -12.71 -43.67 59.71
N GLY G 123 -12.42 -44.56 58.75
CA GLY G 123 -13.42 -45.15 57.88
C GLY G 123 -14.04 -44.20 56.87
N TYR G 124 -13.43 -43.02 56.66
CA TYR G 124 -13.97 -42.02 55.74
C TYR G 124 -13.24 -42.01 54.39
N VAL G 125 -14.00 -41.81 53.30
CA VAL G 125 -13.47 -41.63 51.95
C VAL G 125 -14.28 -40.48 51.34
N MET G 126 -13.60 -39.47 50.82
CA MET G 126 -14.25 -38.31 50.24
C MET G 126 -14.43 -38.49 48.75
N ASN G 127 -15.64 -38.18 48.26
CA ASN G 127 -15.99 -38.25 46.86
C ASN G 127 -16.25 -36.84 46.37
N THR G 128 -15.65 -36.49 45.22
CA THR G 128 -15.75 -35.16 44.62
C THR G 128 -16.25 -35.26 43.18
N GLY G 129 -17.10 -34.31 42.80
CA GLY G 129 -17.68 -34.21 41.47
C GLY G 129 -17.69 -32.76 41.03
N PRO G 130 -16.63 -32.28 40.37
CA PRO G 130 -16.56 -30.85 40.01
C PRO G 130 -17.27 -30.45 38.74
N GLU G 131 -17.73 -29.19 38.72
CA GLU G 131 -18.37 -28.54 37.58
C GLU G 131 -17.30 -27.64 37.00
N MET G 132 -16.69 -28.06 35.89
CA MET G 132 -15.56 -27.33 35.30
C MET G 132 -15.96 -26.31 34.24
N GLU G 133 -15.88 -25.02 34.60
CA GLU G 133 -16.16 -23.92 33.67
C GLU G 133 -14.86 -23.47 33.01
N PHE G 134 -14.93 -23.07 31.74
CA PHE G 134 -13.76 -22.62 31.00
C PHE G 134 -14.17 -21.75 29.81
N PHE G 135 -13.21 -21.05 29.22
CA PHE G 135 -13.46 -20.20 28.07
C PHE G 135 -12.71 -20.71 26.84
N LEU G 136 -13.27 -20.45 25.65
CA LEU G 136 -12.64 -20.81 24.39
C LEU G 136 -12.45 -19.51 23.62
N PHE G 137 -11.19 -19.07 23.50
CA PHE G 137 -10.84 -17.79 22.89
C PHE G 137 -10.12 -17.95 21.56
N LYS G 138 -10.24 -16.93 20.70
CA LYS G 138 -9.59 -16.91 19.40
C LYS G 138 -8.08 -16.69 19.56
N ARG G 139 -7.32 -16.91 18.49
CA ARG G 139 -5.89 -16.66 18.47
C ARG G 139 -5.60 -15.67 17.35
N GLN G 140 -4.79 -14.65 17.62
CA GLN G 140 -4.42 -13.65 16.62
C GLN G 140 -2.91 -13.65 16.53
N ASP G 141 -2.36 -14.04 15.36
CA ASP G 141 -0.92 -14.09 15.09
C ASP G 141 -0.21 -15.12 15.95
N GLY G 142 -0.80 -16.31 16.06
CA GLY G 142 -0.23 -17.40 16.84
C GLY G 142 -0.33 -17.27 18.35
N MET G 143 -0.62 -16.06 18.87
CA MET G 143 -0.73 -15.82 20.32
C MET G 143 -2.18 -15.95 20.79
N PRO G 144 -2.42 -16.43 22.02
CA PRO G 144 -3.80 -16.46 22.52
C PRO G 144 -4.31 -15.07 22.92
N THR G 145 -5.62 -14.90 22.84
CA THR G 145 -6.29 -13.63 23.16
C THR G 145 -7.43 -13.91 24.19
N ASN G 146 -8.17 -12.88 24.61
CA ASN G 146 -9.34 -13.04 25.47
C ASN G 146 -10.61 -12.67 24.68
N ILE G 147 -10.62 -12.89 23.34
CA ILE G 147 -11.76 -12.60 22.49
C ILE G 147 -12.60 -13.88 22.39
N PRO G 148 -13.86 -13.89 22.83
CA PRO G 148 -14.67 -15.12 22.72
C PRO G 148 -14.80 -15.63 21.29
N GLN G 149 -14.72 -16.96 21.12
CA GLN G 149 -14.89 -17.62 19.83
C GLN G 149 -16.33 -17.51 19.34
N ASP G 150 -17.30 -17.58 20.26
CA ASP G 150 -18.71 -17.49 19.94
C ASP G 150 -19.39 -16.35 20.71
N ARG G 151 -20.57 -15.96 20.24
CA ARG G 151 -21.40 -14.92 20.83
C ARG G 151 -22.62 -15.61 21.48
N GLY G 152 -22.37 -16.62 22.33
CA GLY G 152 -23.43 -17.39 22.99
C GLY G 152 -23.65 -17.07 24.44
N GLY G 153 -24.78 -17.55 24.95
CA GLY G 153 -25.21 -17.35 26.33
C GLY G 153 -25.54 -18.64 27.06
N TYR G 154 -26.44 -18.52 28.03
CA TYR G 154 -26.79 -19.70 28.88
C TYR G 154 -27.46 -20.81 28.08
N PHE G 155 -26.97 -22.03 28.27
CA PHE G 155 -27.55 -23.23 27.65
C PHE G 155 -27.89 -23.01 26.16
N ASP G 156 -27.18 -22.11 25.47
CA ASP G 156 -27.48 -21.82 24.06
C ASP G 156 -27.11 -22.97 23.13
N LEU G 157 -27.81 -23.04 21.99
CA LEU G 157 -27.67 -24.07 20.97
C LEU G 157 -27.06 -23.48 19.68
N ALA G 158 -26.42 -24.32 18.86
CA ALA G 158 -25.83 -23.90 17.58
C ALA G 158 -26.93 -23.36 16.65
N PRO G 159 -26.61 -22.42 15.73
CA PRO G 159 -25.29 -21.82 15.47
C PRO G 159 -24.86 -20.72 16.44
N ILE G 160 -25.61 -20.52 17.53
CA ILE G 160 -25.18 -19.53 18.56
C ILE G 160 -23.93 -20.08 19.26
N ASP G 161 -23.96 -21.36 19.64
CA ASP G 161 -22.76 -22.00 20.24
C ASP G 161 -21.92 -22.61 19.11
N LEU G 162 -20.80 -21.98 18.79
CA LEU G 162 -19.98 -22.45 17.64
C LEU G 162 -18.86 -23.37 18.13
N ALA G 163 -18.93 -23.80 19.40
CA ALA G 163 -17.90 -24.71 19.96
C ALA G 163 -18.51 -26.09 20.21
N GLU G 164 -19.61 -26.41 19.53
CA GLU G 164 -20.28 -27.69 19.75
C GLU G 164 -19.48 -28.87 19.22
N GLU G 165 -18.70 -28.66 18.16
CA GLU G 165 -17.87 -29.75 17.60
C GLU G 165 -16.70 -30.03 18.56
N ILE G 166 -15.95 -28.99 18.93
CA ILE G 166 -14.82 -29.14 19.85
C ILE G 166 -15.26 -29.74 21.19
N LYS G 167 -16.36 -29.25 21.80
CA LYS G 167 -16.86 -29.83 23.07
C LYS G 167 -17.21 -31.30 22.89
N ARG G 168 -17.79 -31.65 21.74
CA ARG G 168 -18.11 -33.07 21.45
C ARG G 168 -16.80 -33.87 21.44
N GLU G 169 -15.77 -33.35 20.77
CA GLU G 169 -14.49 -34.04 20.71
C GLU G 169 -13.88 -34.19 22.11
N ILE G 170 -13.95 -33.14 22.98
CA ILE G 170 -13.41 -33.20 24.34
C ILE G 170 -14.05 -34.36 25.11
N VAL G 171 -15.38 -34.42 25.13
CA VAL G 171 -16.10 -35.47 25.86
C VAL G 171 -15.77 -36.86 25.28
N LEU G 172 -15.66 -36.96 23.96
CA LEU G 172 -15.33 -38.28 23.32
C LEU G 172 -13.92 -38.70 23.75
N VAL G 173 -12.94 -37.82 23.61
CA VAL G 173 -11.55 -38.11 23.97
C VAL G 173 -11.46 -38.53 25.44
N LEU G 174 -12.24 -37.88 26.32
CA LEU G 174 -12.23 -38.23 27.74
C LEU G 174 -12.82 -39.63 27.95
N GLU G 175 -13.95 -39.95 27.32
CA GLU G 175 -14.56 -41.28 27.46
C GLU G 175 -13.61 -42.40 27.02
N GLU G 176 -12.78 -42.13 26.01
CA GLU G 176 -11.77 -43.08 25.54
C GLU G 176 -10.66 -43.34 26.58
N MET G 177 -10.59 -42.54 27.67
CA MET G 177 -9.59 -42.66 28.73
C MET G 177 -10.24 -43.03 30.08
N GLY G 178 -11.27 -43.87 30.05
CA GLY G 178 -11.98 -44.31 31.25
C GLY G 178 -12.54 -43.17 32.07
N PHE G 179 -13.23 -42.27 31.36
CA PHE G 179 -13.81 -41.05 31.99
C PHE G 179 -15.31 -41.02 31.72
N GLU G 180 -16.11 -40.82 32.77
CA GLU G 180 -17.57 -40.76 32.69
C GLU G 180 -18.02 -39.30 32.85
N VAL G 181 -18.63 -38.70 31.80
CA VAL G 181 -19.11 -37.31 31.85
C VAL G 181 -20.63 -37.33 32.05
N GLU G 182 -21.15 -36.38 32.81
CA GLU G 182 -22.62 -36.33 33.09
C GLU G 182 -23.30 -35.45 32.04
N ALA G 183 -22.82 -34.20 31.89
CA ALA G 183 -23.42 -33.28 30.94
C ALA G 183 -22.48 -32.10 30.64
N ALA G 184 -22.67 -31.47 29.47
CA ALA G 184 -21.92 -30.30 29.03
C ALA G 184 -22.89 -29.28 28.45
N HIS G 185 -22.60 -27.98 28.63
CA HIS G 185 -23.47 -26.92 28.14
C HIS G 185 -22.73 -25.59 28.01
N HIS G 186 -23.30 -24.64 27.26
CA HIS G 186 -22.76 -23.30 27.12
C HIS G 186 -23.12 -22.53 28.39
N GLU G 187 -22.17 -21.76 28.94
CA GLU G 187 -22.39 -21.00 30.17
C GLU G 187 -22.89 -19.55 29.89
N VAL G 188 -23.03 -18.71 30.92
CA VAL G 188 -23.60 -17.36 30.80
C VAL G 188 -22.79 -16.44 29.88
N ALA G 189 -21.47 -16.35 30.11
CA ALA G 189 -20.61 -15.45 29.36
C ALA G 189 -20.32 -15.92 27.93
N PHE G 190 -19.94 -14.97 27.05
CA PHE G 190 -19.62 -15.25 25.65
C PHE G 190 -18.41 -16.17 25.57
N GLY G 191 -18.55 -17.28 24.84
CA GLY G 191 -17.49 -18.25 24.68
C GLY G 191 -17.18 -19.10 25.91
N GLN G 192 -18.04 -19.04 26.94
CA GLN G 192 -17.83 -19.83 28.15
C GLN G 192 -18.60 -21.14 28.06
N HIS G 193 -18.04 -22.22 28.60
CA HIS G 193 -18.63 -23.55 28.59
C HIS G 193 -18.41 -24.25 29.93
N GLU G 194 -19.18 -25.32 30.19
CA GLU G 194 -19.07 -26.09 31.41
C GLU G 194 -19.22 -27.57 31.10
N ILE G 195 -18.36 -28.39 31.72
CA ILE G 195 -18.38 -29.83 31.57
C ILE G 195 -18.40 -30.41 32.96
N ASP G 196 -19.51 -31.03 33.36
CA ASP G 196 -19.66 -31.62 34.68
C ASP G 196 -19.48 -33.12 34.54
N PHE G 197 -18.62 -33.72 35.38
CA PHE G 197 -18.43 -35.18 35.35
C PHE G 197 -18.83 -35.81 36.67
N LYS G 198 -19.12 -37.14 36.62
CA LYS G 198 -19.57 -37.95 37.76
C LYS G 198 -18.59 -37.89 38.92
N TYR G 199 -19.13 -38.10 40.13
CA TYR G 199 -18.34 -38.13 41.34
C TYR G 199 -17.45 -39.38 41.39
N ASP G 200 -16.31 -39.25 42.06
CA ASP G 200 -15.34 -40.32 42.26
C ASP G 200 -14.43 -39.93 43.46
N ASN G 201 -13.58 -40.86 43.96
CA ASN G 201 -12.67 -40.53 45.07
C ASN G 201 -11.78 -39.31 44.73
N ALA G 202 -11.40 -38.53 45.74
CA ALA G 202 -10.62 -37.31 45.54
C ALA G 202 -9.39 -37.47 44.65
N LEU G 203 -8.67 -38.61 44.74
CA LEU G 203 -7.46 -38.82 43.93
C LEU G 203 -7.79 -39.04 42.45
N ALA G 204 -8.75 -39.92 42.13
CA ALA G 204 -9.13 -40.15 40.75
C ALA G 204 -9.73 -38.89 40.13
N THR G 205 -10.50 -38.13 40.91
CA THR G 205 -11.11 -36.88 40.40
C THR G 205 -10.02 -35.82 40.17
N ALA G 206 -9.01 -35.75 41.05
CA ALA G 206 -7.92 -34.78 40.87
C ALA G 206 -7.12 -35.10 39.60
N ASP G 207 -6.88 -36.40 39.35
CA ASP G 207 -6.19 -36.88 38.15
C ASP G 207 -7.01 -36.55 36.91
N ASN G 208 -8.33 -36.72 36.99
CA ASN G 208 -9.26 -36.45 35.91
C ASN G 208 -9.35 -34.95 35.61
N VAL G 209 -9.25 -34.08 36.63
CA VAL G 209 -9.26 -32.63 36.46
C VAL G 209 -8.05 -32.21 35.64
N ILE G 210 -6.86 -32.73 35.97
CA ILE G 210 -5.62 -32.40 35.25
C ILE G 210 -5.73 -32.87 33.81
N THR G 211 -6.28 -34.07 33.60
CA THR G 211 -6.47 -34.63 32.26
C THR G 211 -7.42 -33.74 31.45
N LEU G 212 -8.51 -33.29 32.07
CA LEU G 212 -9.49 -32.43 31.36
C LEU G 212 -8.79 -31.19 30.83
N LYS G 213 -8.06 -30.46 31.68
CA LYS G 213 -7.38 -29.23 31.27
C LYS G 213 -6.39 -29.49 30.12
N TYR G 214 -5.62 -30.57 30.22
CA TYR G 214 -4.65 -30.96 29.18
C TYR G 214 -5.37 -31.26 27.86
N VAL G 215 -6.43 -32.08 27.89
CA VAL G 215 -7.20 -32.46 26.71
C VAL G 215 -7.87 -31.24 26.06
N ALA G 216 -8.56 -30.40 26.86
CA ALA G 216 -9.25 -29.23 26.32
C ALA G 216 -8.28 -28.25 25.64
N LYS G 217 -7.13 -27.96 26.28
CA LYS G 217 -6.14 -27.05 25.71
C LYS G 217 -5.49 -27.63 24.45
N THR G 218 -5.29 -28.97 24.41
CA THR G 218 -4.70 -29.63 23.24
C THR G 218 -5.67 -29.59 22.05
N LEU G 219 -6.92 -29.96 22.26
CA LEU G 219 -7.91 -29.96 21.18
C LEU G 219 -8.27 -28.54 20.72
N ALA G 220 -8.19 -27.54 21.62
CA ALA G 220 -8.45 -26.16 21.23
C ALA G 220 -7.38 -25.70 20.26
N LEU G 221 -6.10 -26.02 20.52
CA LEU G 221 -5.02 -25.63 19.63
C LEU G 221 -5.20 -26.29 18.25
N GLN G 222 -5.67 -27.55 18.22
CA GLN G 222 -5.92 -28.25 16.95
C GLN G 222 -6.93 -27.48 16.06
N HIS G 223 -7.88 -26.75 16.68
CA HIS G 223 -8.87 -25.97 15.94
C HIS G 223 -8.51 -24.46 15.85
N GLY G 224 -7.26 -24.09 16.12
CA GLY G 224 -6.81 -22.71 16.07
C GLY G 224 -7.38 -21.83 17.16
N LEU G 225 -7.81 -22.43 18.28
CA LEU G 225 -8.39 -21.75 19.44
C LEU G 225 -7.52 -21.95 20.69
N HIS G 226 -7.89 -21.30 21.81
CA HIS G 226 -7.18 -21.39 23.06
C HIS G 226 -8.18 -21.58 24.20
N ALA G 227 -8.14 -22.74 24.87
CA ALA G 227 -9.00 -22.99 26.01
C ALA G 227 -8.27 -22.51 27.24
N THR G 228 -8.96 -21.82 28.14
CA THR G 228 -8.34 -21.34 29.38
C THR G 228 -9.26 -21.56 30.56
N PHE G 229 -8.65 -21.93 31.68
CA PHE G 229 -9.31 -22.14 32.95
C PHE G 229 -8.96 -20.96 33.90
N MET G 230 -8.69 -19.78 33.33
CA MET G 230 -8.37 -18.58 34.14
C MET G 230 -9.64 -18.12 34.86
N PRO G 231 -9.61 -17.69 36.14
CA PRO G 231 -10.84 -17.34 36.86
C PRO G 231 -11.64 -16.18 36.27
N LYS G 232 -10.97 -15.11 35.82
CA LYS G 232 -11.64 -13.93 35.28
C LYS G 232 -10.84 -13.36 34.10
N PRO G 233 -10.93 -14.01 32.92
CA PRO G 233 -10.19 -13.50 31.76
C PRO G 233 -10.76 -12.22 31.15
N ILE G 234 -12.05 -11.94 31.37
CA ILE G 234 -12.70 -10.75 30.82
C ILE G 234 -13.43 -10.00 31.93
N PHE G 235 -13.25 -8.68 31.99
CA PHE G 235 -13.94 -7.84 32.97
C PHE G 235 -15.38 -7.57 32.49
N GLY G 236 -16.32 -7.51 33.43
CA GLY G 236 -17.71 -7.20 33.13
C GLY G 236 -18.58 -8.39 32.74
N VAL G 237 -17.99 -9.59 32.60
CA VAL G 237 -18.74 -10.80 32.27
C VAL G 237 -18.52 -11.86 33.36
N ASN G 238 -19.27 -12.98 33.31
CA ASN G 238 -19.14 -14.05 34.29
C ASN G 238 -17.72 -14.65 34.27
N GLY G 239 -17.28 -15.11 35.42
CA GLY G 239 -15.97 -15.74 35.56
C GLY G 239 -16.08 -17.24 35.71
N SER G 240 -15.01 -17.98 35.35
CA SER G 240 -15.02 -19.43 35.45
C SER G 240 -14.82 -19.90 36.88
N GLY G 241 -15.70 -20.78 37.33
CA GLY G 241 -15.67 -21.39 38.64
C GLY G 241 -15.54 -22.90 38.58
N MET G 242 -15.13 -23.51 39.71
CA MET G 242 -15.03 -24.96 39.84
C MET G 242 -15.88 -25.33 41.06
N HIS G 243 -17.20 -25.46 40.86
CA HIS G 243 -18.09 -25.82 41.95
C HIS G 243 -17.85 -27.29 42.26
N THR G 244 -17.44 -27.60 43.49
CA THR G 244 -17.06 -28.95 43.89
C THR G 244 -18.14 -29.64 44.73
N ASN G 245 -18.85 -30.61 44.13
CA ASN G 245 -19.83 -31.41 44.85
C ASN G 245 -19.03 -32.38 45.71
N THR G 246 -19.25 -32.35 47.02
CA THR G 246 -18.49 -33.14 47.98
C THR G 246 -19.41 -33.93 48.90
N SER G 247 -19.05 -35.20 49.13
CA SER G 247 -19.76 -36.09 50.03
C SER G 247 -18.74 -36.98 50.75
N LEU G 248 -19.06 -37.40 51.98
CA LEU G 248 -18.20 -38.31 52.74
C LEU G 248 -18.87 -39.67 52.81
N PHE G 249 -18.09 -40.75 52.72
CA PHE G 249 -18.63 -42.10 52.76
C PHE G 249 -17.93 -42.89 53.86
N LYS G 250 -18.70 -43.35 54.87
CA LYS G 250 -18.17 -44.17 55.95
C LYS G 250 -18.70 -45.59 55.76
N ASP G 251 -17.83 -46.60 55.83
CA ASP G 251 -18.29 -48.01 55.74
C ASP G 251 -19.21 -48.18 54.53
N GLY G 252 -18.76 -47.76 53.34
CA GLY G 252 -19.57 -47.98 52.14
C GLY G 252 -20.81 -47.12 51.99
N LYS G 253 -21.37 -46.62 53.10
CA LYS G 253 -22.60 -45.81 53.10
C LYS G 253 -22.31 -44.30 53.08
N ASN G 254 -23.23 -43.47 52.55
CA ASN G 254 -23.05 -42.02 52.53
C ASN G 254 -23.22 -41.46 53.97
N ALA G 255 -22.11 -40.98 54.57
CA ALA G 255 -22.11 -40.44 55.93
C ALA G 255 -22.90 -39.14 56.11
N PHE G 256 -23.38 -38.56 55.00
CA PHE G 256 -24.11 -37.26 55.05
C PHE G 256 -25.62 -37.49 55.05
N TYR G 257 -26.06 -38.74 54.91
CA TYR G 257 -27.48 -39.06 54.88
C TYR G 257 -27.97 -39.66 56.20
N ASP G 258 -29.03 -39.08 56.78
CA ASP G 258 -29.69 -39.58 57.98
C ASP G 258 -31.20 -39.37 57.75
N PRO G 259 -31.97 -40.43 57.38
CA PRO G 259 -33.40 -40.22 57.09
C PRO G 259 -34.25 -39.68 58.24
N ASP G 260 -33.82 -39.89 59.49
CA ASP G 260 -34.57 -39.46 60.67
C ASP G 260 -34.25 -38.01 61.09
N ALA G 261 -33.07 -37.49 60.74
CA ALA G 261 -32.67 -36.16 61.14
C ALA G 261 -33.37 -35.04 60.34
N PRO G 262 -33.41 -33.77 60.84
CA PRO G 262 -34.07 -32.71 60.06
C PRO G 262 -33.46 -32.50 58.70
N ASP G 263 -34.34 -32.28 57.70
CA ASP G 263 -33.99 -32.12 56.30
C ASP G 263 -33.21 -33.32 55.74
N GLN G 264 -33.25 -34.49 56.42
CA GLN G 264 -32.58 -35.72 56.03
C GLN G 264 -31.05 -35.58 55.94
N ILE G 265 -30.51 -34.56 56.61
CA ILE G 265 -29.04 -34.36 56.64
C ILE G 265 -28.50 -34.92 57.95
N SER G 266 -27.39 -35.65 57.90
CA SER G 266 -26.76 -36.22 59.09
C SER G 266 -25.98 -35.14 59.86
N ASP G 267 -25.63 -35.44 61.12
CA ASP G 267 -24.82 -34.52 61.92
C ASP G 267 -23.44 -34.34 61.28
N THR G 268 -22.89 -35.42 60.68
CA THR G 268 -21.60 -35.39 59.99
C THR G 268 -21.56 -34.30 58.92
N LEU G 269 -22.68 -34.07 58.19
CA LEU G 269 -22.72 -33.01 57.17
C LEU G 269 -22.58 -31.64 57.84
N ARG G 270 -23.33 -31.41 58.91
CA ARG G 270 -23.30 -30.07 59.55
C ARG G 270 -21.92 -29.82 60.16
N TYR G 271 -21.31 -30.83 60.77
CA TYR G 271 -19.97 -30.64 61.33
C TYR G 271 -18.94 -30.43 60.22
N PHE G 272 -19.04 -31.18 59.10
CA PHE G 272 -18.12 -31.02 57.97
C PHE G 272 -18.23 -29.60 57.40
N VAL G 273 -19.47 -29.09 57.23
CA VAL G 273 -19.72 -27.73 56.74
C VAL G 273 -19.15 -26.71 57.72
N GLY G 274 -19.36 -26.92 59.01
CA GLY G 274 -18.83 -26.06 60.05
C GLY G 274 -17.32 -25.94 60.02
N GLY G 275 -16.65 -27.06 59.75
CA GLY G 275 -15.20 -27.09 59.66
C GLY G 275 -14.68 -26.36 58.44
N VAL G 276 -15.30 -26.59 57.27
CA VAL G 276 -14.91 -25.93 56.02
C VAL G 276 -15.09 -24.42 56.16
N LEU G 277 -16.23 -23.97 56.69
CA LEU G 277 -16.50 -22.54 56.86
C LEU G 277 -15.58 -21.87 57.90
N LYS G 278 -15.07 -22.64 58.87
CA LYS G 278 -14.17 -22.10 59.88
C LYS G 278 -12.84 -21.72 59.23
N HIS G 279 -12.32 -22.58 58.33
CA HIS G 279 -11.04 -22.37 57.66
C HIS G 279 -11.20 -21.86 56.22
N ILE G 280 -12.39 -21.42 55.78
CA ILE G 280 -12.60 -21.02 54.38
C ILE G 280 -11.74 -19.83 53.93
N ARG G 281 -11.46 -18.86 54.82
CA ARG G 281 -10.59 -17.73 54.44
C ARG G 281 -9.18 -18.25 54.08
N ALA G 282 -8.71 -19.25 54.80
CA ALA G 282 -7.41 -19.87 54.55
C ALA G 282 -7.45 -20.80 53.33
N ILE G 283 -8.55 -21.53 53.14
CA ILE G 283 -8.67 -22.46 51.98
C ILE G 283 -8.67 -21.64 50.69
N THR G 284 -9.23 -20.43 50.70
CA THR G 284 -9.28 -19.57 49.51
C THR G 284 -7.90 -19.34 48.90
N ALA G 285 -6.84 -19.34 49.73
CA ALA G 285 -5.48 -19.19 49.21
C ALA G 285 -5.04 -20.35 48.31
N ILE G 286 -5.64 -21.54 48.50
CA ILE G 286 -5.37 -22.76 47.74
C ILE G 286 -6.35 -22.89 46.56
N THR G 287 -7.67 -22.72 46.84
CA THR G 287 -8.74 -22.87 45.85
C THR G 287 -8.86 -21.69 44.86
N ASN G 288 -8.36 -20.52 45.25
CA ASN G 288 -8.36 -19.29 44.46
C ASN G 288 -6.92 -18.78 44.55
N PRO G 289 -5.95 -19.45 43.89
CA PRO G 289 -4.53 -19.09 44.11
C PRO G 289 -3.93 -17.95 43.30
N LEU G 290 -4.58 -17.50 42.23
CA LEU G 290 -4.02 -16.44 41.39
C LEU G 290 -4.48 -15.07 41.86
N VAL G 291 -3.74 -14.03 41.44
CA VAL G 291 -4.13 -12.63 41.72
C VAL G 291 -5.49 -12.37 41.01
N ASN G 292 -5.66 -12.92 39.80
CA ASN G 292 -6.88 -12.82 39.00
C ASN G 292 -8.09 -13.51 39.64
N SER G 293 -7.88 -14.52 40.49
CA SER G 293 -8.96 -15.22 41.18
C SER G 293 -9.84 -14.30 42.01
N TYR G 294 -9.28 -13.21 42.53
CA TYR G 294 -10.01 -12.26 43.35
C TYR G 294 -10.76 -11.20 42.51
N LYS G 295 -10.53 -11.13 41.19
CA LYS G 295 -11.33 -10.32 40.28
C LYS G 295 -12.65 -11.09 39.93
N ARG G 296 -12.69 -12.42 40.15
CA ARG G 296 -13.88 -13.27 40.00
C ARG G 296 -14.73 -13.16 41.26
N LEU G 297 -14.10 -13.12 42.46
CA LEU G 297 -14.80 -13.02 43.74
C LEU G 297 -15.26 -11.58 43.98
N VAL G 298 -16.19 -11.12 43.14
CA VAL G 298 -16.78 -9.78 43.20
C VAL G 298 -18.32 -9.95 43.08
N PRO G 299 -19.15 -9.10 43.71
CA PRO G 299 -20.62 -9.27 43.56
C PRO G 299 -21.12 -9.00 42.13
N GLY G 300 -22.26 -9.59 41.79
CA GLY G 300 -22.89 -9.41 40.48
C GLY G 300 -22.85 -10.62 39.56
N TYR G 301 -22.00 -11.62 39.85
CA TYR G 301 -21.87 -12.82 39.03
C TYR G 301 -22.19 -14.09 39.85
N GLU G 302 -22.12 -15.26 39.19
CA GLU G 302 -22.48 -16.54 39.79
C GLU G 302 -21.34 -17.11 40.71
N ALA G 303 -20.43 -16.23 41.18
CA ALA G 303 -19.37 -16.50 42.16
C ALA G 303 -19.77 -16.08 43.59
N PRO G 304 -19.58 -16.94 44.63
CA PRO G 304 -19.91 -16.53 46.00
C PRO G 304 -18.85 -15.58 46.55
N VAL G 305 -19.28 -14.64 47.37
CA VAL G 305 -18.40 -13.65 48.00
C VAL G 305 -18.58 -13.64 49.53
N TYR G 306 -19.81 -13.83 50.04
CA TYR G 306 -20.10 -13.85 51.46
C TYR G 306 -20.05 -15.28 52.01
N ILE G 307 -19.53 -15.45 53.23
CA ILE G 307 -19.37 -16.75 53.86
C ILE G 307 -20.67 -17.22 54.50
N THR G 308 -21.50 -17.96 53.73
CA THR G 308 -22.79 -18.49 54.20
C THR G 308 -23.03 -19.89 53.61
N TRP G 309 -23.95 -20.66 54.21
CA TRP G 309 -24.39 -21.96 53.70
C TRP G 309 -25.91 -22.01 53.72
N SER G 310 -26.51 -22.68 52.74
CA SER G 310 -27.96 -22.73 52.63
C SER G 310 -28.41 -23.93 51.76
N GLY G 311 -29.72 -24.05 51.53
CA GLY G 311 -30.28 -25.09 50.69
C GLY G 311 -30.13 -24.78 49.21
N PRO G 312 -30.86 -25.47 48.32
CA PRO G 312 -30.75 -25.14 46.88
C PRO G 312 -31.42 -23.81 46.49
N ASN G 313 -32.19 -23.23 47.43
CA ASN G 313 -32.94 -21.97 47.15
C ASN G 313 -32.01 -20.90 46.57
N ARG G 314 -30.88 -20.64 47.24
CA ARG G 314 -30.00 -19.53 46.80
C ARG G 314 -28.57 -19.99 46.51
N SER G 315 -27.80 -19.14 45.82
CA SER G 315 -26.40 -19.40 45.50
C SER G 315 -25.52 -18.83 46.62
N SER G 316 -25.13 -19.68 47.57
CA SER G 316 -24.26 -19.32 48.69
C SER G 316 -22.88 -19.98 48.49
N LEU G 317 -21.95 -19.84 49.45
CA LEU G 317 -20.63 -20.44 49.35
C LEU G 317 -20.78 -21.97 49.38
N ILE G 318 -21.58 -22.49 50.31
CA ILE G 318 -21.89 -23.91 50.39
C ILE G 318 -23.38 -24.05 50.19
N ARG G 319 -23.78 -24.97 49.30
CA ARG G 319 -25.19 -25.20 49.01
C ARG G 319 -25.48 -26.68 49.19
N VAL G 320 -26.59 -27.01 49.85
CA VAL G 320 -26.97 -28.40 50.11
C VAL G 320 -28.08 -28.76 49.10
N PRO G 321 -27.78 -29.44 47.98
CA PRO G 321 -28.82 -29.75 47.00
C PRO G 321 -29.95 -30.65 47.52
N ALA G 322 -31.10 -30.66 46.82
CA ALA G 322 -32.26 -31.47 47.21
C ALA G 322 -32.02 -32.99 47.14
N PRO G 323 -31.38 -33.56 46.10
CA PRO G 323 -31.14 -35.03 46.07
C PRO G 323 -30.65 -35.64 47.39
N ARG G 324 -31.25 -36.75 47.80
CA ARG G 324 -30.83 -37.41 49.07
C ARG G 324 -30.39 -38.85 48.79
N GLY G 325 -30.37 -39.69 49.82
CA GLY G 325 -29.95 -41.08 49.65
C GLY G 325 -28.45 -41.15 49.43
N ASN G 326 -28.03 -41.91 48.43
CA ASN G 326 -26.63 -42.03 48.08
C ASN G 326 -26.07 -40.73 47.40
N SER G 327 -26.96 -39.84 46.91
CA SER G 327 -26.57 -38.60 46.26
C SER G 327 -26.57 -37.38 47.20
N THR G 328 -26.53 -37.63 48.51
CA THR G 328 -26.45 -36.53 49.52
C THR G 328 -25.07 -35.86 49.41
N ARG G 329 -25.06 -34.54 49.31
CA ARG G 329 -23.78 -33.84 49.13
C ARG G 329 -23.90 -32.34 49.37
N ILE G 330 -22.76 -31.66 49.44
CA ILE G 330 -22.65 -30.23 49.60
C ILE G 330 -21.88 -29.69 48.39
N GLU G 331 -22.27 -28.54 47.87
CA GLU G 331 -21.63 -27.94 46.71
C GLU G 331 -20.83 -26.72 47.17
N ILE G 332 -19.49 -26.84 47.23
CA ILE G 332 -18.63 -25.75 47.63
C ILE G 332 -18.35 -24.98 46.34
N ARG G 333 -18.88 -23.76 46.24
CA ARG G 333 -18.86 -22.96 45.03
C ARG G 333 -17.76 -21.89 44.95
N SER G 334 -16.93 -21.74 45.98
CA SER G 334 -15.88 -20.72 45.97
C SER G 334 -14.68 -21.02 45.06
N PRO G 335 -14.23 -22.28 44.89
CA PRO G 335 -13.05 -22.53 44.07
C PRO G 335 -13.19 -22.15 42.62
N ASP G 336 -12.05 -21.87 41.97
CA ASP G 336 -12.00 -21.61 40.54
C ASP G 336 -11.19 -22.73 39.86
N PRO G 337 -11.33 -22.95 38.54
CA PRO G 337 -10.63 -24.09 37.93
C PRO G 337 -9.13 -23.90 37.70
N SER G 338 -8.54 -22.79 38.15
CA SER G 338 -7.09 -22.60 38.07
C SER G 338 -6.36 -23.19 39.30
N CYS G 339 -7.10 -23.68 40.32
CA CYS G 339 -6.49 -24.24 41.53
C CYS G 339 -5.89 -25.62 41.29
N ASN G 340 -4.91 -25.99 42.13
CA ASN G 340 -4.29 -27.30 42.07
C ASN G 340 -5.34 -28.25 42.69
N PRO G 341 -5.95 -29.17 41.92
CA PRO G 341 -6.99 -30.01 42.51
C PRO G 341 -6.50 -30.90 43.65
N TYR G 342 -5.24 -31.37 43.59
CA TYR G 342 -4.68 -32.22 44.64
C TYR G 342 -4.68 -31.49 45.98
N LEU G 343 -4.27 -30.23 45.97
CA LEU G 343 -4.19 -29.43 47.19
C LEU G 343 -5.55 -28.86 47.59
N ALA G 344 -6.41 -28.54 46.61
CA ALA G 344 -7.75 -28.01 46.92
C ALA G 344 -8.58 -29.05 47.68
N PHE G 345 -8.60 -30.32 47.22
CA PHE G 345 -9.36 -31.36 47.87
C PHE G 345 -8.72 -31.73 49.22
N ALA G 346 -7.38 -31.70 49.33
CA ALA G 346 -6.71 -32.00 50.59
C ALA G 346 -7.06 -30.96 51.65
N ALA G 347 -7.10 -29.67 51.27
CA ALA G 347 -7.45 -28.59 52.19
C ALA G 347 -8.90 -28.70 52.66
N ILE G 348 -9.83 -29.03 51.74
CA ILE G 348 -11.23 -29.17 52.09
C ILE G 348 -11.44 -30.38 52.99
N LEU G 349 -10.74 -31.49 52.70
CA LEU G 349 -10.86 -32.70 53.50
C LEU G 349 -10.34 -32.49 54.91
N ALA G 350 -9.19 -31.83 55.07
CA ALA G 350 -8.60 -31.59 56.39
C ALA G 350 -9.46 -30.65 57.23
N ALA G 351 -9.99 -29.57 56.63
CA ALA G 351 -10.83 -28.63 57.35
C ALA G 351 -12.16 -29.27 57.71
N GLY G 352 -12.74 -30.03 56.77
CA GLY G 352 -14.00 -30.72 56.98
C GLY G 352 -13.91 -31.81 58.02
N LEU G 353 -12.80 -32.58 58.04
CA LEU G 353 -12.63 -33.63 59.05
C LEU G 353 -12.39 -33.06 60.43
N ASP G 354 -11.75 -31.89 60.52
CA ASP G 354 -11.57 -31.25 61.85
C ASP G 354 -12.95 -30.86 62.40
N GLY G 355 -13.79 -30.26 61.56
CA GLY G 355 -15.15 -29.88 62.01
C GLY G 355 -15.90 -31.06 62.56
N VAL G 356 -15.76 -32.22 61.91
CA VAL G 356 -16.44 -33.46 62.39
C VAL G 356 -15.78 -33.89 63.71
N LYS G 357 -14.47 -34.14 63.68
CA LYS G 357 -13.76 -34.55 64.89
C LYS G 357 -14.07 -33.64 66.10
N ASN G 358 -13.79 -32.33 65.99
CA ASN G 358 -14.03 -31.39 67.09
C ASN G 358 -15.50 -30.99 67.25
N LYS G 359 -16.42 -31.55 66.42
CA LYS G 359 -17.85 -31.28 66.53
C LYS G 359 -18.15 -29.79 66.47
N ILE G 360 -17.71 -29.14 65.39
CA ILE G 360 -17.91 -27.71 65.20
C ILE G 360 -19.26 -27.46 64.53
N GLU G 361 -20.18 -26.80 65.25
CA GLU G 361 -21.51 -26.49 64.73
C GLU G 361 -21.42 -25.35 63.72
N PRO G 362 -22.06 -25.47 62.54
CA PRO G 362 -22.00 -24.37 61.57
C PRO G 362 -22.95 -23.24 61.91
N PRO G 363 -22.77 -22.03 61.32
CA PRO G 363 -23.72 -20.94 61.57
C PRO G 363 -25.12 -21.23 61.01
N GLU G 364 -26.07 -20.35 61.31
CA GLU G 364 -27.46 -20.53 60.87
C GLU G 364 -27.55 -20.33 59.35
N ARG G 365 -28.33 -21.17 58.66
CA ARG G 365 -28.48 -21.07 57.20
C ARG G 365 -29.13 -19.75 56.76
N VAL G 366 -28.49 -19.06 55.78
CA VAL G 366 -28.95 -17.77 55.28
C VAL G 366 -29.77 -18.07 54.01
N GLU G 367 -31.08 -18.29 54.16
CA GLU G 367 -31.91 -18.69 52.99
C GLU G 367 -32.53 -17.46 52.33
N LYS G 368 -31.77 -16.36 52.24
CA LYS G 368 -32.22 -15.14 51.59
C LYS G 368 -31.18 -14.61 50.60
N ASN G 369 -31.58 -13.66 49.72
CA ASN G 369 -30.67 -13.10 48.73
C ASN G 369 -29.64 -12.25 49.48
N ILE G 370 -28.45 -12.81 49.70
CA ILE G 370 -27.37 -12.18 50.45
C ILE G 370 -26.93 -10.89 49.77
N TYR G 371 -26.86 -10.90 48.44
CA TYR G 371 -26.44 -9.70 47.68
C TYR G 371 -27.44 -8.56 47.92
N LYS G 372 -28.74 -8.88 47.97
CA LYS G 372 -29.78 -7.83 48.12
C LYS G 372 -29.65 -7.12 49.48
N LEU G 373 -29.19 -7.83 50.51
CA LEU G 373 -29.12 -7.24 51.84
C LEU G 373 -28.15 -6.06 51.89
N THR G 374 -28.28 -5.25 52.95
CA THR G 374 -27.44 -4.10 53.16
C THR G 374 -26.21 -4.50 53.99
N GLU G 375 -25.14 -3.68 53.91
CA GLU G 375 -23.92 -3.92 54.69
C GLU G 375 -24.21 -3.88 56.22
N GLU G 376 -25.26 -3.16 56.65
CA GLU G 376 -25.66 -3.10 58.05
C GLU G 376 -26.32 -4.43 58.45
N GLU G 377 -27.21 -4.96 57.59
CA GLU G 377 -27.89 -6.23 57.83
C GLU G 377 -26.87 -7.36 57.98
N ARG G 378 -25.94 -7.50 57.03
CA ARG G 378 -24.90 -8.53 57.08
C ARG G 378 -24.06 -8.48 58.36
N GLU G 379 -23.81 -7.28 58.90
CA GLU G 379 -23.07 -7.13 60.15
C GLU G 379 -23.86 -7.70 61.34
N LYS G 380 -25.21 -7.58 61.31
CA LYS G 380 -26.07 -8.12 62.36
C LYS G 380 -25.98 -9.65 62.40
N LEU G 381 -26.13 -10.31 61.25
CA LEU G 381 -26.05 -11.77 61.18
C LEU G 381 -24.62 -12.34 61.39
N GLY G 382 -23.60 -11.49 61.49
CA GLY G 382 -22.23 -11.93 61.65
C GLY G 382 -21.71 -12.62 60.40
N ILE G 383 -22.16 -12.15 59.22
CA ILE G 383 -21.77 -12.68 57.92
C ILE G 383 -20.45 -12.07 57.51
N GLY G 384 -19.45 -12.92 57.29
CA GLY G 384 -18.13 -12.50 56.86
C GLY G 384 -18.00 -12.49 55.36
N MET G 385 -16.87 -11.96 54.87
CA MET G 385 -16.55 -11.90 53.45
C MET G 385 -15.29 -12.71 53.20
N LEU G 386 -15.19 -13.28 51.99
CA LEU G 386 -13.99 -14.00 51.59
C LEU G 386 -12.86 -12.98 51.37
N PRO G 387 -11.58 -13.40 51.43
CA PRO G 387 -10.48 -12.45 51.19
C PRO G 387 -10.64 -11.69 49.86
N GLY G 388 -10.39 -10.39 49.89
CA GLY G 388 -10.54 -9.53 48.70
C GLY G 388 -9.35 -9.55 47.77
N THR G 389 -8.16 -9.89 48.29
CA THR G 389 -6.91 -9.94 47.51
C THR G 389 -6.17 -11.26 47.80
N LEU G 390 -5.17 -11.60 46.97
CA LEU G 390 -4.36 -12.80 47.16
C LEU G 390 -3.55 -12.68 48.44
N LYS G 391 -2.95 -11.51 48.68
CA LYS G 391 -2.16 -11.30 49.92
C LYS G 391 -3.06 -11.53 51.14
N GLU G 392 -4.30 -11.05 51.10
CA GLU G 392 -5.21 -11.16 52.23
C GLU G 392 -5.50 -12.63 52.54
N ALA G 393 -5.63 -13.48 51.52
CA ALA G 393 -5.86 -14.91 51.70
C ALA G 393 -4.60 -15.62 52.17
N ILE G 394 -3.43 -15.22 51.66
CA ILE G 394 -2.15 -15.83 52.06
C ILE G 394 -1.86 -15.52 53.53
N GLU G 395 -2.18 -14.31 53.99
CA GLU G 395 -1.96 -13.97 55.40
C GLU G 395 -2.84 -14.84 56.30
N CYS G 396 -4.10 -15.10 55.88
CA CYS G 396 -5.00 -15.95 56.64
C CYS G 396 -4.56 -17.42 56.59
N PHE G 397 -4.02 -17.87 55.45
CA PHE G 397 -3.50 -19.23 55.29
C PHE G 397 -2.26 -19.48 56.14
N LYS G 398 -1.37 -18.50 56.20
CA LYS G 398 -0.13 -18.59 56.98
C LYS G 398 -0.42 -18.80 58.48
N GLU G 399 -1.51 -18.23 59.00
CA GLU G 399 -1.92 -18.37 60.41
C GLU G 399 -2.73 -19.65 60.70
N ASP G 400 -3.29 -20.30 59.67
CA ASP G 400 -4.08 -21.51 59.87
C ASP G 400 -3.13 -22.70 60.01
N GLU G 401 -2.79 -23.02 61.25
CA GLU G 401 -1.85 -24.09 61.61
C GLU G 401 -2.34 -25.47 61.14
N LEU G 402 -3.67 -25.72 61.18
CA LEU G 402 -4.28 -27.00 60.78
C LEU G 402 -3.93 -27.32 59.31
N LEU G 403 -4.18 -26.37 58.39
CA LEU G 403 -3.92 -26.56 56.97
C LEU G 403 -2.46 -26.60 56.60
N VAL G 404 -1.61 -25.82 57.30
CA VAL G 404 -0.17 -25.82 57.05
C VAL G 404 0.38 -27.23 57.38
N SER G 405 -0.10 -27.85 58.46
CA SER G 405 0.31 -29.19 58.85
C SER G 405 -0.28 -30.26 57.91
N ALA G 406 -1.52 -30.07 57.45
CA ALA G 406 -2.17 -31.01 56.55
C ALA G 406 -1.50 -31.03 55.17
N LEU G 407 -1.16 -29.86 54.62
CA LEU G 407 -0.48 -29.79 53.34
C LEU G 407 1.05 -29.98 53.44
N GLY G 408 1.61 -29.88 54.65
CA GLY G 408 3.05 -30.02 54.86
C GLY G 408 3.75 -28.68 54.78
N GLU G 409 4.86 -28.53 55.50
CA GLU G 409 5.58 -27.24 55.52
C GLU G 409 6.16 -26.95 54.13
N HIS G 410 6.63 -27.98 53.44
CA HIS G 410 7.26 -27.76 52.14
C HIS G 410 6.26 -27.16 51.13
N VAL G 411 5.06 -27.76 51.01
CA VAL G 411 4.03 -27.29 50.10
C VAL G 411 3.50 -25.92 50.52
N SER G 412 3.21 -25.74 51.82
CA SER G 412 2.68 -24.48 52.33
C SER G 412 3.65 -23.34 52.08
N GLN G 413 4.95 -23.56 52.29
CA GLN G 413 5.97 -22.53 52.06
C GLN G 413 6.06 -22.20 50.57
N SER G 414 5.99 -23.22 49.69
CA SER G 414 6.05 -22.99 48.25
C SER G 414 4.85 -22.18 47.77
N ILE G 415 3.66 -22.46 48.32
CA ILE G 415 2.43 -21.69 47.94
C ILE G 415 2.62 -20.22 48.34
N ILE G 416 3.14 -19.98 49.54
CA ILE G 416 3.32 -18.62 50.04
C ILE G 416 4.37 -17.87 49.22
N ASN G 417 5.48 -18.54 48.89
CA ASN G 417 6.54 -17.92 48.12
C ASN G 417 6.09 -17.55 46.71
N VAL G 418 5.39 -18.46 46.00
CA VAL G 418 4.94 -18.16 44.63
C VAL G 418 3.85 -17.07 44.62
N ALA G 419 2.93 -17.10 45.60
CA ALA G 419 1.88 -16.10 45.69
C ALA G 419 2.44 -14.72 46.03
N MET G 420 3.42 -14.66 46.93
CA MET G 420 3.96 -13.34 47.36
C MET G 420 4.88 -12.78 46.26
N ALA G 421 5.52 -13.64 45.47
CA ALA G 421 6.33 -13.17 44.34
C ALA G 421 5.41 -12.55 43.29
N ASP G 422 4.25 -13.17 43.03
CA ASP G 422 3.26 -12.65 42.09
C ASP G 422 2.63 -11.35 42.60
N TRP G 423 2.27 -11.32 43.90
CA TRP G 423 1.65 -10.14 44.49
C TRP G 423 2.61 -8.94 44.52
N ASP G 424 3.86 -9.15 44.92
CA ASP G 424 4.84 -8.07 44.95
C ASP G 424 5.13 -7.51 43.55
N SER G 425 5.00 -8.33 42.50
CA SER G 425 5.18 -7.87 41.13
C SER G 425 3.94 -7.12 40.64
N TYR G 426 2.74 -7.63 40.96
CA TYR G 426 1.46 -7.02 40.58
C TYR G 426 1.23 -5.67 41.24
N ARG G 427 1.47 -5.57 42.55
CA ARG G 427 1.21 -4.32 43.29
C ARG G 427 2.04 -3.13 42.83
N THR G 428 3.30 -3.36 42.39
CA THR G 428 4.15 -2.26 41.92
C THR G 428 3.81 -1.82 40.49
N GLN G 429 3.16 -2.69 39.69
CA GLN G 429 2.84 -2.38 38.30
C GLN G 429 1.90 -1.20 38.15
N VAL G 430 2.08 -0.44 37.04
CA VAL G 430 1.23 0.69 36.68
C VAL G 430 0.34 0.19 35.56
N HIS G 431 -0.93 -0.05 35.85
CA HIS G 431 -1.87 -0.60 34.89
C HIS G 431 -2.46 0.49 33.98
N GLN G 432 -3.00 0.07 32.83
CA GLN G 432 -3.57 0.99 31.85
C GLN G 432 -4.75 1.77 32.44
N TRP G 433 -5.53 1.17 33.36
CA TRP G 433 -6.67 1.83 34.01
C TRP G 433 -6.25 3.16 34.65
N GLU G 434 -5.06 3.18 35.26
CA GLU G 434 -4.54 4.35 35.94
C GLU G 434 -4.21 5.45 34.94
N LEU G 435 -3.59 5.09 33.82
CA LEU G 435 -3.30 6.09 32.76
C LEU G 435 -4.62 6.62 32.21
N ASP G 436 -5.57 5.73 31.90
CA ASP G 436 -6.86 6.13 31.35
C ASP G 436 -7.63 7.07 32.27
N ARG G 437 -7.43 6.95 33.59
CA ARG G 437 -8.22 7.74 34.56
C ARG G 437 -7.49 9.02 35.00
N TYR G 438 -6.16 9.02 34.98
CA TYR G 438 -5.42 10.18 35.52
C TYR G 438 -4.48 10.94 34.57
N LEU G 439 -3.91 10.31 33.54
CA LEU G 439 -2.93 10.97 32.67
C LEU G 439 -3.41 12.29 32.04
N GLN G 440 -4.64 12.33 31.53
CA GLN G 440 -5.09 13.56 30.82
C GLN G 440 -5.38 14.68 31.82
N THR G 441 -5.98 14.35 32.96
CA THR G 441 -6.38 15.37 33.94
C THR G 441 -5.21 15.87 34.81
N TYR G 442 -4.47 14.95 35.44
CA TYR G 442 -3.37 15.34 36.33
C TYR G 442 -2.10 15.61 35.55
N SER H 3 -42.64 -50.64 24.16
CA SER H 3 -42.40 -49.31 24.69
C SER H 3 -41.51 -48.49 23.73
N LYS H 4 -41.70 -47.17 23.73
CA LYS H 4 -40.89 -46.29 22.85
C LYS H 4 -39.44 -46.30 23.32
N GLU H 5 -39.22 -46.24 24.64
CA GLU H 5 -37.86 -46.22 25.16
C GLU H 5 -37.03 -47.35 24.54
N ASP H 6 -37.62 -48.54 24.38
CA ASP H 6 -36.92 -49.67 23.75
C ASP H 6 -36.60 -49.34 22.28
N GLU H 7 -37.54 -48.69 21.60
CA GLU H 7 -37.30 -48.30 20.18
C GLU H 7 -36.13 -47.32 20.12
N ILE H 8 -36.12 -46.32 21.00
CA ILE H 8 -35.02 -45.31 21.02
C ILE H 8 -33.68 -46.05 21.10
N PHE H 9 -33.51 -46.91 22.10
CA PHE H 9 -32.25 -47.62 22.27
C PHE H 9 -31.87 -48.49 21.06
N ARG H 10 -32.87 -48.92 20.24
CA ARG H 10 -32.59 -49.67 19.02
C ARG H 10 -31.94 -48.74 18.00
N ILE H 11 -32.52 -47.55 17.78
CA ILE H 11 -31.91 -46.57 16.84
C ILE H 11 -30.49 -46.27 17.32
N VAL H 12 -30.32 -46.09 18.63
CA VAL H 12 -29.02 -45.73 19.19
C VAL H 12 -27.88 -46.66 18.68
N GLU H 13 -27.98 -47.98 18.91
CA GLU H 13 -26.93 -48.90 18.45
C GLU H 13 -26.91 -49.04 16.92
N GLU H 14 -28.06 -48.81 16.24
CA GLU H 14 -28.14 -48.90 14.79
C GLU H 14 -27.38 -47.76 14.11
N LYS H 15 -27.65 -46.50 14.50
CA LYS H 15 -26.98 -45.33 13.92
C LYS H 15 -25.70 -44.93 14.66
N ASN H 16 -25.32 -45.62 15.75
CA ASN H 16 -24.13 -45.33 16.52
C ASN H 16 -24.15 -43.89 17.06
N VAL H 17 -25.25 -43.53 17.74
CA VAL H 17 -25.33 -42.19 18.33
C VAL H 17 -24.55 -42.22 19.63
N ARG H 18 -23.72 -41.20 19.82
CA ARG H 18 -22.87 -41.10 20.99
C ARG H 18 -23.29 -39.94 21.91
N PHE H 19 -24.03 -38.93 21.39
CA PHE H 19 -24.49 -37.77 22.17
C PHE H 19 -25.92 -37.46 21.84
N VAL H 20 -26.68 -36.95 22.80
CA VAL H 20 -28.06 -36.55 22.57
C VAL H 20 -28.25 -35.16 23.18
N ARG H 21 -29.02 -34.32 22.51
CA ARG H 21 -29.28 -32.96 22.94
C ARG H 21 -30.65 -32.87 23.58
N LEU H 22 -30.71 -32.47 24.85
CA LEU H 22 -31.99 -32.33 25.54
C LEU H 22 -32.50 -30.92 25.28
N GLN H 23 -33.21 -30.76 24.16
CA GLN H 23 -33.73 -29.48 23.72
C GLN H 23 -34.90 -28.99 24.54
N PHE H 24 -35.01 -27.67 24.65
CA PHE H 24 -36.16 -26.99 25.24
C PHE H 24 -36.14 -25.51 24.77
N VAL H 25 -37.15 -24.71 25.11
CA VAL H 25 -37.18 -23.30 24.68
C VAL H 25 -37.48 -22.39 25.86
N ASP H 26 -36.94 -21.17 25.82
CA ASP H 26 -37.23 -20.15 26.84
C ASP H 26 -38.54 -19.40 26.47
N VAL H 27 -38.97 -18.41 27.28
CA VAL H 27 -40.22 -17.69 27.00
C VAL H 27 -40.19 -16.91 25.68
N GLN H 28 -38.99 -16.63 25.12
CA GLN H 28 -38.83 -15.90 23.88
C GLN H 28 -38.74 -16.78 22.62
N GLY H 29 -38.92 -18.10 22.76
CA GLY H 29 -38.86 -19.01 21.61
C GLY H 29 -37.46 -19.38 21.18
N ILE H 30 -36.43 -19.05 21.97
CA ILE H 30 -35.04 -19.35 21.63
C ILE H 30 -34.70 -20.76 22.09
N PRO H 31 -34.14 -21.62 21.22
CA PRO H 31 -33.81 -22.98 21.65
C PRO H 31 -32.60 -23.06 22.58
N LYS H 32 -32.77 -23.81 23.67
CA LYS H 32 -31.76 -24.08 24.68
C LYS H 32 -31.59 -25.60 24.79
N ASN H 33 -30.44 -26.08 25.27
CA ASN H 33 -30.21 -27.53 25.37
C ASN H 33 -29.13 -27.91 26.38
N VAL H 34 -29.05 -29.22 26.70
CA VAL H 34 -28.05 -29.81 27.56
C VAL H 34 -27.52 -31.00 26.77
N ALA H 35 -26.21 -31.03 26.49
CA ALA H 35 -25.61 -32.13 25.76
C ALA H 35 -25.20 -33.20 26.76
N ILE H 36 -25.67 -34.45 26.56
CA ILE H 36 -25.31 -35.55 27.44
C ILE H 36 -24.75 -36.71 26.61
N PRO H 37 -23.77 -37.47 27.12
CA PRO H 37 -23.33 -38.66 26.39
C PRO H 37 -24.43 -39.73 26.41
N VAL H 38 -24.39 -40.63 25.45
CA VAL H 38 -25.41 -41.67 25.32
C VAL H 38 -25.51 -42.59 26.56
N GLY H 39 -24.45 -42.65 27.37
CA GLY H 39 -24.48 -43.42 28.62
C GLY H 39 -25.50 -42.88 29.61
N GLN H 40 -25.77 -41.56 29.56
CA GLN H 40 -26.75 -40.90 30.43
C GLN H 40 -28.18 -40.90 29.85
N LEU H 41 -28.41 -41.48 28.65
CA LEU H 41 -29.73 -41.49 28.03
C LEU H 41 -30.76 -42.27 28.84
N GLU H 42 -30.33 -43.37 29.48
CA GLU H 42 -31.24 -44.16 30.33
C GLU H 42 -31.69 -43.32 31.54
N LYS H 43 -30.78 -42.51 32.08
CA LYS H 43 -31.13 -41.63 33.23
C LYS H 43 -32.11 -40.55 32.76
N ALA H 44 -31.86 -39.98 31.58
CA ALA H 44 -32.71 -38.91 31.07
C ALA H 44 -34.15 -39.40 30.87
N LEU H 45 -34.34 -40.57 30.24
CA LEU H 45 -35.68 -41.11 30.02
C LEU H 45 -36.34 -41.63 31.31
N GLY H 46 -35.55 -41.90 32.35
CA GLY H 46 -36.06 -42.38 33.64
C GLY H 46 -36.30 -41.24 34.61
N PRO H 47 -35.41 -40.99 35.59
CA PRO H 47 -35.63 -39.93 36.59
C PRO H 47 -35.47 -38.51 36.04
N GLY H 48 -34.83 -38.36 34.87
CA GLY H 48 -34.60 -37.04 34.28
C GLY H 48 -33.27 -36.43 34.68
N ILE H 49 -32.81 -35.43 33.90
CA ILE H 49 -31.54 -34.74 34.13
C ILE H 49 -31.82 -33.39 34.81
N HIS H 50 -31.08 -33.09 35.88
CA HIS H 50 -31.24 -31.83 36.60
C HIS H 50 -30.43 -30.71 35.95
N PHE H 51 -30.94 -29.47 36.10
CA PHE H 51 -30.27 -28.29 35.50
C PHE H 51 -30.79 -27.02 36.20
N ASP H 52 -30.18 -25.88 35.89
CA ASP H 52 -30.59 -24.58 36.50
C ASP H 52 -31.61 -23.90 35.58
N GLY H 53 -32.79 -23.55 36.10
CA GLY H 53 -33.85 -22.99 35.24
C GLY H 53 -33.77 -21.48 35.13
N SER H 54 -32.68 -20.87 35.62
CA SER H 54 -32.49 -19.41 35.44
C SER H 54 -32.53 -19.08 33.94
N SER H 55 -32.22 -20.07 33.10
CA SER H 55 -32.24 -19.87 31.62
C SER H 55 -33.64 -19.45 31.17
N ILE H 56 -34.66 -20.23 31.49
CA ILE H 56 -36.05 -19.91 31.07
C ILE H 56 -36.39 -18.51 31.57
N SER H 65 -34.09 -22.71 41.58
CA SER H 65 -33.24 -22.81 40.40
C SER H 65 -33.21 -24.23 39.88
N ASP H 66 -33.10 -25.21 40.80
CA ASP H 66 -33.03 -26.61 40.41
C ASP H 66 -34.32 -27.05 39.72
N MET H 67 -34.17 -27.69 38.56
CA MET H 67 -35.34 -28.21 37.81
C MET H 67 -34.95 -29.53 37.13
N VAL H 68 -35.89 -30.18 36.45
CA VAL H 68 -35.64 -31.46 35.79
C VAL H 68 -36.09 -31.40 34.34
N LEU H 69 -35.34 -32.06 33.45
CA LEU H 69 -35.69 -32.16 32.02
C LEU H 69 -36.37 -33.50 31.82
N ARG H 70 -37.59 -33.48 31.28
CA ARG H 70 -38.34 -34.73 31.05
C ARG H 70 -38.50 -34.93 29.54
N PRO H 71 -37.61 -35.69 28.87
CA PRO H 71 -37.69 -35.89 27.43
C PRO H 71 -38.99 -36.51 26.94
N ASP H 72 -39.50 -36.04 25.79
CA ASP H 72 -40.71 -36.59 25.18
C ASP H 72 -40.21 -37.70 24.26
N PRO H 73 -40.46 -39.00 24.56
CA PRO H 73 -39.94 -40.06 23.68
C PRO H 73 -40.38 -40.00 22.21
N ASP H 74 -41.55 -39.40 21.93
CA ASP H 74 -42.05 -39.27 20.56
C ASP H 74 -41.20 -38.32 19.69
N THR H 75 -40.39 -37.43 20.32
CA THR H 75 -39.58 -36.43 19.63
C THR H 75 -38.11 -36.86 19.43
N PHE H 76 -37.77 -38.14 19.68
CA PHE H 76 -36.40 -38.61 19.48
C PHE H 76 -36.08 -38.66 18.00
N ARG H 77 -35.12 -37.83 17.57
CA ARG H 77 -34.73 -37.78 16.14
C ARG H 77 -33.21 -37.74 16.02
N VAL H 78 -32.66 -38.45 15.04
CA VAL H 78 -31.22 -38.43 14.79
C VAL H 78 -30.91 -37.22 13.90
N LEU H 79 -29.93 -36.39 14.29
CA LEU H 79 -29.53 -35.22 13.52
C LEU H 79 -28.85 -35.69 12.24
N PRO H 80 -29.37 -35.39 11.03
CA PRO H 80 -28.74 -35.92 9.82
C PRO H 80 -27.32 -35.47 9.47
N TRP H 81 -26.82 -34.36 10.05
CA TRP H 81 -25.43 -33.94 9.80
C TRP H 81 -24.57 -34.88 10.69
N SER H 82 -24.33 -36.11 10.18
CA SER H 82 -23.64 -37.14 10.93
C SER H 82 -22.17 -36.82 11.11
N THR H 87 -19.91 -41.43 14.21
CA THR H 87 -20.44 -40.92 15.47
C THR H 87 -21.58 -39.95 15.19
N ALA H 88 -22.81 -40.45 15.27
CA ALA H 88 -24.00 -39.64 15.00
C ALA H 88 -24.49 -38.91 16.28
N GLU H 89 -25.45 -37.98 16.10
CA GLU H 89 -25.99 -37.23 17.25
C GLU H 89 -27.53 -37.30 17.21
N ALA H 90 -28.18 -37.20 18.37
CA ALA H 90 -29.65 -37.27 18.45
C ALA H 90 -30.19 -36.14 19.32
N ARG H 91 -31.50 -35.85 19.20
CA ARG H 91 -32.15 -34.79 19.97
C ARG H 91 -33.40 -35.30 20.65
N LEU H 92 -33.84 -34.58 21.68
CA LEU H 92 -35.03 -34.92 22.43
C LEU H 92 -35.66 -33.65 22.95
N ILE H 93 -36.89 -33.32 22.51
CA ILE H 93 -37.58 -32.13 23.02
C ILE H 93 -38.04 -32.49 24.42
N CYS H 94 -37.75 -31.62 25.39
CA CYS H 94 -38.02 -31.86 26.79
C CYS H 94 -39.05 -30.92 27.36
N ASP H 95 -39.79 -31.48 28.32
CA ASP H 95 -40.74 -30.66 29.11
C ASP H 95 -40.02 -30.43 30.44
N ILE H 96 -40.25 -29.29 31.07
CA ILE H 96 -39.58 -28.90 32.30
C ILE H 96 -40.51 -29.33 33.42
N GLU H 97 -39.93 -29.78 34.54
CA GLU H 97 -40.68 -30.21 35.72
C GLU H 97 -39.90 -29.79 36.97
N LEU H 98 -40.62 -29.52 38.07
CA LEU H 98 -39.99 -29.10 39.32
C LEU H 98 -39.38 -30.33 40.03
N PRO H 99 -38.42 -30.16 40.96
CA PRO H 99 -37.81 -31.34 41.60
C PRO H 99 -38.79 -32.35 42.22
N ASP H 100 -39.94 -31.90 42.73
CA ASP H 100 -40.93 -32.78 43.34
C ASP H 100 -41.69 -33.66 42.34
N GLY H 101 -41.89 -33.16 41.12
CA GLY H 101 -42.59 -33.90 40.07
C GLY H 101 -43.69 -33.15 39.37
N LYS H 102 -44.12 -31.98 39.91
CA LYS H 102 -45.22 -31.21 39.31
C LYS H 102 -44.70 -30.44 38.08
N PRO H 103 -45.47 -30.33 36.95
CA PRO H 103 -44.93 -29.60 35.79
C PRO H 103 -44.71 -28.11 36.05
N PHE H 104 -43.64 -27.55 35.46
CA PHE H 104 -43.34 -26.12 35.63
C PHE H 104 -44.26 -25.32 34.72
N MET H 105 -45.09 -24.47 35.30
CA MET H 105 -46.05 -23.68 34.47
C MET H 105 -45.27 -22.72 33.56
N GLY H 106 -44.10 -22.26 34.00
CA GLY H 106 -43.34 -21.27 33.24
C GLY H 106 -42.79 -21.79 31.93
N CYS H 107 -42.85 -23.13 31.71
CA CYS H 107 -42.36 -23.74 30.48
C CYS H 107 -43.34 -23.44 29.32
N PRO H 108 -42.90 -22.81 28.22
CA PRO H 108 -43.82 -22.54 27.12
C PRO H 108 -44.51 -23.76 26.52
N ARG H 109 -43.75 -24.86 26.35
CA ARG H 109 -44.28 -26.10 25.80
C ARG H 109 -45.39 -26.68 26.68
N GLN H 110 -45.26 -26.53 28.02
CA GLN H 110 -46.27 -27.02 28.95
C GLN H 110 -47.54 -26.13 28.92
N VAL H 111 -47.41 -24.81 28.65
CA VAL H 111 -48.52 -23.87 28.53
C VAL H 111 -49.43 -24.27 27.37
N LEU H 112 -48.83 -24.56 26.19
CA LEU H 112 -49.63 -24.98 25.03
C LEU H 112 -50.31 -26.32 25.32
N LYS H 113 -49.59 -27.26 25.96
CA LYS H 113 -50.15 -28.56 26.35
C LYS H 113 -51.37 -28.37 27.26
N LYS H 114 -51.30 -27.43 28.21
CA LYS H 114 -52.41 -27.11 29.12
C LYS H 114 -53.61 -26.59 28.34
N ASN H 115 -53.41 -25.59 27.48
CA ASN H 115 -54.48 -25.01 26.68
C ASN H 115 -55.09 -26.04 25.72
N MET H 116 -54.28 -26.99 25.21
CA MET H 116 -54.79 -28.05 24.33
C MET H 116 -55.61 -29.05 25.14
N GLU H 117 -55.16 -29.38 26.36
CA GLU H 117 -55.90 -30.28 27.23
C GLU H 117 -57.23 -29.63 27.64
N GLU H 118 -57.27 -28.28 27.80
CA GLU H 118 -58.50 -27.59 28.16
C GLU H 118 -59.51 -27.62 26.97
N ALA H 119 -58.99 -27.57 25.73
CA ALA H 119 -59.76 -27.65 24.50
C ALA H 119 -60.29 -29.08 24.30
N ALA H 120 -59.45 -30.09 24.59
CA ALA H 120 -59.81 -31.50 24.47
C ALA H 120 -60.97 -31.88 25.41
N LYS H 121 -61.14 -31.16 26.54
CA LYS H 121 -62.27 -31.38 27.47
C LYS H 121 -63.59 -31.13 26.74
N LEU H 122 -63.61 -30.11 25.86
CA LEU H 122 -64.80 -29.78 25.06
C LEU H 122 -64.82 -30.50 23.68
N GLY H 123 -64.02 -31.56 23.52
CA GLY H 123 -63.94 -32.31 22.27
C GLY H 123 -63.26 -31.60 21.12
N TYR H 124 -62.53 -30.50 21.40
CA TYR H 124 -61.87 -29.71 20.36
C TYR H 124 -60.36 -29.99 20.28
N VAL H 125 -59.82 -29.99 19.06
CA VAL H 125 -58.39 -30.18 18.79
C VAL H 125 -58.03 -29.17 17.70
N MET H 126 -57.04 -28.30 17.95
CA MET H 126 -56.64 -27.29 16.98
C MET H 126 -55.51 -27.79 16.09
N ASN H 127 -55.66 -27.60 14.76
CA ASN H 127 -54.67 -28.03 13.77
C ASN H 127 -54.15 -26.79 13.03
N THR H 128 -52.82 -26.57 13.06
CA THR H 128 -52.12 -25.39 12.53
C THR H 128 -51.16 -25.77 11.39
N GLY H 129 -51.08 -24.91 10.38
CA GLY H 129 -50.22 -25.07 9.22
C GLY H 129 -49.59 -23.73 8.86
N PRO H 130 -48.41 -23.41 9.40
CA PRO H 130 -47.82 -22.08 9.15
C PRO H 130 -47.01 -21.95 7.86
N GLU H 131 -47.01 -20.71 7.33
CA GLU H 131 -46.27 -20.32 6.14
C GLU H 131 -45.07 -19.56 6.69
N MET H 132 -43.90 -20.22 6.64
CA MET H 132 -42.68 -19.65 7.27
C MET H 132 -41.85 -18.82 6.29
N GLU H 133 -41.83 -17.51 6.47
CA GLU H 133 -40.99 -16.61 5.68
C GLU H 133 -39.69 -16.33 6.44
N PHE H 134 -38.58 -16.20 5.71
CA PHE H 134 -37.28 -15.92 6.32
C PHE H 134 -36.32 -15.32 5.29
N PHE H 135 -35.20 -14.77 5.76
CA PHE H 135 -34.20 -14.16 4.89
C PHE H 135 -32.88 -14.92 4.98
N LEU H 136 -32.12 -14.91 3.89
CA LEU H 136 -30.80 -15.53 3.84
C LEU H 136 -29.81 -14.42 3.50
N PHE H 137 -29.01 -14.02 4.51
CA PHE H 137 -28.06 -12.92 4.39
C PHE H 137 -26.62 -13.40 4.41
N LYS H 138 -25.73 -12.61 3.81
CA LYS H 138 -24.31 -12.94 3.79
C LYS H 138 -23.65 -12.65 5.16
N ARG H 139 -22.43 -13.20 5.35
CA ARG H 139 -21.64 -13.02 6.57
C ARG H 139 -20.33 -12.30 6.18
N GLN H 140 -20.04 -11.15 6.83
CA GLN H 140 -18.82 -10.40 6.59
C GLN H 140 -17.97 -10.45 7.86
N ASP H 141 -16.73 -10.98 7.73
CA ASP H 141 -15.80 -11.12 8.85
C ASP H 141 -16.41 -12.01 9.95
N GLY H 142 -17.03 -13.11 9.55
CA GLY H 142 -17.65 -14.04 10.47
C GLY H 142 -18.94 -13.59 11.13
N MET H 143 -19.28 -12.28 11.05
CA MET H 143 -20.50 -11.74 11.65
C MET H 143 -21.63 -11.67 10.63
N PRO H 144 -22.89 -11.85 11.06
CA PRO H 144 -24.01 -11.73 10.12
C PRO H 144 -24.31 -10.29 9.74
N THR H 145 -24.88 -10.12 8.54
CA THR H 145 -25.25 -8.81 8.00
C THR H 145 -26.74 -8.87 7.56
N ASN H 146 -27.29 -7.77 7.04
CA ASN H 146 -28.63 -7.74 6.48
C ASN H 146 -28.56 -7.52 4.95
N ILE H 147 -27.47 -7.99 4.29
CA ILE H 147 -27.29 -7.85 2.85
C ILE H 147 -27.82 -9.12 2.20
N PRO H 148 -28.85 -9.05 1.35
CA PRO H 148 -29.36 -10.28 0.71
C PRO H 148 -28.31 -11.04 -0.09
N GLN H 149 -28.35 -12.38 -0.01
CA GLN H 149 -27.39 -13.22 -0.77
C GLN H 149 -27.75 -13.19 -2.26
N ASP H 150 -29.04 -13.14 -2.57
CA ASP H 150 -29.50 -13.12 -3.96
C ASP H 150 -30.30 -11.84 -4.24
N ARG H 151 -30.48 -11.50 -5.52
CA ARG H 151 -31.29 -10.30 -5.90
C ARG H 151 -32.58 -10.77 -6.55
N GLY H 152 -33.24 -11.78 -5.96
CA GLY H 152 -34.45 -12.37 -6.50
C GLY H 152 -35.73 -11.77 -5.98
N GLY H 153 -36.82 -12.10 -6.66
CA GLY H 153 -38.16 -11.61 -6.37
C GLY H 153 -39.18 -12.71 -6.16
N TYR H 154 -40.45 -12.40 -6.40
CA TYR H 154 -41.56 -13.32 -6.14
C TYR H 154 -41.57 -14.55 -7.06
N PHE H 155 -41.57 -15.75 -6.46
CA PHE H 155 -41.55 -17.05 -7.15
C PHE H 155 -40.43 -17.14 -8.20
N ASP H 156 -39.32 -16.41 -8.02
CA ASP H 156 -38.24 -16.43 -9.00
C ASP H 156 -37.49 -17.76 -9.04
N LEU H 157 -36.90 -18.05 -10.21
CA LEU H 157 -36.16 -19.28 -10.49
C LEU H 157 -34.66 -18.98 -10.67
N ALA H 158 -33.81 -19.99 -10.43
CA ALA H 158 -32.36 -19.86 -10.62
C ALA H 158 -32.03 -19.50 -12.09
N PRO H 159 -30.92 -18.79 -12.37
CA PRO H 159 -29.92 -18.27 -11.44
C PRO H 159 -30.31 -16.99 -10.68
N ILE H 160 -31.56 -16.52 -10.80
CA ILE H 160 -32.00 -15.33 -10.07
C ILE H 160 -32.08 -15.70 -8.58
N ASP H 161 -32.60 -16.89 -8.26
CA ASP H 161 -32.66 -17.43 -6.90
C ASP H 161 -31.38 -18.27 -6.68
N LEU H 162 -30.39 -17.71 -5.96
CA LEU H 162 -29.13 -18.42 -5.70
C LEU H 162 -29.19 -19.37 -4.49
N ALA H 163 -30.27 -19.30 -3.68
CA ALA H 163 -30.44 -20.17 -2.52
C ALA H 163 -31.24 -21.44 -2.83
N GLU H 164 -31.20 -21.88 -4.11
CA GLU H 164 -31.87 -23.08 -4.63
C GLU H 164 -31.31 -24.38 -4.04
N GLU H 165 -30.02 -24.41 -3.73
CA GLU H 165 -29.40 -25.67 -3.21
C GLU H 165 -29.61 -25.74 -1.69
N ILE H 166 -29.40 -24.64 -0.99
CA ILE H 166 -29.59 -24.61 0.47
C ILE H 166 -31.06 -24.88 0.84
N LYS H 167 -32.04 -24.28 0.15
CA LYS H 167 -33.46 -24.57 0.43
C LYS H 167 -33.75 -26.06 0.17
N ARG H 168 -33.14 -26.63 -0.88
CA ARG H 168 -33.28 -28.04 -1.21
C ARG H 168 -32.74 -28.89 -0.06
N GLU H 169 -31.60 -28.49 0.54
CA GLU H 169 -31.02 -29.18 1.68
C GLU H 169 -31.91 -29.05 2.92
N ILE H 170 -32.49 -27.85 3.19
CA ILE H 170 -33.38 -27.64 4.35
C ILE H 170 -34.57 -28.62 4.29
N VAL H 171 -35.27 -28.67 3.16
CA VAL H 171 -36.43 -29.54 3.01
C VAL H 171 -36.03 -31.03 3.14
N LEU H 172 -34.87 -31.40 2.60
CA LEU H 172 -34.42 -32.82 2.68
C LEU H 172 -34.18 -33.19 4.15
N VAL H 173 -33.29 -32.46 4.85
CA VAL H 173 -32.99 -32.73 6.25
C VAL H 173 -34.30 -32.73 7.09
N LEU H 174 -35.30 -31.86 6.80
CA LEU H 174 -36.57 -31.89 7.55
C LEU H 174 -37.31 -33.21 7.29
N GLU H 175 -37.40 -33.65 6.02
CA GLU H 175 -38.07 -34.92 5.70
C GLU H 175 -37.44 -36.10 6.42
N GLU H 176 -36.12 -36.06 6.63
CA GLU H 176 -35.40 -37.09 7.38
C GLU H 176 -35.79 -37.14 8.88
N MET H 177 -36.51 -36.12 9.39
CA MET H 177 -36.94 -36.02 10.78
C MET H 177 -38.47 -36.10 10.91
N GLY H 178 -39.12 -36.92 10.08
CA GLY H 178 -40.57 -37.10 10.10
C GLY H 178 -41.32 -35.81 9.88
N PHE H 179 -40.92 -35.05 8.86
CA PHE H 179 -41.55 -33.74 8.58
C PHE H 179 -41.97 -33.69 7.11
N GLU H 180 -43.26 -33.40 6.85
CA GLU H 180 -43.75 -33.35 5.47
C GLU H 180 -43.96 -31.88 5.11
N VAL H 181 -43.30 -31.46 4.03
CA VAL H 181 -43.35 -30.08 3.53
C VAL H 181 -44.31 -30.03 2.33
N GLU H 182 -45.04 -28.92 2.16
CA GLU H 182 -46.05 -28.74 1.12
C GLU H 182 -45.39 -28.13 -0.13
N ALA H 183 -44.71 -26.99 0.05
CA ALA H 183 -44.03 -26.28 -1.04
C ALA H 183 -43.08 -25.21 -0.49
N ALA H 184 -42.08 -24.82 -1.29
CA ALA H 184 -41.12 -23.77 -0.96
C ALA H 184 -40.94 -22.87 -2.19
N HIS H 185 -40.71 -21.58 -1.97
CA HIS H 185 -40.54 -20.62 -3.07
C HIS H 185 -39.83 -19.36 -2.61
N HIS H 186 -39.30 -18.58 -3.57
CA HIS H 186 -38.67 -17.30 -3.27
C HIS H 186 -39.80 -16.28 -3.03
N GLU H 187 -39.61 -15.41 -2.05
CA GLU H 187 -40.63 -14.39 -1.70
C GLU H 187 -40.35 -13.10 -2.49
N VAL H 188 -41.13 -12.04 -2.23
CA VAL H 188 -41.00 -10.77 -2.99
C VAL H 188 -39.65 -10.09 -2.69
N ALA H 189 -39.24 -10.04 -1.43
CA ALA H 189 -38.02 -9.29 -1.05
C ALA H 189 -36.73 -9.98 -1.53
N PHE H 190 -35.67 -9.20 -1.72
CA PHE H 190 -34.38 -9.74 -2.14
C PHE H 190 -33.83 -10.68 -1.03
N GLY H 191 -33.51 -11.92 -1.39
CA GLY H 191 -33.01 -12.92 -0.46
C GLY H 191 -34.04 -13.49 0.50
N GLN H 192 -35.33 -13.20 0.28
CA GLN H 192 -36.38 -13.73 1.15
C GLN H 192 -36.95 -15.02 0.55
N HIS H 193 -37.32 -15.96 1.41
CA HIS H 193 -37.88 -17.26 1.01
C HIS H 193 -39.01 -17.68 1.92
N GLU H 194 -39.81 -18.68 1.48
CA GLU H 194 -40.93 -19.18 2.26
C GLU H 194 -41.01 -20.69 2.13
N ILE H 195 -41.25 -21.37 3.26
CA ILE H 195 -41.39 -22.82 3.29
C ILE H 195 -42.69 -23.10 4.03
N ASP H 196 -43.70 -23.60 3.31
CA ASP H 196 -44.99 -23.91 3.90
C ASP H 196 -45.06 -25.40 4.13
N PHE H 197 -45.41 -25.83 5.34
CA PHE H 197 -45.59 -27.25 5.64
C PHE H 197 -47.05 -27.48 5.99
N LYS H 198 -47.52 -28.69 5.70
CA LYS H 198 -48.92 -29.04 5.90
C LYS H 198 -49.34 -29.09 7.37
N TYR H 199 -50.65 -29.05 7.60
CA TYR H 199 -51.26 -28.96 8.91
C TYR H 199 -51.03 -30.16 9.83
N ASP H 200 -51.01 -29.89 11.15
CA ASP H 200 -50.85 -30.89 12.21
C ASP H 200 -51.35 -30.29 13.55
N ASN H 201 -51.48 -31.09 14.63
CA ASN H 201 -51.90 -30.57 15.93
C ASN H 201 -50.94 -29.46 16.41
N ALA H 202 -51.44 -28.47 17.15
CA ALA H 202 -50.63 -27.33 17.58
C ALA H 202 -49.30 -27.68 18.24
N LEU H 203 -49.23 -28.77 19.02
CA LEU H 203 -48.00 -29.16 19.69
C LEU H 203 -46.94 -29.68 18.70
N ALA H 204 -47.32 -30.60 17.79
CA ALA H 204 -46.39 -31.13 16.79
C ALA H 204 -45.92 -30.00 15.88
N THR H 205 -46.83 -29.09 15.51
CA THR H 205 -46.49 -27.96 14.65
C THR H 205 -45.50 -27.03 15.36
N ALA H 206 -45.72 -26.71 16.64
CA ALA H 206 -44.80 -25.83 17.37
C ALA H 206 -43.42 -26.46 17.50
N ASP H 207 -43.35 -27.78 17.75
CA ASP H 207 -42.08 -28.51 17.78
C ASP H 207 -41.38 -28.43 16.43
N ASN H 208 -42.15 -28.56 15.35
CA ASN H 208 -41.67 -28.49 13.97
C ASN H 208 -41.17 -27.08 13.61
N VAL H 209 -41.84 -26.03 14.12
CA VAL H 209 -41.44 -24.64 13.89
C VAL H 209 -40.05 -24.41 14.48
N ILE H 210 -39.83 -24.86 15.73
CA ILE H 210 -38.54 -24.71 16.40
C ILE H 210 -37.47 -25.48 15.66
N THR H 211 -37.80 -26.72 15.25
CA THR H 211 -36.91 -27.60 14.48
C THR H 211 -36.46 -26.91 13.19
N LEU H 212 -37.40 -26.32 12.43
CA LEU H 212 -37.05 -25.66 11.17
C LEU H 212 -36.12 -24.47 11.38
N LYS H 213 -36.36 -23.63 12.39
CA LYS H 213 -35.51 -22.47 12.65
C LYS H 213 -34.08 -22.91 12.95
N TYR H 214 -33.95 -23.98 13.75
CA TYR H 214 -32.67 -24.57 14.11
C TYR H 214 -31.96 -25.12 12.85
N VAL H 215 -32.68 -25.91 12.04
CA VAL H 215 -32.14 -26.51 10.82
C VAL H 215 -31.71 -25.44 9.80
N ALA H 216 -32.57 -24.44 9.52
CA ALA H 216 -32.25 -23.40 8.55
C ALA H 216 -31.02 -22.59 8.95
N LYS H 217 -30.93 -22.19 10.23
CA LYS H 217 -29.78 -21.42 10.72
C LYS H 217 -28.50 -22.26 10.72
N THR H 218 -28.60 -23.58 11.00
CA THR H 218 -27.44 -24.48 11.00
C THR H 218 -26.91 -24.67 9.57
N LEU H 219 -27.80 -24.96 8.62
CA LEU H 219 -27.41 -25.17 7.23
C LEU H 219 -26.94 -23.88 6.55
N ALA H 220 -27.45 -22.72 6.98
CA ALA H 220 -27.00 -21.44 6.43
C ALA H 220 -25.55 -21.20 6.84
N LEU H 221 -25.19 -21.49 8.10
CA LEU H 221 -23.81 -21.31 8.56
C LEU H 221 -22.86 -22.24 7.79
N GLN H 222 -23.31 -23.47 7.47
CA GLN H 222 -22.52 -24.41 6.68
C GLN H 222 -22.12 -23.82 5.31
N HIS H 223 -22.97 -22.97 4.69
CA HIS H 223 -22.64 -22.34 3.39
C HIS H 223 -22.09 -20.89 3.53
N GLY H 224 -21.68 -20.50 4.74
CA GLY H 224 -21.14 -19.16 5.01
C GLY H 224 -22.17 -18.05 5.01
N LEU H 225 -23.47 -18.40 5.12
CA LEU H 225 -24.58 -17.46 5.15
C LEU H 225 -25.28 -17.43 6.54
N HIS H 226 -26.31 -16.59 6.71
CA HIS H 226 -27.04 -16.43 7.96
C HIS H 226 -28.54 -16.36 7.68
N ALA H 227 -29.30 -17.36 8.16
CA ALA H 227 -30.74 -17.36 8.00
C ALA H 227 -31.33 -16.65 9.21
N THR H 228 -32.32 -15.78 8.98
CA THR H 228 -32.95 -15.06 10.08
C THR H 228 -34.46 -15.02 9.88
N PHE H 229 -35.16 -15.17 10.99
CA PHE H 229 -36.61 -15.09 11.07
C PHE H 229 -37.02 -13.75 11.73
N MET H 230 -36.18 -12.71 11.58
CA MET H 230 -36.49 -11.38 12.15
C MET H 230 -37.65 -10.77 11.36
N PRO H 231 -38.63 -10.08 11.98
CA PRO H 231 -39.79 -9.57 11.23
C PRO H 231 -39.48 -8.55 10.13
N LYS H 232 -38.57 -7.61 10.39
CA LYS H 232 -38.23 -6.55 9.43
C LYS H 232 -36.73 -6.26 9.48
N PRO H 233 -35.90 -7.13 8.89
CA PRO H 233 -34.46 -6.88 8.89
C PRO H 233 -34.00 -5.75 7.97
N ILE H 234 -34.79 -5.41 6.94
CA ILE H 234 -34.43 -4.36 6.00
C ILE H 234 -35.61 -3.39 5.84
N PHE H 235 -35.31 -2.09 5.89
CA PHE H 235 -36.32 -1.05 5.71
C PHE H 235 -36.60 -0.87 4.20
N GLY H 236 -37.86 -0.61 3.86
CA GLY H 236 -38.24 -0.36 2.48
C GLY H 236 -38.57 -1.58 1.65
N VAL H 237 -38.40 -2.80 2.20
CA VAL H 237 -38.72 -4.05 1.50
C VAL H 237 -39.72 -4.87 2.34
N ASN H 238 -40.21 -5.98 1.78
CA ASN H 238 -41.20 -6.82 2.48
C ASN H 238 -40.59 -7.44 3.74
N GLY H 239 -41.41 -7.61 4.78
CA GLY H 239 -40.98 -8.21 6.03
C GLY H 239 -41.44 -9.65 6.14
N SER H 240 -40.73 -10.47 6.95
CA SER H 240 -41.08 -11.87 7.12
C SER H 240 -42.27 -12.05 8.04
N GLY H 241 -43.26 -12.80 7.58
CA GLY H 241 -44.47 -13.12 8.32
C GLY H 241 -44.64 -14.60 8.55
N MET H 242 -45.52 -14.93 9.51
CA MET H 242 -45.84 -16.36 9.80
C MET H 242 -47.35 -16.53 9.71
N HIS H 243 -47.89 -16.62 8.49
CA HIS H 243 -49.33 -16.74 8.28
C HIS H 243 -49.72 -18.13 8.79
N THR H 244 -50.66 -18.17 9.75
CA THR H 244 -51.02 -19.44 10.40
C THR H 244 -52.39 -19.93 9.97
N ASN H 245 -52.42 -21.00 9.16
CA ASN H 245 -53.68 -21.64 8.75
C ASN H 245 -54.18 -22.45 9.96
N THR H 246 -55.44 -22.32 10.41
CA THR H 246 -55.88 -23.08 11.59
C THR H 246 -57.29 -23.67 11.45
N SER H 247 -57.40 -24.97 11.76
CA SER H 247 -58.63 -25.76 11.75
C SER H 247 -58.94 -26.21 13.19
N LEU H 248 -60.19 -26.62 13.44
CA LEU H 248 -60.62 -27.07 14.75
C LEU H 248 -61.51 -28.28 14.51
N PHE H 249 -61.15 -29.43 15.09
CA PHE H 249 -61.86 -30.69 14.86
C PHE H 249 -62.63 -31.13 16.10
N LYS H 250 -63.97 -31.17 16.01
CA LYS H 250 -64.85 -31.61 17.09
C LYS H 250 -65.26 -33.06 16.82
N ASP H 251 -64.73 -34.01 17.60
CA ASP H 251 -65.02 -35.44 17.47
C ASP H 251 -64.72 -36.00 16.07
N GLY H 252 -63.48 -35.80 15.61
CA GLY H 252 -63.01 -36.30 14.33
C GLY H 252 -63.35 -35.48 13.10
N LYS H 253 -64.51 -34.80 13.10
CA LYS H 253 -64.95 -33.97 11.97
C LYS H 253 -64.52 -32.52 12.12
N ASN H 254 -64.38 -31.79 11.01
CA ASN H 254 -63.98 -30.39 11.03
C ASN H 254 -65.15 -29.54 11.54
N ALA H 255 -65.01 -28.97 12.74
CA ALA H 255 -66.03 -28.11 13.37
C ALA H 255 -66.30 -26.80 12.62
N PHE H 256 -65.47 -26.48 11.62
CA PHE H 256 -65.62 -25.19 10.90
C PHE H 256 -66.46 -25.35 9.62
N TYR H 257 -66.80 -26.59 9.26
CA TYR H 257 -67.57 -26.89 8.06
C TYR H 257 -69.04 -27.20 8.38
N ASP H 258 -69.98 -26.53 7.69
CA ASP H 258 -71.42 -26.76 7.82
C ASP H 258 -71.98 -26.65 6.38
N PRO H 259 -72.25 -27.78 5.69
CA PRO H 259 -72.73 -27.66 4.29
C PRO H 259 -74.06 -26.93 4.09
N ASP H 260 -74.90 -26.88 5.13
CA ASP H 260 -76.21 -26.23 5.05
C ASP H 260 -76.17 -24.73 5.34
N ALA H 261 -75.16 -24.26 6.08
CA ALA H 261 -75.07 -22.84 6.45
C ALA H 261 -74.62 -21.96 5.26
N PRO H 262 -74.90 -20.64 5.27
CA PRO H 262 -74.47 -19.78 4.13
C PRO H 262 -72.96 -19.75 3.97
N ASP H 263 -72.49 -19.71 2.70
CA ASP H 263 -71.05 -19.79 2.39
C ASP H 263 -70.42 -21.11 2.92
N GLN H 264 -71.24 -22.08 3.39
CA GLN H 264 -70.78 -23.34 3.96
C GLN H 264 -69.85 -23.11 5.17
N ILE H 265 -70.18 -22.09 5.98
CA ILE H 265 -69.40 -21.69 7.15
C ILE H 265 -70.14 -22.11 8.38
N SER H 266 -69.52 -22.91 9.28
CA SER H 266 -70.25 -23.25 10.50
C SER H 266 -70.28 -22.04 11.44
N ASP H 267 -71.19 -22.06 12.42
CA ASP H 267 -71.26 -21.00 13.43
C ASP H 267 -69.95 -20.96 14.24
N THR H 268 -69.35 -22.14 14.51
CA THR H 268 -68.08 -22.26 15.23
C THR H 268 -66.96 -21.42 14.56
N LEU H 269 -66.94 -21.30 13.21
CA LEU H 269 -65.94 -20.50 12.49
C LEU H 269 -66.10 -19.03 12.82
N ARG H 270 -67.33 -18.50 12.69
CA ARG H 270 -67.62 -17.08 12.92
C ARG H 270 -67.33 -16.74 14.37
N TYR H 271 -67.74 -17.62 15.30
CA TYR H 271 -67.49 -17.39 16.72
C TYR H 271 -65.99 -17.40 17.04
N PHE H 272 -65.23 -18.38 16.52
CA PHE H 272 -63.78 -18.46 16.75
C PHE H 272 -63.09 -17.19 16.23
N VAL H 273 -63.47 -16.72 15.03
CA VAL H 273 -62.93 -15.50 14.43
C VAL H 273 -63.27 -14.29 15.30
N GLY H 274 -64.52 -14.18 15.73
CA GLY H 274 -64.97 -13.09 16.59
C GLY H 274 -64.25 -13.05 17.93
N GLY H 275 -63.87 -14.23 18.43
CA GLY H 275 -63.14 -14.34 19.68
C GLY H 275 -61.71 -13.86 19.55
N VAL H 276 -60.97 -14.36 18.56
CA VAL H 276 -59.59 -13.94 18.35
C VAL H 276 -59.51 -12.46 17.95
N LEU H 277 -60.50 -11.94 17.19
CA LEU H 277 -60.52 -10.52 16.83
C LEU H 277 -60.80 -9.61 18.03
N LYS H 278 -61.45 -10.15 19.08
CA LYS H 278 -61.75 -9.36 20.27
C LYS H 278 -60.47 -9.20 21.13
N HIS H 279 -59.57 -10.21 21.15
CA HIS H 279 -58.31 -10.15 21.89
C HIS H 279 -57.08 -9.94 20.99
N ILE H 280 -57.25 -9.61 19.70
CA ILE H 280 -56.10 -9.51 18.78
C ILE H 280 -55.08 -8.44 19.18
N ARG H 281 -55.56 -7.30 19.71
CA ARG H 281 -54.68 -6.22 20.19
C ARG H 281 -53.76 -6.70 21.35
N ALA H 282 -54.13 -7.80 22.04
CA ALA H 282 -53.37 -8.39 23.13
C ALA H 282 -52.53 -9.57 22.64
N ILE H 283 -53.06 -10.41 21.71
CA ILE H 283 -52.28 -11.51 21.15
C ILE H 283 -51.08 -10.95 20.36
N THR H 284 -51.18 -9.72 19.80
CA THR H 284 -50.05 -9.11 19.08
C THR H 284 -48.78 -9.04 19.93
N ALA H 285 -48.90 -8.87 21.26
CA ALA H 285 -47.73 -8.85 22.13
C ALA H 285 -46.98 -10.20 22.13
N ILE H 286 -47.70 -11.31 21.88
CA ILE H 286 -47.15 -12.67 21.85
C ILE H 286 -46.69 -13.04 20.44
N THR H 287 -47.56 -12.81 19.43
CA THR H 287 -47.29 -13.16 18.02
C THR H 287 -46.31 -12.22 17.33
N ASN H 288 -46.17 -10.99 17.83
CA ASN H 288 -45.28 -9.94 17.32
C ASN H 288 -44.53 -9.43 18.55
N PRO H 289 -43.60 -10.22 19.14
CA PRO H 289 -43.01 -9.83 20.43
C PRO H 289 -41.81 -8.89 20.45
N LEU H 290 -41.22 -8.61 19.28
CA LEU H 290 -40.03 -7.77 19.24
C LEU H 290 -40.39 -6.33 18.98
N VAL H 291 -39.47 -5.40 19.28
CA VAL H 291 -39.66 -3.99 18.96
C VAL H 291 -39.68 -3.87 17.40
N ASN H 292 -38.85 -4.67 16.72
CA ASN H 292 -38.76 -4.73 15.26
C ASN H 292 -40.05 -5.27 14.60
N SER H 293 -40.84 -6.09 15.31
CA SER H 293 -42.09 -6.62 14.79
C SER H 293 -43.08 -5.54 14.35
N TYR H 294 -43.03 -4.37 14.99
CA TYR H 294 -43.92 -3.25 14.66
C TYR H 294 -43.41 -2.40 13.48
N LYS H 295 -42.16 -2.61 13.03
CA LYS H 295 -41.65 -2.00 11.81
C LYS H 295 -42.15 -2.81 10.58
N ARG H 296 -42.61 -4.08 10.77
CA ARG H 296 -43.24 -4.91 9.75
C ARG H 296 -44.72 -4.50 9.63
N LEU H 297 -45.40 -4.25 10.78
CA LEU H 297 -46.81 -3.86 10.80
C LEU H 297 -46.96 -2.38 10.38
N VAL H 298 -46.56 -2.09 9.13
CA VAL H 298 -46.59 -0.76 8.51
C VAL H 298 -47.28 -0.91 7.15
N PRO H 299 -48.26 -0.06 6.78
CA PRO H 299 -48.89 -0.18 5.46
C PRO H 299 -47.92 -0.16 4.26
N GLY H 300 -48.30 -0.84 3.18
CA GLY H 300 -47.50 -0.91 1.96
C GLY H 300 -46.92 -2.27 1.61
N TYR H 301 -46.91 -3.21 2.56
CA TYR H 301 -46.36 -4.57 2.36
C TYR H 301 -47.45 -5.63 2.61
N GLU H 302 -47.13 -6.92 2.32
CA GLU H 302 -48.05 -8.03 2.50
C GLU H 302 -48.09 -8.43 3.98
N ALA H 303 -48.50 -7.48 4.82
CA ALA H 303 -48.62 -7.62 6.26
C ALA H 303 -49.88 -6.87 6.68
N PRO H 304 -50.74 -7.47 7.51
CA PRO H 304 -51.99 -6.79 7.90
C PRO H 304 -51.72 -5.73 8.97
N VAL H 305 -52.46 -4.63 8.88
CA VAL H 305 -52.35 -3.49 9.78
C VAL H 305 -53.70 -3.20 10.46
N TYR H 306 -54.82 -3.35 9.73
CA TYR H 306 -56.17 -3.07 10.24
C TYR H 306 -56.87 -4.34 10.69
N ILE H 307 -57.70 -4.23 11.73
CA ILE H 307 -58.39 -5.36 12.33
C ILE H 307 -59.66 -5.68 11.57
N THR H 308 -59.56 -6.59 10.59
CA THR H 308 -60.69 -6.99 9.76
C THR H 308 -60.57 -8.48 9.35
N TRP H 309 -61.68 -9.08 8.86
CA TRP H 309 -61.71 -10.45 8.32
C TRP H 309 -62.49 -10.44 7.02
N SER H 310 -61.99 -11.16 6.02
CA SER H 310 -62.55 -11.11 4.68
C SER H 310 -62.35 -12.45 3.92
N GLY H 311 -62.81 -12.50 2.67
CA GLY H 311 -62.68 -13.68 1.82
C GLY H 311 -61.33 -13.76 1.14
N PRO H 312 -61.12 -14.81 0.34
CA PRO H 312 -59.81 -15.00 -0.33
C PRO H 312 -59.24 -13.83 -1.13
N ASN H 313 -60.07 -13.16 -1.95
CA ASN H 313 -59.62 -12.08 -2.82
C ASN H 313 -58.83 -10.95 -2.12
N ARG H 314 -59.11 -10.72 -0.83
CA ARG H 314 -58.49 -9.56 -0.12
C ARG H 314 -57.49 -10.00 0.95
N SER H 315 -56.44 -9.20 1.17
CA SER H 315 -55.46 -9.45 2.22
C SER H 315 -55.81 -8.65 3.47
N SER H 316 -56.57 -9.31 4.35
CA SER H 316 -57.03 -8.77 5.62
C SER H 316 -56.25 -9.46 6.78
N LEU H 317 -56.62 -9.23 8.06
CA LEU H 317 -55.94 -9.86 9.18
C LEU H 317 -56.26 -11.37 9.15
N ILE H 318 -57.54 -11.72 9.04
CA ILE H 318 -58.02 -13.10 8.96
C ILE H 318 -58.68 -13.28 7.58
N ARG H 319 -58.36 -14.38 6.89
CA ARG H 319 -58.95 -14.71 5.58
C ARG H 319 -59.60 -16.10 5.69
N VAL H 320 -60.75 -16.25 5.02
CA VAL H 320 -61.46 -17.56 4.99
C VAL H 320 -61.32 -18.11 3.56
N PRO H 321 -60.31 -18.95 3.29
CA PRO H 321 -60.04 -19.46 1.93
C PRO H 321 -61.19 -20.27 1.30
N ALA H 322 -61.06 -20.59 0.01
CA ALA H 322 -62.09 -21.36 -0.69
C ALA H 322 -62.19 -22.85 -0.30
N PRO H 323 -61.07 -23.60 -0.17
CA PRO H 323 -61.19 -25.04 0.22
C PRO H 323 -62.15 -25.32 1.36
N ARG H 324 -63.05 -26.28 1.12
CA ARG H 324 -64.12 -26.68 2.01
C ARG H 324 -63.94 -28.15 2.42
N GLY H 325 -64.91 -28.70 3.17
CA GLY H 325 -64.83 -30.07 3.60
C GLY H 325 -63.91 -30.19 4.78
N ASN H 326 -63.01 -31.17 4.73
CA ASN H 326 -62.04 -31.40 5.80
C ASN H 326 -60.92 -30.33 5.82
N SER H 327 -60.75 -29.55 4.72
CA SER H 327 -59.74 -28.50 4.63
C SER H 327 -60.27 -27.09 4.98
N THR H 328 -61.43 -27.01 5.68
CA THR H 328 -62.00 -25.71 6.04
C THR H 328 -61.18 -25.09 7.17
N ARG H 329 -60.75 -23.83 6.93
CA ARG H 329 -59.86 -23.15 7.90
C ARG H 329 -59.84 -21.62 7.74
N ILE H 330 -59.11 -20.93 8.61
CA ILE H 330 -58.90 -19.47 8.59
C ILE H 330 -57.38 -19.24 8.65
N GLU H 331 -56.94 -18.12 8.07
CA GLU H 331 -55.49 -17.76 8.07
C GLU H 331 -55.33 -16.48 8.89
N ILE H 332 -54.46 -16.49 9.91
CA ILE H 332 -54.23 -15.25 10.63
C ILE H 332 -52.88 -14.81 10.12
N ARG H 333 -52.88 -13.69 9.42
CA ARG H 333 -51.68 -13.19 8.79
C ARG H 333 -50.90 -12.20 9.66
N SER H 334 -51.35 -11.90 10.91
CA SER H 334 -50.63 -10.92 11.73
C SER H 334 -49.32 -11.42 12.35
N PRO H 335 -49.19 -12.70 12.77
CA PRO H 335 -47.94 -13.12 13.40
C PRO H 335 -46.72 -13.04 12.51
N ASP H 336 -45.54 -12.90 13.13
CA ASP H 336 -44.26 -12.96 12.44
C ASP H 336 -43.49 -14.20 12.93
N PRO H 337 -42.49 -14.70 12.18
CA PRO H 337 -41.84 -15.96 12.59
C PRO H 337 -40.85 -15.84 13.74
N SER H 338 -40.73 -14.66 14.38
CA SER H 338 -39.89 -14.51 15.56
C SER H 338 -40.65 -14.83 16.87
N CYS H 339 -41.98 -15.09 16.80
CA CYS H 339 -42.78 -15.41 17.97
C CYS H 339 -42.49 -16.80 18.52
N ASN H 340 -42.79 -17.01 19.81
CA ASN H 340 -42.65 -18.32 20.44
C ASN H 340 -43.87 -19.09 19.92
N PRO H 341 -43.72 -20.16 19.12
CA PRO H 341 -44.90 -20.85 18.60
C PRO H 341 -45.76 -21.49 19.68
N TYR H 342 -45.15 -21.94 20.80
CA TYR H 342 -45.92 -22.55 21.89
C TYR H 342 -46.89 -21.52 22.49
N LEU H 343 -46.38 -20.34 22.89
CA LEU H 343 -47.21 -19.29 23.46
C LEU H 343 -48.13 -18.65 22.42
N ALA H 344 -47.73 -18.63 21.13
CA ALA H 344 -48.54 -18.05 20.06
C ALA H 344 -49.79 -18.88 19.77
N PHE H 345 -49.65 -20.22 19.61
CA PHE H 345 -50.80 -21.09 19.35
C PHE H 345 -51.72 -21.14 20.58
N ALA H 346 -51.15 -21.08 21.79
CA ALA H 346 -51.92 -21.10 23.03
C ALA H 346 -52.80 -19.85 23.15
N ALA H 347 -52.26 -18.68 22.79
CA ALA H 347 -53.01 -17.43 22.85
C ALA H 347 -54.16 -17.42 21.84
N ILE H 348 -53.92 -17.92 20.61
CA ILE H 348 -54.96 -17.97 19.58
C ILE H 348 -56.05 -18.97 19.99
N LEU H 349 -55.66 -20.12 20.54
CA LEU H 349 -56.61 -21.13 20.96
C LEU H 349 -57.51 -20.63 22.10
N ALA H 350 -56.92 -19.96 23.10
CA ALA H 350 -57.69 -19.46 24.23
C ALA H 350 -58.66 -18.35 23.82
N ALA H 351 -58.22 -17.42 22.97
CA ALA H 351 -59.08 -16.32 22.51
C ALA H 351 -60.17 -16.87 21.59
N GLY H 352 -59.80 -17.79 20.70
CA GLY H 352 -60.74 -18.42 19.78
C GLY H 352 -61.78 -19.27 20.46
N LEU H 353 -61.41 -20.01 21.53
CA LEU H 353 -62.36 -20.83 22.28
C LEU H 353 -63.30 -19.97 23.11
N ASP H 354 -62.84 -18.81 23.61
CA ASP H 354 -63.72 -17.88 24.31
C ASP H 354 -64.81 -17.37 23.32
N GLY H 355 -64.47 -17.31 22.03
CA GLY H 355 -65.46 -16.92 21.01
C GLY H 355 -66.60 -17.92 20.91
N VAL H 356 -66.28 -19.22 20.82
CA VAL H 356 -67.31 -20.26 20.71
C VAL H 356 -68.10 -20.42 22.02
N LYS H 357 -67.45 -20.23 23.18
CA LYS H 357 -68.14 -20.38 24.46
C LYS H 357 -69.19 -19.27 24.69
N ASN H 358 -68.75 -18.00 24.89
CA ASN H 358 -69.66 -16.88 25.14
C ASN H 358 -70.50 -16.47 23.92
N LYS H 359 -70.24 -17.06 22.74
CA LYS H 359 -70.99 -16.75 21.52
C LYS H 359 -70.86 -15.28 21.15
N ILE H 360 -69.66 -14.86 20.70
CA ILE H 360 -69.42 -13.47 20.28
C ILE H 360 -69.46 -13.41 18.76
N GLU H 361 -70.26 -12.49 18.21
CA GLU H 361 -70.43 -12.34 16.77
C GLU H 361 -69.27 -11.54 16.20
N PRO H 362 -68.57 -11.98 15.11
CA PRO H 362 -67.51 -11.14 14.55
C PRO H 362 -68.11 -9.96 13.76
N PRO H 363 -67.31 -8.92 13.49
CA PRO H 363 -67.83 -7.81 12.66
C PRO H 363 -68.11 -8.22 11.22
N GLU H 364 -68.73 -7.33 10.42
CA GLU H 364 -69.05 -7.66 9.04
C GLU H 364 -67.78 -7.78 8.20
N ARG H 365 -67.78 -8.68 7.22
CA ARG H 365 -66.62 -8.87 6.35
C ARG H 365 -66.46 -7.67 5.45
N VAL H 366 -65.27 -7.08 5.43
CA VAL H 366 -64.96 -5.95 4.57
C VAL H 366 -64.34 -6.53 3.30
N GLU H 367 -65.05 -6.46 2.18
CA GLU H 367 -64.53 -6.97 0.92
C GLU H 367 -63.80 -5.91 0.09
N LYS H 368 -63.89 -4.61 0.46
CA LYS H 368 -63.19 -3.56 -0.27
C LYS H 368 -61.71 -3.50 0.17
N ASN H 369 -60.86 -2.80 -0.62
CA ASN H 369 -59.44 -2.70 -0.29
C ASN H 369 -59.27 -1.67 0.84
N ILE H 370 -58.97 -2.17 2.06
CA ILE H 370 -58.84 -1.35 3.26
C ILE H 370 -57.77 -0.26 3.08
N TYR H 371 -56.64 -0.60 2.44
CA TYR H 371 -55.54 0.33 2.20
C TYR H 371 -55.96 1.49 1.27
N LYS H 372 -56.88 1.24 0.31
CA LYS H 372 -57.36 2.29 -0.59
C LYS H 372 -58.38 3.24 0.05
N LEU H 373 -58.89 2.93 1.26
CA LEU H 373 -59.92 3.76 1.91
C LEU H 373 -59.29 5.00 2.59
N THR H 374 -60.14 5.97 2.95
CA THR H 374 -59.72 7.23 3.56
C THR H 374 -59.88 7.18 5.11
N GLU H 375 -59.24 8.08 5.82
CA GLU H 375 -59.46 8.07 7.29
C GLU H 375 -60.96 8.16 7.56
N GLU H 376 -61.63 9.17 6.99
CA GLU H 376 -63.04 9.39 7.32
C GLU H 376 -63.89 8.16 7.07
N GLU H 377 -63.57 7.35 6.04
CA GLU H 377 -64.36 6.17 5.68
C GLU H 377 -64.28 5.03 6.69
N ARG H 378 -63.06 4.59 7.03
CA ARG H 378 -62.86 3.46 7.93
C ARG H 378 -63.26 3.75 9.39
N GLU H 379 -63.36 5.04 9.79
CA GLU H 379 -63.82 5.39 11.13
C GLU H 379 -65.36 5.20 11.23
N LYS H 380 -66.10 5.28 10.10
CA LYS H 380 -67.56 5.11 10.08
C LYS H 380 -67.89 3.63 10.28
N LEU H 381 -67.20 2.74 9.56
CA LEU H 381 -67.42 1.28 9.74
C LEU H 381 -67.02 0.89 11.17
N GLY H 382 -65.93 1.45 11.69
CA GLY H 382 -65.49 1.17 13.07
C GLY H 382 -64.35 0.17 13.10
N ILE H 383 -63.49 0.24 12.07
CA ILE H 383 -62.31 -0.66 11.94
C ILE H 383 -61.16 -0.10 12.78
N GLY H 384 -60.59 -0.92 13.65
CA GLY H 384 -59.45 -0.57 14.47
C GLY H 384 -58.13 -0.89 13.80
N MET H 385 -57.05 -0.48 14.45
CA MET H 385 -55.67 -0.73 14.01
C MET H 385 -54.96 -1.58 15.04
N LEU H 386 -54.00 -2.39 14.59
CA LEU H 386 -53.19 -3.18 15.50
C LEU H 386 -52.25 -2.24 16.28
N PRO H 387 -51.73 -2.66 17.44
CA PRO H 387 -50.80 -1.78 18.19
C PRO H 387 -49.63 -1.31 17.33
N GLY H 388 -49.29 -0.02 17.41
CA GLY H 388 -48.23 0.56 16.63
C GLY H 388 -46.84 0.36 17.19
N THR H 389 -46.72 0.12 18.51
CA THR H 389 -45.45 -0.10 19.20
C THR H 389 -45.55 -1.35 20.11
N LEU H 390 -44.40 -1.86 20.57
CA LEU H 390 -44.38 -3.02 21.46
C LEU H 390 -45.00 -2.65 22.81
N LYS H 391 -44.71 -1.43 23.31
CA LYS H 391 -45.28 -0.95 24.58
C LYS H 391 -46.79 -0.88 24.50
N GLU H 392 -47.33 -0.49 23.35
CA GLU H 392 -48.77 -0.35 23.13
C GLU H 392 -49.44 -1.74 23.19
N ALA H 393 -48.79 -2.78 22.64
CA ALA H 393 -49.33 -4.14 22.67
C ALA H 393 -49.21 -4.75 24.06
N ILE H 394 -48.10 -4.47 24.77
CA ILE H 394 -47.90 -5.00 26.13
C ILE H 394 -48.94 -4.40 27.09
N GLU H 395 -49.27 -3.11 26.93
CA GLU H 395 -50.28 -2.44 27.76
C GLU H 395 -51.64 -3.14 27.56
N CYS H 396 -51.98 -3.47 26.31
CA CYS H 396 -53.24 -4.15 25.98
C CYS H 396 -53.23 -5.59 26.49
N PHE H 397 -52.07 -6.28 26.43
CA PHE H 397 -51.92 -7.65 26.91
C PHE H 397 -52.05 -7.70 28.44
N LYS H 398 -51.53 -6.66 29.15
CA LYS H 398 -51.60 -6.52 30.61
C LYS H 398 -53.05 -6.55 31.11
N GLU H 399 -53.94 -5.88 30.36
CA GLU H 399 -55.36 -5.77 30.72
C GLU H 399 -56.21 -6.97 30.28
N ASP H 400 -55.72 -7.81 29.36
CA ASP H 400 -56.48 -8.96 28.90
C ASP H 400 -56.35 -10.09 29.92
N GLU H 401 -57.29 -10.15 30.87
CA GLU H 401 -57.27 -11.15 31.94
C GLU H 401 -57.36 -12.58 31.44
N LEU H 402 -58.02 -12.81 30.31
CA LEU H 402 -58.16 -14.15 29.76
C LEU H 402 -56.81 -14.72 29.30
N LEU H 403 -56.04 -13.96 28.49
CA LEU H 403 -54.76 -14.48 28.01
C LEU H 403 -53.74 -14.57 29.13
N VAL H 404 -53.81 -13.69 30.15
CA VAL H 404 -52.88 -13.78 31.28
C VAL H 404 -53.12 -15.09 32.04
N SER H 405 -54.41 -15.46 32.24
CA SER H 405 -54.76 -16.71 32.92
C SER H 405 -54.46 -17.94 32.05
N ALA H 406 -54.67 -17.83 30.73
CA ALA H 406 -54.42 -18.94 29.80
C ALA H 406 -52.93 -19.25 29.71
N LEU H 407 -52.08 -18.21 29.59
CA LEU H 407 -50.63 -18.39 29.50
C LEU H 407 -49.97 -18.56 30.91
N GLY H 408 -50.68 -18.24 32.00
CA GLY H 408 -50.18 -18.34 33.37
C GLY H 408 -49.50 -17.07 33.81
N GLU H 409 -49.51 -16.80 35.12
CA GLU H 409 -48.92 -15.54 35.64
C GLU H 409 -47.42 -15.50 35.33
N HIS H 410 -46.68 -16.56 35.68
CA HIS H 410 -45.24 -16.56 35.47
C HIS H 410 -44.85 -16.29 33.99
N VAL H 411 -45.49 -16.96 32.99
CA VAL H 411 -45.14 -16.70 31.59
C VAL H 411 -45.52 -15.27 31.20
N SER H 412 -46.73 -14.82 31.57
CA SER H 412 -47.19 -13.47 31.23
C SER H 412 -46.28 -12.40 31.83
N GLN H 413 -45.84 -12.59 33.09
CA GLN H 413 -44.94 -11.61 33.71
C GLN H 413 -43.56 -11.61 33.06
N SER H 414 -43.05 -12.78 32.67
CA SER H 414 -41.77 -12.86 32.00
C SER H 414 -41.83 -12.15 30.65
N ILE H 415 -42.94 -12.31 29.92
CA ILE H 415 -43.11 -11.62 28.61
C ILE H 415 -43.07 -10.11 28.84
N ILE H 416 -43.82 -9.62 29.83
CA ILE H 416 -43.90 -8.19 30.10
C ILE H 416 -42.55 -7.63 30.53
N ASN H 417 -41.83 -8.34 31.40
CA ASN H 417 -40.52 -7.89 31.85
C ASN H 417 -39.49 -7.82 30.72
N VAL H 418 -39.42 -8.86 29.86
CA VAL H 418 -38.48 -8.87 28.73
C VAL H 418 -38.82 -7.76 27.74
N ALA H 419 -40.10 -7.61 27.40
CA ALA H 419 -40.52 -6.59 26.44
C ALA H 419 -40.29 -5.17 26.96
N MET H 420 -40.53 -4.94 28.24
CA MET H 420 -40.38 -3.55 28.78
C MET H 420 -38.89 -3.24 29.00
N ALA H 421 -38.04 -4.25 29.22
CA ALA H 421 -36.60 -4.02 29.30
C ALA H 421 -36.08 -3.61 27.92
N ASP H 422 -36.56 -4.27 26.85
CA ASP H 422 -36.18 -3.95 25.48
C ASP H 422 -36.71 -2.57 25.08
N TRP H 423 -37.97 -2.27 25.41
CA TRP H 423 -38.58 -0.98 25.05
C TRP H 423 -37.91 0.18 25.78
N ASP H 424 -37.63 0.05 27.09
CA ASP H 424 -36.98 1.11 27.84
C ASP H 424 -35.55 1.38 27.32
N SER H 425 -34.88 0.36 26.76
CA SER H 425 -33.54 0.53 26.18
C SER H 425 -33.64 1.17 24.80
N TYR H 426 -34.62 0.75 23.98
CA TYR H 426 -34.83 1.27 22.63
C TYR H 426 -35.28 2.73 22.63
N ARG H 427 -36.24 3.11 23.48
CA ARG H 427 -36.76 4.46 23.52
C ARG H 427 -35.74 5.53 23.88
N THR H 428 -34.77 5.22 24.75
CA THR H 428 -33.74 6.18 25.15
C THR H 428 -32.62 6.32 24.10
N GLN H 429 -32.44 5.33 23.23
CA GLN H 429 -31.38 5.35 22.21
C GLN H 429 -31.51 6.47 21.22
N VAL H 430 -30.37 6.98 20.75
CA VAL H 430 -30.29 8.02 19.73
C VAL H 430 -29.88 7.32 18.44
N HIS H 431 -30.83 7.14 17.52
CA HIS H 431 -30.61 6.43 16.27
C HIS H 431 -29.96 7.31 15.21
N GLN H 432 -29.33 6.67 14.20
CA GLN H 432 -28.65 7.40 13.13
C GLN H 432 -29.61 8.28 12.34
N TRP H 433 -30.89 7.88 12.20
CA TRP H 433 -31.90 8.67 11.49
C TRP H 433 -31.99 10.10 12.05
N GLU H 434 -31.89 10.22 13.38
CA GLU H 434 -31.99 11.50 14.06
C GLU H 434 -30.78 12.38 13.73
N LEU H 435 -29.57 11.80 13.71
CA LEU H 435 -28.37 12.55 13.34
C LEU H 435 -28.44 12.97 11.88
N ASP H 436 -28.90 12.06 11.00
CA ASP H 436 -29.03 12.37 9.57
C ASP H 436 -30.06 13.46 9.31
N ARG H 437 -31.11 13.52 10.14
CA ARG H 437 -32.20 14.49 9.99
C ARG H 437 -31.94 15.85 10.64
N TYR H 438 -31.21 15.91 11.77
CA TYR H 438 -31.07 17.14 12.54
C TYR H 438 -29.65 17.69 12.78
N LEU H 439 -28.60 16.85 12.82
CA LEU H 439 -27.26 17.33 13.16
C LEU H 439 -26.73 18.47 12.30
N GLN H 440 -26.89 18.37 10.98
CA GLN H 440 -26.38 19.39 10.06
C GLN H 440 -27.11 20.73 10.21
N THR H 441 -28.44 20.69 10.32
CA THR H 441 -29.28 21.88 10.35
C THR H 441 -29.33 22.56 11.72
N TYR H 442 -29.65 21.80 12.79
CA TYR H 442 -29.77 22.36 14.13
C TYR H 442 -28.42 22.47 14.81
N SER I 3 -34.07 60.19 11.89
CA SER I 3 -34.68 58.87 11.95
C SER I 3 -33.61 57.75 11.94
N LYS I 4 -34.03 56.51 12.22
CA LYS I 4 -33.18 55.32 12.27
C LYS I 4 -32.62 54.99 10.89
N GLU I 5 -33.43 55.21 9.83
CA GLU I 5 -33.00 54.97 8.45
C GLU I 5 -31.79 55.85 8.11
N ASP I 6 -31.76 57.11 8.57
CA ASP I 6 -30.64 58.00 8.31
C ASP I 6 -29.38 57.47 9.01
N GLU I 7 -29.51 56.95 10.24
CA GLU I 7 -28.39 56.39 10.99
C GLU I 7 -27.85 55.14 10.29
N ILE I 8 -28.74 54.31 9.71
CA ILE I 8 -28.32 53.10 8.98
C ILE I 8 -27.42 53.50 7.81
N PHE I 9 -27.87 54.46 6.98
CA PHE I 9 -27.09 54.92 5.84
C PHE I 9 -25.76 55.57 6.23
N ARG I 10 -25.67 56.16 7.43
CA ARG I 10 -24.42 56.74 7.94
C ARG I 10 -23.42 55.61 8.24
N ILE I 11 -23.89 54.50 8.85
CA ILE I 11 -23.04 53.36 9.16
C ILE I 11 -22.59 52.67 7.85
N VAL I 12 -23.46 52.67 6.81
CA VAL I 12 -23.15 52.10 5.50
C VAL I 12 -21.91 52.77 4.88
N GLU I 13 -21.90 54.10 4.77
CA GLU I 13 -20.76 54.80 4.10
C GLU I 13 -19.53 54.73 5.00
N GLU I 14 -19.72 54.69 6.31
CA GLU I 14 -18.62 54.66 7.27
C GLU I 14 -17.85 53.34 7.19
N LYS I 15 -18.56 52.20 7.28
CA LYS I 15 -17.93 50.89 7.27
C LYS I 15 -17.80 50.29 5.86
N ASN I 16 -18.38 50.93 4.85
CA ASN I 16 -18.26 50.43 3.44
C ASN I 16 -19.08 49.14 3.28
N VAL I 17 -20.33 49.16 3.74
CA VAL I 17 -21.23 48.00 3.59
C VAL I 17 -21.64 47.95 2.13
N ARG I 18 -21.50 46.78 1.50
CA ARG I 18 -21.89 46.58 0.10
C ARG I 18 -23.03 45.59 -0.05
N PHE I 19 -23.28 44.71 0.93
CA PHE I 19 -24.38 43.75 0.89
C PHE I 19 -25.08 43.72 2.22
N VAL I 20 -26.40 43.49 2.21
CA VAL I 20 -27.15 43.34 3.45
C VAL I 20 -27.97 42.05 3.34
N ARG I 21 -28.14 41.37 4.48
CA ARG I 21 -28.90 40.13 4.60
C ARG I 21 -30.27 40.39 5.19
N LEU I 22 -31.30 40.23 4.36
CA LEU I 22 -32.70 40.34 4.86
C LEU I 22 -33.02 39.03 5.56
N GLN I 23 -32.73 38.95 6.84
CA GLN I 23 -32.90 37.74 7.64
C GLN I 23 -34.32 37.54 8.15
N PHE I 24 -34.77 36.29 8.26
CA PHE I 24 -36.06 35.90 8.82
C PHE I 24 -36.00 34.42 9.24
N VAL I 25 -37.04 33.87 9.89
CA VAL I 25 -37.03 32.47 10.32
C VAL I 25 -38.30 31.77 9.88
N ASP I 26 -38.17 30.47 9.61
CA ASP I 26 -39.33 29.65 9.28
C ASP I 26 -40.01 29.15 10.59
N VAL I 27 -41.11 28.39 10.51
CA VAL I 27 -41.80 27.89 11.70
C VAL I 27 -40.93 26.96 12.58
N GLN I 28 -39.83 26.40 12.03
CA GLN I 28 -38.93 25.52 12.78
C GLN I 28 -37.72 26.23 13.43
N GLY I 29 -37.67 27.57 13.36
CA GLY I 29 -36.57 28.33 13.95
C GLY I 29 -35.31 28.36 13.13
N ILE I 30 -35.36 27.90 11.86
CA ILE I 30 -34.18 27.88 10.98
C ILE I 30 -34.04 29.23 10.30
N PRO I 31 -32.84 29.87 10.34
CA PRO I 31 -32.71 31.17 9.69
C PRO I 31 -32.68 31.08 8.16
N LYS I 32 -33.45 31.96 7.53
CA LYS I 32 -33.56 32.11 6.08
C LYS I 32 -33.22 33.57 5.75
N ASN I 33 -32.78 33.85 4.52
CA ASN I 33 -32.42 35.22 4.15
C ASN I 33 -32.45 35.49 2.64
N VAL I 34 -32.37 36.79 2.28
CA VAL I 34 -32.29 37.25 0.92
C VAL I 34 -31.12 38.23 0.91
N ALA I 35 -30.10 37.96 0.08
CA ALA I 35 -28.94 38.84 -0.01
C ALA I 35 -29.23 39.90 -1.06
N ILE I 36 -29.11 41.19 -0.70
CA ILE I 36 -29.34 42.29 -1.64
C ILE I 36 -28.13 43.21 -1.64
N PRO I 37 -27.75 43.80 -2.79
CA PRO I 37 -26.67 44.79 -2.78
C PRO I 37 -27.15 46.06 -2.05
N VAL I 38 -26.19 46.84 -1.56
CA VAL I 38 -26.50 48.05 -0.80
C VAL I 38 -27.32 49.09 -1.60
N GLY I 39 -27.28 49.01 -2.94
CA GLY I 39 -28.09 49.89 -3.77
C GLY I 39 -29.58 49.68 -3.57
N GLN I 40 -29.99 48.45 -3.21
CA GLN I 40 -31.38 48.09 -2.95
C GLN I 40 -31.81 48.32 -1.47
N LEU I 41 -30.91 48.81 -0.60
CA LEU I 41 -31.24 49.03 0.81
C LEU I 41 -32.33 50.09 1.00
N GLU I 42 -32.33 51.13 0.16
CA GLU I 42 -33.36 52.17 0.25
C GLU I 42 -34.73 51.57 -0.09
N LYS I 43 -34.77 50.66 -1.08
CA LYS I 43 -36.01 49.99 -1.47
C LYS I 43 -36.49 49.05 -0.36
N ALA I 44 -35.56 48.36 0.32
CA ALA I 44 -35.92 47.44 1.39
C ALA I 44 -36.55 48.19 2.59
N LEU I 45 -35.93 49.29 3.02
CA LEU I 45 -36.46 50.07 4.13
C LEU I 45 -37.75 50.86 3.78
N GLY I 46 -38.01 51.06 2.48
CA GLY I 46 -39.20 51.76 2.01
C GLY I 46 -40.32 50.79 1.67
N PRO I 47 -40.59 50.47 0.38
CA PRO I 47 -41.70 49.59 0.02
C PRO I 47 -41.46 48.12 0.38
N GLY I 48 -40.21 47.73 0.63
CA GLY I 48 -39.86 46.35 0.95
C GLY I 48 -39.46 45.53 -0.27
N ILE I 49 -38.86 44.35 -0.03
CA ILE I 49 -38.40 43.44 -1.07
C ILE I 49 -39.37 42.25 -1.18
N HIS I 50 -39.78 41.91 -2.41
CA HIS I 50 -40.68 40.78 -2.64
C HIS I 50 -39.90 39.46 -2.74
N PHE I 51 -40.55 38.37 -2.32
CA PHE I 51 -39.96 37.04 -2.36
C PHE I 51 -41.07 35.96 -2.33
N ASP I 52 -40.72 34.72 -2.66
CA ASP I 52 -41.66 33.60 -2.66
C ASP I 52 -41.62 32.92 -1.28
N GLY I 53 -42.72 32.97 -0.54
CA GLY I 53 -42.82 32.32 0.75
C GLY I 53 -43.06 30.83 0.67
N SER I 54 -43.61 30.35 -0.47
CA SER I 54 -43.92 28.93 -0.69
C SER I 54 -42.69 28.17 -1.19
N SER I 65 -48.89 33.24 -2.08
CA SER I 65 -47.59 32.74 -2.53
C SER I 65 -46.50 33.82 -2.36
N ASP I 66 -46.56 34.93 -3.13
CA ASP I 66 -45.56 36.00 -3.01
C ASP I 66 -45.79 36.80 -1.73
N MET I 67 -44.70 37.34 -1.18
CA MET I 67 -44.78 38.13 0.07
C MET I 67 -43.79 39.29 0.03
N VAL I 68 -43.72 40.08 1.10
CA VAL I 68 -42.83 41.24 1.18
C VAL I 68 -42.06 41.18 2.52
N LEU I 69 -40.77 41.53 2.49
CA LEU I 69 -39.89 41.55 3.66
C LEU I 69 -39.87 42.99 4.19
N ARG I 70 -40.20 43.19 5.47
CA ARG I 70 -40.20 44.50 6.10
C ARG I 70 -39.09 44.54 7.18
N PRO I 71 -37.91 45.07 6.82
CA PRO I 71 -36.80 45.13 7.80
C PRO I 71 -37.09 45.94 9.05
N ASP I 72 -36.62 45.47 10.21
CA ASP I 72 -36.76 46.17 11.48
C ASP I 72 -35.52 47.07 11.58
N PRO I 73 -35.63 48.41 11.48
CA PRO I 73 -34.42 49.25 11.55
C PRO I 73 -33.58 49.11 12.81
N ASP I 74 -34.20 48.73 13.95
CA ASP I 74 -33.48 48.55 15.21
C ASP I 74 -32.50 47.36 15.19
N THR I 75 -32.68 46.41 14.25
CA THR I 75 -31.87 45.20 14.15
C THR I 75 -30.74 45.30 13.10
N PHE I 76 -30.44 46.50 12.57
CA PHE I 76 -29.36 46.68 11.61
C PHE I 76 -28.03 46.50 12.31
N ARG I 77 -27.24 45.48 11.91
CA ARG I 77 -25.95 45.20 12.52
C ARG I 77 -24.94 44.84 11.45
N VAL I 78 -23.71 45.35 11.58
CA VAL I 78 -22.64 45.03 10.64
C VAL I 78 -22.02 43.70 11.09
N LEU I 79 -21.90 42.72 10.16
CA LEU I 79 -21.30 41.42 10.49
C LEU I 79 -19.80 41.64 10.76
N PRO I 80 -19.27 41.37 11.98
CA PRO I 80 -17.85 41.66 12.23
C PRO I 80 -16.82 40.94 11.37
N TRP I 81 -17.16 39.75 10.83
CA TRP I 81 -16.23 39.07 9.93
C TRP I 81 -16.29 39.84 8.61
N SER I 82 -15.16 40.48 8.25
CA SER I 82 -15.09 41.33 7.07
C SER I 82 -15.24 40.53 5.77
N GLY I 83 -15.73 41.20 4.73
CA GLY I 83 -15.88 40.60 3.42
C GLY I 83 -14.62 40.74 2.60
N ASN I 84 -14.70 40.46 1.29
CA ASN I 84 -13.54 40.53 0.42
C ASN I 84 -13.16 42.00 0.14
N GLY I 86 -11.87 46.37 1.09
CA GLY I 86 -12.53 45.79 2.28
C GLY I 86 -14.04 45.98 2.22
N THR I 87 -14.75 45.02 1.63
CA THR I 87 -16.23 45.15 1.46
C THR I 87 -16.93 44.64 2.73
N ALA I 88 -17.50 45.54 3.53
CA ALA I 88 -18.24 45.08 4.71
C ALA I 88 -19.65 44.55 4.33
N GLU I 89 -20.28 43.81 5.26
CA GLU I 89 -21.60 43.21 5.08
C GLU I 89 -22.46 43.51 6.33
N ALA I 90 -23.79 43.63 6.14
CA ALA I 90 -24.72 43.94 7.22
C ALA I 90 -25.97 43.04 7.20
N ARG I 91 -26.80 43.06 8.26
CA ARG I 91 -27.98 42.22 8.34
C ARG I 91 -29.15 42.98 8.92
N LEU I 92 -30.35 42.51 8.61
CA LEU I 92 -31.57 43.13 9.06
C LEU I 92 -32.61 42.06 9.30
N ILE I 93 -33.09 41.92 10.54
CA ILE I 93 -34.15 40.97 10.84
C ILE I 93 -35.43 41.56 10.27
N CYS I 94 -36.18 40.76 9.52
CA CYS I 94 -37.37 41.20 8.82
C CYS I 94 -38.63 40.54 9.32
N ASP I 95 -39.71 41.29 9.25
CA ASP I 95 -41.06 40.81 9.51
C ASP I 95 -41.68 40.53 8.15
N ILE I 96 -42.46 39.45 8.03
CA ILE I 96 -43.12 39.09 6.77
C ILE I 96 -44.46 39.81 6.70
N GLU I 97 -44.89 40.13 5.49
CA GLU I 97 -46.12 40.88 5.30
C GLU I 97 -46.78 40.53 3.97
N LEU I 98 -48.12 40.48 3.94
CA LEU I 98 -48.85 40.19 2.71
C LEU I 98 -48.70 41.38 1.73
N PRO I 99 -48.87 41.16 0.40
CA PRO I 99 -48.73 42.28 -0.54
C PRO I 99 -49.60 43.53 -0.29
N ASP I 100 -50.81 43.33 0.26
CA ASP I 100 -51.73 44.45 0.52
C ASP I 100 -51.31 45.35 1.69
N GLY I 101 -50.63 44.78 2.70
CA GLY I 101 -50.16 45.53 3.85
C GLY I 101 -50.54 44.95 5.22
N LYS I 102 -51.09 43.72 5.25
CA LYS I 102 -51.54 43.08 6.50
C LYS I 102 -50.42 42.16 6.99
N PRO I 103 -50.00 42.18 8.28
CA PRO I 103 -48.92 41.25 8.67
C PRO I 103 -49.29 39.79 8.44
N PHE I 104 -48.31 38.96 8.02
CA PHE I 104 -48.56 37.55 7.79
C PHE I 104 -48.63 36.83 9.12
N MET I 105 -49.81 36.26 9.43
CA MET I 105 -50.08 35.51 10.67
C MET I 105 -49.27 34.17 10.80
N GLY I 106 -48.60 33.75 9.73
CA GLY I 106 -47.74 32.57 9.73
C GLY I 106 -46.30 32.85 10.13
N CYS I 107 -45.89 34.14 10.20
CA CYS I 107 -44.54 34.52 10.57
C CYS I 107 -44.32 34.31 12.07
N PRO I 108 -43.31 33.50 12.49
CA PRO I 108 -43.10 33.31 13.94
C PRO I 108 -42.81 34.57 14.74
N ARG I 109 -42.07 35.52 14.16
CA ARG I 109 -41.74 36.78 14.84
C ARG I 109 -43.01 37.61 15.05
N GLN I 110 -43.94 37.61 14.08
CA GLN I 110 -45.21 38.33 14.21
C GLN I 110 -46.10 37.72 15.30
N VAL I 111 -46.02 36.39 15.49
CA VAL I 111 -46.80 35.69 16.50
C VAL I 111 -46.38 36.16 17.90
N LEU I 112 -45.07 36.20 18.17
CA LEU I 112 -44.57 36.65 19.47
C LEU I 112 -44.96 38.11 19.69
N LYS I 113 -44.80 38.95 18.67
CA LYS I 113 -45.19 40.36 18.70
C LYS I 113 -46.68 40.53 19.07
N LYS I 114 -47.56 39.70 18.49
CA LYS I 114 -48.98 39.75 18.80
C LYS I 114 -49.20 39.38 20.27
N ASN I 115 -48.62 38.27 20.74
CA ASN I 115 -48.77 37.86 22.13
C ASN I 115 -48.18 38.90 23.11
N MET I 116 -47.16 39.66 22.66
CA MET I 116 -46.54 40.72 23.44
C MET I 116 -47.46 41.90 23.57
N GLU I 117 -48.11 42.30 22.47
CA GLU I 117 -49.08 43.43 22.52
C GLU I 117 -50.21 43.07 23.46
N GLU I 118 -50.76 41.86 23.33
CA GLU I 118 -51.89 41.44 24.16
C GLU I 118 -51.51 41.47 25.64
N ALA I 119 -50.25 41.18 25.98
CA ALA I 119 -49.75 41.27 27.35
C ALA I 119 -49.60 42.74 27.74
N ALA I 120 -49.10 43.59 26.82
CA ALA I 120 -48.91 45.03 27.04
C ALA I 120 -50.23 45.75 27.31
N LYS I 121 -51.36 45.27 26.76
CA LYS I 121 -52.66 45.88 27.04
C LYS I 121 -52.99 45.74 28.55
N LEU I 122 -52.57 44.63 29.20
CA LEU I 122 -52.77 44.45 30.64
C LEU I 122 -51.57 45.00 31.47
N GLY I 123 -50.72 45.83 30.88
CA GLY I 123 -49.57 46.40 31.55
C GLY I 123 -48.44 45.43 31.82
N TYR I 124 -48.45 44.25 31.18
CA TYR I 124 -47.42 43.23 31.39
C TYR I 124 -46.38 43.19 30.28
N VAL I 125 -45.13 42.94 30.64
CA VAL I 125 -44.02 42.82 29.69
C VAL I 125 -43.18 41.65 30.21
N MET I 126 -42.94 40.62 29.36
CA MET I 126 -42.18 39.46 29.77
C MET I 126 -40.73 39.63 29.42
N ASN I 127 -39.86 39.31 30.40
CA ASN I 127 -38.42 39.37 30.25
C ASN I 127 -37.89 37.95 30.32
N THR I 128 -37.02 37.58 29.37
CA THR I 128 -36.45 36.25 29.26
C THR I 128 -34.91 36.33 29.23
N GLY I 129 -34.27 35.37 29.88
CA GLY I 129 -32.82 35.26 29.97
C GLY I 129 -32.44 33.79 29.84
N PRO I 130 -32.18 33.30 28.61
CA PRO I 130 -31.90 31.87 28.43
C PRO I 130 -30.46 31.45 28.65
N GLU I 131 -30.30 30.19 29.09
CA GLU I 131 -29.01 29.54 29.31
C GLU I 131 -28.86 28.62 28.10
N MET I 132 -28.02 29.01 27.14
CA MET I 132 -27.87 28.28 25.89
C MET I 132 -26.76 27.24 25.91
N GLU I 133 -27.13 25.95 25.97
CA GLU I 133 -26.19 24.85 25.93
C GLU I 133 -26.03 24.38 24.48
N PHE I 134 -24.82 23.95 24.11
CA PHE I 134 -24.53 23.48 22.77
C PHE I 134 -23.28 22.60 22.74
N PHE I 135 -23.07 21.87 21.65
CA PHE I 135 -21.91 21.00 21.49
C PHE I 135 -21.02 21.49 20.36
N LEU I 136 -19.71 21.21 20.46
CA LEU I 136 -18.74 21.54 19.44
C LEU I 136 -18.10 20.23 19.00
N PHE I 137 -18.45 19.76 17.79
CA PHE I 137 -17.99 18.49 17.27
C PHE I 137 -16.97 18.63 16.14
N LYS I 138 -16.18 17.58 15.94
CA LYS I 138 -15.19 17.53 14.87
C LYS I 138 -15.86 17.29 13.51
N ARG I 139 -15.10 17.47 12.40
CA ARG I 139 -15.60 17.24 11.06
C ARG I 139 -14.71 16.23 10.35
N GLN I 140 -15.33 15.25 9.68
CA GLN I 140 -14.63 14.23 8.92
C GLN I 140 -15.03 14.35 7.45
N ASP I 141 -14.06 14.67 6.58
CA ASP I 141 -14.27 14.85 5.14
C ASP I 141 -15.31 15.93 4.85
N GLY I 142 -15.20 17.07 5.54
CA GLY I 142 -16.12 18.18 5.36
C GLY I 142 -17.51 18.01 5.93
N MET I 143 -17.91 16.77 6.32
CA MET I 143 -19.23 16.50 6.90
C MET I 143 -19.14 16.59 8.43
N PRO I 144 -20.21 17.05 9.10
CA PRO I 144 -20.19 17.08 10.57
C PRO I 144 -20.36 15.71 11.19
N THR I 145 -19.84 15.54 12.39
CA THR I 145 -19.91 14.28 13.15
C THR I 145 -20.48 14.60 14.57
N ASN I 146 -20.61 13.58 15.43
CA ASN I 146 -21.02 13.76 16.83
C ASN I 146 -19.83 13.40 17.75
N ILE I 147 -18.58 13.59 17.28
CA ILE I 147 -17.37 13.29 18.06
C ILE I 147 -16.97 14.58 18.78
N PRO I 148 -16.95 14.62 20.13
CA PRO I 148 -16.52 15.86 20.82
C PRO I 148 -15.13 16.34 20.45
N GLN I 149 -14.99 17.67 20.30
CA GLN I 149 -13.71 18.31 19.99
C GLN I 149 -12.74 18.21 21.16
N ASP I 150 -13.26 18.31 22.40
CA ASP I 150 -12.46 18.24 23.62
C ASP I 150 -12.98 17.12 24.53
N ARG I 151 -12.16 16.75 25.52
CA ARG I 151 -12.54 15.76 26.51
C ARG I 151 -12.59 16.47 27.86
N GLY I 152 -13.47 17.47 27.92
CA GLY I 152 -13.71 18.25 29.12
C GLY I 152 -15.01 17.95 29.84
N GLY I 153 -15.09 18.45 31.07
CA GLY I 153 -16.24 18.27 31.95
C GLY I 153 -16.79 19.56 32.50
N TYR I 154 -17.45 19.50 33.66
CA TYR I 154 -18.14 20.64 34.25
C TYR I 154 -17.19 21.75 34.72
N PHE I 155 -17.41 22.99 34.22
CA PHE I 155 -16.60 24.19 34.52
C PHE I 155 -15.10 23.95 34.32
N ASP I 156 -14.71 23.02 33.43
CA ASP I 156 -13.28 22.73 33.23
C ASP I 156 -12.54 23.87 32.54
N LEU I 157 -11.22 23.92 32.81
CA LEU I 157 -10.30 24.94 32.31
C LEU I 157 -9.31 24.33 31.31
N ALA I 158 -8.76 25.15 30.41
CA ALA I 158 -7.75 24.71 29.43
C ALA I 158 -6.51 24.16 30.14
N PRO I 159 -5.76 23.22 29.55
CA PRO I 159 -5.97 22.60 28.24
C PRO I 159 -7.03 21.50 28.17
N ILE I 160 -7.80 21.28 29.26
CA ILE I 160 -8.87 20.29 29.24
C ILE I 160 -9.99 20.81 28.30
N ASP I 161 -10.31 22.11 28.39
CA ASP I 161 -11.28 22.77 27.52
C ASP I 161 -10.49 23.35 26.32
N LEU I 162 -10.55 22.68 25.16
CA LEU I 162 -9.84 23.15 23.96
C LEU I 162 -10.61 24.24 23.18
N ALA I 163 -11.91 24.41 23.46
CA ALA I 163 -12.73 25.40 22.77
C ALA I 163 -12.74 26.75 23.46
N GLU I 164 -11.72 27.08 24.26
CA GLU I 164 -11.67 28.34 24.98
C GLU I 164 -11.42 29.51 24.02
N GLU I 165 -10.67 29.30 22.93
CA GLU I 165 -10.40 30.36 21.96
C GLU I 165 -11.65 30.66 21.14
N ILE I 166 -12.31 29.61 20.60
CA ILE I 166 -13.54 29.78 19.82
C ILE I 166 -14.67 30.42 20.64
N LYS I 167 -14.91 29.97 21.89
CA LYS I 167 -15.94 30.55 22.76
C LYS I 167 -15.65 32.02 23.00
N ARG I 168 -14.37 32.38 23.20
CA ARG I 168 -13.98 33.77 23.41
C ARG I 168 -14.29 34.61 22.15
N GLU I 169 -14.10 34.03 20.96
CA GLU I 169 -14.42 34.71 19.71
C GLU I 169 -15.93 34.88 19.58
N ILE I 170 -16.72 33.84 19.94
CA ILE I 170 -18.19 33.87 19.91
C ILE I 170 -18.72 35.06 20.75
N VAL I 171 -18.29 35.16 22.01
CA VAL I 171 -18.71 36.22 22.93
C VAL I 171 -18.26 37.60 22.40
N LEU I 172 -17.06 37.68 21.81
CA LEU I 172 -16.54 38.94 21.29
C LEU I 172 -17.40 39.42 20.11
N VAL I 173 -17.69 38.52 19.16
CA VAL I 173 -18.50 38.82 17.98
C VAL I 173 -19.90 39.27 18.41
N LEU I 174 -20.46 38.63 19.45
CA LEU I 174 -21.79 39.01 19.94
C LEU I 174 -21.76 40.40 20.55
N GLU I 175 -20.76 40.73 21.39
CA GLU I 175 -20.67 42.05 22.00
C GLU I 175 -20.56 43.16 20.95
N GLU I 176 -19.91 42.88 19.81
CA GLU I 176 -19.80 43.83 18.72
C GLU I 176 -21.15 44.12 18.02
N MET I 177 -22.21 43.31 18.29
CA MET I 177 -23.54 43.45 17.69
C MET I 177 -24.59 43.84 18.76
N GLY I 178 -24.19 44.67 19.73
CA GLY I 178 -25.07 45.14 20.80
C GLY I 178 -25.66 44.02 21.62
N PHE I 179 -24.75 43.11 22.00
CA PHE I 179 -25.13 41.92 22.79
C PHE I 179 -24.43 41.98 24.15
N GLU I 180 -25.17 41.76 25.21
CA GLU I 180 -24.72 41.76 26.59
C GLU I 180 -24.81 40.34 27.07
N VAL I 181 -23.68 39.76 27.52
CA VAL I 181 -23.64 38.39 28.00
C VAL I 181 -23.25 38.38 29.49
N GLU I 182 -23.62 37.31 30.20
CA GLU I 182 -23.31 37.23 31.65
C GLU I 182 -22.05 36.39 31.87
N ALA I 183 -22.06 35.15 31.40
CA ALA I 183 -20.95 34.23 31.62
C ALA I 183 -21.01 33.04 30.65
N ALA I 184 -19.86 32.39 30.43
CA ALA I 184 -19.74 31.21 29.60
C ALA I 184 -18.87 30.18 30.32
N HIS I 185 -19.17 28.88 30.13
CA HIS I 185 -18.42 27.82 30.80
C HIS I 185 -18.58 26.49 30.08
N HIS I 186 -17.68 25.54 30.38
CA HIS I 186 -17.76 24.19 29.82
C HIS I 186 -18.84 23.46 30.62
N GLU I 187 -19.68 22.66 29.94
CA GLU I 187 -20.77 21.92 30.59
C GLU I 187 -20.34 20.48 30.98
N VAL I 188 -21.28 19.65 31.48
CA VAL I 188 -20.98 18.31 32.00
C VAL I 188 -20.41 17.38 30.93
N ALA I 189 -21.08 17.27 29.77
CA ALA I 189 -20.69 16.35 28.72
C ALA I 189 -19.44 16.80 27.94
N PHE I 190 -18.80 15.81 27.30
CA PHE I 190 -17.57 16.09 26.52
C PHE I 190 -17.92 17.02 25.35
N GLY I 191 -17.14 18.09 25.19
CA GLY I 191 -17.34 19.04 24.12
C GLY I 191 -18.59 19.89 24.24
N GLN I 192 -19.29 19.85 25.40
CA GLN I 192 -20.49 20.65 25.62
C GLN I 192 -20.12 21.96 26.31
N HIS I 193 -20.81 23.05 25.93
CA HIS I 193 -20.56 24.39 26.48
C HIS I 193 -21.88 25.12 26.73
N GLU I 194 -21.84 26.20 27.52
CA GLU I 194 -23.02 26.99 27.84
C GLU I 194 -22.66 28.47 27.83
N ILE I 195 -23.53 29.30 27.24
CA ILE I 195 -23.36 30.73 27.18
C ILE I 195 -24.65 31.34 27.68
N ASP I 196 -24.62 31.96 28.87
CA ASP I 196 -25.80 32.58 29.45
C ASP I 196 -25.73 34.07 29.22
N PHE I 197 -26.80 34.67 28.69
CA PHE I 197 -26.83 36.12 28.49
C PHE I 197 -27.93 36.77 29.31
N LYS I 198 -27.73 38.07 29.55
CA LYS I 198 -28.65 38.83 30.45
C LYS I 198 -30.09 38.77 29.98
N TYR I 199 -31.00 39.19 30.86
CA TYR I 199 -32.45 39.19 30.55
C TYR I 199 -32.80 40.43 29.73
N ASP I 200 -33.79 40.29 28.85
CA ASP I 200 -34.30 41.35 27.98
C ASP I 200 -35.75 40.98 27.57
N ASN I 201 -36.49 41.90 26.93
CA ASN I 201 -37.85 41.60 26.48
C ASN I 201 -37.86 40.38 25.53
N ALA I 202 -38.96 39.61 25.53
CA ALA I 202 -39.05 38.39 24.75
C ALA I 202 -38.65 38.52 23.27
N LEU I 203 -38.95 39.66 22.61
CA LEU I 203 -38.62 39.84 21.21
C LEU I 203 -37.12 40.05 21.00
N ALA I 204 -36.48 40.93 21.77
CA ALA I 204 -35.04 41.15 21.64
C ALA I 204 -34.27 39.88 21.97
N THR I 205 -34.73 39.14 23.00
CA THR I 205 -34.11 37.88 23.41
C THR I 205 -34.23 36.85 22.28
N ALA I 206 -35.41 36.71 21.65
CA ALA I 206 -35.58 35.74 20.57
C ALA I 206 -34.69 36.09 19.36
N ASP I 207 -34.57 37.37 19.02
CA ASP I 207 -33.69 37.84 17.96
C ASP I 207 -32.23 37.47 18.29
N ASN I 208 -31.85 37.66 19.56
CA ASN I 208 -30.53 37.37 20.08
C ASN I 208 -30.23 35.85 20.07
N VAL I 209 -31.22 35.01 20.34
CA VAL I 209 -31.08 33.55 20.32
C VAL I 209 -30.74 33.10 18.90
N ILE I 210 -31.46 33.63 17.90
CA ILE I 210 -31.22 33.27 16.50
C ILE I 210 -29.82 33.72 16.08
N THR I 211 -29.42 34.93 16.51
CA THR I 211 -28.09 35.45 16.20
C THR I 211 -27.02 34.57 16.81
N LEU I 212 -27.21 34.15 18.08
CA LEU I 212 -26.27 33.27 18.80
C LEU I 212 -25.99 31.99 18.00
N LYS I 213 -27.05 31.29 17.55
CA LYS I 213 -26.93 30.04 16.79
C LYS I 213 -26.19 30.27 15.47
N TYR I 214 -26.54 31.35 14.75
CA TYR I 214 -25.92 31.71 13.49
C TYR I 214 -24.40 31.99 13.67
N VAL I 215 -24.05 32.82 14.66
CA VAL I 215 -22.67 33.19 14.95
C VAL I 215 -21.84 31.95 15.39
N ALA I 216 -22.36 31.14 16.32
CA ALA I 216 -21.64 29.97 16.80
C ALA I 216 -21.36 28.97 15.67
N LYS I 217 -22.36 28.68 14.83
CA LYS I 217 -22.18 27.75 13.71
C LYS I 217 -21.24 28.30 12.65
N THR I 218 -21.25 29.63 12.42
CA THR I 218 -20.36 30.26 11.44
C THR I 218 -18.91 30.21 11.93
N LEU I 219 -18.67 30.61 13.19
CA LEU I 219 -17.35 30.60 13.83
C LEU I 219 -16.78 29.18 13.97
N ALA I 220 -17.64 28.18 14.19
CA ALA I 220 -17.20 26.80 14.32
C ALA I 220 -16.67 26.31 12.98
N LEU I 221 -17.37 26.62 11.87
CA LEU I 221 -16.91 26.21 10.54
C LEU I 221 -15.56 26.84 10.21
N GLN I 222 -15.34 28.10 10.61
CA GLN I 222 -14.06 28.77 10.39
C GLN I 222 -12.89 28.01 11.04
N HIS I 223 -13.13 27.32 12.16
CA HIS I 223 -12.10 26.52 12.84
C HIS I 223 -12.15 25.01 12.50
N GLY I 224 -12.86 24.64 11.44
CA GLY I 224 -12.99 23.24 11.02
C GLY I 224 -13.82 22.38 11.95
N LEU I 225 -14.71 23.02 12.74
CA LEU I 225 -15.59 22.35 13.71
C LEU I 225 -17.07 22.57 13.33
N HIS I 226 -17.99 21.94 14.08
CA HIS I 226 -19.41 22.06 13.85
C HIS I 226 -20.13 22.27 15.18
N ALA I 227 -20.75 23.44 15.36
CA ALA I 227 -21.52 23.72 16.56
C ALA I 227 -22.94 23.25 16.31
N THR I 228 -23.54 22.59 17.29
CA THR I 228 -24.92 22.12 17.14
C THR I 228 -25.70 22.37 18.42
N PHE I 229 -26.96 22.75 18.23
CA PHE I 229 -27.92 22.98 19.29
C PHE I 229 -28.94 21.82 19.31
N MET I 230 -28.51 20.64 18.87
CA MET I 230 -29.40 19.44 18.87
C MET I 230 -29.63 19.02 20.32
N PRO I 231 -30.85 18.62 20.75
CA PRO I 231 -31.10 18.31 22.17
C PRO I 231 -30.34 17.11 22.72
N LYS I 232 -30.10 16.07 21.90
CA LYS I 232 -29.43 14.86 22.35
C LYS I 232 -28.58 14.26 21.22
N PRO I 233 -27.43 14.87 20.90
CA PRO I 233 -26.59 14.34 19.82
C PRO I 233 -25.84 13.06 20.17
N ILE I 234 -25.61 12.79 21.46
CA ILE I 234 -24.88 11.60 21.89
C ILE I 234 -25.67 10.88 22.97
N PHE I 235 -25.80 9.56 22.85
CA PHE I 235 -26.50 8.74 23.84
C PHE I 235 -25.56 8.47 25.03
N GLY I 236 -26.12 8.45 26.23
CA GLY I 236 -25.35 8.15 27.44
C GLY I 236 -24.66 9.32 28.10
N VAL I 237 -24.72 10.52 27.50
CA VAL I 237 -24.13 11.74 28.06
C VAL I 237 -25.23 12.83 28.20
N ASN I 238 -24.91 13.94 28.87
CA ASN I 238 -25.85 15.03 29.08
C ASN I 238 -26.31 15.61 27.73
N GLY I 239 -27.56 16.07 27.68
CA GLY I 239 -28.14 16.68 26.50
C GLY I 239 -28.22 18.18 26.64
N SER I 240 -28.27 18.88 25.50
CA SER I 240 -28.34 20.34 25.48
C SER I 240 -29.73 20.84 25.83
N GLY I 241 -29.80 21.75 26.80
CA GLY I 241 -31.05 22.38 27.23
C GLY I 241 -31.01 23.89 27.06
N MET I 242 -32.20 24.52 27.06
CA MET I 242 -32.35 25.97 27.00
C MET I 242 -33.19 26.37 28.21
N HIS I 243 -32.54 26.50 29.38
CA HIS I 243 -33.25 26.88 30.59
C HIS I 243 -33.60 28.35 30.46
N THR I 244 -34.90 28.68 30.51
CA THR I 244 -35.39 30.03 30.29
C THR I 244 -35.80 30.74 31.58
N ASN I 245 -34.97 31.71 32.03
CA ASN I 245 -35.29 32.52 33.18
C ASN I 245 -36.37 33.50 32.73
N THR I 246 -37.53 33.48 33.40
CA THR I 246 -38.69 34.30 33.01
C THR I 246 -39.24 35.10 34.17
N SER I 247 -39.74 36.31 33.84
CA SER I 247 -40.36 37.21 34.85
C SER I 247 -41.23 38.26 34.14
N LEU I 248 -42.37 38.65 34.72
CA LEU I 248 -43.25 39.68 34.15
C LEU I 248 -43.02 40.95 34.92
N PHE I 249 -43.18 42.03 34.22
CA PHE I 249 -43.02 43.36 34.76
C PHE I 249 -44.31 44.15 34.51
N LYS I 250 -44.97 44.57 35.60
CA LYS I 250 -46.21 45.33 35.57
C LYS I 250 -45.91 46.79 35.95
N ASP I 251 -46.09 47.71 34.98
CA ASP I 251 -45.90 49.14 35.20
C ASP I 251 -44.50 49.50 35.73
N GLY I 252 -43.47 48.98 35.09
CA GLY I 252 -42.07 49.21 35.45
C GLY I 252 -41.51 48.33 36.56
N LYS I 253 -42.35 47.84 37.47
CA LYS I 253 -41.90 47.01 38.59
C LYS I 253 -42.06 45.51 38.32
N ASN I 254 -41.28 44.68 39.01
CA ASN I 254 -41.34 43.23 38.84
C ASN I 254 -42.63 42.68 39.48
N ALA I 255 -43.58 42.19 38.65
CA ALA I 255 -44.85 41.64 39.11
C ALA I 255 -44.74 40.35 39.95
N PHE I 256 -43.52 39.83 40.12
CA PHE I 256 -43.30 38.58 40.88
C PHE I 256 -42.86 38.85 42.32
N TYR I 257 -42.57 40.10 42.68
CA TYR I 257 -42.09 40.45 44.01
C TYR I 257 -43.20 41.06 44.85
N ASP I 258 -43.50 40.43 46.00
CA ASP I 258 -44.48 40.92 46.96
C ASP I 258 -43.79 40.80 48.34
N PRO I 259 -43.25 41.90 48.91
CA PRO I 259 -42.53 41.77 50.20
C PRO I 259 -43.36 41.27 51.38
N ASP I 260 -44.69 41.44 51.33
CA ASP I 260 -45.58 41.03 52.42
C ASP I 260 -46.02 39.56 52.31
N ALA I 261 -46.01 38.98 51.11
CA ALA I 261 -46.45 37.60 50.92
C ALA I 261 -45.42 36.57 51.42
N PRO I 262 -45.82 35.31 51.72
CA PRO I 262 -44.83 34.32 52.18
C PRO I 262 -43.76 34.03 51.11
N ASP I 263 -42.48 33.95 51.52
CA ASP I 263 -41.39 33.60 50.55
C ASP I 263 -41.15 34.76 49.57
N GLN I 264 -41.67 35.96 49.86
CA GLN I 264 -41.48 37.13 49.00
C GLN I 264 -41.91 36.91 47.54
N ILE I 265 -42.73 35.87 47.27
CA ILE I 265 -43.24 35.60 45.92
C ILE I 265 -44.69 36.10 45.85
N SER I 266 -45.00 36.90 44.83
CA SER I 266 -46.33 37.46 44.61
C SER I 266 -47.32 36.38 44.14
N ASP I 267 -48.64 36.69 44.23
CA ASP I 267 -49.67 35.80 43.74
C ASP I 267 -49.53 35.61 42.23
N THR I 268 -49.14 36.69 41.50
CA THR I 268 -48.92 36.66 40.05
C THR I 268 -47.92 35.55 39.65
N LEU I 269 -46.87 35.31 40.46
CA LEU I 269 -45.90 34.26 40.15
C LEU I 269 -46.58 32.90 40.25
N ARG I 270 -47.29 32.67 41.34
CA ARG I 270 -47.97 31.36 41.55
C ARG I 270 -48.96 31.11 40.40
N TYR I 271 -49.78 32.11 40.06
CA TYR I 271 -50.77 31.93 39.01
C TYR I 271 -50.08 31.71 37.66
N PHE I 272 -48.99 32.45 37.36
CA PHE I 272 -48.24 32.26 36.12
C PHE I 272 -47.68 30.84 36.04
N VAL I 273 -47.09 30.34 37.14
CA VAL I 273 -46.55 28.99 37.24
C VAL I 273 -47.67 27.97 37.04
N GLY I 274 -48.83 28.21 37.67
CA GLY I 274 -49.99 27.35 37.55
C GLY I 274 -50.51 27.23 36.12
N GLY I 275 -50.46 28.34 35.39
CA GLY I 275 -50.87 28.36 34.00
C GLY I 275 -49.93 27.61 33.08
N VAL I 276 -48.61 27.84 33.20
CA VAL I 276 -47.66 27.13 32.34
C VAL I 276 -47.64 25.63 32.67
N LEU I 277 -47.77 25.23 33.96
CA LEU I 277 -47.84 23.80 34.29
C LEU I 277 -49.13 23.14 33.79
N LYS I 278 -50.22 23.90 33.63
CA LYS I 278 -51.48 23.34 33.15
C LYS I 278 -51.36 22.99 31.65
N HIS I 279 -50.66 23.83 30.87
CA HIS I 279 -50.47 23.61 29.44
C HIS I 279 -49.06 23.09 29.09
N ILE I 280 -48.25 22.65 30.07
CA ILE I 280 -46.88 22.23 29.79
C ILE I 280 -46.77 21.05 28.83
N ARG I 281 -47.73 20.11 28.86
CA ARG I 281 -47.69 18.99 27.88
C ARG I 281 -47.77 19.54 26.46
N ALA I 282 -48.68 20.47 26.21
CA ALA I 282 -48.84 21.10 24.90
C ALA I 282 -47.65 21.99 24.55
N ILE I 283 -47.12 22.75 25.53
CA ILE I 283 -45.96 23.63 25.28
C ILE I 283 -44.75 22.79 24.84
N THR I 284 -44.62 21.56 25.35
CA THR I 284 -43.50 20.66 25.00
C THR I 284 -43.39 20.45 23.50
N ALA I 285 -44.50 20.43 22.75
CA ALA I 285 -44.45 20.27 21.31
C ALA I 285 -43.71 21.44 20.61
N ILE I 286 -43.74 22.64 21.22
CA ILE I 286 -43.10 23.85 20.70
C ILE I 286 -41.66 23.97 21.22
N THR I 287 -41.46 23.81 22.54
CA THR I 287 -40.16 23.96 23.20
C THR I 287 -39.22 22.77 22.98
N ASN I 288 -39.77 21.60 22.66
CA ASN I 288 -39.05 20.35 22.40
C ASN I 288 -39.66 19.82 21.09
N PRO I 289 -39.36 20.46 19.94
CA PRO I 289 -40.07 20.09 18.70
C PRO I 289 -39.53 18.94 17.85
N LEU I 290 -38.31 18.47 18.11
CA LEU I 290 -37.73 17.40 17.31
C LEU I 290 -38.03 16.03 17.91
N VAL I 291 -37.91 14.98 17.09
CA VAL I 291 -38.05 13.59 17.56
C VAL I 291 -36.93 13.32 18.60
N ASN I 292 -35.72 13.85 18.35
CA ASN I 292 -34.55 13.75 19.21
C ASN I 292 -34.73 14.46 20.55
N SER I 293 -35.58 15.49 20.63
CA SER I 293 -35.85 16.21 21.88
C SER I 293 -36.34 15.31 23.01
N TYR I 294 -37.03 14.22 22.66
CA TYR I 294 -37.56 13.28 23.65
C TYR I 294 -36.53 12.22 24.09
N LYS I 295 -35.38 12.14 23.41
CA LYS I 295 -34.25 11.31 23.86
C LYS I 295 -33.45 12.09 24.95
N ARG I 296 -33.63 13.43 25.06
CA ARG I 296 -33.06 14.28 26.10
C ARG I 296 -33.95 14.21 27.33
N LEU I 297 -35.29 14.17 27.16
CA LEU I 297 -36.24 14.09 28.27
C LEU I 297 -36.33 12.65 28.81
N VAL I 298 -35.21 12.19 29.39
CA VAL I 298 -35.07 10.87 30.00
C VAL I 298 -34.41 11.04 31.38
N PRO I 299 -34.72 10.21 32.41
CA PRO I 299 -34.08 10.40 33.72
C PRO I 299 -32.57 10.13 33.71
N GLY I 300 -31.85 10.75 34.66
CA GLY I 300 -30.41 10.58 34.82
C GLY I 300 -29.56 11.77 34.43
N TYR I 301 -30.13 12.76 33.71
CA TYR I 301 -29.38 13.95 33.28
C TYR I 301 -30.03 15.24 33.84
N GLU I 302 -29.49 16.42 33.56
CA GLU I 302 -30.02 17.69 34.14
C GLU I 302 -31.41 18.04 33.61
N ALA I 303 -31.91 17.30 32.62
CA ALA I 303 -33.17 17.57 31.97
C ALA I 303 -34.37 17.17 32.83
N PRO I 304 -35.37 18.04 33.00
CA PRO I 304 -36.55 17.66 33.79
C PRO I 304 -37.44 16.69 33.02
N VAL I 305 -38.07 15.76 33.74
CA VAL I 305 -38.95 14.72 33.19
C VAL I 305 -40.35 14.78 33.84
N TYR I 306 -40.40 15.01 35.16
CA TYR I 306 -41.65 15.07 35.93
C TYR I 306 -42.16 16.51 36.05
N ILE I 307 -43.49 16.70 35.98
CA ILE I 307 -44.11 18.02 36.03
C ILE I 307 -44.24 18.49 37.48
N THR I 308 -43.22 19.22 37.98
CA THR I 308 -43.19 19.76 39.34
C THR I 308 -42.53 21.15 39.33
N TRP I 309 -42.76 21.92 40.40
CA TRP I 309 -42.12 23.21 40.60
C TRP I 309 -41.61 23.28 42.03
N SER I 310 -40.46 23.93 42.24
CA SER I 310 -39.85 23.99 43.56
C SER I 310 -38.84 25.16 43.67
N GLY I 311 -38.15 25.26 44.81
CA GLY I 311 -37.14 26.28 45.04
C GLY I 311 -35.81 25.94 44.39
N PRO I 312 -34.72 26.62 44.76
CA PRO I 312 -33.41 26.31 44.17
C PRO I 312 -32.82 24.96 44.65
N ASN I 313 -33.39 24.36 45.69
CA ASN I 313 -32.81 23.11 46.26
C ASN I 313 -32.91 21.94 45.27
N ARG I 314 -34.08 21.74 44.65
CA ARG I 314 -34.29 20.60 43.75
C ARG I 314 -34.37 21.05 42.29
N SER I 315 -33.79 20.27 41.35
CA SER I 315 -33.82 20.58 39.91
C SER I 315 -35.12 20.01 39.32
N SER I 316 -36.15 20.86 39.23
CA SER I 316 -37.50 20.51 38.78
C SER I 316 -37.79 21.16 37.40
N LEU I 317 -39.02 21.02 36.88
CA LEU I 317 -39.38 21.62 35.60
C LEU I 317 -39.33 23.14 35.73
N ILE I 318 -39.93 23.69 36.80
CA ILE I 318 -39.88 25.11 37.10
C ILE I 318 -39.15 25.26 38.42
N ARG I 319 -38.16 26.18 38.47
CA ARG I 319 -37.35 26.42 39.66
C ARG I 319 -37.42 27.89 40.03
N VAL I 320 -37.73 28.21 41.28
CA VAL I 320 -37.79 29.59 41.78
C VAL I 320 -36.42 29.89 42.42
N PRO I 321 -35.49 30.58 41.74
CA PRO I 321 -34.20 30.90 42.37
C PRO I 321 -34.33 31.80 43.60
N ALA I 322 -33.29 31.82 44.46
CA ALA I 322 -33.29 32.62 45.67
C ALA I 322 -33.34 34.14 45.44
N PRO I 323 -32.58 34.72 44.49
CA PRO I 323 -32.66 36.18 44.27
C PRO I 323 -34.08 36.79 44.22
N ARG I 324 -34.33 37.85 45.00
CA ARG I 324 -35.62 38.57 45.03
C ARG I 324 -35.39 40.03 44.49
N GLY I 325 -36.31 40.96 44.75
CA GLY I 325 -36.20 42.34 44.26
C GLY I 325 -36.56 42.37 42.79
N ASN I 326 -35.74 43.07 41.99
CA ASN I 326 -35.98 43.13 40.52
C ASN I 326 -35.59 41.79 39.87
N SER I 327 -34.73 41.00 40.53
CA SER I 327 -34.27 39.74 39.96
C SER I 327 -35.18 38.57 40.31
N THR I 328 -36.43 38.82 40.75
CA THR I 328 -37.35 37.73 41.06
C THR I 328 -37.77 37.10 39.73
N ARG I 329 -37.62 35.78 39.62
CA ARG I 329 -37.90 35.07 38.36
C ARG I 329 -38.12 33.57 38.58
N ILE I 330 -38.59 32.87 37.53
CA ILE I 330 -38.80 31.42 37.50
C ILE I 330 -37.95 30.86 36.35
N GLU I 331 -37.33 29.70 36.55
CA GLU I 331 -36.47 29.09 35.54
C GLU I 331 -37.20 27.87 34.97
N ILE I 332 -37.71 28.00 33.74
CA ILE I 332 -38.40 26.90 33.07
C ILE I 332 -37.29 26.10 32.37
N ARG I 333 -37.03 24.88 32.85
CA ARG I 333 -35.91 24.06 32.41
C ARG I 333 -36.23 22.99 31.37
N SER I 334 -37.50 22.84 30.95
CA SER I 334 -37.86 21.83 29.97
C SER I 334 -37.43 22.11 28.52
N PRO I 335 -37.40 23.37 28.04
CA PRO I 335 -37.03 23.60 26.64
C PRO I 335 -35.63 23.20 26.27
N ASP I 336 -35.42 22.92 24.98
CA ASP I 336 -34.11 22.62 24.43
C ASP I 336 -33.74 23.73 23.45
N PRO I 337 -32.44 23.92 23.10
CA PRO I 337 -32.10 25.04 22.22
C PRO I 337 -32.40 24.83 20.74
N SER I 338 -33.04 23.72 20.36
CA SER I 338 -33.47 23.52 18.97
C SER I 338 -34.88 24.12 18.69
N CYS I 339 -35.57 24.65 19.73
CA CYS I 339 -36.90 25.23 19.57
C CYS I 339 -36.85 26.59 18.88
N ASN I 340 -37.99 26.98 18.29
CA ASN I 340 -38.12 28.29 17.67
C ASN I 340 -38.32 29.24 18.86
N PRO I 341 -37.38 30.15 19.16
CA PRO I 341 -37.56 31.02 20.33
C PRO I 341 -38.77 31.92 20.26
N TYR I 342 -39.15 32.38 19.05
CA TYR I 342 -40.31 33.25 18.90
C TYR I 342 -41.58 32.55 19.36
N LEU I 343 -41.75 31.27 18.97
CA LEU I 343 -42.91 30.50 19.35
C LEU I 343 -42.83 29.94 20.76
N ALA I 344 -41.62 29.61 21.24
CA ALA I 344 -41.45 29.09 22.60
C ALA I 344 -41.87 30.15 23.63
N PHE I 345 -41.41 31.40 23.48
CA PHE I 345 -41.76 32.47 24.42
C PHE I 345 -43.24 32.85 24.29
N ALA I 346 -43.80 32.82 23.07
CA ALA I 346 -45.21 33.14 22.86
C ALA I 346 -46.10 32.11 23.57
N ALA I 347 -45.74 30.82 23.49
CA ALA I 347 -46.50 29.75 24.15
C ALA I 347 -46.43 29.88 25.67
N ILE I 348 -45.26 30.28 26.21
CA ILE I 348 -45.06 30.46 27.66
C ILE I 348 -45.90 31.64 28.13
N LEU I 349 -45.85 32.76 27.39
CA LEU I 349 -46.56 33.97 27.79
C LEU I 349 -48.07 33.75 27.75
N ALA I 350 -48.58 33.05 26.73
CA ALA I 350 -50.02 32.80 26.63
C ALA I 350 -50.53 31.88 27.74
N ALA I 351 -49.81 30.79 28.03
CA ALA I 351 -50.20 29.85 29.08
C ALA I 351 -50.06 30.51 30.45
N GLY I 352 -48.98 31.26 30.66
CA GLY I 352 -48.73 31.95 31.91
C GLY I 352 -49.73 33.05 32.18
N LEU I 353 -50.13 33.82 31.14
CA LEU I 353 -51.12 34.88 31.31
C LEU I 353 -52.50 34.32 31.56
N ASP I 354 -52.84 33.15 31.01
CA ASP I 354 -54.12 32.48 31.31
C ASP I 354 -54.15 32.09 32.80
N GLY I 355 -52.99 31.71 33.36
CA GLY I 355 -52.94 31.41 34.81
C GLY I 355 -53.24 32.65 35.62
N VAL I 356 -52.62 33.78 35.28
CA VAL I 356 -52.86 35.05 35.98
C VAL I 356 -54.34 35.49 35.81
N LYS I 357 -54.86 35.51 34.57
CA LYS I 357 -56.21 35.96 34.21
C LYS I 357 -57.31 35.16 34.91
N ASN I 358 -57.19 33.83 34.97
CA ASN I 358 -58.19 32.97 35.60
C ASN I 358 -57.82 32.56 37.05
N LYS I 359 -56.63 32.98 37.55
CA LYS I 359 -56.19 32.65 38.91
C LYS I 359 -56.10 31.13 39.13
N ILE I 360 -55.31 30.44 38.29
CA ILE I 360 -55.19 28.98 38.41
C ILE I 360 -54.12 28.74 39.47
N GLU I 361 -54.46 28.01 40.53
CA GLU I 361 -53.49 27.75 41.63
C GLU I 361 -52.52 26.67 41.17
N PRO I 362 -51.20 26.75 41.45
CA PRO I 362 -50.30 25.66 41.08
C PRO I 362 -50.29 24.54 42.11
N PRO I 363 -49.81 23.33 41.76
CA PRO I 363 -49.71 22.26 42.75
C PRO I 363 -48.68 22.55 43.86
N GLU I 364 -48.62 21.70 44.89
CA GLU I 364 -47.68 21.92 45.99
C GLU I 364 -46.24 21.74 45.50
N ARG I 365 -45.33 22.61 45.99
CA ARG I 365 -43.91 22.57 45.61
C ARG I 365 -43.29 21.28 46.09
N VAL I 366 -42.94 20.37 45.16
CA VAL I 366 -42.33 19.11 45.52
C VAL I 366 -40.86 19.34 45.87
N GLU I 367 -40.57 19.69 47.13
CA GLU I 367 -39.19 19.90 47.58
C GLU I 367 -38.47 18.57 47.77
N LYS I 368 -39.20 17.47 48.04
CA LYS I 368 -38.61 16.15 48.21
C LYS I 368 -38.00 15.71 46.88
N ASN I 369 -36.83 15.04 46.95
CA ASN I 369 -36.12 14.58 45.77
C ASN I 369 -36.98 13.53 45.04
N ILE I 370 -37.27 13.79 43.76
CA ILE I 370 -38.27 13.07 42.96
C ILE I 370 -37.76 11.80 42.26
N TYR I 371 -36.62 11.86 41.55
CA TYR I 371 -36.09 10.68 40.84
C TYR I 371 -35.91 9.46 41.76
N LYS I 372 -35.64 9.71 43.05
CA LYS I 372 -35.43 8.68 44.06
C LYS I 372 -36.74 8.08 44.60
N LEU I 373 -37.88 8.76 44.39
CA LEU I 373 -39.19 8.26 44.86
C LEU I 373 -39.72 7.16 43.92
N THR I 374 -40.58 6.29 44.44
CA THR I 374 -41.17 5.17 43.68
C THR I 374 -42.43 5.66 42.94
N GLU I 375 -42.72 5.07 41.76
CA GLU I 375 -43.87 5.43 40.92
C GLU I 375 -45.19 5.49 41.69
N GLU I 376 -45.43 4.49 42.56
CA GLU I 376 -46.64 4.43 43.40
C GLU I 376 -46.85 5.72 44.21
N GLU I 377 -45.79 6.23 44.83
CA GLU I 377 -45.94 7.49 45.60
C GLU I 377 -46.25 8.63 44.62
N ARG I 378 -45.45 8.75 43.56
CA ARG I 378 -45.65 9.83 42.60
C ARG I 378 -47.13 9.87 42.11
N GLU I 379 -47.75 8.67 41.95
CA GLU I 379 -49.15 8.55 41.56
C GLU I 379 -50.08 9.11 42.65
N LYS I 380 -49.71 8.93 43.92
CA LYS I 380 -50.51 9.41 45.06
C LYS I 380 -50.47 10.94 45.13
N LEU I 381 -49.28 11.54 44.95
CA LEU I 381 -49.11 12.99 44.96
C LEU I 381 -49.71 13.71 43.75
N GLY I 382 -50.07 12.97 42.70
CA GLY I 382 -50.59 13.56 41.48
C GLY I 382 -49.50 14.17 40.63
N ILE I 383 -48.28 13.59 40.64
CA ILE I 383 -47.17 14.08 39.81
C ILE I 383 -47.29 13.44 38.43
N GLY I 384 -47.39 14.29 37.41
CA GLY I 384 -47.47 13.85 36.03
C GLY I 384 -46.12 13.80 35.37
N MET I 385 -46.13 13.44 34.11
CA MET I 385 -44.94 13.26 33.33
C MET I 385 -45.06 13.99 32.01
N LEU I 386 -43.93 14.50 31.52
CA LEU I 386 -43.91 15.17 30.22
C LEU I 386 -44.10 14.14 29.09
N PRO I 387 -44.58 14.56 27.91
CA PRO I 387 -44.75 13.59 26.80
C PRO I 387 -43.46 12.81 26.50
N GLY I 388 -43.59 11.50 26.29
CA GLY I 388 -42.45 10.63 26.03
C GLY I 388 -41.99 10.62 24.58
N THR I 389 -42.88 10.96 23.63
CA THR I 389 -42.57 11.01 22.20
C THR I 389 -43.07 12.33 21.58
N LEU I 390 -42.61 12.64 20.36
CA LEU I 390 -43.05 13.86 19.67
C LEU I 390 -44.54 13.76 19.33
N LYS I 391 -44.99 12.57 18.89
CA LYS I 391 -46.40 12.33 18.56
C LYS I 391 -47.29 12.56 19.78
N GLU I 392 -46.82 12.17 20.96
CA GLU I 392 -47.56 12.29 22.20
C GLU I 392 -47.73 13.77 22.57
N ALA I 393 -46.70 14.62 22.33
CA ALA I 393 -46.78 16.05 22.60
C ALA I 393 -47.65 16.75 21.57
N ILE I 394 -47.57 16.35 20.30
CA ILE I 394 -48.38 16.96 19.25
C ILE I 394 -49.87 16.69 19.48
N GLU I 395 -50.22 15.49 19.95
CA GLU I 395 -51.62 15.15 20.25
C GLU I 395 -52.14 16.04 21.38
N CYS I 396 -51.32 16.29 22.40
CA CYS I 396 -51.69 17.18 23.51
C CYS I 396 -51.78 18.64 23.05
N PHE I 397 -50.88 19.06 22.15
CA PHE I 397 -50.86 20.41 21.60
C PHE I 397 -52.09 20.69 20.71
N LYS I 398 -52.52 19.68 19.95
CA LYS I 398 -53.68 19.78 19.07
C LYS I 398 -54.96 20.08 19.86
N GLU I 399 -55.10 19.47 21.05
CA GLU I 399 -56.28 19.66 21.90
C GLU I 399 -56.24 20.95 22.72
N ASP I 400 -55.07 21.57 22.90
CA ASP I 400 -54.97 22.80 23.69
C ASP I 400 -55.44 23.99 22.84
N GLU I 401 -56.74 24.34 22.95
CA GLU I 401 -57.36 25.44 22.20
C GLU I 401 -56.73 26.81 22.49
N LEU I 402 -56.34 27.08 23.75
CA LEU I 402 -55.71 28.34 24.14
C LEU I 402 -54.44 28.60 23.33
N LEU I 403 -53.54 27.61 23.25
CA LEU I 403 -52.26 27.75 22.54
C LEU I 403 -52.41 27.80 21.03
N VAL I 404 -53.35 27.03 20.46
CA VAL I 404 -53.60 27.04 19.01
C VAL I 404 -54.07 28.44 18.60
N SER I 405 -54.94 29.08 19.42
CA SER I 405 -55.43 30.42 19.14
C SER I 405 -54.33 31.47 19.37
N ALA I 406 -53.46 31.28 20.38
CA ALA I 406 -52.37 32.21 20.67
C ALA I 406 -51.32 32.19 19.57
N LEU I 407 -50.94 31.01 19.06
CA LEU I 407 -49.97 30.92 17.98
C LEU I 407 -50.59 31.12 16.58
N GLY I 408 -51.92 31.04 16.47
CA GLY I 408 -52.61 31.19 15.20
C GLY I 408 -52.80 29.85 14.52
N GLU I 409 -53.88 29.71 13.75
CA GLU I 409 -54.17 28.41 13.10
C GLU I 409 -53.07 28.09 12.09
N HIS I 410 -52.55 29.11 11.40
CA HIS I 410 -51.53 28.86 10.34
C HIS I 410 -50.28 28.22 10.95
N VAL I 411 -49.74 28.85 12.00
CA VAL I 411 -48.51 28.37 12.64
C VAL I 411 -48.76 27.01 13.29
N SER I 412 -49.87 26.86 14.01
CA SER I 412 -50.17 25.60 14.70
C SER I 412 -50.29 24.45 13.72
N GLN I 413 -50.93 24.69 12.56
CA GLN I 413 -51.10 23.64 11.56
C GLN I 413 -49.74 23.26 10.96
N SER I 414 -48.90 24.24 10.63
CA SER I 414 -47.57 23.94 10.07
C SER I 414 -46.70 23.15 11.07
N ILE I 415 -46.80 23.47 12.35
CA ILE I 415 -46.04 22.71 13.40
C ILE I 415 -46.50 21.25 13.37
N ILE I 416 -47.81 21.01 13.35
CA ILE I 416 -48.35 19.67 13.37
C ILE I 416 -47.96 18.91 12.11
N ASN I 417 -48.02 19.58 10.96
CA ASN I 417 -47.66 18.92 9.67
C ASN I 417 -46.18 18.51 9.70
N VAL I 418 -45.28 19.44 10.01
CA VAL I 418 -43.85 19.16 10.00
C VAL I 418 -43.51 18.04 10.99
N ALA I 419 -44.06 18.10 12.21
CA ALA I 419 -43.79 17.09 13.24
C ALA I 419 -44.33 15.72 12.85
N MET I 420 -45.52 15.67 12.28
CA MET I 420 -46.13 14.39 11.86
C MET I 420 -45.31 13.79 10.71
N ALA I 421 -44.86 14.62 9.77
CA ALA I 421 -44.08 14.13 8.63
C ALA I 421 -42.78 13.49 9.14
N ASP I 422 -42.13 14.12 10.14
CA ASP I 422 -40.92 13.59 10.75
C ASP I 422 -41.20 12.30 11.53
N TRP I 423 -42.29 12.29 12.31
CA TRP I 423 -42.66 11.12 13.11
C TRP I 423 -43.03 9.92 12.23
N ASP I 424 -43.82 10.15 11.17
CA ASP I 424 -44.21 9.07 10.26
C ASP I 424 -42.99 8.47 9.53
N SER I 425 -41.94 9.27 9.29
CA SER I 425 -40.72 8.78 8.66
C SER I 425 -39.85 8.00 9.68
N TYR I 426 -39.76 8.53 10.92
CA TYR I 426 -38.98 7.92 12.00
C TYR I 426 -39.56 6.57 12.46
N ARG I 427 -40.88 6.50 12.66
CA ARG I 427 -41.54 5.28 13.16
C ARG I 427 -41.40 4.07 12.23
N THR I 428 -41.39 4.28 10.90
CA THR I 428 -41.25 3.18 9.96
C THR I 428 -39.80 2.69 9.83
N GLN I 429 -38.85 3.51 10.27
CA GLN I 429 -37.41 3.18 10.06
C GLN I 429 -36.94 2.00 10.91
N VAL I 430 -36.01 1.20 10.37
CA VAL I 430 -35.41 0.08 11.08
C VAL I 430 -34.04 0.57 11.51
N HIS I 431 -33.87 0.84 12.80
CA HIS I 431 -32.63 1.37 13.34
C HIS I 431 -31.59 0.28 13.60
N GLN I 432 -30.32 0.68 13.70
CA GLN I 432 -29.22 -0.26 13.92
C GLN I 432 -29.37 -0.99 15.25
N TRP I 433 -29.96 -0.35 16.28
CA TRP I 433 -30.17 -0.98 17.59
C TRP I 433 -30.95 -2.30 17.45
N GLU I 434 -31.93 -2.33 16.54
CA GLU I 434 -32.77 -3.49 16.32
C GLU I 434 -31.96 -4.63 15.70
N LEU I 435 -31.10 -4.32 14.73
CA LEU I 435 -30.23 -5.33 14.12
C LEU I 435 -29.23 -5.84 15.15
N ASP I 436 -28.64 -4.95 15.96
CA ASP I 436 -27.68 -5.33 17.00
C ASP I 436 -28.34 -6.22 18.07
N ARG I 437 -29.63 -5.99 18.36
CA ARG I 437 -30.36 -6.71 19.38
C ARG I 437 -30.98 -8.04 18.92
N TYR I 438 -31.41 -8.14 17.66
CA TYR I 438 -32.16 -9.31 17.18
C TYR I 438 -31.60 -10.12 16.01
N LEU I 439 -30.82 -9.52 15.09
CA LEU I 439 -30.34 -10.24 13.90
C LEU I 439 -29.59 -11.54 14.18
N GLN I 440 -28.69 -11.54 15.17
CA GLN I 440 -27.86 -12.75 15.42
C GLN I 440 -28.69 -13.86 16.08
N THR I 441 -29.59 -13.50 16.99
CA THR I 441 -30.38 -14.49 17.72
C THR I 441 -31.59 -15.02 16.95
N TYR I 442 -32.44 -14.12 16.44
CA TYR I 442 -33.65 -14.53 15.72
C TYR I 442 -33.35 -14.84 14.27
N GLY J 2 -49.79 -46.08 -22.74
CA GLY J 2 -50.03 -46.01 -21.30
C GLY J 2 -50.08 -44.58 -20.78
N SER J 3 -50.73 -44.39 -19.62
CA SER J 3 -50.85 -43.07 -19.01
C SER J 3 -49.46 -42.47 -18.72
N LYS J 4 -49.31 -41.20 -19.11
CA LYS J 4 -48.03 -40.46 -18.91
C LYS J 4 -47.70 -40.44 -17.41
N GLU J 5 -48.68 -40.11 -16.57
CA GLU J 5 -48.44 -39.99 -15.14
C GLU J 5 -47.70 -41.23 -14.62
N ASP J 6 -48.04 -42.43 -15.10
CA ASP J 6 -47.37 -43.66 -14.69
C ASP J 6 -45.89 -43.64 -15.15
N GLU J 7 -45.64 -43.15 -16.37
CA GLU J 7 -44.28 -43.04 -16.90
C GLU J 7 -43.46 -42.04 -16.09
N ILE J 8 -44.07 -40.93 -15.63
CA ILE J 8 -43.39 -39.92 -14.80
C ILE J 8 -42.91 -40.58 -13.50
N PHE J 9 -43.80 -41.29 -12.80
CA PHE J 9 -43.44 -41.95 -11.54
C PHE J 9 -42.40 -43.05 -11.73
N ARG J 10 -42.34 -43.68 -12.91
CA ARG J 10 -41.31 -44.67 -13.20
C ARG J 10 -39.95 -43.95 -13.27
N ILE J 11 -39.93 -42.74 -13.82
CA ILE J 11 -38.66 -41.98 -13.93
C ILE J 11 -38.21 -41.53 -12.54
N VAL J 12 -39.16 -41.11 -11.69
CA VAL J 12 -38.76 -40.59 -10.37
C VAL J 12 -38.10 -41.68 -9.54
N GLU J 13 -38.58 -42.94 -9.64
CA GLU J 13 -38.00 -44.04 -8.90
C GLU J 13 -36.62 -44.43 -9.45
N GLU J 14 -36.47 -44.43 -10.78
CA GLU J 14 -35.20 -44.77 -11.41
C GLU J 14 -34.15 -43.66 -11.22
N LYS J 15 -34.46 -42.41 -11.60
CA LYS J 15 -33.52 -41.30 -11.46
C LYS J 15 -33.36 -40.79 -10.02
N ASN J 16 -34.19 -41.26 -9.06
CA ASN J 16 -34.14 -40.82 -7.66
C ASN J 16 -34.40 -39.31 -7.56
N VAL J 17 -35.51 -38.87 -8.17
CA VAL J 17 -35.93 -37.48 -8.12
C VAL J 17 -36.59 -37.27 -6.77
N ARG J 18 -36.16 -36.24 -6.05
CA ARG J 18 -36.71 -35.91 -4.74
C ARG J 18 -37.42 -34.55 -4.74
N PHE J 19 -37.13 -33.65 -5.71
CA PHE J 19 -37.79 -32.35 -5.81
C PHE J 19 -38.20 -32.09 -7.23
N VAL J 20 -39.34 -31.41 -7.40
CA VAL J 20 -39.90 -31.08 -8.70
C VAL J 20 -40.19 -29.58 -8.74
N ARG J 21 -39.80 -28.96 -9.85
CA ARG J 21 -40.01 -27.50 -10.03
C ARG J 21 -41.23 -27.28 -10.94
N LEU J 22 -42.25 -26.61 -10.42
CA LEU J 22 -43.44 -26.32 -11.19
C LEU J 22 -43.23 -25.00 -11.90
N GLN J 23 -42.61 -25.06 -13.08
CA GLN J 23 -42.27 -23.88 -13.87
C GLN J 23 -43.47 -23.24 -14.53
N PHE J 24 -43.39 -21.93 -14.71
CA PHE J 24 -44.35 -21.12 -15.46
C PHE J 24 -43.68 -19.77 -15.82
N VAL J 25 -44.33 -18.90 -16.61
CA VAL J 25 -43.73 -17.62 -16.99
C VAL J 25 -44.72 -16.49 -16.74
N ASP J 26 -44.19 -15.30 -16.41
CA ASP J 26 -45.00 -14.11 -16.23
C ASP J 26 -45.24 -13.43 -17.62
N VAL J 27 -45.96 -12.29 -17.66
CA VAL J 27 -46.26 -11.60 -18.92
C VAL J 27 -45.00 -11.12 -19.66
N GLN J 28 -43.86 -10.98 -18.95
CA GLN J 28 -42.60 -10.51 -19.51
C GLN J 28 -41.64 -11.62 -19.97
N GLY J 29 -42.07 -12.89 -19.93
CA GLY J 29 -41.24 -14.01 -20.36
C GLY J 29 -40.22 -14.47 -19.34
N ILE J 30 -40.32 -13.99 -18.08
CA ILE J 30 -39.38 -14.37 -17.03
C ILE J 30 -39.85 -15.67 -16.37
N PRO J 31 -38.97 -16.67 -16.24
CA PRO J 31 -39.41 -17.93 -15.61
C PRO J 31 -39.61 -17.83 -14.10
N LYS J 32 -40.74 -18.36 -13.63
CA LYS J 32 -41.13 -18.42 -12.23
C LYS J 32 -41.42 -19.89 -11.89
N ASN J 33 -41.32 -20.27 -10.60
CA ASN J 33 -41.56 -21.67 -10.21
C ASN J 33 -41.95 -21.85 -8.73
N VAL J 34 -42.41 -23.06 -8.39
CA VAL J 34 -42.73 -23.48 -7.04
C VAL J 34 -42.02 -24.81 -6.85
N ALA J 35 -41.13 -24.90 -5.85
CA ALA J 35 -40.40 -26.13 -5.59
C ALA J 35 -41.22 -26.98 -4.64
N ILE J 36 -41.51 -28.23 -5.01
CA ILE J 36 -42.29 -29.14 -4.16
C ILE J 36 -41.49 -30.44 -3.96
N PRO J 37 -41.58 -31.09 -2.79
CA PRO J 37 -40.94 -32.40 -2.66
C PRO J 37 -41.69 -33.44 -3.50
N VAL J 38 -41.02 -34.52 -3.85
CA VAL J 38 -41.59 -35.56 -4.70
C VAL J 38 -42.85 -36.21 -4.09
N GLY J 39 -43.03 -36.13 -2.78
CA GLY J 39 -44.23 -36.63 -2.11
C GLY J 39 -45.49 -35.91 -2.57
N GLN J 40 -45.36 -34.62 -2.95
CA GLN J 40 -46.46 -33.80 -3.43
C GLN J 40 -46.67 -33.90 -4.96
N LEU J 41 -45.88 -34.71 -5.69
CA LEU J 41 -46.02 -34.82 -7.15
C LEU J 41 -47.35 -35.44 -7.55
N GLU J 42 -47.88 -36.38 -6.77
CA GLU J 42 -49.17 -36.98 -7.07
C GLU J 42 -50.28 -35.93 -6.93
N LYS J 43 -50.17 -35.03 -5.95
CA LYS J 43 -51.12 -33.95 -5.76
C LYS J 43 -51.03 -32.92 -6.89
N ALA J 44 -49.82 -32.64 -7.38
CA ALA J 44 -49.63 -31.68 -8.47
C ALA J 44 -50.26 -32.19 -9.77
N LEU J 45 -50.03 -33.46 -10.13
CA LEU J 45 -50.61 -34.03 -11.34
C LEU J 45 -52.13 -34.29 -11.23
N GLY J 46 -52.67 -34.36 -10.01
CA GLY J 46 -54.09 -34.57 -9.77
C GLY J 46 -54.82 -33.25 -9.61
N PRO J 47 -55.17 -32.81 -8.37
CA PRO J 47 -55.96 -31.58 -8.19
C PRO J 47 -55.13 -30.30 -8.45
N GLY J 48 -53.80 -30.40 -8.47
CA GLY J 48 -52.93 -29.25 -8.67
C GLY J 48 -52.48 -28.59 -7.38
N ILE J 49 -51.47 -27.71 -7.47
CA ILE J 49 -50.90 -26.99 -6.33
C ILE J 49 -51.37 -25.54 -6.36
N HIS J 50 -51.85 -25.02 -5.21
CA HIS J 50 -52.33 -23.65 -5.12
C HIS J 50 -51.17 -22.70 -4.85
N PHE J 51 -51.30 -21.48 -5.35
CA PHE J 51 -50.27 -20.46 -5.20
C PHE J 51 -50.87 -19.07 -5.43
N ASP J 52 -50.20 -18.02 -4.93
CA ASP J 52 -50.69 -16.65 -5.10
C ASP J 52 -50.29 -16.13 -6.48
N GLY J 53 -51.24 -15.57 -7.21
CA GLY J 53 -51.02 -15.07 -8.56
C GLY J 53 -50.64 -13.61 -8.69
N SER J 54 -50.22 -12.96 -7.60
CA SER J 54 -49.79 -11.55 -7.64
C SER J 54 -48.31 -11.48 -8.09
N SER J 55 -47.99 -12.15 -9.22
CA SER J 55 -46.63 -12.25 -9.74
C SER J 55 -46.64 -12.22 -11.28
N ILE J 56 -47.44 -13.10 -11.90
CA ILE J 56 -47.53 -13.18 -13.39
C ILE J 56 -47.64 -11.78 -14.00
N GLU J 57 -48.55 -10.94 -13.50
CA GLU J 57 -48.77 -9.60 -14.10
C GLU J 57 -47.44 -8.84 -14.19
N GLY J 58 -46.62 -8.89 -13.13
CA GLY J 58 -45.36 -8.16 -13.09
C GLY J 58 -44.86 -7.94 -11.68
N SER J 65 -56.46 -13.59 -5.96
CA SER J 65 -55.08 -13.95 -5.69
C SER J 65 -54.85 -15.46 -5.85
N ASP J 66 -55.75 -16.28 -5.32
CA ASP J 66 -55.60 -17.73 -5.32
C ASP J 66 -55.78 -18.34 -6.69
N MET J 67 -54.79 -19.15 -7.10
CA MET J 67 -54.85 -19.83 -8.41
C MET J 67 -54.30 -21.25 -8.26
N VAL J 68 -54.26 -22.02 -9.36
CA VAL J 68 -53.79 -23.41 -9.35
C VAL J 68 -52.78 -23.65 -10.48
N LEU J 69 -51.76 -24.47 -10.21
CA LEU J 69 -50.76 -24.86 -11.20
C LEU J 69 -51.16 -26.21 -11.76
N ARG J 70 -51.27 -26.31 -13.09
CA ARG J 70 -51.68 -27.52 -13.77
C ARG J 70 -50.49 -28.02 -14.62
N PRO J 71 -49.66 -28.93 -14.09
CA PRO J 71 -48.51 -29.42 -14.85
C PRO J 71 -48.86 -30.12 -16.17
N ASP J 72 -48.06 -29.88 -17.21
CA ASP J 72 -48.23 -30.54 -18.51
C ASP J 72 -47.39 -31.82 -18.43
N PRO J 73 -47.99 -33.02 -18.37
CA PRO J 73 -47.17 -34.25 -18.25
C PRO J 73 -46.14 -34.46 -19.36
N ASP J 74 -46.38 -33.93 -20.56
CA ASP J 74 -45.44 -34.06 -21.69
C ASP J 74 -44.12 -33.31 -21.47
N THR J 75 -44.11 -32.32 -20.56
CA THR J 75 -42.95 -31.48 -20.28
C THR J 75 -42.11 -31.94 -19.08
N PHE J 76 -42.36 -33.15 -18.53
CA PHE J 76 -41.60 -33.66 -17.39
C PHE J 76 -40.17 -33.98 -17.83
N ARG J 77 -39.17 -33.28 -17.26
CA ARG J 77 -37.77 -33.51 -17.59
C ARG J 77 -36.90 -33.47 -16.36
N VAL J 78 -35.83 -34.26 -16.37
CA VAL J 78 -34.87 -34.31 -15.26
C VAL J 78 -33.73 -33.34 -15.56
N LEU J 79 -33.44 -32.39 -14.63
CA LEU J 79 -32.40 -31.39 -14.85
C LEU J 79 -31.03 -32.12 -14.84
N PRO J 80 -30.22 -32.12 -15.94
CA PRO J 80 -28.97 -32.90 -15.93
C PRO J 80 -27.91 -32.53 -14.88
N TRP J 81 -27.98 -31.33 -14.27
CA TRP J 81 -27.03 -30.98 -13.21
C TRP J 81 -27.49 -31.69 -11.91
N SER J 82 -26.89 -32.86 -11.62
CA SER J 82 -27.25 -33.69 -10.47
C SER J 82 -27.19 -32.90 -9.17
N THR J 87 -29.16 -37.21 -5.17
CA THR J 87 -30.54 -36.78 -5.35
C THR J 87 -30.71 -35.92 -6.58
N ALA J 88 -31.58 -36.32 -7.50
CA ALA J 88 -31.83 -35.57 -8.74
C ALA J 88 -33.07 -34.66 -8.60
N GLU J 89 -33.21 -33.75 -9.56
CA GLU J 89 -34.34 -32.80 -9.54
C GLU J 89 -35.06 -32.88 -10.89
N ALA J 90 -36.35 -32.55 -10.91
CA ALA J 90 -37.14 -32.59 -12.14
C ALA J 90 -37.96 -31.30 -12.31
N ARG J 91 -38.49 -31.11 -13.51
CA ARG J 91 -39.25 -29.87 -13.81
C ARG J 91 -40.53 -30.20 -14.56
N LEU J 92 -41.52 -29.32 -14.47
CA LEU J 92 -42.79 -29.48 -15.15
C LEU J 92 -43.31 -28.11 -15.54
N ILE J 93 -43.50 -27.86 -16.85
CA ILE J 93 -44.07 -26.60 -17.29
C ILE J 93 -45.56 -26.68 -16.96
N CYS J 94 -46.08 -25.64 -16.33
CA CYS J 94 -47.45 -25.59 -15.85
C CYS J 94 -48.28 -24.54 -16.53
N ASP J 95 -49.57 -24.86 -16.67
CA ASP J 95 -50.60 -23.96 -17.16
C ASP J 95 -51.33 -23.44 -15.91
N ILE J 96 -51.79 -22.20 -15.95
CA ILE J 96 -52.43 -21.59 -14.78
C ILE J 96 -53.95 -21.67 -14.94
N GLU J 97 -54.63 -22.10 -13.86
CA GLU J 97 -56.08 -22.23 -13.83
C GLU J 97 -56.64 -21.50 -12.60
N LEU J 98 -57.89 -21.05 -12.70
CA LEU J 98 -58.57 -20.41 -11.58
C LEU J 98 -59.06 -21.52 -10.58
N PRO J 99 -59.36 -21.19 -9.30
CA PRO J 99 -59.78 -22.24 -8.35
C PRO J 99 -60.91 -23.17 -8.81
N ASP J 100 -61.85 -22.65 -9.60
CA ASP J 100 -62.97 -23.45 -10.10
C ASP J 100 -62.60 -24.47 -11.19
N GLY J 101 -61.60 -24.16 -12.02
CA GLY J 101 -61.17 -25.04 -13.09
C GLY J 101 -61.00 -24.38 -14.45
N LYS J 102 -61.63 -23.20 -14.69
CA LYS J 102 -61.48 -22.54 -16.00
C LYS J 102 -60.05 -21.92 -16.18
N PRO J 103 -59.46 -21.97 -17.40
CA PRO J 103 -58.08 -21.45 -17.59
C PRO J 103 -57.94 -19.95 -17.36
N PHE J 104 -56.81 -19.53 -16.77
CA PHE J 104 -56.56 -18.12 -16.52
C PHE J 104 -56.14 -17.46 -17.84
N MET J 105 -56.93 -16.52 -18.36
CA MET J 105 -56.62 -15.83 -19.63
C MET J 105 -55.38 -14.92 -19.56
N GLY J 106 -54.88 -14.63 -18.36
CA GLY J 106 -53.68 -13.84 -18.19
C GLY J 106 -52.40 -14.64 -18.35
N CYS J 107 -52.48 -15.99 -18.38
CA CYS J 107 -51.31 -16.86 -18.53
C CYS J 107 -50.78 -16.78 -19.96
N PRO J 108 -49.51 -16.39 -20.20
CA PRO J 108 -49.00 -16.33 -21.58
C PRO J 108 -49.05 -17.64 -22.36
N ARG J 109 -48.80 -18.78 -21.70
CA ARG J 109 -48.84 -20.08 -22.36
C ARG J 109 -50.27 -20.41 -22.82
N GLN J 110 -51.28 -20.06 -22.01
CA GLN J 110 -52.68 -20.27 -22.36
C GLN J 110 -53.10 -19.42 -23.57
N VAL J 111 -52.52 -18.21 -23.69
CA VAL J 111 -52.81 -17.31 -24.81
C VAL J 111 -52.35 -17.94 -26.13
N LEU J 112 -51.11 -18.46 -26.17
CA LEU J 112 -50.60 -19.11 -27.39
C LEU J 112 -51.43 -20.35 -27.70
N LYS J 113 -51.80 -21.13 -26.67
CA LYS J 113 -52.63 -22.31 -26.83
C LYS J 113 -53.98 -21.95 -27.48
N LYS J 114 -54.62 -20.85 -27.01
CA LYS J 114 -55.88 -20.40 -27.56
C LYS J 114 -55.72 -20.01 -29.04
N ASN J 115 -54.71 -19.21 -29.37
CA ASN J 115 -54.48 -18.81 -30.75
C ASN J 115 -54.14 -20.01 -31.65
N MET J 116 -53.47 -21.04 -31.11
CA MET J 116 -53.17 -22.24 -31.88
C MET J 116 -54.43 -23.07 -32.11
N GLU J 117 -55.34 -23.12 -31.11
CA GLU J 117 -56.61 -23.85 -31.23
C GLU J 117 -57.50 -23.19 -32.30
N GLU J 118 -57.50 -21.86 -32.37
CA GLU J 118 -58.28 -21.15 -33.39
C GLU J 118 -57.70 -21.42 -34.79
N ALA J 119 -56.37 -21.54 -34.89
CA ALA J 119 -55.71 -21.86 -36.15
C ALA J 119 -56.03 -23.30 -36.57
N ALA J 120 -56.03 -24.23 -35.58
CA ALA J 120 -56.35 -25.65 -35.80
C ALA J 120 -57.77 -25.83 -36.31
N LYS J 121 -58.70 -24.95 -35.90
CA LYS J 121 -60.09 -24.98 -36.39
C LYS J 121 -60.16 -24.78 -37.92
N LEU J 122 -59.14 -24.14 -38.53
CA LEU J 122 -59.03 -23.96 -39.98
C LEU J 122 -57.97 -24.90 -40.61
N GLY J 123 -57.61 -25.98 -39.91
CA GLY J 123 -56.64 -26.96 -40.36
C GLY J 123 -55.20 -26.46 -40.39
N TYR J 124 -54.90 -25.34 -39.70
CA TYR J 124 -53.56 -24.76 -39.70
C TYR J 124 -52.80 -25.00 -38.41
N VAL J 125 -51.50 -25.29 -38.54
CA VAL J 125 -50.58 -25.46 -37.42
C VAL J 125 -49.33 -24.64 -37.76
N MET J 126 -48.88 -23.81 -36.83
CA MET J 126 -47.73 -22.93 -37.05
C MET J 126 -46.45 -23.59 -36.57
N ASN J 127 -45.42 -23.63 -37.43
CA ASN J 127 -44.14 -24.18 -37.06
C ASN J 127 -43.13 -23.04 -37.00
N THR J 128 -42.37 -22.97 -35.90
CA THR J 128 -41.39 -21.93 -35.66
C THR J 128 -40.01 -22.54 -35.37
N GLY J 129 -38.97 -21.90 -35.90
CA GLY J 129 -37.58 -22.30 -35.73
C GLY J 129 -36.73 -21.08 -35.49
N PRO J 130 -36.53 -20.66 -34.23
CA PRO J 130 -35.79 -19.42 -33.97
C PRO J 130 -34.28 -19.54 -33.93
N GLU J 131 -33.61 -18.44 -34.31
CA GLU J 131 -32.16 -18.29 -34.30
C GLU J 131 -31.89 -17.45 -33.06
N MET J 132 -31.42 -18.07 -31.98
CA MET J 132 -31.22 -17.40 -30.70
C MET J 132 -29.83 -16.83 -30.51
N GLU J 133 -29.71 -15.49 -30.58
CA GLU J 133 -28.46 -14.79 -30.36
C GLU J 133 -28.38 -14.36 -28.89
N PHE J 134 -27.17 -14.38 -28.32
CA PHE J 134 -26.98 -14.00 -26.92
C PHE J 134 -25.51 -13.61 -26.68
N PHE J 135 -25.24 -12.99 -25.53
CA PHE J 135 -23.90 -12.57 -25.16
C PHE J 135 -23.43 -13.31 -23.91
N LEU J 136 -22.12 -13.52 -23.80
CA LEU J 136 -21.51 -14.14 -22.63
C LEU J 136 -20.53 -13.14 -22.07
N PHE J 137 -20.87 -12.54 -20.92
CA PHE J 137 -20.08 -11.50 -20.29
C PHE J 137 -19.38 -11.95 -19.04
N LYS J 138 -18.29 -11.24 -18.71
CA LYS J 138 -17.50 -11.46 -17.50
C LYS J 138 -18.28 -10.97 -16.28
N ARG J 139 -17.93 -11.52 -15.11
CA ARG J 139 -18.54 -11.14 -13.83
C ARG J 139 -17.44 -10.53 -12.95
N GLN J 140 -17.68 -9.34 -12.35
CA GLN J 140 -16.69 -8.64 -11.54
C GLN J 140 -17.24 -8.35 -10.15
N ASP J 141 -16.58 -8.88 -9.11
CA ASP J 141 -16.98 -8.69 -7.71
C ASP J 141 -18.42 -9.17 -7.49
N GLY J 142 -18.74 -10.33 -8.02
CA GLY J 142 -20.06 -10.94 -7.86
C GLY J 142 -21.17 -10.36 -8.71
N MET J 143 -21.01 -9.21 -9.40
CA MET J 143 -22.10 -8.66 -10.22
C MET J 143 -21.83 -8.83 -11.70
N PRO J 144 -22.86 -9.11 -12.52
CA PRO J 144 -22.64 -9.22 -13.97
C PRO J 144 -22.22 -7.89 -14.57
N THR J 145 -21.48 -7.95 -15.69
CA THR J 145 -20.99 -6.78 -16.41
C THR J 145 -21.41 -6.91 -17.90
N ASN J 146 -21.05 -5.93 -18.75
CA ASN J 146 -21.26 -6.00 -20.20
C ASN J 146 -19.89 -6.11 -20.92
N ILE J 147 -18.88 -6.71 -20.26
CA ILE J 147 -17.54 -6.88 -20.84
C ILE J 147 -17.51 -8.26 -21.51
N PRO J 148 -17.29 -8.32 -22.84
CA PRO J 148 -17.24 -9.65 -23.49
C PRO J 148 -16.18 -10.59 -22.91
N GLN J 149 -16.55 -11.86 -22.78
CA GLN J 149 -15.64 -12.90 -22.28
C GLN J 149 -14.53 -13.18 -23.28
N ASP J 150 -14.84 -13.12 -24.59
CA ASP J 150 -13.88 -13.36 -25.67
C ASP J 150 -13.81 -12.16 -26.61
N ARG J 151 -12.76 -12.13 -27.44
CA ARG J 151 -12.56 -11.07 -28.43
C ARG J 151 -12.72 -11.71 -29.82
N GLY J 152 -13.83 -12.40 -30.03
CA GLY J 152 -14.12 -13.09 -31.28
C GLY J 152 -15.10 -12.38 -32.19
N GLY J 153 -15.15 -12.85 -33.43
CA GLY J 153 -16.00 -12.31 -34.49
C GLY J 153 -16.87 -13.35 -35.15
N TYR J 154 -17.27 -13.09 -36.40
CA TYR J 154 -18.21 -13.94 -37.13
C TYR J 154 -17.65 -15.33 -37.48
N PHE J 155 -18.37 -16.39 -37.05
CA PHE J 155 -18.01 -17.79 -37.25
C PHE J 155 -16.57 -18.10 -36.80
N ASP J 156 -16.03 -17.34 -35.83
CA ASP J 156 -14.65 -17.55 -35.39
C ASP J 156 -14.46 -18.86 -34.63
N LEU J 157 -13.22 -19.38 -34.67
CA LEU J 157 -12.81 -20.65 -34.06
C LEU J 157 -11.83 -20.38 -32.90
N ALA J 158 -11.76 -21.32 -31.94
CA ALA J 158 -10.84 -21.23 -30.80
C ALA J 158 -9.38 -21.18 -31.30
N PRO J 159 -8.45 -20.53 -30.57
CA PRO J 159 -8.63 -19.83 -29.29
C PRO J 159 -9.24 -18.44 -29.37
N ILE J 160 -9.71 -17.99 -30.55
CA ILE J 160 -10.35 -16.69 -30.68
C ILE J 160 -11.72 -16.76 -29.96
N ASP J 161 -12.45 -17.87 -30.13
CA ASP J 161 -13.72 -18.15 -29.45
C ASP J 161 -13.37 -18.92 -28.15
N LEU J 162 -13.41 -18.23 -26.99
CA LEU J 162 -13.12 -18.87 -25.71
C LEU J 162 -14.33 -19.60 -25.09
N ALA J 163 -15.56 -19.34 -25.59
CA ALA J 163 -16.77 -19.96 -25.07
C ALA J 163 -17.16 -21.17 -25.92
N GLU J 164 -16.19 -22.01 -26.28
CA GLU J 164 -16.51 -23.22 -27.08
C GLU J 164 -16.86 -24.37 -26.13
N GLU J 165 -16.28 -24.37 -24.93
CA GLU J 165 -16.58 -25.39 -23.94
C GLU J 165 -17.92 -25.14 -23.26
N ILE J 166 -18.30 -23.88 -23.03
CA ILE J 166 -19.66 -23.66 -22.43
C ILE J 166 -20.73 -23.98 -23.49
N LYS J 167 -20.59 -23.41 -24.68
CA LYS J 167 -21.58 -23.66 -25.74
C LYS J 167 -21.76 -25.16 -25.97
N ARG J 168 -20.66 -25.93 -25.90
CA ARG J 168 -20.69 -27.38 -26.05
C ARG J 168 -21.57 -27.98 -24.93
N GLU J 169 -21.42 -27.48 -23.69
CA GLU J 169 -22.22 -27.94 -22.57
C GLU J 169 -23.69 -27.56 -22.73
N ILE J 170 -23.99 -26.34 -23.22
CA ILE J 170 -25.39 -25.90 -23.44
C ILE J 170 -26.11 -26.86 -24.40
N VAL J 171 -25.51 -27.12 -25.56
CA VAL J 171 -26.12 -28.00 -26.55
C VAL J 171 -26.29 -29.42 -26.01
N LEU J 172 -25.30 -29.92 -25.26
CA LEU J 172 -25.40 -31.27 -24.67
C LEU J 172 -26.58 -31.31 -23.69
N VAL J 173 -26.60 -30.37 -22.73
CA VAL J 173 -27.65 -30.33 -21.70
C VAL J 173 -29.02 -30.26 -22.37
N LEU J 174 -29.15 -29.51 -23.48
CA LEU J 174 -30.43 -29.41 -24.17
C LEU J 174 -30.80 -30.75 -24.79
N GLU J 175 -29.87 -31.43 -25.47
CA GLU J 175 -30.15 -32.72 -26.09
C GLU J 175 -30.61 -33.76 -25.06
N GLU J 176 -30.09 -33.68 -23.83
CA GLU J 176 -30.50 -34.57 -22.74
C GLU J 176 -31.96 -34.35 -22.28
N MET J 177 -32.63 -33.27 -22.75
CA MET J 177 -34.01 -32.97 -22.36
C MET J 177 -34.94 -32.95 -23.58
N GLY J 178 -34.70 -33.87 -24.51
CA GLY J 178 -35.51 -34.01 -25.72
C GLY J 178 -35.52 -32.78 -26.59
N PHE J 179 -34.32 -32.26 -26.89
CA PHE J 179 -34.19 -31.01 -27.69
C PHE J 179 -33.16 -31.25 -28.81
N GLU J 180 -33.53 -30.97 -30.06
CA GLU J 180 -32.61 -31.20 -31.18
C GLU J 180 -32.10 -29.87 -31.74
N VAL J 181 -30.77 -29.71 -31.80
CA VAL J 181 -30.14 -28.48 -32.27
C VAL J 181 -29.64 -28.68 -33.71
N GLU J 182 -29.68 -27.59 -34.49
CA GLU J 182 -29.21 -27.62 -35.90
C GLU J 182 -27.73 -27.23 -35.91
N ALA J 183 -27.40 -26.04 -35.39
CA ALA J 183 -26.01 -25.57 -35.41
C ALA J 183 -25.81 -24.41 -34.43
N ALA J 184 -24.56 -24.20 -34.00
CA ALA J 184 -24.17 -23.11 -33.12
C ALA J 184 -22.89 -22.48 -33.66
N HIS J 185 -22.74 -21.16 -33.48
CA HIS J 185 -21.56 -20.46 -33.97
C HIS J 185 -21.36 -19.12 -33.26
N HIS J 186 -20.14 -18.57 -33.37
CA HIS J 186 -19.84 -17.27 -32.81
C HIS J 186 -20.44 -16.21 -33.75
N GLU J 187 -21.04 -15.15 -33.18
CA GLU J 187 -21.67 -14.10 -33.97
C GLU J 187 -20.71 -12.92 -34.25
N VAL J 188 -21.20 -11.82 -34.87
CA VAL J 188 -20.37 -10.69 -35.30
C VAL J 188 -19.68 -9.98 -34.12
N ALA J 189 -20.46 -9.62 -33.09
CA ALA J 189 -19.95 -8.86 -31.95
C ALA J 189 -19.08 -9.70 -31.00
N PHE J 190 -18.22 -9.02 -30.22
CA PHE J 190 -17.32 -9.65 -29.25
C PHE J 190 -18.14 -10.34 -28.17
N GLY J 191 -17.88 -11.63 -27.95
CA GLY J 191 -18.58 -12.43 -26.95
C GLY J 191 -20.01 -12.79 -27.31
N GLN J 192 -20.43 -12.56 -28.57
CA GLN J 192 -21.79 -12.89 -29.00
C GLN J 192 -21.80 -14.26 -29.65
N HIS J 193 -22.87 -15.02 -29.43
CA HIS J 193 -23.04 -16.37 -29.97
C HIS J 193 -24.47 -16.59 -30.46
N GLU J 194 -24.68 -17.63 -31.27
CA GLU J 194 -26.01 -17.98 -31.78
C GLU J 194 -26.18 -19.49 -31.74
N ILE J 195 -27.37 -19.93 -31.34
CA ILE J 195 -27.73 -21.34 -31.30
C ILE J 195 -29.06 -21.46 -32.03
N ASP J 196 -29.05 -22.09 -33.21
CA ASP J 196 -30.26 -22.27 -34.01
C ASP J 196 -30.74 -23.68 -33.80
N PHE J 197 -32.00 -23.88 -33.44
CA PHE J 197 -32.54 -25.23 -33.28
C PHE J 197 -33.64 -25.51 -34.28
N LYS J 198 -33.91 -26.80 -34.51
CA LYS J 198 -34.87 -27.25 -35.50
C LYS J 198 -36.27 -26.74 -35.20
N TYR J 199 -37.06 -26.52 -36.25
CA TYR J 199 -38.42 -26.05 -36.08
C TYR J 199 -39.32 -27.10 -35.41
N ASP J 200 -40.44 -26.62 -34.89
CA ASP J 200 -41.44 -27.41 -34.19
C ASP J 200 -42.72 -26.55 -34.02
N ASN J 201 -43.84 -27.13 -33.54
CA ASN J 201 -45.06 -26.34 -33.32
C ASN J 201 -44.79 -25.16 -32.34
N ALA J 202 -45.52 -24.05 -32.51
CA ALA J 202 -45.31 -22.85 -31.71
C ALA J 202 -45.23 -23.07 -30.19
N LEU J 203 -46.02 -24.00 -29.63
CA LEU J 203 -46.01 -24.25 -28.20
C LEU J 203 -44.73 -24.96 -27.74
N ALA J 204 -44.33 -26.04 -28.42
CA ALA J 204 -43.11 -26.75 -28.06
C ALA J 204 -41.90 -25.85 -28.23
N THR J 205 -41.88 -25.02 -29.28
CA THR J 205 -40.79 -24.09 -29.51
C THR J 205 -40.72 -23.04 -28.41
N ALA J 206 -41.86 -22.47 -27.99
CA ALA J 206 -41.86 -21.47 -26.93
C ALA J 206 -41.37 -22.07 -25.62
N ASP J 207 -41.77 -23.31 -25.30
CA ASP J 207 -41.30 -24.03 -24.11
C ASP J 207 -39.77 -24.22 -24.19
N ASN J 208 -39.29 -24.52 -25.40
CA ASN J 208 -37.83 -24.74 -25.62
C ASN J 208 -37.08 -23.42 -25.46
N VAL J 209 -37.63 -22.33 -26.00
CA VAL J 209 -36.99 -21.02 -25.92
C VAL J 209 -36.74 -20.67 -24.44
N ILE J 210 -37.76 -20.87 -23.58
CA ILE J 210 -37.64 -20.60 -22.14
C ILE J 210 -36.58 -21.50 -21.52
N THR J 211 -36.56 -22.78 -21.91
CA THR J 211 -35.58 -23.73 -21.40
C THR J 211 -34.17 -23.30 -21.81
N LEU J 212 -33.96 -22.88 -23.07
CA LEU J 212 -32.64 -22.44 -23.51
C LEU J 212 -32.11 -21.28 -22.65
N LYS J 213 -32.93 -20.25 -22.42
CA LYS J 213 -32.49 -19.11 -21.62
C LYS J 213 -32.12 -19.53 -20.20
N TYR J 214 -32.94 -20.40 -19.59
CA TYR J 214 -32.70 -20.92 -18.25
C TYR J 214 -31.37 -21.72 -18.20
N VAL J 215 -31.19 -22.65 -19.14
CA VAL J 215 -29.99 -23.49 -19.22
C VAL J 215 -28.72 -22.66 -19.47
N ALA J 216 -28.76 -21.73 -20.44
CA ALA J 216 -27.60 -20.90 -20.77
C ALA J 216 -27.17 -20.03 -19.58
N LYS J 217 -28.12 -19.38 -18.90
CA LYS J 217 -27.81 -18.55 -17.74
C LYS J 217 -27.31 -19.38 -16.56
N THR J 218 -27.83 -20.61 -16.38
CA THR J 218 -27.40 -21.49 -15.29
C THR J 218 -25.95 -21.96 -15.53
N LEU J 219 -25.65 -22.46 -16.74
CA LEU J 219 -24.31 -22.95 -17.05
C LEU J 219 -23.29 -21.82 -17.11
N ALA J 220 -23.71 -20.59 -17.49
CA ALA J 220 -22.79 -19.45 -17.50
C ALA J 220 -22.35 -19.14 -16.08
N LEU J 221 -23.27 -19.16 -15.11
CA LEU J 221 -22.94 -18.89 -13.72
C LEU J 221 -21.97 -19.95 -13.19
N GLN J 222 -22.14 -21.22 -13.60
CA GLN J 222 -21.24 -22.30 -13.19
C GLN J 222 -19.79 -22.02 -13.61
N HIS J 223 -19.57 -21.31 -14.74
CA HIS J 223 -18.24 -20.96 -15.21
C HIS J 223 -17.81 -19.52 -14.84
N GLY J 224 -18.49 -18.89 -13.88
CA GLY J 224 -18.19 -17.52 -13.45
C GLY J 224 -18.50 -16.46 -14.48
N LEU J 225 -19.41 -16.76 -15.42
CA LEU J 225 -19.82 -15.85 -16.50
C LEU J 225 -21.32 -15.52 -16.38
N HIS J 226 -21.81 -14.63 -17.25
CA HIS J 226 -23.21 -14.22 -17.25
C HIS J 226 -23.72 -14.20 -18.68
N ALA J 227 -24.69 -15.08 -18.99
CA ALA J 227 -25.30 -15.11 -20.32
C ALA J 227 -26.48 -14.16 -20.29
N THR J 228 -26.65 -13.35 -21.33
CA THR J 228 -27.77 -12.43 -21.40
C THR J 228 -28.37 -12.42 -22.78
N PHE J 229 -29.70 -12.33 -22.82
CA PHE J 229 -30.49 -12.24 -24.03
C PHE J 229 -31.01 -10.79 -24.19
N MET J 230 -30.27 -9.81 -23.64
CA MET J 230 -30.67 -8.39 -23.75
C MET J 230 -30.49 -7.95 -25.20
N PRO J 231 -31.40 -7.14 -25.81
CA PRO J 231 -31.28 -6.79 -27.24
C PRO J 231 -30.02 -6.01 -27.61
N LYS J 232 -29.60 -5.03 -26.80
CA LYS J 232 -28.44 -4.20 -27.08
C LYS J 232 -27.66 -3.90 -25.79
N PRO J 233 -26.89 -4.88 -25.29
CA PRO J 233 -26.11 -4.64 -24.07
C PRO J 233 -24.91 -3.73 -24.24
N ILE J 234 -24.39 -3.59 -25.48
CA ILE J 234 -23.23 -2.75 -25.75
C ILE J 234 -23.52 -1.82 -26.92
N PHE J 235 -23.19 -0.54 -26.77
CA PHE J 235 -23.37 0.45 -27.84
C PHE J 235 -22.21 0.32 -28.84
N GLY J 236 -22.52 0.52 -30.13
CA GLY J 236 -21.52 0.49 -31.18
C GLY J 236 -21.18 -0.87 -31.76
N VAL J 237 -21.77 -1.94 -31.21
CA VAL J 237 -21.56 -3.31 -31.71
C VAL J 237 -22.93 -3.94 -32.07
N ASN J 238 -22.93 -5.11 -32.72
CA ASN J 238 -24.15 -5.79 -33.10
C ASN J 238 -25.00 -6.14 -31.88
N GLY J 239 -26.32 -6.12 -32.05
CA GLY J 239 -27.27 -6.47 -30.99
C GLY J 239 -27.84 -7.85 -31.19
N SER J 240 -28.32 -8.47 -30.10
CA SER J 240 -28.91 -9.82 -30.14
C SER J 240 -30.31 -9.80 -30.73
N GLY J 241 -30.55 -10.65 -31.73
CA GLY J 241 -31.84 -10.81 -32.37
C GLY J 241 -32.38 -12.23 -32.25
N MET J 242 -33.68 -12.39 -32.47
CA MET J 242 -34.35 -13.70 -32.47
C MET J 242 -35.06 -13.81 -33.81
N HIS J 243 -34.32 -14.20 -34.86
CA HIS J 243 -34.90 -14.35 -36.19
C HIS J 243 -35.77 -15.60 -36.16
N THR J 244 -37.07 -15.44 -36.42
CA THR J 244 -38.04 -16.54 -36.32
C THR J 244 -38.45 -17.09 -37.67
N ASN J 245 -37.94 -18.28 -38.01
CA ASN J 245 -38.32 -18.98 -39.25
C ASN J 245 -39.72 -19.53 -39.03
N THR J 246 -40.70 -19.11 -39.85
CA THR J 246 -42.10 -19.45 -39.69
C THR J 246 -42.70 -20.06 -40.96
N SER J 247 -43.48 -21.11 -40.79
CA SER J 247 -44.19 -21.79 -41.88
C SER J 247 -45.54 -22.24 -41.37
N LEU J 248 -46.49 -22.39 -42.28
CA LEU J 248 -47.83 -22.82 -41.93
C LEU J 248 -48.11 -24.13 -42.64
N PHE J 249 -48.74 -25.08 -41.94
CA PHE J 249 -49.01 -26.41 -42.45
C PHE J 249 -50.51 -26.72 -42.39
N LYS J 250 -51.15 -26.87 -43.57
CA LYS J 250 -52.55 -27.24 -43.63
C LYS J 250 -52.60 -28.74 -43.87
N ASP J 251 -53.27 -29.49 -42.98
CA ASP J 251 -53.41 -30.95 -43.04
C ASP J 251 -52.14 -31.71 -43.48
N GLY J 252 -51.01 -31.41 -42.83
CA GLY J 252 -49.74 -32.07 -43.11
C GLY J 252 -49.01 -31.59 -44.36
N LYS J 253 -49.70 -30.85 -45.21
CA LYS J 253 -49.08 -30.31 -46.44
C LYS J 253 -48.61 -28.87 -46.18
N ASN J 254 -47.49 -28.48 -46.78
CA ASN J 254 -46.95 -27.14 -46.57
C ASN J 254 -47.85 -26.11 -47.22
N ALA J 255 -48.57 -25.31 -46.40
CA ALA J 255 -49.48 -24.33 -46.96
C ALA J 255 -48.78 -23.18 -47.71
N PHE J 256 -47.45 -23.10 -47.58
CA PHE J 256 -46.70 -21.97 -48.21
C PHE J 256 -46.11 -22.41 -49.55
N TYR J 257 -46.23 -23.69 -49.88
CA TYR J 257 -45.63 -24.22 -51.13
C TYR J 257 -46.70 -24.49 -52.18
N ASP J 258 -46.55 -23.92 -53.38
CA ASP J 258 -47.47 -24.13 -54.50
C ASP J 258 -46.58 -24.29 -55.75
N PRO J 259 -46.27 -25.51 -56.24
CA PRO J 259 -45.38 -25.63 -57.41
C PRO J 259 -45.88 -24.94 -58.69
N ASP J 260 -47.21 -24.78 -58.84
CA ASP J 260 -47.77 -24.17 -60.05
C ASP J 260 -47.72 -22.64 -60.03
N ALA J 261 -47.62 -22.07 -58.83
CA ALA J 261 -47.57 -20.59 -58.68
C ALA J 261 -46.16 -20.08 -58.94
N PRO J 262 -45.98 -18.76 -59.19
CA PRO J 262 -44.66 -18.19 -59.45
C PRO J 262 -43.71 -18.39 -58.25
N ASP J 263 -42.45 -18.71 -58.52
CA ASP J 263 -41.45 -18.91 -57.43
C ASP J 263 -41.92 -20.03 -56.51
N GLN J 264 -42.78 -20.92 -57.01
CA GLN J 264 -43.20 -22.07 -56.18
C GLN J 264 -43.70 -21.58 -54.82
N ILE J 265 -44.22 -20.35 -54.77
CA ILE J 265 -44.73 -19.79 -53.48
C ILE J 265 -46.26 -19.68 -53.53
N SER J 266 -46.95 -20.10 -52.48
CA SER J 266 -48.40 -20.12 -52.46
C SER J 266 -48.99 -18.74 -52.14
N ASP J 267 -50.29 -18.56 -52.45
CA ASP J 267 -51.00 -17.33 -52.12
C ASP J 267 -51.05 -17.16 -50.60
N THR J 268 -51.21 -18.27 -49.84
CA THR J 268 -51.22 -18.27 -48.38
C THR J 268 -49.98 -17.59 -47.80
N LEU J 269 -48.79 -17.76 -48.41
CA LEU J 269 -47.59 -17.12 -47.91
C LEU J 269 -47.70 -15.60 -48.08
N ARG J 270 -48.09 -15.16 -49.28
CA ARG J 270 -48.20 -13.73 -49.57
C ARG J 270 -49.24 -13.06 -48.67
N TYR J 271 -50.38 -13.73 -48.43
CA TYR J 271 -51.41 -13.15 -47.56
C TYR J 271 -50.91 -13.15 -46.09
N PHE J 272 -50.23 -14.22 -45.64
CA PHE J 272 -49.68 -14.27 -44.28
C PHE J 272 -48.68 -13.13 -44.07
N VAL J 273 -47.77 -12.91 -45.05
CA VAL J 273 -46.78 -11.84 -45.01
C VAL J 273 -47.49 -10.48 -44.97
N GLY J 274 -48.52 -10.31 -45.80
CA GLY J 274 -49.30 -9.09 -45.84
C GLY J 274 -49.95 -8.76 -44.52
N GLY J 275 -50.43 -9.78 -43.82
CA GLY J 275 -51.05 -9.62 -42.52
C GLY J 275 -50.06 -9.23 -41.44
N VAL J 276 -48.90 -9.92 -41.41
CA VAL J 276 -47.84 -9.62 -40.43
C VAL J 276 -47.34 -8.18 -40.63
N LEU J 277 -47.09 -7.77 -41.88
CA LEU J 277 -46.60 -6.42 -42.17
C LEU J 277 -47.65 -5.33 -41.87
N LYS J 278 -48.93 -5.67 -41.92
CA LYS J 278 -50.00 -4.72 -41.62
C LYS J 278 -49.98 -4.35 -40.14
N HIS J 279 -49.78 -5.36 -39.26
CA HIS J 279 -49.76 -5.17 -37.82
C HIS J 279 -48.33 -5.17 -37.23
N ILE J 280 -47.28 -5.06 -38.04
CA ILE J 280 -45.90 -5.15 -37.53
C ILE J 280 -45.54 -4.05 -36.54
N ARG J 281 -46.09 -2.86 -36.73
CA ARG J 281 -45.83 -1.72 -35.86
C ARG J 281 -46.34 -2.04 -34.44
N ALA J 282 -47.48 -2.76 -34.34
CA ALA J 282 -48.09 -3.20 -33.09
C ALA J 282 -47.40 -4.44 -32.52
N ILE J 283 -47.01 -5.40 -33.39
CA ILE J 283 -46.30 -6.63 -32.97
C ILE J 283 -44.97 -6.27 -32.32
N THR J 284 -44.31 -5.18 -32.77
CA THR J 284 -43.03 -4.75 -32.20
C THR J 284 -43.09 -4.51 -30.69
N ALA J 285 -44.25 -4.08 -30.15
CA ALA J 285 -44.39 -3.90 -28.70
C ALA J 285 -44.24 -5.23 -27.93
N ILE J 286 -44.59 -6.36 -28.57
CA ILE J 286 -44.53 -7.70 -28.00
C ILE J 286 -43.15 -8.34 -28.26
N THR J 287 -42.70 -8.31 -29.52
CA THR J 287 -41.45 -8.94 -29.95
C THR J 287 -40.18 -8.15 -29.53
N ASN J 288 -40.33 -6.85 -29.28
CA ASN J 288 -39.27 -5.94 -28.88
C ASN J 288 -39.85 -5.18 -27.67
N PRO J 289 -40.01 -5.84 -26.51
CA PRO J 289 -40.74 -5.20 -25.39
C PRO J 289 -39.97 -4.29 -24.44
N LEU J 290 -38.64 -4.30 -24.47
CA LEU J 290 -37.86 -3.47 -23.55
C LEU J 290 -37.54 -2.10 -24.16
N VAL J 291 -37.20 -1.13 -23.30
CA VAL J 291 -36.75 0.19 -23.75
C VAL J 291 -35.45 0.01 -24.58
N ASN J 292 -34.57 -0.91 -24.14
CA ASN J 292 -33.31 -1.25 -24.79
C ASN J 292 -33.50 -1.90 -26.17
N SER J 293 -34.66 -2.56 -26.42
CA SER J 293 -34.94 -3.18 -27.71
C SER J 293 -34.87 -2.20 -28.87
N TYR J 294 -35.10 -0.91 -28.61
CA TYR J 294 -35.13 0.09 -29.71
C TYR J 294 -33.72 0.64 -29.95
N LYS J 295 -32.79 0.42 -29.02
CA LYS J 295 -31.40 0.78 -29.25
C LYS J 295 -30.76 -0.26 -30.22
N ARG J 296 -31.37 -1.47 -30.40
CA ARG J 296 -30.99 -2.48 -31.35
C ARG J 296 -31.57 -2.14 -32.73
N LEU J 297 -32.81 -1.63 -32.77
CA LEU J 297 -33.49 -1.25 -34.01
C LEU J 297 -32.97 0.11 -34.51
N VAL J 298 -31.69 0.14 -34.89
CA VAL J 298 -31.00 1.32 -35.41
C VAL J 298 -30.24 0.89 -36.68
N PRO J 299 -30.05 1.76 -37.70
CA PRO J 299 -29.32 1.32 -38.90
C PRO J 299 -27.85 1.02 -38.66
N GLY J 300 -27.33 0.19 -39.57
CA GLY J 300 -25.94 -0.23 -39.60
C GLY J 300 -25.67 -1.67 -39.24
N TYR J 301 -26.49 -2.27 -38.34
CA TYR J 301 -26.28 -3.63 -37.82
C TYR J 301 -27.23 -4.62 -38.51
N GLU J 302 -27.15 -5.91 -38.16
CA GLU J 302 -27.97 -6.94 -38.87
C GLU J 302 -29.46 -6.88 -38.50
N ALA J 303 -29.87 -5.93 -37.65
CA ALA J 303 -31.25 -5.73 -37.24
C ALA J 303 -32.08 -4.96 -38.29
N PRO J 304 -33.30 -5.43 -38.64
CA PRO J 304 -34.12 -4.68 -39.60
C PRO J 304 -34.73 -3.45 -38.94
N VAL J 305 -34.79 -2.33 -39.62
CA VAL J 305 -35.46 -1.13 -39.11
C VAL J 305 -36.59 -0.67 -40.07
N TYR J 306 -36.53 -1.09 -41.35
CA TYR J 306 -37.48 -0.71 -42.36
C TYR J 306 -38.47 -1.81 -42.64
N ILE J 307 -39.74 -1.43 -42.87
CA ILE J 307 -40.80 -2.40 -43.08
C ILE J 307 -40.85 -2.84 -44.54
N THR J 308 -40.10 -3.90 -44.89
CA THR J 308 -40.04 -4.46 -46.24
C THR J 308 -39.94 -5.99 -46.16
N TRP J 309 -40.26 -6.67 -47.29
CA TRP J 309 -40.10 -8.11 -47.41
C TRP J 309 -39.40 -8.39 -48.74
N SER J 310 -38.55 -9.42 -48.77
CA SER J 310 -37.75 -9.67 -50.00
C SER J 310 -37.29 -11.13 -50.09
N GLY J 311 -36.31 -11.39 -50.97
CA GLY J 311 -35.80 -12.77 -51.16
C GLY J 311 -34.60 -13.06 -50.30
N PRO J 312 -33.99 -14.27 -50.29
CA PRO J 312 -32.85 -14.50 -49.40
C PRO J 312 -31.73 -13.45 -49.52
N ASN J 313 -31.49 -12.93 -50.73
CA ASN J 313 -30.29 -12.04 -50.91
C ASN J 313 -30.22 -10.84 -49.95
N ARG J 314 -31.34 -10.38 -49.38
CA ARG J 314 -31.30 -9.11 -48.60
C ARG J 314 -31.61 -9.24 -47.10
N SER J 315 -31.44 -8.14 -46.35
CA SER J 315 -31.73 -8.08 -44.93
C SER J 315 -32.92 -7.20 -44.69
N SER J 316 -34.08 -7.74 -45.01
CA SER J 316 -35.37 -7.11 -44.83
C SER J 316 -35.97 -7.62 -43.53
N LEU J 317 -37.11 -7.06 -43.16
CA LEU J 317 -37.84 -7.45 -41.97
C LEU J 317 -38.32 -8.89 -42.14
N ILE J 318 -38.88 -9.22 -43.31
CA ILE J 318 -39.30 -10.57 -43.65
C ILE J 318 -38.48 -11.02 -44.84
N ARG J 319 -37.90 -12.21 -44.75
CA ARG J 319 -37.09 -12.75 -45.86
C ARG J 319 -37.68 -14.10 -46.26
N VAL J 320 -37.79 -14.36 -47.56
CA VAL J 320 -38.29 -15.67 -48.04
C VAL J 320 -37.08 -16.53 -48.43
N PRO J 321 -36.60 -17.42 -47.55
CA PRO J 321 -35.43 -18.24 -47.84
C PRO J 321 -35.67 -19.05 -49.13
N ALA J 322 -34.62 -19.25 -49.92
CA ALA J 322 -34.75 -19.99 -51.19
C ALA J 322 -35.34 -21.39 -50.94
N PRO J 323 -34.88 -22.16 -49.93
CA PRO J 323 -35.37 -23.52 -49.73
C PRO J 323 -36.90 -23.58 -49.87
N ARG J 324 -37.40 -24.52 -50.67
CA ARG J 324 -38.87 -24.66 -50.87
C ARG J 324 -39.31 -26.05 -50.39
N GLY J 325 -40.49 -26.50 -50.84
CA GLY J 325 -41.01 -27.82 -50.43
C GLY J 325 -41.48 -27.80 -48.99
N ASN J 326 -41.19 -28.86 -48.23
CA ASN J 326 -41.55 -28.89 -46.78
C ASN J 326 -40.78 -27.78 -46.07
N SER J 327 -39.69 -27.30 -46.68
CA SER J 327 -38.84 -26.26 -46.03
C SER J 327 -39.22 -24.87 -46.53
N THR J 328 -40.37 -24.73 -47.20
CA THR J 328 -40.80 -23.39 -47.61
C THR J 328 -41.19 -22.61 -46.35
N ARG J 329 -40.73 -21.36 -46.24
CA ARG J 329 -40.97 -20.58 -45.03
C ARG J 329 -40.61 -19.08 -45.19
N ILE J 330 -40.82 -18.28 -44.11
CA ILE J 330 -40.48 -16.86 -44.05
C ILE J 330 -39.68 -16.61 -42.77
N GLU J 331 -38.67 -15.75 -42.82
CA GLU J 331 -37.83 -15.45 -41.67
C GLU J 331 -38.16 -14.04 -41.18
N ILE J 332 -38.88 -13.92 -40.07
CA ILE J 332 -39.23 -12.63 -39.49
C ILE J 332 -38.05 -12.26 -38.59
N ARG J 333 -37.29 -11.23 -38.98
CA ARG J 333 -36.04 -10.85 -38.34
C ARG J 333 -36.13 -9.70 -37.33
N SER J 334 -37.31 -9.10 -37.12
CA SER J 334 -37.45 -7.98 -36.18
C SER J 334 -37.39 -8.35 -34.69
N PRO J 335 -37.90 -9.51 -34.24
CA PRO J 335 -37.88 -9.82 -32.81
C PRO J 335 -36.50 -9.92 -32.21
N ASP J 336 -36.42 -9.68 -30.89
CA ASP J 336 -35.19 -9.86 -30.12
C ASP J 336 -35.42 -10.99 -29.10
N PRO J 337 -34.35 -11.62 -28.58
CA PRO J 337 -34.57 -12.77 -27.69
C PRO J 337 -35.03 -12.42 -26.27
N SER J 338 -35.29 -11.14 -25.96
CA SER J 338 -35.85 -10.76 -24.65
C SER J 338 -37.39 -10.82 -24.63
N CYS J 339 -38.05 -11.09 -25.79
CA CYS J 339 -39.50 -11.17 -25.87
C CYS J 339 -40.05 -12.43 -25.22
N ASN J 340 -41.34 -12.37 -24.83
CA ASN J 340 -42.02 -13.53 -24.29
C ASN J 340 -42.34 -14.38 -25.52
N PRO J 341 -41.75 -15.59 -25.69
CA PRO J 341 -42.03 -16.36 -26.91
C PRO J 341 -43.49 -16.77 -27.06
N TYR J 342 -44.19 -17.04 -25.95
CA TYR J 342 -45.60 -17.42 -26.02
C TYR J 342 -46.45 -16.32 -26.65
N LEU J 343 -46.20 -15.08 -26.27
CA LEU J 343 -46.94 -13.93 -26.79
C LEU J 343 -46.43 -13.50 -28.17
N ALA J 344 -45.12 -13.62 -28.43
CA ALA J 344 -44.56 -13.25 -29.72
C ALA J 344 -45.13 -14.12 -30.85
N PHE J 345 -45.19 -15.46 -30.66
CA PHE J 345 -45.73 -16.35 -31.67
C PHE J 345 -47.25 -16.19 -31.79
N ALA J 346 -47.95 -15.91 -30.68
CA ALA J 346 -49.40 -15.70 -30.72
C ALA J 346 -49.73 -14.44 -31.54
N ALA J 347 -48.96 -13.36 -31.36
CA ALA J 347 -49.17 -12.12 -32.10
C ALA J 347 -48.90 -12.30 -33.60
N ILE J 348 -47.83 -13.05 -33.96
CA ILE J 348 -47.50 -13.30 -35.36
C ILE J 348 -48.56 -14.18 -35.99
N LEU J 349 -49.04 -15.21 -35.28
CA LEU J 349 -50.05 -16.11 -35.79
C LEU J 349 -51.38 -15.39 -36.04
N ALA J 350 -51.81 -14.55 -35.10
CA ALA J 350 -53.08 -13.82 -35.24
C ALA J 350 -53.03 -12.81 -36.39
N ALA J 351 -51.92 -12.06 -36.52
CA ALA J 351 -51.78 -11.09 -37.59
C ALA J 351 -51.66 -11.80 -38.95
N GLY J 352 -50.88 -12.88 -38.99
CA GLY J 352 -50.71 -13.66 -40.21
C GLY J 352 -51.97 -14.34 -40.67
N LEU J 353 -52.79 -14.88 -39.73
CA LEU J 353 -54.05 -15.53 -40.10
C LEU J 353 -55.08 -14.51 -40.56
N ASP J 354 -55.06 -13.28 -40.03
CA ASP J 354 -55.93 -12.22 -40.53
C ASP J 354 -55.58 -11.89 -41.99
N GLY J 355 -54.28 -11.97 -42.34
CA GLY J 355 -53.78 -11.81 -43.69
C GLY J 355 -54.40 -12.82 -44.63
N VAL J 356 -54.37 -14.09 -44.23
CA VAL J 356 -54.94 -15.21 -44.99
C VAL J 356 -56.47 -15.08 -45.10
N LYS J 357 -57.15 -14.82 -43.99
CA LYS J 357 -58.60 -14.71 -43.97
C LYS J 357 -59.09 -13.54 -44.85
N ASN J 358 -58.66 -12.30 -44.57
CA ASN J 358 -59.09 -11.12 -45.34
C ASN J 358 -58.37 -10.98 -46.70
N LYS J 359 -57.47 -11.92 -47.06
CA LYS J 359 -56.74 -11.89 -48.33
C LYS J 359 -56.04 -10.55 -48.57
N ILE J 360 -55.20 -10.14 -47.61
CA ILE J 360 -54.47 -8.87 -47.65
C ILE J 360 -53.20 -9.07 -48.48
N GLU J 361 -53.12 -8.37 -49.63
CA GLU J 361 -51.96 -8.45 -50.51
C GLU J 361 -50.79 -7.68 -49.90
N PRO J 362 -49.57 -8.26 -49.88
CA PRO J 362 -48.43 -7.54 -49.32
C PRO J 362 -47.85 -6.51 -50.30
N PRO J 363 -47.06 -5.54 -49.81
CA PRO J 363 -46.43 -4.57 -50.73
C PRO J 363 -45.38 -5.23 -51.65
N GLU J 364 -44.85 -4.44 -52.60
CA GLU J 364 -43.84 -4.93 -53.53
C GLU J 364 -42.55 -5.27 -52.80
N ARG J 365 -41.88 -6.31 -53.29
CA ARG J 365 -40.62 -6.77 -52.67
C ARG J 365 -39.49 -5.77 -52.96
N VAL J 366 -38.73 -5.42 -51.94
CA VAL J 366 -37.61 -4.50 -52.04
C VAL J 366 -36.32 -5.36 -52.11
N GLU J 367 -35.87 -5.66 -53.34
CA GLU J 367 -34.67 -6.47 -53.61
C GLU J 367 -33.35 -5.69 -53.52
N LYS J 368 -33.39 -4.36 -53.47
CA LYS J 368 -32.17 -3.56 -53.34
C LYS J 368 -31.72 -3.56 -51.88
N ASN J 369 -30.42 -3.30 -51.64
CA ASN J 369 -29.91 -3.20 -50.28
C ASN J 369 -30.48 -1.92 -49.67
N ILE J 370 -31.38 -2.09 -48.70
CA ILE J 370 -32.11 -0.99 -48.10
C ILE J 370 -31.15 -0.05 -47.35
N TYR J 371 -30.11 -0.60 -46.70
CA TYR J 371 -29.11 0.20 -46.00
C TYR J 371 -28.21 1.04 -46.91
N LYS J 372 -28.04 0.65 -48.18
CA LYS J 372 -27.19 1.41 -49.10
C LYS J 372 -27.93 2.58 -49.77
N LEU J 373 -29.27 2.53 -49.83
CA LEU J 373 -30.05 3.60 -50.46
C LEU J 373 -29.99 4.88 -49.64
N THR J 374 -29.95 6.04 -50.31
CA THR J 374 -30.00 7.32 -49.61
C THR J 374 -31.46 7.56 -49.14
N GLU J 375 -31.65 8.51 -48.20
CA GLU J 375 -32.99 8.80 -47.66
C GLU J 375 -33.98 9.19 -48.76
N GLU J 376 -33.52 9.93 -49.80
CA GLU J 376 -34.38 10.36 -50.90
C GLU J 376 -34.93 9.16 -51.70
N GLU J 377 -34.10 8.15 -51.96
CA GLU J 377 -34.52 6.99 -52.74
C GLU J 377 -35.55 6.15 -51.97
N ARG J 378 -35.39 6.04 -50.65
CA ARG J 378 -36.32 5.30 -49.78
C ARG J 378 -37.71 5.91 -49.78
N GLU J 379 -37.78 7.25 -49.69
CA GLU J 379 -39.05 7.97 -49.71
C GLU J 379 -39.81 7.71 -51.02
N LYS J 380 -39.07 7.58 -52.13
CA LYS J 380 -39.64 7.27 -53.44
C LYS J 380 -40.23 5.85 -53.42
N LEU J 381 -39.48 4.86 -52.91
CA LEU J 381 -39.97 3.48 -52.82
C LEU J 381 -41.15 3.30 -51.83
N GLY J 382 -41.39 4.29 -50.96
CA GLY J 382 -42.49 4.28 -50.03
C GLY J 382 -42.34 3.29 -48.90
N ILE J 383 -41.10 3.06 -48.45
CA ILE J 383 -40.81 2.12 -47.37
C ILE J 383 -40.97 2.85 -46.02
N GLY J 384 -41.51 2.16 -45.02
CA GLY J 384 -41.77 2.74 -43.70
C GLY J 384 -40.76 2.35 -42.65
N MET J 385 -40.98 2.79 -41.41
CA MET J 385 -39.98 2.51 -40.34
C MET J 385 -40.66 1.91 -39.11
N LEU J 386 -40.01 0.95 -38.45
CA LEU J 386 -40.54 0.36 -37.23
C LEU J 386 -40.55 1.43 -36.13
N PRO J 387 -41.36 1.26 -35.06
CA PRO J 387 -41.37 2.26 -33.98
C PRO J 387 -39.95 2.54 -33.43
N GLY J 388 -39.64 3.82 -33.22
CA GLY J 388 -38.32 4.24 -32.74
C GLY J 388 -38.13 4.13 -31.24
N THR J 389 -39.24 4.15 -30.47
CA THR J 389 -39.21 4.06 -29.01
C THR J 389 -40.24 3.02 -28.53
N LEU J 390 -40.15 2.59 -27.26
CA LEU J 390 -41.10 1.65 -26.68
C LEU J 390 -42.48 2.28 -26.60
N LYS J 391 -42.54 3.57 -26.21
CA LYS J 391 -43.82 4.30 -26.12
C LYS J 391 -44.51 4.37 -27.48
N GLU J 392 -43.74 4.53 -28.54
CA GLU J 392 -44.26 4.63 -29.89
C GLU J 392 -44.89 3.29 -30.33
N ALA J 393 -44.27 2.16 -29.94
CA ALA J 393 -44.81 0.83 -30.25
C ALA J 393 -46.03 0.50 -29.42
N ILE J 394 -46.04 0.91 -28.14
CA ILE J 394 -47.17 0.67 -27.25
C ILE J 394 -48.40 1.44 -27.71
N GLU J 395 -48.22 2.68 -28.21
CA GLU J 395 -49.33 3.47 -28.73
C GLU J 395 -49.94 2.77 -29.96
N CYS J 396 -49.10 2.21 -30.83
CA CYS J 396 -49.57 1.48 -32.01
C CYS J 396 -50.27 0.17 -31.61
N PHE J 397 -49.74 -0.53 -30.57
CA PHE J 397 -50.33 -1.77 -30.07
C PHE J 397 -51.69 -1.52 -29.42
N LYS J 398 -51.82 -0.39 -28.71
CA LYS J 398 -53.05 0.04 -28.05
C LYS J 398 -54.22 0.13 -29.04
N GLU J 399 -53.95 0.66 -30.23
CA GLU J 399 -54.94 0.87 -31.27
C GLU J 399 -55.24 -0.39 -32.09
N ASP J 400 -54.35 -1.40 -32.07
CA ASP J 400 -54.57 -2.60 -32.85
C ASP J 400 -55.55 -3.52 -32.13
N GLU J 401 -56.85 -3.38 -32.47
CA GLU J 401 -57.92 -4.13 -31.84
C GLU J 401 -57.78 -5.64 -32.02
N LEU J 402 -57.20 -6.09 -33.13
CA LEU J 402 -57.03 -7.51 -33.40
C LEU J 402 -56.07 -8.16 -32.41
N LEU J 403 -54.85 -7.60 -32.24
CA LEU J 403 -53.86 -8.15 -31.32
C LEU J 403 -54.33 -8.07 -29.86
N VAL J 404 -55.09 -7.03 -29.50
CA VAL J 404 -55.60 -6.90 -28.14
C VAL J 404 -56.59 -8.03 -27.86
N SER J 405 -57.46 -8.34 -28.82
CA SER J 405 -58.44 -9.42 -28.66
C SER J 405 -57.78 -10.80 -28.73
N ALA J 406 -56.74 -10.96 -29.58
CA ALA J 406 -56.02 -12.23 -29.72
C ALA J 406 -55.24 -12.56 -28.44
N LEU J 407 -54.56 -11.57 -27.85
CA LEU J 407 -53.81 -11.80 -26.63
C LEU J 407 -54.68 -11.71 -25.36
N GLY J 408 -55.88 -11.16 -25.46
CA GLY J 408 -56.77 -11.01 -24.32
C GLY J 408 -56.58 -9.66 -23.66
N GLU J 409 -57.65 -9.14 -23.08
CA GLU J 409 -57.61 -7.82 -22.41
C GLU J 409 -56.62 -7.84 -21.25
N HIS J 410 -56.62 -8.94 -20.48
CA HIS J 410 -55.79 -9.03 -19.29
C HIS J 410 -54.29 -8.94 -19.64
N VAL J 411 -53.84 -9.72 -20.63
CA VAL J 411 -52.44 -9.73 -21.05
C VAL J 411 -52.07 -8.39 -21.71
N SER J 412 -52.92 -7.88 -22.61
CA SER J 412 -52.63 -6.62 -23.30
C SER J 412 -52.50 -5.47 -22.32
N GLN J 413 -53.36 -5.41 -21.30
CA GLN J 413 -53.30 -4.35 -20.29
C GLN J 413 -52.03 -4.47 -19.47
N SER J 414 -51.64 -5.70 -19.10
CA SER J 414 -50.42 -5.93 -18.30
C SER J 414 -49.19 -5.47 -19.08
N ILE J 415 -49.16 -5.76 -20.39
CA ILE J 415 -48.01 -5.35 -21.24
C ILE J 415 -47.93 -3.82 -21.25
N ILE J 416 -49.06 -3.15 -21.45
CA ILE J 416 -49.08 -1.68 -21.52
C ILE J 416 -48.66 -1.07 -20.19
N ASN J 417 -49.15 -1.62 -19.07
CA ASN J 417 -48.81 -1.10 -17.75
C ASN J 417 -47.33 -1.26 -17.44
N VAL J 418 -46.74 -2.44 -17.70
CA VAL J 418 -45.32 -2.69 -17.44
C VAL J 418 -44.44 -1.80 -18.33
N ALA J 419 -44.78 -1.69 -19.62
CA ALA J 419 -43.99 -0.89 -20.56
C ALA J 419 -44.06 0.59 -20.23
N MET J 420 -45.25 1.08 -19.86
CA MET J 420 -45.42 2.52 -19.53
C MET J 420 -44.66 2.84 -18.24
N ALA J 421 -44.69 1.93 -17.26
CA ALA J 421 -44.00 2.15 -15.99
C ALA J 421 -42.48 2.28 -16.26
N ASP J 422 -41.95 1.42 -17.14
CA ASP J 422 -40.54 1.46 -17.53
C ASP J 422 -40.22 2.73 -18.30
N TRP J 423 -41.08 3.12 -19.26
CA TRP J 423 -40.86 4.31 -20.08
C TRP J 423 -40.92 5.58 -19.24
N ASP J 424 -41.90 5.71 -18.34
CA ASP J 424 -42.03 6.88 -17.47
C ASP J 424 -40.81 7.02 -16.54
N SER J 425 -40.17 5.90 -16.15
CA SER J 425 -38.98 5.94 -15.30
C SER J 425 -37.74 6.31 -16.13
N TYR J 426 -37.63 5.74 -17.34
CA TYR J 426 -36.52 5.99 -18.26
C TYR J 426 -36.49 7.45 -18.77
N ARG J 427 -37.66 7.99 -19.17
CA ARG J 427 -37.77 9.35 -19.73
C ARG J 427 -37.32 10.44 -18.76
N THR J 428 -37.60 10.29 -17.47
CA THR J 428 -37.22 11.29 -16.48
C THR J 428 -35.75 11.22 -16.08
N GLN J 429 -35.09 10.06 -16.28
CA GLN J 429 -33.69 9.88 -15.88
C GLN J 429 -32.72 10.78 -16.61
N VAL J 430 -31.65 11.19 -15.92
CA VAL J 430 -30.58 12.01 -16.47
C VAL J 430 -29.41 11.07 -16.71
N HIS J 431 -29.15 10.72 -17.96
CA HIS J 431 -28.11 9.78 -18.32
C HIS J 431 -26.73 10.43 -18.38
N GLN J 432 -25.67 9.62 -18.30
CA GLN J 432 -24.29 10.11 -18.31
C GLN J 432 -23.96 10.82 -19.61
N TRP J 433 -24.57 10.42 -20.75
CA TRP J 433 -24.34 11.07 -22.05
C TRP J 433 -24.62 12.57 -21.97
N GLU J 434 -25.66 12.96 -21.23
CA GLU J 434 -26.07 14.34 -21.09
C GLU J 434 -25.02 15.13 -20.30
N LEU J 435 -24.49 14.55 -19.22
CA LEU J 435 -23.44 15.20 -18.45
C LEU J 435 -22.16 15.33 -19.28
N ASP J 436 -21.80 14.27 -20.02
CA ASP J 436 -20.62 14.29 -20.88
C ASP J 436 -20.74 15.33 -22.00
N ARG J 437 -21.97 15.56 -22.50
CA ARG J 437 -22.23 16.48 -23.60
C ARG J 437 -22.41 17.94 -23.18
N TYR J 438 -22.98 18.20 -21.98
CA TYR J 438 -23.35 19.58 -21.59
C TYR J 438 -22.75 20.15 -20.31
N LEU J 439 -22.39 19.33 -19.31
CA LEU J 439 -21.92 19.84 -18.02
C LEU J 439 -20.72 20.80 -18.11
N GLN J 440 -19.71 20.45 -18.89
CA GLN J 440 -18.50 21.26 -19.01
C GLN J 440 -18.77 22.62 -19.68
N THR J 441 -19.53 22.60 -20.77
CA THR J 441 -19.78 23.78 -21.59
C THR J 441 -20.86 24.71 -21.02
N TYR J 442 -22.04 24.18 -20.69
CA TYR J 442 -23.14 25.00 -20.18
C TYR J 442 -23.02 25.22 -18.68
N SER K 3 -16.09 61.67 -28.25
CA SER K 3 -16.72 60.42 -28.64
C SER K 3 -16.42 59.29 -27.63
N LYS K 4 -17.13 58.17 -27.76
CA LYS K 4 -16.99 57.02 -26.87
C LYS K 4 -15.61 56.37 -27.04
N GLU K 5 -15.11 56.31 -28.29
CA GLU K 5 -13.78 55.76 -28.61
C GLU K 5 -12.69 56.50 -27.82
N ASP K 6 -12.81 57.83 -27.67
CA ASP K 6 -11.83 58.61 -26.91
C ASP K 6 -11.87 58.22 -25.43
N GLU K 7 -13.08 57.98 -24.88
CA GLU K 7 -13.24 57.55 -23.49
C GLU K 7 -12.65 56.15 -23.30
N ILE K 8 -12.78 55.27 -24.30
CA ILE K 8 -12.20 53.90 -24.21
C ILE K 8 -10.68 54.04 -24.03
N PHE K 9 -10.02 54.77 -24.92
CA PHE K 9 -8.58 54.94 -24.86
C PHE K 9 -8.10 55.61 -23.58
N ARG K 10 -8.94 56.43 -22.94
CA ARG K 10 -8.59 57.05 -21.68
C ARG K 10 -8.56 55.97 -20.59
N ILE K 11 -9.57 55.07 -20.57
CA ILE K 11 -9.63 53.98 -19.59
C ILE K 11 -8.44 53.01 -19.79
N VAL K 12 -8.02 52.82 -21.06
CA VAL K 12 -6.89 51.96 -21.41
C VAL K 12 -5.61 52.44 -20.69
N GLU K 13 -5.26 53.72 -20.84
CA GLU K 13 -4.04 54.26 -20.22
C GLU K 13 -4.13 54.34 -18.70
N GLU K 14 -5.32 54.58 -18.13
CA GLU K 14 -5.48 54.66 -16.68
C GLU K 14 -5.37 53.30 -16.01
N LYS K 15 -6.07 52.27 -16.55
CA LYS K 15 -6.03 50.92 -15.99
C LYS K 15 -4.86 50.06 -16.52
N ASN K 16 -4.08 50.57 -17.49
CA ASN K 16 -2.93 49.85 -18.08
C ASN K 16 -3.43 48.55 -18.73
N VAL K 17 -4.44 48.70 -19.62
CA VAL K 17 -5.04 47.58 -20.33
C VAL K 17 -4.07 47.23 -21.46
N ARG K 18 -3.64 45.96 -21.52
CA ARG K 18 -2.69 45.49 -22.52
C ARG K 18 -3.33 44.56 -23.56
N PHE K 19 -4.46 43.90 -23.23
CA PHE K 19 -5.16 42.97 -24.12
C PHE K 19 -6.65 43.20 -24.07
N VAL K 20 -7.31 43.01 -25.21
CA VAL K 20 -8.74 43.22 -25.34
C VAL K 20 -9.34 41.97 -25.98
N ARG K 21 -10.44 41.51 -25.38
CA ARG K 21 -11.13 40.28 -25.88
C ARG K 21 -12.35 40.71 -26.68
N LEU K 22 -12.37 40.37 -27.96
CA LEU K 22 -13.48 40.70 -28.85
C LEU K 22 -14.49 39.58 -28.74
N GLN K 23 -15.37 39.71 -27.77
CA GLN K 23 -16.35 38.72 -27.40
C GLN K 23 -17.58 38.71 -28.32
N PHE K 24 -18.09 37.52 -28.63
CA PHE K 24 -19.29 37.28 -29.45
C PHE K 24 -19.87 35.92 -29.05
N VAL K 25 -20.99 35.50 -29.66
CA VAL K 25 -21.65 34.27 -29.24
C VAL K 25 -22.10 33.45 -30.44
N ASP K 26 -22.00 32.12 -30.35
CA ASP K 26 -22.43 31.25 -31.44
C ASP K 26 -23.97 31.03 -31.35
N VAL K 27 -24.54 30.23 -32.25
CA VAL K 27 -25.98 29.99 -32.26
C VAL K 27 -26.47 29.32 -30.96
N GLN K 28 -25.60 28.62 -30.23
CA GLN K 28 -25.93 27.90 -29.01
C GLN K 28 -25.75 28.72 -27.71
N GLY K 29 -25.44 30.01 -27.81
CA GLY K 29 -25.26 30.85 -26.64
C GLY K 29 -23.92 30.71 -25.95
N ILE K 30 -22.95 30.02 -26.57
CA ILE K 30 -21.62 29.82 -26.00
C ILE K 30 -20.73 31.01 -26.34
N PRO K 31 -20.06 31.62 -25.35
CA PRO K 31 -19.20 32.78 -25.68
C PRO K 31 -17.92 32.39 -26.40
N LYS K 32 -17.61 33.13 -27.46
CA LYS K 32 -16.41 32.99 -28.28
C LYS K 32 -15.69 34.33 -28.31
N ASN K 33 -14.37 34.34 -28.58
CA ASN K 33 -13.62 35.59 -28.60
C ASN K 33 -12.33 35.53 -29.42
N VAL K 34 -11.75 36.71 -29.67
CA VAL K 34 -10.47 36.87 -30.33
C VAL K 34 -9.67 37.79 -29.44
N ALA K 35 -8.51 37.33 -28.95
CA ALA K 35 -7.67 38.14 -28.09
C ALA K 35 -6.74 38.97 -28.95
N ILE K 36 -6.74 40.30 -28.79
CA ILE K 36 -5.87 41.18 -29.56
C ILE K 36 -5.07 42.05 -28.59
N PRO K 37 -3.80 42.38 -28.91
CA PRO K 37 -3.07 43.33 -28.06
C PRO K 37 -3.69 44.73 -28.21
N VAL K 38 -3.48 45.57 -27.19
CA VAL K 38 -4.06 46.90 -27.17
C VAL K 38 -3.62 47.78 -28.36
N GLY K 39 -2.49 47.46 -29.00
CA GLY K 39 -2.04 48.16 -30.19
C GLY K 39 -3.00 48.03 -31.35
N GLN K 40 -3.75 46.91 -31.41
CA GLN K 40 -4.75 46.66 -32.45
C GLN K 40 -6.16 47.17 -32.09
N LEU K 41 -6.34 47.82 -30.91
CA LEU K 41 -7.66 48.31 -30.50
C LEU K 41 -8.17 49.41 -31.42
N GLU K 42 -7.28 50.27 -31.92
CA GLU K 42 -7.69 51.34 -32.85
C GLU K 42 -8.21 50.72 -34.15
N LYS K 43 -7.58 49.63 -34.62
CA LYS K 43 -8.01 48.93 -35.82
C LYS K 43 -9.36 48.23 -35.59
N ALA K 44 -9.59 47.68 -34.39
CA ALA K 44 -10.83 47.00 -34.06
C ALA K 44 -12.02 47.97 -34.04
N LEU K 45 -11.86 49.14 -33.43
CA LEU K 45 -12.92 50.16 -33.38
C LEU K 45 -13.13 50.88 -34.73
N GLY K 46 -12.14 50.82 -35.63
CA GLY K 46 -12.23 51.42 -36.95
C GLY K 46 -12.70 50.43 -38.00
N PRO K 47 -11.82 49.87 -38.86
CA PRO K 47 -12.25 48.96 -39.93
C PRO K 47 -12.70 47.58 -39.41
N GLY K 48 -12.33 47.22 -38.18
CA GLY K 48 -12.66 45.92 -37.61
C GLY K 48 -11.60 44.86 -37.82
N ILE K 49 -11.71 43.74 -37.08
CA ILE K 49 -10.77 42.62 -37.14
C ILE K 49 -11.40 41.46 -37.91
N HIS K 50 -10.65 40.85 -38.86
CA HIS K 50 -11.17 39.72 -39.62
C HIS K 50 -10.99 38.38 -38.89
N PHE K 51 -11.91 37.41 -39.16
CA PHE K 51 -11.88 36.08 -38.52
C PHE K 51 -12.73 35.05 -39.31
N ASP K 52 -12.43 33.72 -39.19
CA ASP K 52 -13.24 32.68 -39.84
C ASP K 52 -14.47 32.46 -38.99
N GLY K 53 -15.63 32.62 -39.59
CA GLY K 53 -16.91 32.54 -38.90
C GLY K 53 -17.64 31.21 -38.88
N SER K 54 -16.96 30.10 -39.26
CA SER K 54 -17.58 28.78 -39.12
C SER K 54 -17.89 28.49 -37.63
N SER K 55 -17.12 29.13 -36.70
CA SER K 55 -17.32 29.05 -35.27
C SER K 55 -18.73 29.49 -34.86
N ILE K 56 -19.30 30.56 -35.48
CA ILE K 56 -20.67 31.04 -35.19
C ILE K 56 -21.68 29.91 -35.37
N GLU K 57 -21.57 29.14 -36.47
CA GLU K 57 -22.49 28.02 -36.72
C GLU K 57 -22.48 26.99 -35.59
N GLY K 58 -21.31 26.76 -35.00
CA GLY K 58 -21.15 25.85 -33.87
C GLY K 58 -21.53 24.42 -34.17
N SER K 65 -17.52 32.25 -44.85
CA SER K 65 -16.30 31.98 -44.11
C SER K 65 -15.64 33.27 -43.54
N ASP K 66 -14.95 34.11 -44.38
CA ASP K 66 -14.32 35.36 -43.91
C ASP K 66 -15.39 36.32 -43.41
N MET K 67 -15.16 36.86 -42.21
CA MET K 67 -16.11 37.83 -41.61
C MET K 67 -15.33 38.92 -40.84
N VAL K 68 -16.03 39.92 -40.30
CA VAL K 68 -15.44 41.04 -39.57
C VAL K 68 -16.13 41.20 -38.21
N LEU K 69 -15.34 41.56 -37.18
CA LEU K 69 -15.86 41.81 -35.84
C LEU K 69 -16.03 43.31 -35.69
N ARG K 70 -17.22 43.76 -35.31
CA ARG K 70 -17.56 45.17 -35.12
C ARG K 70 -17.87 45.42 -33.65
N PRO K 71 -16.86 45.86 -32.86
CA PRO K 71 -17.11 46.08 -31.43
C PRO K 71 -18.15 47.15 -31.12
N ASP K 72 -18.99 46.92 -30.10
CA ASP K 72 -20.00 47.89 -29.65
C ASP K 72 -19.28 48.74 -28.60
N PRO K 73 -18.97 50.03 -28.86
CA PRO K 73 -18.24 50.82 -27.85
C PRO K 73 -18.92 50.93 -26.48
N ASP K 74 -20.25 50.82 -26.42
CA ASP K 74 -21.00 50.90 -25.16
C ASP K 74 -20.72 49.69 -24.23
N THR K 75 -20.21 48.57 -24.77
CA THR K 75 -19.95 47.35 -24.02
C THR K 75 -18.49 47.19 -23.57
N PHE K 76 -17.66 48.25 -23.69
CA PHE K 76 -16.25 48.17 -23.25
C PHE K 76 -16.19 48.10 -21.74
N ARG K 77 -15.65 47.00 -21.20
CA ARG K 77 -15.54 46.82 -19.75
C ARG K 77 -14.19 46.21 -19.40
N VAL K 78 -13.57 46.70 -18.33
CA VAL K 78 -12.30 46.16 -17.86
C VAL K 78 -12.64 44.94 -16.98
N LEU K 79 -12.01 43.80 -17.24
CA LEU K 79 -12.27 42.58 -16.47
C LEU K 79 -11.68 42.76 -15.05
N PRO K 80 -12.53 42.92 -14.00
CA PRO K 80 -11.99 43.20 -12.65
C PRO K 80 -10.98 42.21 -12.04
N TRP K 81 -10.72 41.05 -12.67
CA TRP K 81 -9.63 40.16 -12.22
C TRP K 81 -8.31 40.61 -12.90
N SER K 82 -7.42 41.30 -12.17
CA SER K 82 -6.16 41.78 -12.74
C SER K 82 -5.18 40.63 -13.04
N GLY K 83 -4.44 40.74 -14.14
CA GLY K 83 -3.47 39.74 -14.55
C GLY K 83 -2.18 39.79 -13.75
N GLY K 86 0.10 43.63 -12.78
CA GLY K 86 -0.14 45.02 -13.14
C GLY K 86 -0.89 45.22 -14.44
N THR K 87 -0.79 44.25 -15.38
CA THR K 87 -1.42 44.34 -16.69
C THR K 87 -2.89 43.93 -16.62
N ALA K 88 -3.81 44.83 -17.00
CA ALA K 88 -5.24 44.55 -16.97
C ALA K 88 -5.75 44.08 -18.36
N GLU K 89 -6.94 43.45 -18.39
CA GLU K 89 -7.59 42.98 -19.62
C GLU K 89 -8.94 43.68 -19.77
N ALA K 90 -9.41 43.84 -21.01
CA ALA K 90 -10.71 44.43 -21.30
C ALA K 90 -11.51 43.59 -22.30
N ARG K 91 -12.84 43.79 -22.38
CA ARG K 91 -13.70 43.05 -23.29
C ARG K 91 -14.55 44.00 -24.13
N LEU K 92 -15.05 43.50 -25.25
CA LEU K 92 -15.93 44.25 -26.12
C LEU K 92 -16.87 43.28 -26.81
N ILE K 93 -18.19 43.43 -26.60
CA ILE K 93 -19.16 42.59 -27.27
C ILE K 93 -19.21 43.10 -28.71
N CYS K 94 -19.07 42.21 -29.70
CA CYS K 94 -19.01 42.62 -31.09
C CYS K 94 -20.12 41.99 -31.90
N ASP K 95 -20.56 42.74 -32.90
CA ASP K 95 -21.55 42.34 -33.88
C ASP K 95 -20.76 41.83 -35.08
N ILE K 96 -21.32 40.87 -35.81
CA ILE K 96 -20.61 40.25 -36.92
C ILE K 96 -21.11 40.84 -38.22
N GLU K 97 -20.17 41.21 -39.10
CA GLU K 97 -20.47 41.78 -40.40
C GLU K 97 -19.74 40.99 -41.48
N LEU K 98 -20.31 40.97 -42.69
CA LEU K 98 -19.67 40.32 -43.84
C LEU K 98 -18.55 41.24 -44.39
N PRO K 99 -17.58 40.72 -45.17
CA PRO K 99 -16.49 41.59 -45.66
C PRO K 99 -16.93 42.88 -46.37
N ASP K 100 -18.08 42.85 -47.07
CA ASP K 100 -18.58 44.04 -47.77
C ASP K 100 -19.13 45.15 -46.86
N GLY K 101 -19.68 44.77 -45.70
CA GLY K 101 -20.23 45.71 -44.73
C GLY K 101 -21.62 45.40 -44.24
N LYS K 102 -22.35 44.50 -44.93
CA LYS K 102 -23.71 44.13 -44.53
C LYS K 102 -23.71 43.28 -43.26
N PRO K 103 -24.69 43.44 -42.32
CA PRO K 103 -24.69 42.58 -41.12
C PRO K 103 -24.92 41.10 -41.43
N PHE K 104 -24.24 40.22 -40.70
CA PHE K 104 -24.40 38.78 -40.88
C PHE K 104 -25.69 38.35 -40.20
N MET K 105 -26.69 37.85 -40.96
CA MET K 105 -27.96 37.47 -40.34
C MET K 105 -27.89 36.11 -39.58
N GLY K 106 -26.74 35.46 -39.56
CA GLY K 106 -26.51 34.30 -38.72
C GLY K 106 -26.07 34.65 -37.31
N CYS K 107 -25.69 35.92 -37.05
CA CYS K 107 -25.25 36.37 -35.73
C CYS K 107 -26.46 36.45 -34.78
N PRO K 108 -26.46 35.73 -33.64
CA PRO K 108 -27.62 35.83 -32.74
C PRO K 108 -27.93 37.23 -32.21
N ARG K 109 -26.90 38.04 -31.93
CA ARG K 109 -27.11 39.39 -31.43
C ARG K 109 -27.78 40.26 -32.51
N GLN K 110 -27.40 40.09 -33.79
CA GLN K 110 -28.03 40.82 -34.89
C GLN K 110 -29.49 40.44 -35.06
N VAL K 111 -29.84 39.16 -34.79
CA VAL K 111 -31.20 38.63 -34.88
C VAL K 111 -32.09 39.35 -33.86
N LEU K 112 -31.64 39.46 -32.60
CA LEU K 112 -32.43 40.16 -31.58
C LEU K 112 -32.55 41.64 -31.94
N LYS K 113 -31.45 42.27 -32.40
CA LYS K 113 -31.45 43.68 -32.82
C LYS K 113 -32.51 43.92 -33.91
N LYS K 114 -32.60 43.01 -34.89
CA LYS K 114 -33.57 43.12 -35.97
C LYS K 114 -34.98 43.03 -35.42
N ASN K 115 -35.27 42.04 -34.57
CA ASN K 115 -36.60 41.88 -33.99
C ASN K 115 -36.99 43.07 -33.11
N MET K 116 -36.02 43.70 -32.42
CA MET K 116 -36.30 44.87 -31.60
C MET K 116 -36.57 46.09 -32.49
N GLU K 117 -35.87 46.21 -33.63
CA GLU K 117 -36.10 47.31 -34.58
C GLU K 117 -37.50 47.19 -35.18
N GLU K 118 -37.95 45.94 -35.48
CA GLU K 118 -39.28 45.69 -36.01
C GLU K 118 -40.37 46.05 -34.99
N ALA K 119 -40.08 45.88 -33.69
CA ALA K 119 -40.99 46.24 -32.60
C ALA K 119 -41.02 47.76 -32.43
N ALA K 120 -39.85 48.41 -32.54
CA ALA K 120 -39.71 49.87 -32.43
C ALA K 120 -40.50 50.58 -33.55
N LYS K 121 -40.66 49.92 -34.72
CA LYS K 121 -41.45 50.44 -35.84
C LYS K 121 -42.92 50.68 -35.41
N LEU K 122 -43.46 49.83 -34.50
CA LEU K 122 -44.80 49.95 -33.94
C LEU K 122 -44.82 50.66 -32.55
N GLY K 123 -43.74 51.39 -32.20
CA GLY K 123 -43.64 52.09 -30.93
C GLY K 123 -43.45 51.21 -29.71
N TYR K 124 -43.12 49.92 -29.90
CA TYR K 124 -42.95 48.99 -28.79
C TYR K 124 -41.48 48.72 -28.45
N VAL K 125 -41.18 48.55 -27.16
CA VAL K 125 -39.85 48.17 -26.67
C VAL K 125 -40.09 47.14 -25.57
N MET K 126 -39.42 45.99 -25.67
CA MET K 126 -39.57 44.92 -24.71
C MET K 126 -38.52 45.00 -23.63
N ASN K 127 -38.96 44.88 -22.37
CA ASN K 127 -38.10 44.90 -21.21
C ASN K 127 -38.14 43.52 -20.57
N THR K 128 -36.96 42.97 -20.27
CA THR K 128 -36.81 41.63 -19.70
C THR K 128 -36.00 41.69 -18.40
N GLY K 129 -36.40 40.88 -17.43
CA GLY K 129 -35.76 40.77 -16.12
C GLY K 129 -35.71 39.31 -15.72
N PRO K 130 -34.63 38.58 -16.07
CA PRO K 130 -34.59 37.13 -15.79
C PRO K 130 -34.12 36.75 -14.39
N GLU K 131 -34.63 35.61 -13.92
CA GLU K 131 -34.28 35.01 -12.64
C GLU K 131 -33.35 33.87 -13.02
N MET K 132 -32.04 34.06 -12.82
CA MET K 132 -31.03 33.09 -13.23
C MET K 132 -30.66 32.07 -12.17
N GLU K 133 -31.13 30.82 -12.35
CA GLU K 133 -30.81 29.72 -11.44
C GLU K 133 -29.59 28.98 -11.97
N PHE K 134 -28.75 28.48 -11.06
CA PHE K 134 -27.55 27.75 -11.44
C PHE K 134 -27.06 26.87 -10.30
N PHE K 135 -26.14 25.94 -10.58
CA PHE K 135 -25.59 25.05 -9.58
C PHE K 135 -24.10 25.29 -9.41
N LEU K 136 -23.58 25.03 -8.20
CA LEU K 136 -22.17 25.14 -7.91
C LEU K 136 -21.71 23.76 -7.45
N PHE K 137 -20.95 23.07 -8.29
CA PHE K 137 -20.50 21.71 -8.04
C PHE K 137 -19.02 21.61 -7.72
N LYS K 138 -18.65 20.52 -7.03
CA LYS K 138 -17.25 20.25 -6.69
C LYS K 138 -16.48 19.78 -7.93
N ARG K 139 -15.15 19.82 -7.84
CA ARG K 139 -14.25 19.34 -8.89
C ARG K 139 -13.49 18.14 -8.36
N GLN K 140 -13.33 17.11 -9.21
CA GLN K 140 -12.65 15.88 -8.83
C GLN K 140 -11.57 15.58 -9.86
N ASP K 141 -10.30 15.68 -9.45
CA ASP K 141 -9.16 15.43 -10.34
C ASP K 141 -9.16 16.42 -11.51
N GLY K 142 -9.38 17.70 -11.21
CA GLY K 142 -9.41 18.75 -12.22
C GLY K 142 -10.64 18.79 -13.10
N MET K 143 -11.45 17.71 -13.14
CA MET K 143 -12.67 17.67 -13.97
C MET K 143 -13.90 18.06 -13.17
N PRO K 144 -14.90 18.69 -13.80
CA PRO K 144 -16.14 19.01 -13.08
C PRO K 144 -17.01 17.79 -12.82
N THR K 145 -17.81 17.86 -11.76
CA THR K 145 -18.72 16.79 -11.34
C THR K 145 -20.15 17.38 -11.16
N ASN K 146 -21.13 16.57 -10.77
CA ASN K 146 -22.49 17.03 -10.44
C ASN K 146 -22.74 16.84 -8.93
N ILE K 147 -21.68 16.91 -8.09
CA ILE K 147 -21.80 16.76 -6.64
C ILE K 147 -21.97 18.16 -6.05
N PRO K 148 -23.09 18.47 -5.37
CA PRO K 148 -23.24 19.81 -4.78
C PRO K 148 -22.14 20.18 -3.81
N GLN K 149 -21.66 21.42 -3.88
CA GLN K 149 -20.61 21.88 -2.99
C GLN K 149 -21.16 22.20 -1.59
N ASP K 150 -22.47 22.53 -1.48
CA ASP K 150 -23.11 22.74 -0.19
C ASP K 150 -24.30 21.83 -0.02
N ARG K 151 -24.68 21.75 1.24
CA ARG K 151 -25.76 20.96 1.72
C ARG K 151 -26.90 21.91 2.15
N GLY K 152 -27.35 22.80 1.22
CA GLY K 152 -28.39 23.79 1.52
C GLY K 152 -29.71 23.65 0.78
N GLY K 153 -30.70 24.38 1.28
CA GLY K 153 -32.06 24.40 0.75
C GLY K 153 -32.57 25.78 0.42
N TYR K 154 -33.90 25.95 0.43
CA TYR K 154 -34.55 27.21 0.02
C TYR K 154 -34.27 28.38 0.97
N PHE K 155 -33.74 29.50 0.41
CA PHE K 155 -33.38 30.72 1.14
C PHE K 155 -32.49 30.44 2.37
N ASP K 156 -31.71 29.34 2.36
CA ASP K 156 -30.88 29.00 3.51
C ASP K 156 -29.71 29.98 3.71
N LEU K 157 -29.25 30.07 4.98
CA LEU K 157 -28.19 30.96 5.43
C LEU K 157 -26.95 30.16 5.84
N ALA K 158 -25.76 30.78 5.79
CA ALA K 158 -24.51 30.14 6.21
C ALA K 158 -24.57 29.73 7.69
N PRO K 159 -23.85 28.68 8.11
CA PRO K 159 -22.97 27.81 7.34
C PRO K 159 -23.66 26.73 6.50
N ILE K 160 -25.00 26.76 6.40
CA ILE K 160 -25.70 25.78 5.55
C ILE K 160 -25.40 26.12 4.08
N ASP K 161 -25.40 27.42 3.73
CA ASP K 161 -25.04 27.91 2.40
C ASP K 161 -23.53 28.22 2.43
N LEU K 162 -22.70 27.30 1.87
CA LEU K 162 -21.23 27.44 1.84
C LEU K 162 -20.75 28.37 0.69
N ALA K 163 -21.63 28.72 -0.28
CA ALA K 163 -21.28 29.57 -1.42
C ALA K 163 -21.62 31.05 -1.23
N GLU K 164 -21.67 31.56 0.00
CA GLU K 164 -21.99 32.98 0.24
C GLU K 164 -20.85 33.90 -0.15
N GLU K 165 -19.62 33.43 -0.02
CA GLU K 165 -18.44 34.27 -0.40
C GLU K 165 -18.36 34.38 -1.92
N ILE K 166 -18.58 33.27 -2.63
CA ILE K 166 -18.46 33.29 -4.10
C ILE K 166 -19.63 34.06 -4.71
N LYS K 167 -20.86 33.88 -4.20
CA LYS K 167 -22.01 34.65 -4.69
C LYS K 167 -21.80 36.14 -4.43
N ARG K 168 -21.21 36.49 -3.27
CA ARG K 168 -20.88 37.86 -2.92
C ARG K 168 -19.90 38.43 -3.94
N GLU K 169 -18.89 37.63 -4.35
CA GLU K 169 -17.93 38.05 -5.35
C GLU K 169 -18.58 38.21 -6.73
N ILE K 170 -19.49 37.29 -7.12
CA ILE K 170 -20.18 37.37 -8.42
C ILE K 170 -20.94 38.71 -8.53
N VAL K 171 -21.76 39.02 -7.54
CA VAL K 171 -22.55 40.25 -7.54
C VAL K 171 -21.65 41.50 -7.55
N LEU K 172 -20.53 41.44 -6.83
CA LEU K 172 -19.62 42.61 -6.77
C LEU K 172 -18.96 42.80 -8.14
N VAL K 173 -18.43 41.72 -8.72
CA VAL K 173 -17.78 41.77 -10.03
C VAL K 173 -18.77 42.31 -11.08
N LEU K 174 -20.04 41.91 -10.99
CA LEU K 174 -21.05 42.39 -11.94
C LEU K 174 -21.31 43.88 -11.76
N GLU K 175 -21.46 44.36 -10.51
CA GLU K 175 -21.67 45.79 -10.26
C GLU K 175 -20.54 46.64 -10.81
N GLU K 176 -19.32 46.08 -10.87
CA GLU K 176 -18.14 46.83 -11.41
C GLU K 176 -18.21 46.94 -12.94
N MET K 177 -19.17 46.25 -13.58
CA MET K 177 -19.34 46.26 -15.02
C MET K 177 -20.69 46.88 -15.41
N GLY K 178 -21.12 47.91 -14.67
CA GLY K 178 -22.39 48.60 -14.93
C GLY K 178 -23.58 47.67 -14.93
N PHE K 179 -23.64 46.86 -13.86
CA PHE K 179 -24.73 45.86 -13.72
C PHE K 179 -25.45 46.08 -12.39
N GLU K 180 -26.78 46.12 -12.40
CA GLU K 180 -27.61 46.31 -11.22
C GLU K 180 -28.32 45.02 -10.87
N VAL K 181 -28.03 44.45 -9.69
CA VAL K 181 -28.64 43.20 -9.24
C VAL K 181 -29.76 43.53 -8.23
N GLU K 182 -30.83 42.74 -8.25
CA GLU K 182 -31.98 42.99 -7.34
C GLU K 182 -31.77 42.20 -6.05
N ALA K 183 -31.58 40.89 -6.16
CA ALA K 183 -31.38 40.02 -5.00
C ALA K 183 -30.80 38.66 -5.42
N ALA K 184 -30.15 37.98 -4.47
CA ALA K 184 -29.58 36.65 -4.67
C ALA K 184 -29.94 35.78 -3.47
N HIS K 185 -30.14 34.48 -3.69
CA HIS K 185 -30.51 33.56 -2.61
C HIS K 185 -30.22 32.10 -2.98
N HIS K 186 -30.17 31.24 -1.96
CA HIS K 186 -30.00 29.81 -2.18
C HIS K 186 -31.35 29.25 -2.65
N GLU K 187 -31.33 28.33 -3.64
CA GLU K 187 -32.55 27.74 -4.19
C GLU K 187 -32.92 26.41 -3.48
N VAL K 188 -33.96 25.70 -3.97
CA VAL K 188 -34.49 24.49 -3.34
C VAL K 188 -33.46 23.35 -3.28
N ALA K 189 -32.85 23.02 -4.43
CA ALA K 189 -31.93 21.91 -4.53
C ALA K 189 -30.56 22.18 -3.88
N PHE K 190 -29.86 21.10 -3.53
CA PHE K 190 -28.54 21.13 -2.90
C PHE K 190 -27.51 21.80 -3.84
N GLY K 191 -26.85 22.87 -3.37
CA GLY K 191 -25.88 23.60 -4.17
C GLY K 191 -26.46 24.48 -5.26
N GLN K 192 -27.78 24.70 -5.27
CA GLN K 192 -28.43 25.53 -6.27
C GLN K 192 -28.59 26.95 -5.74
N HIS K 193 -28.44 27.94 -6.62
CA HIS K 193 -28.52 29.36 -6.29
C HIS K 193 -29.30 30.12 -7.36
N GLU K 194 -29.73 31.33 -7.00
CA GLU K 194 -30.49 32.18 -7.96
C GLU K 194 -30.06 33.64 -7.80
N ILE K 195 -29.81 34.32 -8.92
CA ILE K 195 -29.42 35.72 -8.94
C ILE K 195 -30.40 36.43 -9.87
N ASP K 196 -31.28 37.25 -9.30
CA ASP K 196 -32.30 37.95 -10.14
C ASP K 196 -31.78 39.32 -10.54
N PHE K 197 -31.89 39.65 -11.82
CA PHE K 197 -31.41 40.97 -12.33
C PHE K 197 -32.57 41.96 -12.40
N LYS K 198 -32.26 43.26 -12.52
CA LYS K 198 -33.32 44.29 -12.66
C LYS K 198 -33.75 44.33 -14.13
N TYR K 199 -34.94 44.85 -14.41
CA TYR K 199 -35.45 44.83 -15.78
C TYR K 199 -34.68 45.84 -16.68
N ASP K 200 -34.46 45.50 -17.96
CA ASP K 200 -33.78 46.36 -18.93
C ASP K 200 -34.21 45.94 -20.36
N ASN K 201 -33.89 46.72 -21.40
CA ASN K 201 -34.23 46.34 -22.78
C ASN K 201 -33.63 44.96 -23.15
N ALA K 202 -34.31 44.21 -24.02
CA ALA K 202 -33.89 42.86 -24.38
C ALA K 202 -32.42 42.71 -24.77
N LEU K 203 -31.82 43.70 -25.47
CA LEU K 203 -30.42 43.61 -25.89
C LEU K 203 -29.45 43.73 -24.71
N ALA K 204 -29.64 44.75 -23.85
CA ALA K 204 -28.77 44.93 -22.70
C ALA K 204 -28.89 43.73 -21.76
N THR K 205 -30.11 43.21 -21.59
CA THR K 205 -30.34 42.04 -20.74
C THR K 205 -29.63 40.82 -21.30
N ALA K 206 -29.71 40.56 -22.62
CA ALA K 206 -29.05 39.41 -23.22
C ALA K 206 -27.53 39.51 -23.08
N ASP K 207 -26.96 40.72 -23.26
CA ASP K 207 -25.52 40.96 -23.06
C ASP K 207 -25.14 40.64 -21.61
N ASN K 208 -26.01 41.06 -20.66
CA ASN K 208 -25.83 40.86 -19.24
C ASN K 208 -25.93 39.38 -18.85
N VAL K 209 -26.82 38.62 -19.50
CA VAL K 209 -26.99 37.19 -19.24
C VAL K 209 -25.69 36.46 -19.61
N ILE K 210 -25.12 36.77 -20.78
CA ILE K 210 -23.87 36.15 -21.24
C ILE K 210 -22.73 36.50 -20.27
N THR K 211 -22.68 37.75 -19.82
CA THR K 211 -21.66 38.20 -18.88
C THR K 211 -21.80 37.45 -17.56
N LEU K 212 -23.02 37.26 -17.04
CA LEU K 212 -23.22 36.53 -15.79
C LEU K 212 -22.67 35.11 -15.88
N LYS K 213 -23.00 34.37 -16.94
CA LYS K 213 -22.52 32.99 -17.08
C LYS K 213 -21.00 32.94 -17.13
N TYR K 214 -20.38 33.87 -17.87
CA TYR K 214 -18.93 33.96 -17.99
C TYR K 214 -18.29 34.25 -16.62
N VAL K 215 -18.79 35.27 -15.91
CA VAL K 215 -18.29 35.67 -14.59
C VAL K 215 -18.45 34.55 -13.55
N ALA K 216 -19.65 33.94 -13.47
CA ALA K 216 -19.90 32.87 -12.50
C ALA K 216 -18.98 31.67 -12.72
N LYS K 217 -18.82 31.23 -13.97
CA LYS K 217 -17.95 30.09 -14.28
C LYS K 217 -16.47 30.42 -14.04
N THR K 218 -16.05 31.66 -14.29
CA THR K 218 -14.66 32.07 -14.05
C THR K 218 -14.35 32.10 -12.56
N LEU K 219 -15.21 32.75 -11.75
CA LEU K 219 -15.00 32.83 -10.31
C LEU K 219 -15.16 31.48 -9.63
N ALA K 220 -15.99 30.57 -10.16
CA ALA K 220 -16.14 29.24 -9.59
C ALA K 220 -14.83 28.48 -9.73
N LEU K 221 -14.22 28.56 -10.91
CA LEU K 221 -12.91 27.88 -11.14
C LEU K 221 -11.90 28.42 -10.13
N GLN K 222 -11.84 29.74 -9.94
CA GLN K 222 -10.89 30.33 -9.02
C GLN K 222 -10.97 29.69 -7.60
N HIS K 223 -12.15 29.18 -7.24
CA HIS K 223 -12.37 28.58 -5.90
C HIS K 223 -12.38 27.05 -5.97
N GLY K 224 -11.87 26.48 -7.06
CA GLY K 224 -11.84 25.03 -7.25
C GLY K 224 -13.21 24.39 -7.42
N LEU K 225 -14.20 25.19 -7.83
CA LEU K 225 -15.59 24.77 -8.04
C LEU K 225 -15.97 24.89 -9.54
N HIS K 226 -17.18 24.44 -9.91
CA HIS K 226 -17.69 24.51 -11.28
C HIS K 226 -19.12 24.99 -11.26
N ALA K 227 -19.38 26.18 -11.82
CA ALA K 227 -20.74 26.70 -11.92
C ALA K 227 -21.32 26.22 -13.24
N THR K 228 -22.57 25.77 -13.21
CA THR K 228 -23.22 25.30 -14.42
C THR K 228 -24.64 25.81 -14.50
N PHE K 229 -25.05 26.16 -15.72
CA PHE K 229 -26.39 26.61 -16.04
C PHE K 229 -27.13 25.48 -16.80
N MET K 230 -26.74 24.22 -16.55
CA MET K 230 -27.40 23.06 -17.21
C MET K 230 -28.82 22.93 -16.66
N PRO K 231 -29.86 22.61 -17.47
CA PRO K 231 -31.24 22.57 -16.96
C PRO K 231 -31.51 21.54 -15.87
N LYS K 232 -30.95 20.33 -16.00
CA LYS K 232 -31.18 19.24 -15.03
C LYS K 232 -29.91 18.44 -14.83
N PRO K 233 -28.94 18.97 -14.07
CA PRO K 233 -27.71 18.22 -13.82
C PRO K 233 -27.85 17.03 -12.89
N ILE K 234 -28.87 17.03 -12.03
CA ILE K 234 -29.09 15.93 -11.08
C ILE K 234 -30.53 15.44 -11.16
N PHE K 235 -30.71 14.12 -11.21
CA PHE K 235 -32.04 13.52 -11.24
C PHE K 235 -32.62 13.50 -9.81
N GLY K 236 -33.93 13.71 -9.69
CA GLY K 236 -34.62 13.65 -8.41
C GLY K 236 -34.63 14.93 -7.61
N VAL K 237 -33.93 15.98 -8.08
CA VAL K 237 -33.90 17.28 -7.40
C VAL K 237 -34.38 18.38 -8.38
N ASN K 238 -34.59 19.61 -7.87
CA ASN K 238 -35.05 20.72 -8.69
C ASN K 238 -34.04 21.03 -9.81
N GLY K 239 -34.55 21.48 -10.96
CA GLY K 239 -33.72 21.85 -12.09
C GLY K 239 -33.62 23.35 -12.22
N SER K 240 -32.53 23.85 -12.85
CA SER K 240 -32.34 25.29 -13.01
C SER K 240 -33.19 25.83 -14.14
N GLY K 241 -33.92 26.89 -13.84
CA GLY K 241 -34.79 27.60 -14.77
C GLY K 241 -34.37 29.04 -14.97
N MET K 242 -34.85 29.66 -16.05
CA MET K 242 -34.62 31.08 -16.34
C MET K 242 -36.00 31.72 -16.50
N HIS K 243 -36.64 32.07 -15.38
CA HIS K 243 -37.97 32.68 -15.41
C HIS K 243 -37.77 34.10 -15.93
N THR K 244 -38.41 34.43 -17.05
CA THR K 244 -38.22 35.74 -17.70
C THR K 244 -39.40 36.67 -17.48
N ASN K 245 -39.21 37.71 -16.63
CA ASN K 245 -40.21 38.73 -16.40
C ASN K 245 -40.20 39.61 -17.64
N THR K 246 -41.35 39.73 -18.32
CA THR K 246 -41.45 40.46 -19.58
C THR K 246 -42.58 41.49 -19.53
N SER K 247 -42.31 42.68 -20.06
CA SER K 247 -43.27 43.76 -20.17
C SER K 247 -43.02 44.50 -21.47
N LEU K 248 -44.09 45.09 -22.02
CA LEU K 248 -43.99 45.86 -23.25
C LEU K 248 -44.23 47.32 -22.92
N PHE K 249 -43.48 48.23 -23.55
CA PHE K 249 -43.61 49.65 -23.29
C PHE K 249 -43.88 50.38 -24.60
N LYS K 250 -45.05 51.00 -24.70
CA LYS K 250 -45.49 51.76 -25.86
C LYS K 250 -45.55 53.23 -25.45
N ASP K 251 -44.92 54.13 -26.23
CA ASP K 251 -44.94 55.57 -25.97
C ASP K 251 -44.51 55.95 -24.53
N GLY K 252 -43.52 55.24 -23.99
CA GLY K 252 -43.03 55.51 -22.65
C GLY K 252 -43.76 54.86 -21.50
N LYS K 253 -45.05 54.58 -21.71
CA LYS K 253 -45.89 53.97 -20.69
C LYS K 253 -45.85 52.46 -20.84
N ASN K 254 -46.16 51.76 -19.77
CA ASN K 254 -46.25 50.32 -19.78
C ASN K 254 -47.54 49.94 -20.54
N ALA K 255 -47.39 49.32 -21.73
CA ALA K 255 -48.51 48.91 -22.58
C ALA K 255 -49.37 47.79 -21.97
N PHE K 256 -48.93 47.22 -20.85
CA PHE K 256 -49.68 46.09 -20.23
C PHE K 256 -50.60 46.59 -19.10
N TYR K 257 -50.56 47.89 -18.78
CA TYR K 257 -51.38 48.46 -17.74
C TYR K 257 -52.57 49.24 -18.31
N ASP K 258 -53.79 48.93 -17.83
CA ASP K 258 -55.03 49.62 -18.20
C ASP K 258 -55.85 49.73 -16.91
N PRO K 259 -55.86 50.90 -16.23
CA PRO K 259 -56.60 51.00 -14.95
C PRO K 259 -58.11 50.73 -15.02
N ASP K 260 -58.72 50.92 -16.20
CA ASP K 260 -60.16 50.73 -16.37
C ASP K 260 -60.55 49.29 -16.69
N ALA K 261 -59.63 48.48 -17.25
CA ALA K 261 -59.93 47.09 -17.61
C ALA K 261 -60.00 46.16 -16.38
N PRO K 262 -60.67 45.00 -16.47
CA PRO K 262 -60.71 44.09 -15.30
C PRO K 262 -59.33 43.58 -14.89
N ASP K 263 -59.05 43.51 -13.59
CA ASP K 263 -57.72 43.04 -13.10
C ASP K 263 -56.63 44.04 -13.53
N GLN K 264 -57.02 45.25 -13.93
CA GLN K 264 -56.08 46.30 -14.34
C GLN K 264 -55.04 45.80 -15.37
N ILE K 265 -55.39 44.76 -16.18
CA ILE K 265 -54.52 44.21 -17.22
C ILE K 265 -55.06 44.69 -18.60
N SER K 266 -54.19 45.30 -19.42
CA SER K 266 -54.59 45.82 -20.73
C SER K 266 -54.86 44.70 -21.73
N ASP K 267 -55.51 45.03 -22.87
CA ASP K 267 -55.76 44.05 -23.93
C ASP K 267 -54.40 43.56 -24.46
N THR K 268 -53.47 44.49 -24.71
CA THR K 268 -52.12 44.15 -25.21
C THR K 268 -51.43 43.05 -24.38
N LEU K 269 -51.69 42.95 -23.04
CA LEU K 269 -51.12 41.86 -22.26
C LEU K 269 -51.77 40.56 -22.67
N ARG K 270 -53.11 40.48 -22.61
CA ARG K 270 -53.82 39.24 -22.92
C ARG K 270 -53.51 38.76 -24.35
N TYR K 271 -53.36 39.70 -25.28
CA TYR K 271 -53.00 39.35 -26.68
C TYR K 271 -51.55 38.85 -26.75
N PHE K 272 -50.62 39.59 -26.13
CA PHE K 272 -49.22 39.17 -26.11
C PHE K 272 -49.12 37.75 -25.54
N VAL K 273 -49.86 37.47 -24.44
CA VAL K 273 -49.90 36.15 -23.81
C VAL K 273 -50.47 35.12 -24.80
N GLY K 274 -51.53 35.50 -25.50
CA GLY K 274 -52.15 34.64 -26.50
C GLY K 274 -51.21 34.25 -27.63
N GLY K 275 -50.38 35.19 -28.06
CA GLY K 275 -49.41 34.95 -29.10
C GLY K 275 -48.28 34.04 -28.67
N VAL K 276 -47.67 34.30 -27.52
CA VAL K 276 -46.58 33.47 -27.00
C VAL K 276 -47.09 32.03 -26.70
N LEU K 277 -48.34 31.85 -26.15
CA LEU K 277 -48.91 30.52 -25.92
C LEU K 277 -49.25 29.78 -27.24
N LYS K 278 -49.53 30.52 -28.31
CA LYS K 278 -49.83 29.90 -29.61
C LYS K 278 -48.57 29.23 -30.18
N HIS K 279 -47.42 29.89 -30.06
CA HIS K 279 -46.15 29.40 -30.59
C HIS K 279 -45.24 28.81 -29.50
N ILE K 280 -45.75 28.55 -28.28
CA ILE K 280 -44.90 28.09 -27.18
C ILE K 280 -44.24 26.73 -27.45
N ARG K 281 -44.94 25.81 -28.13
CA ARG K 281 -44.31 24.51 -28.47
C ARG K 281 -43.05 24.76 -29.30
N ALA K 282 -43.13 25.68 -30.28
CA ALA K 282 -42.00 26.01 -31.14
C ALA K 282 -40.92 26.80 -30.41
N ILE K 283 -41.31 27.74 -29.54
CA ILE K 283 -40.38 28.55 -28.74
C ILE K 283 -39.54 27.64 -27.82
N THR K 284 -40.11 26.52 -27.34
CA THR K 284 -39.42 25.58 -26.47
C THR K 284 -38.13 25.05 -27.10
N ALA K 285 -38.06 24.92 -28.43
CA ALA K 285 -36.83 24.47 -29.08
C ALA K 285 -35.67 25.48 -28.90
N ILE K 286 -36.00 26.77 -28.73
CA ILE K 286 -35.03 27.85 -28.55
C ILE K 286 -34.72 28.05 -27.05
N THR K 287 -35.78 28.17 -26.22
CA THR K 287 -35.66 28.43 -24.79
C THR K 287 -35.21 27.22 -23.97
N ASN K 288 -35.41 26.00 -24.50
CA ASN K 288 -35.05 24.72 -23.88
C ASN K 288 -34.33 23.95 -25.00
N PRO K 289 -33.10 24.35 -25.38
CA PRO K 289 -32.46 23.74 -26.57
C PRO K 289 -31.69 22.46 -26.42
N LEU K 290 -31.37 22.03 -25.18
CA LEU K 290 -30.60 20.81 -24.98
C LEU K 290 -31.48 19.59 -24.82
N VAL K 291 -30.91 18.40 -25.02
CA VAL K 291 -31.63 17.13 -24.79
C VAL K 291 -32.00 17.05 -23.28
N ASN K 292 -31.08 17.52 -22.40
CA ASN K 292 -31.25 17.58 -20.95
C ASN K 292 -32.36 18.55 -20.50
N SER K 293 -32.68 19.58 -21.30
CA SER K 293 -33.73 20.52 -20.96
C SER K 293 -35.09 19.85 -20.74
N TYR K 294 -35.34 18.74 -21.45
CA TYR K 294 -36.60 18.02 -21.32
C TYR K 294 -36.64 17.06 -20.13
N LYS K 295 -35.51 16.83 -19.44
CA LYS K 295 -35.47 16.10 -18.17
C LYS K 295 -35.87 17.06 -17.01
N ARG K 296 -35.82 18.40 -17.24
CA ARG K 296 -36.27 19.45 -16.31
C ARG K 296 -37.78 19.61 -16.46
N LEU K 297 -38.30 19.57 -17.71
CA LEU K 297 -39.74 19.70 -17.99
C LEU K 297 -40.47 18.39 -17.67
N VAL K 298 -40.46 18.04 -16.38
CA VAL K 298 -41.03 16.83 -15.77
C VAL K 298 -41.91 17.28 -14.57
N PRO K 299 -43.12 16.71 -14.31
CA PRO K 299 -43.90 17.17 -13.13
C PRO K 299 -43.21 16.88 -11.79
N GLY K 300 -43.55 17.66 -10.77
CA GLY K 300 -43.00 17.49 -9.42
C GLY K 300 -42.03 18.57 -8.96
N TYR K 301 -41.54 19.41 -9.87
CA TYR K 301 -40.58 20.49 -9.55
C TYR K 301 -41.18 21.87 -9.97
N GLU K 302 -40.52 23.02 -9.67
CA GLU K 302 -41.08 24.35 -10.03
C GLU K 302 -41.34 24.52 -11.54
N ALA K 303 -40.73 23.67 -12.38
CA ALA K 303 -40.72 23.83 -13.83
C ALA K 303 -42.12 23.61 -14.40
N PRO K 304 -42.61 24.51 -15.27
CA PRO K 304 -43.94 24.29 -15.87
C PRO K 304 -43.89 23.21 -16.94
N VAL K 305 -44.98 22.44 -17.05
CA VAL K 305 -45.06 21.36 -18.08
C VAL K 305 -46.30 21.57 -18.95
N TYR K 306 -47.44 21.96 -18.35
CA TYR K 306 -48.68 22.17 -19.08
C TYR K 306 -48.79 23.61 -19.56
N ILE K 307 -49.42 23.79 -20.74
CA ILE K 307 -49.55 25.11 -21.35
C ILE K 307 -50.75 25.86 -20.80
N THR K 308 -50.54 26.65 -19.73
CA THR K 308 -51.59 27.46 -19.09
C THR K 308 -51.03 28.81 -18.62
N TRP K 309 -51.91 29.78 -18.37
CA TRP K 309 -51.55 31.08 -17.82
C TRP K 309 -52.51 31.41 -16.68
N SER K 310 -52.02 32.08 -15.64
CA SER K 310 -52.83 32.39 -14.46
C SER K 310 -52.22 33.56 -13.66
N GLY K 311 -52.82 33.89 -12.51
CA GLY K 311 -52.33 34.94 -11.64
C GLY K 311 -51.16 34.47 -10.77
N PRO K 312 -50.90 35.16 -9.64
CA PRO K 312 -49.78 34.75 -8.77
C PRO K 312 -49.98 33.48 -7.95
N ASN K 313 -51.23 33.15 -7.58
CA ASN K 313 -51.53 32.01 -6.72
C ASN K 313 -51.09 30.64 -7.28
N ARG K 314 -51.14 30.43 -8.61
CA ARG K 314 -50.74 29.16 -9.21
C ARG K 314 -49.46 29.32 -10.01
N SER K 315 -48.53 28.35 -9.89
CA SER K 315 -47.26 28.36 -10.61
C SER K 315 -47.44 27.70 -11.98
N SER K 316 -47.94 28.47 -12.94
CA SER K 316 -48.24 28.02 -14.30
C SER K 316 -47.07 28.35 -15.27
N LEU K 317 -47.27 28.20 -16.60
CA LEU K 317 -46.23 28.51 -17.58
C LEU K 317 -46.04 30.03 -17.60
N ILE K 318 -47.14 30.79 -17.80
CA ILE K 318 -47.12 32.25 -17.75
C ILE K 318 -47.87 32.65 -16.49
N ARG K 319 -47.23 33.52 -15.69
CA ARG K 319 -47.85 34.00 -14.43
C ARG K 319 -47.93 35.52 -14.51
N VAL K 320 -49.07 36.09 -14.10
CA VAL K 320 -49.25 37.54 -14.10
C VAL K 320 -49.10 37.99 -12.64
N PRO K 321 -47.93 38.52 -12.21
CA PRO K 321 -47.79 38.94 -10.80
C PRO K 321 -48.75 40.05 -10.37
N ALA K 322 -48.93 40.20 -9.05
CA ALA K 322 -49.84 41.22 -8.49
C ALA K 322 -49.41 42.67 -8.76
N PRO K 323 -48.11 43.05 -8.62
CA PRO K 323 -47.72 44.45 -8.91
C PRO K 323 -48.31 45.06 -10.19
N ARG K 324 -48.89 46.28 -10.04
CA ARG K 324 -49.56 47.02 -11.11
C ARG K 324 -48.83 48.38 -11.38
N GLY K 325 -49.34 49.21 -12.32
CA GLY K 325 -48.68 50.46 -12.66
C GLY K 325 -47.54 50.24 -13.63
N ASN K 326 -46.40 50.83 -13.34
CA ASN K 326 -45.22 50.68 -14.20
C ASN K 326 -44.58 49.27 -14.08
N SER K 327 -44.93 48.50 -13.01
CA SER K 327 -44.39 47.16 -12.80
C SER K 327 -45.32 46.04 -13.32
N THR K 328 -46.32 46.35 -14.20
CA THR K 328 -47.18 45.31 -14.77
C THR K 328 -46.33 44.45 -15.69
N ARG K 329 -46.41 43.12 -15.55
CA ARG K 329 -45.58 42.23 -16.33
C ARG K 329 -46.14 40.80 -16.35
N ILE K 330 -45.51 39.92 -17.14
CA ILE K 330 -45.82 38.50 -17.20
C ILE K 330 -44.52 37.74 -16.98
N GLU K 331 -44.57 36.64 -16.24
CA GLU K 331 -43.39 35.84 -15.94
C GLU K 331 -43.48 34.54 -16.74
N ILE K 332 -42.67 34.41 -17.81
CA ILE K 332 -42.65 33.21 -18.63
C ILE K 332 -41.64 32.30 -17.95
N ARG K 333 -42.13 31.19 -17.38
CA ARG K 333 -41.33 30.29 -16.56
C ARG K 333 -40.79 29.04 -17.25
N SER K 334 -41.09 28.83 -18.54
CA SER K 334 -40.62 27.64 -19.25
C SER K 334 -39.13 27.63 -19.62
N PRO K 335 -38.49 28.77 -19.95
CA PRO K 335 -37.07 28.72 -20.35
C PRO K 335 -36.12 28.23 -19.27
N ASP K 336 -34.97 27.71 -19.69
CA ASP K 336 -33.88 27.29 -18.80
C ASP K 336 -32.64 28.17 -19.09
N PRO K 337 -31.68 28.30 -18.15
CA PRO K 337 -30.57 29.23 -18.40
C PRO K 337 -29.52 28.75 -19.39
N SER K 338 -29.72 27.58 -20.03
CA SER K 338 -28.80 27.11 -21.06
C SER K 338 -29.17 27.66 -22.46
N CYS K 339 -30.30 28.38 -22.59
CA CYS K 339 -30.73 28.95 -23.87
C CYS K 339 -29.89 30.14 -24.29
N ASN K 340 -29.87 30.40 -25.61
CA ASN K 340 -29.19 31.57 -26.14
C ASN K 340 -30.13 32.74 -25.81
N PRO K 341 -29.76 33.70 -24.94
CA PRO K 341 -30.70 34.77 -24.60
C PRO K 341 -31.08 35.66 -25.77
N TYR K 342 -30.16 35.88 -26.72
CA TYR K 342 -30.46 36.71 -27.88
C TYR K 342 -31.61 36.12 -28.69
N LEU K 343 -31.59 34.80 -28.90
CA LEU K 343 -32.61 34.11 -29.67
C LEU K 343 -33.88 33.85 -28.84
N ALA K 344 -33.74 33.59 -27.53
CA ALA K 344 -34.90 33.35 -26.67
C ALA K 344 -35.80 34.58 -26.60
N PHE K 345 -35.22 35.78 -26.41
CA PHE K 345 -35.99 37.01 -26.34
C PHE K 345 -36.56 37.38 -27.71
N ALA K 346 -35.82 37.12 -28.79
CA ALA K 346 -36.30 37.40 -30.14
C ALA K 346 -37.53 36.53 -30.46
N ALA K 347 -37.50 35.24 -30.08
CA ALA K 347 -38.62 34.33 -30.33
C ALA K 347 -39.86 34.75 -29.53
N ILE K 348 -39.68 35.16 -28.26
CA ILE K 348 -40.79 35.58 -27.42
C ILE K 348 -41.38 36.90 -27.95
N LEU K 349 -40.52 37.83 -28.38
CA LEU K 349 -40.98 39.10 -28.91
C LEU K 349 -41.78 38.92 -30.20
N ALA K 350 -41.29 38.08 -31.12
CA ALA K 350 -41.97 37.86 -32.40
C ALA K 350 -43.32 37.17 -32.20
N ALA K 351 -43.39 36.15 -31.34
CA ALA K 351 -44.64 35.44 -31.07
C ALA K 351 -45.63 36.35 -30.33
N GLY K 352 -45.14 37.09 -29.34
CA GLY K 352 -45.98 38.00 -28.58
C GLY K 352 -46.51 39.15 -29.42
N LEU K 353 -45.69 39.72 -30.33
CA LEU K 353 -46.15 40.80 -31.21
C LEU K 353 -47.16 40.31 -32.22
N ASP K 354 -47.06 39.06 -32.68
CA ASP K 354 -48.06 38.49 -33.58
C ASP K 354 -49.41 38.38 -32.83
N GLY K 355 -49.41 38.12 -31.54
CA GLY K 355 -50.62 38.10 -30.73
C GLY K 355 -51.27 39.46 -30.67
N VAL K 356 -50.46 40.52 -30.46
CA VAL K 356 -50.95 41.90 -30.44
C VAL K 356 -51.48 42.32 -31.82
N LYS K 357 -50.69 42.10 -32.89
CA LYS K 357 -51.06 42.50 -34.26
C LYS K 357 -52.24 41.68 -34.82
N ASN K 358 -52.10 40.35 -34.92
CA ASN K 358 -53.16 39.49 -35.45
C ASN K 358 -54.36 39.33 -34.50
N LYS K 359 -54.36 40.01 -33.33
CA LYS K 359 -55.47 39.98 -32.39
C LYS K 359 -55.86 38.54 -31.97
N ILE K 360 -54.98 37.87 -31.17
CA ILE K 360 -55.21 36.51 -30.68
C ILE K 360 -55.60 36.47 -29.18
N GLU K 361 -56.83 36.02 -28.90
CA GLU K 361 -57.32 35.88 -27.54
C GLU K 361 -56.67 34.69 -26.85
N PRO K 362 -56.17 34.83 -25.60
CA PRO K 362 -55.58 33.67 -24.92
C PRO K 362 -56.65 32.76 -24.32
N PRO K 363 -56.29 31.50 -23.99
CA PRO K 363 -57.28 30.62 -23.34
C PRO K 363 -57.67 31.09 -21.94
N GLU K 364 -58.68 30.45 -21.34
CA GLU K 364 -59.16 30.85 -20.02
C GLU K 364 -58.07 30.61 -18.98
N ARG K 365 -57.93 31.55 -18.02
CA ARG K 365 -56.93 31.44 -16.98
C ARG K 365 -57.30 30.29 -16.07
N VAL K 366 -56.34 29.44 -15.71
CA VAL K 366 -56.61 28.31 -14.84
C VAL K 366 -56.00 28.56 -13.47
N GLU K 367 -56.84 28.86 -12.49
CA GLU K 367 -56.40 29.13 -11.12
C GLU K 367 -56.30 27.86 -10.27
N LYS K 368 -57.02 26.79 -10.64
CA LYS K 368 -56.92 25.52 -9.92
C LYS K 368 -55.53 24.91 -10.11
N ASN K 369 -55.12 24.10 -9.12
CA ASN K 369 -53.81 23.40 -9.22
C ASN K 369 -53.90 22.37 -10.34
N ILE K 370 -53.07 22.52 -11.37
CA ILE K 370 -53.10 21.62 -12.52
C ILE K 370 -52.62 20.22 -12.16
N TYR K 371 -51.49 20.11 -11.46
CA TYR K 371 -50.90 18.83 -11.10
C TYR K 371 -51.86 17.95 -10.28
N LYS K 372 -52.71 18.59 -9.44
CA LYS K 372 -53.70 17.87 -8.63
C LYS K 372 -54.87 17.32 -9.45
N LEU K 373 -55.15 17.90 -10.64
CA LEU K 373 -56.26 17.46 -11.49
C LEU K 373 -55.94 16.11 -12.14
N THR K 374 -57.00 15.40 -12.57
CA THR K 374 -56.85 14.13 -13.26
C THR K 374 -56.65 14.39 -14.76
N GLU K 375 -56.13 13.39 -15.50
CA GLU K 375 -55.95 13.52 -16.94
C GLU K 375 -57.29 13.76 -17.66
N GLU K 376 -58.36 13.09 -17.20
CA GLU K 376 -59.70 13.22 -17.77
C GLU K 376 -60.24 14.67 -17.82
N GLU K 377 -59.85 15.52 -16.86
CA GLU K 377 -60.31 16.90 -16.79
C GLU K 377 -59.50 17.89 -17.65
N ARG K 378 -58.23 17.56 -17.97
CA ARG K 378 -57.36 18.46 -18.72
C ARG K 378 -57.72 18.56 -20.21
N GLU K 379 -58.15 17.45 -20.85
CA GLU K 379 -58.55 17.52 -22.28
C GLU K 379 -59.91 18.22 -22.42
N LYS K 380 -60.78 18.17 -21.39
CA LYS K 380 -62.07 18.86 -21.39
C LYS K 380 -61.88 20.37 -21.54
N LEU K 381 -60.86 20.92 -20.88
CA LEU K 381 -60.57 22.37 -20.94
C LEU K 381 -59.57 22.74 -22.07
N GLY K 382 -59.12 21.76 -22.86
CA GLY K 382 -58.19 21.98 -23.96
C GLY K 382 -56.79 22.35 -23.53
N ILE K 383 -56.30 21.76 -22.42
CA ILE K 383 -54.94 22.05 -21.91
C ILE K 383 -53.94 21.16 -22.62
N GLY K 384 -52.97 21.79 -23.28
CA GLY K 384 -51.91 21.09 -23.97
C GLY K 384 -50.69 20.87 -23.11
N MET K 385 -49.70 20.22 -23.68
CA MET K 385 -48.45 19.89 -23.01
C MET K 385 -47.29 20.46 -23.77
N LEU K 386 -46.22 20.83 -23.06
CA LEU K 386 -44.99 21.30 -23.75
C LEU K 386 -44.25 20.08 -24.28
N PRO K 387 -43.47 20.19 -25.38
CA PRO K 387 -42.79 19.03 -25.98
C PRO K 387 -42.09 18.16 -24.93
N GLY K 388 -42.16 16.83 -25.09
CA GLY K 388 -41.51 15.92 -24.15
C GLY K 388 -40.05 15.63 -24.46
N THR K 389 -39.64 15.79 -25.73
CA THR K 389 -38.26 15.55 -26.17
C THR K 389 -37.76 16.73 -27.03
N LEU K 390 -36.45 16.80 -27.27
CA LEU K 390 -35.87 17.86 -28.10
C LEU K 390 -36.34 17.71 -29.55
N LYS K 391 -36.40 16.46 -30.05
CA LYS K 391 -36.88 16.18 -31.40
C LYS K 391 -38.32 16.63 -31.59
N GLU K 392 -39.15 16.46 -30.56
CA GLU K 392 -40.57 16.82 -30.61
C GLU K 392 -40.72 18.35 -30.71
N ALA K 393 -39.86 19.14 -30.00
CA ALA K 393 -39.90 20.61 -30.07
C ALA K 393 -39.33 21.12 -31.39
N ILE K 394 -38.26 20.47 -31.89
CA ILE K 394 -37.62 20.83 -33.15
C ILE K 394 -38.59 20.63 -34.32
N GLU K 395 -39.40 19.56 -34.29
CA GLU K 395 -40.39 19.31 -35.34
C GLU K 395 -41.46 20.42 -35.31
N CYS K 396 -41.87 20.86 -34.12
CA CYS K 396 -42.85 21.94 -33.98
C CYS K 396 -42.24 23.28 -34.43
N PHE K 397 -40.95 23.51 -34.14
CA PHE K 397 -40.25 24.73 -34.55
C PHE K 397 -40.08 24.80 -36.06
N LYS K 398 -39.80 23.66 -36.68
CA LYS K 398 -39.63 23.54 -38.13
C LYS K 398 -40.85 24.05 -38.88
N GLU K 399 -42.05 23.72 -38.36
CA GLU K 399 -43.32 24.08 -38.98
C GLU K 399 -43.79 25.51 -38.66
N ASP K 400 -43.24 26.15 -37.62
CA ASP K 400 -43.64 27.50 -37.26
C ASP K 400 -42.92 28.51 -38.19
N GLU K 401 -43.51 28.84 -39.35
CA GLU K 401 -42.84 29.77 -40.29
C GLU K 401 -42.67 31.19 -39.73
N LEU K 402 -43.46 31.63 -38.72
CA LEU K 402 -43.26 32.95 -38.13
C LEU K 402 -41.90 33.01 -37.43
N LEU K 403 -41.60 32.05 -36.54
CA LEU K 403 -40.33 32.03 -35.83
C LEU K 403 -39.15 31.79 -36.74
N VAL K 404 -39.33 30.99 -37.81
CA VAL K 404 -38.25 30.73 -38.76
C VAL K 404 -37.89 32.04 -39.49
N SER K 405 -38.90 32.84 -39.88
CA SER K 405 -38.67 34.11 -40.55
C SER K 405 -38.13 35.17 -39.58
N ALA K 406 -38.60 35.17 -38.32
CA ALA K 406 -38.15 36.13 -37.31
C ALA K 406 -36.69 35.91 -36.95
N LEU K 407 -36.27 34.64 -36.76
CA LEU K 407 -34.87 34.34 -36.45
C LEU K 407 -33.98 34.25 -37.69
N GLY K 408 -34.55 34.17 -38.88
CA GLY K 408 -33.80 34.07 -40.12
C GLY K 408 -33.55 32.62 -40.50
N GLU K 409 -33.46 32.35 -41.80
CA GLU K 409 -33.28 30.95 -42.26
C GLU K 409 -31.92 30.42 -41.79
N HIS K 410 -30.89 31.26 -41.78
CA HIS K 410 -29.56 30.82 -41.41
C HIS K 410 -29.51 30.32 -39.96
N VAL K 411 -30.05 31.11 -39.02
CA VAL K 411 -30.07 30.75 -37.59
C VAL K 411 -30.99 29.55 -37.35
N SER K 412 -32.17 29.55 -37.97
CA SER K 412 -33.13 28.46 -37.82
C SER K 412 -32.53 27.13 -38.29
N GLN K 413 -31.83 27.12 -39.43
CA GLN K 413 -31.22 25.90 -39.96
C GLN K 413 -30.10 25.43 -39.03
N SER K 414 -29.28 26.36 -38.50
CA SER K 414 -28.19 26.00 -37.60
C SER K 414 -28.73 25.35 -36.31
N ILE K 415 -29.83 25.89 -35.80
CA ILE K 415 -30.44 25.33 -34.56
C ILE K 415 -30.92 23.90 -34.85
N ILE K 416 -31.58 23.68 -35.99
CA ILE K 416 -32.11 22.37 -36.33
C ILE K 416 -30.98 21.37 -36.54
N ASN K 417 -29.91 21.79 -37.23
CA ASN K 417 -28.77 20.90 -37.47
C ASN K 417 -28.06 20.48 -36.18
N VAL K 418 -27.79 21.45 -35.29
CA VAL K 418 -27.11 21.14 -34.02
C VAL K 418 -27.99 20.23 -33.14
N ALA K 419 -29.29 20.55 -33.03
CA ALA K 419 -30.20 19.76 -32.21
C ALA K 419 -30.38 18.34 -32.73
N MET K 420 -30.48 18.21 -34.06
CA MET K 420 -30.70 16.87 -34.66
C MET K 420 -29.43 16.02 -34.50
N ALA K 421 -28.25 16.65 -34.62
CA ALA K 421 -26.99 15.93 -34.46
C ALA K 421 -26.89 15.38 -33.02
N ASP K 422 -27.29 16.19 -32.04
CA ASP K 422 -27.28 15.78 -30.63
C ASP K 422 -28.32 14.69 -30.38
N TRP K 423 -29.54 14.83 -30.94
CA TRP K 423 -30.60 13.86 -30.74
C TRP K 423 -30.27 12.52 -31.40
N ASP K 424 -29.74 12.52 -32.63
CA ASP K 424 -29.38 11.28 -33.31
C ASP K 424 -28.26 10.53 -32.55
N SER K 425 -27.38 11.26 -31.84
CA SER K 425 -26.32 10.63 -31.06
C SER K 425 -26.88 10.08 -29.73
N TYR K 426 -27.77 10.85 -29.09
CA TYR K 426 -28.39 10.47 -27.82
C TYR K 426 -29.32 9.26 -27.95
N ARG K 427 -30.17 9.23 -28.98
CA ARG K 427 -31.14 8.15 -29.17
C ARG K 427 -30.52 6.77 -29.39
N THR K 428 -29.36 6.71 -30.07
CA THR K 428 -28.70 5.43 -30.31
C THR K 428 -27.93 4.92 -29.09
N GLN K 429 -27.55 5.80 -28.15
CA GLN K 429 -26.78 5.42 -26.97
C GLN K 429 -27.49 4.45 -26.06
N VAL K 430 -26.71 3.56 -25.42
CA VAL K 430 -27.20 2.59 -24.45
C VAL K 430 -26.79 3.13 -23.08
N HIS K 431 -27.79 3.60 -22.33
CA HIS K 431 -27.51 4.25 -21.03
C HIS K 431 -27.41 3.23 -19.90
N GLN K 432 -26.79 3.64 -18.79
CA GLN K 432 -26.60 2.75 -17.64
C GLN K 432 -27.93 2.29 -17.06
N TRP K 433 -28.99 3.13 -17.13
CA TRP K 433 -30.32 2.77 -16.62
C TRP K 433 -30.82 1.46 -17.24
N GLU K 434 -30.53 1.26 -18.54
CA GLU K 434 -30.97 0.08 -19.27
C GLU K 434 -30.23 -1.16 -18.78
N LEU K 435 -28.92 -1.05 -18.53
CA LEU K 435 -28.15 -2.17 -17.99
C LEU K 435 -28.61 -2.48 -16.57
N ASP K 436 -28.86 -1.46 -15.74
CA ASP K 436 -29.33 -1.64 -14.38
C ASP K 436 -30.72 -2.30 -14.33
N ARG K 437 -31.56 -2.00 -15.33
CA ARG K 437 -32.93 -2.50 -15.40
C ARG K 437 -33.07 -3.90 -16.04
N TYR K 438 -32.23 -4.24 -17.03
CA TYR K 438 -32.40 -5.47 -17.80
C TYR K 438 -31.26 -6.49 -17.82
N LEU K 439 -29.99 -6.08 -17.66
CA LEU K 439 -28.86 -7.01 -17.77
C LEU K 439 -28.94 -8.24 -16.85
N GLN K 440 -29.32 -8.05 -15.59
CA GLN K 440 -29.31 -9.20 -14.64
C GLN K 440 -30.47 -10.16 -14.92
N THR K 441 -31.65 -9.62 -15.25
CA THR K 441 -32.84 -10.45 -15.48
C THR K 441 -32.88 -11.11 -16.86
N TYR K 442 -32.72 -10.32 -17.94
CA TYR K 442 -32.78 -10.86 -19.29
C TYR K 442 -31.47 -11.47 -19.72
N GLY L 2 -4.30 54.30 45.49
CA GLY L 2 -5.27 53.56 44.68
C GLY L 2 -5.59 52.19 45.24
N SER L 3 -6.89 51.88 45.44
CA SER L 3 -7.31 50.58 45.95
C SER L 3 -6.93 49.46 44.96
N LYS L 4 -7.02 48.19 45.37
CA LYS L 4 -6.70 47.08 44.47
C LYS L 4 -7.67 47.05 43.30
N GLU L 5 -8.97 47.36 43.52
CA GLU L 5 -9.95 47.36 42.43
C GLU L 5 -9.60 48.43 41.40
N ASP L 6 -9.07 49.60 41.85
CA ASP L 6 -8.61 50.69 40.99
C ASP L 6 -7.44 50.24 40.10
N GLU L 7 -6.39 49.63 40.70
CA GLU L 7 -5.24 49.17 39.91
C GLU L 7 -5.66 48.05 38.96
N ILE L 8 -6.68 47.22 39.31
CA ILE L 8 -7.13 46.17 38.39
C ILE L 8 -7.68 46.82 37.12
N PHE L 9 -8.61 47.78 37.26
CA PHE L 9 -9.20 48.46 36.10
C PHE L 9 -8.19 49.25 35.29
N ARG L 10 -7.10 49.74 35.92
CA ARG L 10 -6.01 50.44 35.24
C ARG L 10 -5.29 49.46 34.31
N ILE L 11 -4.98 48.25 34.81
CA ILE L 11 -4.30 47.22 34.02
C ILE L 11 -5.21 46.74 32.87
N VAL L 12 -6.54 46.70 33.10
CA VAL L 12 -7.53 46.30 32.09
C VAL L 12 -7.42 47.21 30.85
N GLU L 13 -7.47 48.52 31.05
CA GLU L 13 -7.43 49.42 29.87
C GLU L 13 -6.04 49.33 29.25
N GLU L 14 -5.00 49.38 30.09
CA GLU L 14 -3.63 49.37 29.59
C GLU L 14 -3.34 48.16 28.67
N LYS L 15 -3.67 46.94 29.12
CA LYS L 15 -3.42 45.74 28.33
C LYS L 15 -4.61 45.32 27.44
N ASN L 16 -5.68 46.11 27.43
CA ASN L 16 -6.84 45.78 26.55
C ASN L 16 -7.36 44.40 26.94
N VAL L 17 -7.65 44.19 28.22
CA VAL L 17 -8.13 42.90 28.71
C VAL L 17 -9.61 42.86 28.41
N ARG L 18 -10.05 41.88 27.61
CA ARG L 18 -11.45 41.74 27.24
C ARG L 18 -12.16 40.61 27.97
N PHE L 19 -11.44 39.60 28.49
CA PHE L 19 -12.05 38.46 29.19
C PHE L 19 -11.32 38.16 30.49
N VAL L 20 -12.06 37.71 31.53
CA VAL L 20 -11.49 37.39 32.83
C VAL L 20 -11.97 36.01 33.25
N ARG L 21 -11.06 35.21 33.78
CA ARG L 21 -11.34 33.85 34.23
C ARG L 21 -11.44 33.82 35.71
N LEU L 22 -12.60 33.43 36.22
CA LEU L 22 -12.80 33.34 37.65
C LEU L 22 -12.42 31.95 38.09
N GLN L 23 -11.12 31.76 38.39
CA GLN L 23 -10.58 30.47 38.77
C GLN L 23 -10.94 30.03 40.16
N PHE L 24 -11.04 28.74 40.35
CA PHE L 24 -11.23 28.10 41.65
C PHE L 24 -10.82 26.60 41.50
N VAL L 25 -10.81 25.82 42.59
CA VAL L 25 -10.42 24.41 42.51
C VAL L 25 -11.45 23.55 43.22
N ASP L 26 -11.62 22.32 42.73
CA ASP L 26 -12.50 21.36 43.37
C ASP L 26 -11.73 20.61 44.50
N VAL L 27 -12.36 19.65 45.21
CA VAL L 27 -11.69 18.95 46.30
C VAL L 27 -10.47 18.12 45.83
N GLN L 28 -10.37 17.80 44.52
CA GLN L 28 -9.28 17.02 43.97
C GLN L 28 -8.10 17.87 43.44
N GLY L 29 -8.14 19.19 43.62
CA GLY L 29 -7.06 20.06 43.14
C GLY L 29 -7.13 20.40 41.67
N ILE L 30 -8.25 20.06 40.97
CA ILE L 30 -8.40 20.32 39.55
C ILE L 30 -8.91 21.75 39.35
N PRO L 31 -8.26 22.57 38.50
CA PRO L 31 -8.75 23.93 38.31
C PRO L 31 -10.04 24.01 37.50
N LYS L 32 -10.98 24.80 38.01
CA LYS L 32 -12.28 25.08 37.40
C LYS L 32 -12.41 26.59 37.24
N ASN L 33 -13.24 27.07 36.31
CA ASN L 33 -13.38 28.50 36.08
C ASN L 33 -14.71 28.90 35.41
N VAL L 34 -14.99 30.20 35.41
CA VAL L 34 -16.13 30.82 34.74
C VAL L 34 -15.55 31.96 33.93
N ALA L 35 -15.75 31.93 32.61
CA ALA L 35 -15.24 32.99 31.75
C ALA L 35 -16.28 34.09 31.67
N ILE L 36 -15.90 35.34 31.99
CA ILE L 36 -16.82 36.47 31.92
C ILE L 36 -16.20 37.57 31.06
N PRO L 37 -16.99 38.32 30.29
CA PRO L 37 -16.42 39.47 29.58
C PRO L 37 -16.03 40.57 30.57
N VAL L 38 -15.09 41.42 30.18
CA VAL L 38 -14.60 42.55 30.99
C VAL L 38 -15.73 43.45 31.53
N GLY L 39 -16.84 43.55 30.81
CA GLY L 39 -17.98 44.35 31.24
C GLY L 39 -18.57 43.88 32.56
N GLN L 40 -18.47 42.57 32.84
CA GLN L 40 -18.96 41.96 34.09
C GLN L 40 -17.92 41.97 35.22
N LEU L 41 -16.72 42.51 35.00
CA LEU L 41 -15.64 42.52 35.99
C LEU L 41 -16.00 43.38 37.21
N GLU L 42 -16.73 44.48 37.02
CA GLU L 42 -17.19 45.33 38.13
C GLU L 42 -18.19 44.55 38.99
N LYS L 43 -19.06 43.75 38.37
CA LYS L 43 -20.04 42.93 39.09
C LYS L 43 -19.33 41.82 39.87
N ALA L 44 -18.26 41.23 39.31
CA ALA L 44 -17.53 40.16 39.97
C ALA L 44 -16.82 40.68 41.24
N LEU L 45 -16.13 41.82 41.15
CA LEU L 45 -15.45 42.40 42.31
C LEU L 45 -16.41 43.00 43.36
N GLY L 46 -17.66 43.29 42.96
CA GLY L 46 -18.68 43.83 43.86
C GLY L 46 -19.53 42.74 44.46
N PRO L 47 -20.78 42.52 43.97
CA PRO L 47 -21.66 41.51 44.58
C PRO L 47 -21.21 40.07 44.29
N GLY L 48 -20.42 39.86 43.24
CA GLY L 48 -19.96 38.53 42.85
C GLY L 48 -20.78 37.89 41.75
N ILE L 49 -20.25 36.80 41.17
CA ILE L 49 -20.92 36.07 40.08
C ILE L 49 -21.49 34.76 40.62
N HIS L 50 -22.76 34.47 40.30
CA HIS L 50 -23.41 33.24 40.76
C HIS L 50 -23.11 32.06 39.84
N PHE L 51 -23.09 30.86 40.39
CA PHE L 51 -22.82 29.62 39.64
C PHE L 51 -23.35 28.39 40.41
N ASP L 52 -23.41 27.23 39.75
CA ASP L 52 -23.85 25.98 40.38
C ASP L 52 -22.63 25.26 40.97
N GLY L 53 -22.59 25.17 42.29
CA GLY L 53 -21.47 24.57 43.04
C GLY L 53 -21.43 23.06 43.16
N SER L 54 -22.14 22.33 42.29
CA SER L 54 -22.05 20.86 42.29
C SER L 54 -20.65 20.39 41.79
N SER L 55 -19.98 21.22 40.96
CA SER L 55 -18.64 20.97 40.41
C SER L 55 -17.54 21.05 41.48
N ILE L 56 -17.77 21.76 42.59
CA ILE L 56 -16.76 21.91 43.66
C ILE L 56 -16.48 20.53 44.29
N GLU L 57 -17.54 19.72 44.49
CA GLU L 57 -17.43 18.39 45.07
C GLU L 57 -17.01 17.30 44.05
N GLY L 58 -16.99 17.62 42.75
CA GLY L 58 -16.63 16.71 41.68
C GLY L 58 -17.78 16.47 40.74
N SER L 65 -27.32 24.21 45.45
CA SER L 65 -26.68 24.42 44.17
C SER L 65 -26.14 25.86 43.99
N ASP L 66 -26.94 26.90 44.31
CA ASP L 66 -26.52 28.28 44.07
C ASP L 66 -25.42 28.72 45.01
N MET L 67 -24.36 29.27 44.42
CA MET L 67 -23.22 29.81 45.21
C MET L 67 -22.70 31.08 44.53
N VAL L 68 -21.72 31.75 45.14
CA VAL L 68 -21.15 32.99 44.62
C VAL L 68 -19.62 32.88 44.55
N LEU L 69 -19.03 33.48 43.51
CA LEU L 69 -17.58 33.53 43.34
C LEU L 69 -17.11 34.87 43.85
N ARG L 70 -16.16 34.86 44.79
CA ARG L 70 -15.63 36.07 45.39
C ARG L 70 -14.16 36.22 45.01
N PRO L 71 -13.87 36.99 43.94
CA PRO L 71 -12.48 37.12 43.51
C PRO L 71 -11.56 37.76 44.54
N ASP L 72 -10.32 37.26 44.65
CA ASP L 72 -9.30 37.81 45.54
C ASP L 72 -8.58 38.89 44.71
N PRO L 73 -8.73 40.19 44.99
CA PRO L 73 -8.06 41.20 44.16
C PRO L 73 -6.54 41.08 44.07
N ASP L 74 -5.88 40.51 45.09
CA ASP L 74 -4.43 40.32 45.09
C ASP L 74 -3.95 39.31 44.03
N THR L 75 -4.84 38.45 43.54
CA THR L 75 -4.51 37.40 42.57
C THR L 75 -4.82 37.77 41.12
N PHE L 76 -5.13 39.05 40.82
CA PHE L 76 -5.41 39.47 39.45
C PHE L 76 -4.13 39.44 38.63
N ARG L 77 -4.09 38.60 37.58
CA ARG L 77 -2.92 38.48 36.72
C ARG L 77 -3.33 38.38 35.27
N VAL L 78 -2.59 39.05 34.38
CA VAL L 78 -2.86 38.98 32.94
C VAL L 78 -2.16 37.74 32.41
N LEU L 79 -2.86 36.91 31.63
CA LEU L 79 -2.29 35.70 31.07
C LEU L 79 -1.30 36.11 29.96
N PRO L 80 0.03 35.87 30.10
CA PRO L 80 0.97 36.35 29.07
C PRO L 80 0.74 35.86 27.64
N TRP L 81 -0.02 34.77 27.42
CA TRP L 81 -0.32 34.33 26.05
C TRP L 81 -1.44 35.22 25.50
N SER L 82 -1.08 36.24 24.70
CA SER L 82 -2.08 37.18 24.17
C SER L 82 -3.11 36.47 23.30
N GLY L 83 -4.38 36.85 23.49
CA GLY L 83 -5.49 36.28 22.73
C GLY L 83 -5.54 36.74 21.29
N ASN L 84 -6.69 36.58 20.66
CA ASN L 84 -6.88 36.93 19.26
C ASN L 84 -7.03 38.43 19.04
N GLU L 85 -6.23 38.96 18.09
CA GLU L 85 -6.24 40.36 17.66
C GLU L 85 -5.93 41.36 18.78
N GLY L 86 -4.83 41.16 19.48
CA GLY L 86 -4.40 42.05 20.56
C GLY L 86 -5.25 42.03 21.82
N THR L 87 -6.36 41.26 21.85
CA THR L 87 -7.22 41.19 23.02
C THR L 87 -6.61 40.25 24.04
N ALA L 88 -6.30 40.76 25.24
CA ALA L 88 -5.68 39.99 26.30
C ALA L 88 -6.72 39.38 27.26
N GLU L 89 -6.32 38.34 28.02
CA GLU L 89 -7.15 37.68 29.02
C GLU L 89 -6.51 37.84 30.39
N ALA L 90 -7.32 37.80 31.43
CA ALA L 90 -6.86 37.90 32.82
C ALA L 90 -7.52 36.82 33.69
N ARG L 91 -6.94 36.56 34.88
CA ARG L 91 -7.46 35.57 35.80
C ARG L 91 -7.63 36.16 37.20
N LEU L 92 -8.49 35.51 37.99
CA LEU L 92 -8.72 35.89 39.37
C LEU L 92 -9.04 34.64 40.16
N ILE L 93 -8.22 34.32 41.18
CA ILE L 93 -8.50 33.18 42.03
C ILE L 93 -9.65 33.61 42.94
N CYS L 94 -10.66 32.77 43.03
CA CYS L 94 -11.88 33.08 43.76
C CYS L 94 -12.08 32.17 44.95
N ASP L 95 -12.70 32.75 45.98
CA ASP L 95 -13.14 32.04 47.16
C ASP L 95 -14.64 31.81 46.95
N ILE L 96 -15.16 30.70 47.46
CA ILE L 96 -16.56 30.36 47.27
C ILE L 96 -17.35 30.77 48.50
N GLU L 97 -18.47 31.47 48.29
CA GLU L 97 -19.34 31.94 49.34
C GLU L 97 -20.77 31.49 49.06
N LEU L 98 -21.54 31.32 50.13
CA LEU L 98 -22.96 30.95 49.99
C LEU L 98 -23.78 32.21 49.61
N PRO L 99 -25.01 32.07 49.07
CA PRO L 99 -25.77 33.28 48.68
C PRO L 99 -25.92 34.36 49.74
N ASP L 100 -25.96 33.99 51.03
CA ASP L 100 -26.09 34.98 52.11
C ASP L 100 -24.82 35.80 52.37
N GLY L 101 -23.64 35.22 52.14
CA GLY L 101 -22.37 35.90 52.36
C GLY L 101 -21.35 35.12 53.19
N LYS L 102 -21.79 34.07 53.90
CA LYS L 102 -20.86 33.27 54.69
C LYS L 102 -19.96 32.42 53.80
N PRO L 103 -18.72 32.13 54.23
CA PRO L 103 -17.86 31.27 53.40
C PRO L 103 -18.29 29.80 53.32
N PHE L 104 -18.13 29.18 52.14
CA PHE L 104 -18.47 27.77 51.96
C PHE L 104 -17.36 26.90 52.55
N MET L 105 -17.69 26.09 53.59
CA MET L 105 -16.72 25.22 54.25
C MET L 105 -16.24 24.02 53.40
N GLY L 106 -16.84 23.80 52.22
CA GLY L 106 -16.40 22.78 51.27
C GLY L 106 -15.33 23.27 50.30
N CYS L 107 -15.07 24.59 50.24
CA CYS L 107 -14.05 25.15 49.35
C CYS L 107 -12.65 24.82 49.88
N PRO L 108 -11.78 24.15 49.10
CA PRO L 108 -10.43 23.85 49.61
C PRO L 108 -9.59 25.06 50.01
N ARG L 109 -9.70 26.18 49.28
CA ARG L 109 -8.94 27.38 49.60
C ARG L 109 -9.40 27.95 50.94
N GLN L 110 -10.71 27.90 51.23
CA GLN L 110 -11.25 28.38 52.51
C GLN L 110 -10.78 27.51 53.69
N VAL L 111 -10.58 26.20 53.45
CA VAL L 111 -10.11 25.26 54.46
C VAL L 111 -8.70 25.65 54.92
N LEU L 112 -7.79 25.92 53.95
CA LEU L 112 -6.43 26.32 54.30
C LEU L 112 -6.46 27.67 55.02
N LYS L 113 -7.29 28.63 54.53
CA LYS L 113 -7.46 29.94 55.19
C LYS L 113 -7.90 29.75 56.65
N LYS L 114 -8.84 28.83 56.91
CA LYS L 114 -9.32 28.53 58.26
C LYS L 114 -8.18 28.02 59.16
N ASN L 115 -7.44 27.00 58.69
CA ASN L 115 -6.34 26.42 59.45
C ASN L 115 -5.20 27.42 59.68
N MET L 116 -4.97 28.35 58.74
CA MET L 116 -3.94 29.38 58.90
C MET L 116 -4.38 30.41 59.94
N GLU L 117 -5.69 30.75 59.99
CA GLU L 117 -6.22 31.69 60.98
C GLU L 117 -6.08 31.12 62.39
N GLU L 118 -6.34 29.82 62.55
CA GLU L 118 -6.20 29.15 63.85
C GLU L 118 -4.73 29.10 64.29
N ALA L 119 -3.80 28.98 63.34
CA ALA L 119 -2.37 29.00 63.62
C ALA L 119 -1.95 30.41 64.03
N ALA L 120 -2.44 31.45 63.33
CA ALA L 120 -2.10 32.84 63.66
C ALA L 120 -2.64 33.26 65.03
N LYS L 121 -3.67 32.56 65.57
CA LYS L 121 -4.17 32.83 66.92
C LYS L 121 -3.07 32.51 67.94
N LEU L 122 -2.26 31.47 67.69
CA LEU L 122 -1.13 31.10 68.53
C LEU L 122 0.20 31.79 68.07
N GLY L 123 0.12 32.84 67.26
CA GLY L 123 1.29 33.56 66.75
C GLY L 123 2.12 32.82 65.73
N TYR L 124 1.58 31.73 65.14
CA TYR L 124 2.30 30.92 64.15
C TYR L 124 1.86 31.20 62.72
N VAL L 125 2.81 31.18 61.76
CA VAL L 125 2.56 31.33 60.33
C VAL L 125 3.44 30.29 59.63
N MET L 126 2.83 29.43 58.79
CA MET L 126 3.57 28.37 58.11
C MET L 126 4.03 28.83 56.74
N ASN L 127 5.31 28.58 56.45
CA ASN L 127 5.92 28.90 55.17
C ASN L 127 6.27 27.59 54.47
N THR L 128 5.89 27.49 53.19
CA THR L 128 6.10 26.29 52.38
C THR L 128 6.85 26.64 51.09
N GLY L 129 7.76 25.75 50.69
CA GLY L 129 8.57 25.88 49.48
C GLY L 129 8.67 24.53 48.80
N PRO L 130 7.74 24.21 47.87
CA PRO L 130 7.73 22.88 47.25
C PRO L 130 8.67 22.69 46.06
N GLU L 131 9.13 21.44 45.89
CA GLU L 131 9.98 21.01 44.79
C GLU L 131 9.03 20.26 43.88
N MET L 132 8.63 20.89 42.76
CA MET L 132 7.64 20.32 41.86
C MET L 132 8.23 19.49 40.72
N GLU L 133 8.09 18.16 40.80
CA GLU L 133 8.55 17.25 39.77
C GLU L 133 7.39 16.96 38.80
N PHE L 134 7.71 16.79 37.52
CA PHE L 134 6.69 16.51 36.51
C PHE L 134 7.32 15.86 35.27
N PHE L 135 6.50 15.30 34.39
CA PHE L 135 6.96 14.67 33.16
C PHE L 135 6.45 15.42 31.95
N LEU L 136 7.22 15.37 30.85
CA LEU L 136 6.83 15.96 29.58
C LEU L 136 6.80 14.83 28.57
N PHE L 137 5.58 14.44 28.18
CA PHE L 137 5.34 13.34 27.28
C PHE L 137 4.92 13.79 25.89
N LYS L 138 5.05 12.89 24.93
CA LYS L 138 4.68 13.16 23.55
C LYS L 138 3.17 12.91 23.39
N ARG L 139 2.60 13.39 22.28
CA ARG L 139 1.18 13.20 21.96
C ARG L 139 1.13 12.44 20.62
N GLN L 140 0.25 11.44 20.52
CA GLN L 140 0.12 10.64 19.30
C GLN L 140 -1.32 10.71 18.81
N ASP L 141 -1.53 11.36 17.65
CA ASP L 141 -2.85 11.55 17.04
C ASP L 141 -3.76 12.40 17.96
N GLY L 142 -3.20 13.46 18.52
CA GLY L 142 -3.93 14.37 19.38
C GLY L 142 -4.17 13.93 20.82
N MET L 143 -3.88 12.67 21.17
CA MET L 143 -4.09 12.20 22.54
C MET L 143 -2.75 12.03 23.28
N PRO L 144 -2.72 12.34 24.59
CA PRO L 144 -1.46 12.23 25.34
C PRO L 144 -1.02 10.80 25.53
N THR L 145 0.30 10.60 25.69
CA THR L 145 0.91 9.28 25.87
C THR L 145 1.82 9.35 27.14
N ASN L 146 2.49 8.25 27.50
CA ASN L 146 3.46 8.21 28.59
C ASN L 146 4.88 7.97 28.00
N ILE L 147 5.13 8.41 26.74
CA ILE L 147 6.42 8.24 26.09
C ILE L 147 7.24 9.50 26.36
N PRO L 148 8.39 9.41 27.06
CA PRO L 148 9.20 10.59 27.38
C PRO L 148 9.58 11.38 26.10
N GLN L 149 9.48 12.70 26.15
CA GLN L 149 9.84 13.54 24.98
C GLN L 149 11.36 13.52 24.81
N ASP L 150 12.10 13.53 25.90
CA ASP L 150 13.58 13.59 25.82
C ASP L 150 14.20 12.31 26.38
N ARG L 151 15.48 12.07 26.12
CA ARG L 151 16.15 10.90 26.67
C ARG L 151 17.24 11.35 27.62
N GLY L 152 16.83 12.10 28.62
CA GLY L 152 17.74 12.67 29.60
C GLY L 152 17.69 12.08 30.99
N GLY L 153 18.69 12.42 31.78
CA GLY L 153 18.87 11.95 33.15
C GLY L 153 19.04 13.07 34.16
N TYR L 154 19.70 12.77 35.28
CA TYR L 154 19.84 13.72 36.39
C TYR L 154 20.73 14.93 36.06
N PHE L 155 20.18 16.15 36.24
CA PHE L 155 20.85 17.43 35.96
C PHE L 155 21.45 17.49 34.55
N ASP L 156 20.90 16.73 33.58
CA ASP L 156 21.45 16.72 32.23
C ASP L 156 21.23 18.03 31.50
N LEU L 157 22.13 18.27 30.54
CA LEU L 157 22.08 19.53 29.75
C LEU L 157 21.82 19.19 28.29
N ALA L 158 21.38 20.17 27.51
CA ALA L 158 21.07 20.01 26.08
C ALA L 158 22.32 19.62 25.28
N PRO L 159 22.20 18.88 24.16
CA PRO L 159 20.97 18.36 23.55
C PRO L 159 20.37 17.12 24.19
N ILE L 160 20.90 16.67 25.34
CA ILE L 160 20.33 15.51 26.02
C ILE L 160 18.95 15.91 26.59
N ASP L 161 18.86 17.12 27.17
CA ASP L 161 17.61 17.69 27.66
C ASP L 161 16.99 18.51 26.51
N LEU L 162 15.97 17.97 25.83
CA LEU L 162 15.30 18.66 24.72
C LEU L 162 14.21 19.65 25.20
N ALA L 163 13.80 19.57 26.47
CA ALA L 163 12.77 20.46 27.00
C ALA L 163 13.33 21.73 27.64
N GLU L 164 14.53 22.16 27.23
CA GLU L 164 15.09 23.43 27.77
C GLU L 164 14.24 24.60 27.28
N GLU L 165 13.84 24.59 26.01
CA GLU L 165 13.01 25.67 25.42
C GLU L 165 11.69 25.88 26.16
N ILE L 166 11.00 24.80 26.52
CA ILE L 166 9.68 24.87 27.16
C ILE L 166 9.83 25.20 28.65
N LYS L 167 10.84 24.64 29.33
CA LYS L 167 11.09 24.97 30.73
C LYS L 167 11.46 26.44 30.89
N ARG L 168 12.24 26.98 29.94
CA ARG L 168 12.63 28.39 29.93
C ARG L 168 11.37 29.26 29.80
N GLU L 169 10.42 28.85 28.94
CA GLU L 169 9.16 29.58 28.77
C GLU L 169 8.30 29.47 30.04
N ILE L 170 8.23 28.30 30.69
CA ILE L 170 7.45 28.12 31.92
C ILE L 170 7.91 29.10 32.99
N VAL L 171 9.22 29.13 33.28
CA VAL L 171 9.77 30.01 34.30
C VAL L 171 9.55 31.49 33.94
N LEU L 172 9.66 31.84 32.66
CA LEU L 172 9.47 33.21 32.20
C LEU L 172 8.01 33.66 32.39
N VAL L 173 7.06 32.79 31.99
CA VAL L 173 5.62 33.06 32.11
C VAL L 173 5.25 33.20 33.60
N LEU L 174 5.87 32.39 34.48
CA LEU L 174 5.60 32.47 35.90
C LEU L 174 6.11 33.78 36.48
N GLU L 175 7.35 34.18 36.14
CA GLU L 175 7.90 35.45 36.62
C GLU L 175 7.02 36.64 36.14
N GLU L 176 6.37 36.50 34.99
CA GLU L 176 5.44 37.50 34.46
C GLU L 176 4.11 37.54 35.26
N MET L 177 3.95 36.71 36.31
CA MET L 177 2.77 36.63 37.17
C MET L 177 3.19 36.79 38.65
N GLY L 178 4.22 37.61 38.94
CA GLY L 178 4.70 37.85 40.30
C GLY L 178 5.07 36.59 41.04
N PHE L 179 5.82 35.70 40.38
CA PHE L 179 6.17 34.39 40.99
C PHE L 179 7.59 34.01 40.59
N GLU L 180 8.57 34.40 41.41
CA GLU L 180 9.96 34.07 41.14
C GLU L 180 10.25 32.63 41.57
N VAL L 181 11.17 31.99 40.85
CA VAL L 181 11.53 30.58 41.01
C VAL L 181 12.99 30.45 41.46
N GLU L 182 13.31 29.46 42.32
CA GLU L 182 14.68 29.26 42.82
C GLU L 182 15.59 28.71 41.70
N ALA L 183 15.25 27.52 41.17
CA ALA L 183 16.04 26.81 40.16
C ALA L 183 15.20 25.71 39.48
N ALA L 184 15.62 25.30 38.28
CA ALA L 184 14.98 24.25 37.51
C ALA L 184 16.05 23.32 36.95
N HIS L 185 15.73 22.02 36.83
CA HIS L 185 16.70 21.05 36.33
C HIS L 185 16.01 19.78 35.83
N HIS L 186 16.72 18.98 35.03
CA HIS L 186 16.23 17.70 34.55
C HIS L 186 16.35 16.71 35.71
N GLU L 187 15.35 15.85 35.90
CA GLU L 187 15.35 14.87 36.99
C GLU L 187 15.91 13.49 36.53
N VAL L 188 15.95 12.48 37.41
CA VAL L 188 16.52 11.17 37.09
C VAL L 188 15.85 10.46 35.88
N ALA L 189 14.51 10.40 35.90
CA ALA L 189 13.77 9.66 34.86
C ALA L 189 13.88 10.30 33.48
N PHE L 190 13.47 9.57 32.44
CA PHE L 190 13.49 10.12 31.07
C PHE L 190 12.30 11.06 30.90
N GLY L 191 12.58 12.29 30.45
CA GLY L 191 11.53 13.29 30.29
C GLY L 191 11.01 13.89 31.57
N GLN L 192 11.68 13.64 32.71
CA GLN L 192 11.25 14.19 33.99
C GLN L 192 12.01 15.47 34.28
N HIS L 193 11.34 16.44 34.90
CA HIS L 193 11.91 17.73 35.24
C HIS L 193 11.45 18.19 36.63
N GLU L 194 12.14 19.19 37.20
CA GLU L 194 11.79 19.71 38.51
C GLU L 194 11.97 21.23 38.51
N ILE L 195 11.01 21.94 39.09
CA ILE L 195 11.03 23.39 39.21
C ILE L 195 10.81 23.70 40.68
N ASP L 196 11.89 24.11 41.39
CA ASP L 196 11.85 24.42 42.82
C ASP L 196 11.35 25.84 43.03
N PHE L 197 10.62 26.03 44.13
CA PHE L 197 10.00 27.35 44.38
C PHE L 197 10.57 28.04 45.62
N LYS L 198 10.56 29.37 45.60
CA LYS L 198 11.00 30.14 46.78
C LYS L 198 9.89 30.06 47.83
N TYR L 199 10.24 29.87 49.09
CA TYR L 199 9.25 29.71 50.14
C TYR L 199 8.35 30.96 50.28
N ASP L 200 7.12 30.74 50.75
CA ASP L 200 6.11 31.78 50.97
C ASP L 200 5.01 31.21 51.90
N ASN L 201 4.07 32.06 52.39
CA ASN L 201 2.97 31.57 53.24
C ASN L 201 2.17 30.47 52.51
N ALA L 202 1.60 29.52 53.28
CA ALA L 202 0.89 28.39 52.71
C ALA L 202 -0.16 28.74 51.65
N LEU L 203 -0.89 29.86 51.80
CA LEU L 203 -1.92 30.26 50.84
C LEU L 203 -1.33 30.72 49.52
N ALA L 204 -0.34 31.63 49.54
CA ALA L 204 0.30 32.11 48.31
C ALA L 204 0.97 30.95 47.58
N THR L 205 1.61 30.04 48.34
CA THR L 205 2.26 28.88 47.75
C THR L 205 1.25 27.96 47.06
N ALA L 206 0.11 27.68 47.71
CA ALA L 206 -0.90 26.80 47.09
C ALA L 206 -1.49 27.44 45.84
N ASP L 207 -1.71 28.76 45.83
CA ASP L 207 -2.16 29.48 44.64
C ASP L 207 -1.13 29.34 43.51
N ASN L 208 0.15 29.45 43.87
CA ASN L 208 1.28 29.34 42.95
C ASN L 208 1.42 27.92 42.40
N VAL L 209 1.15 26.89 43.21
CA VAL L 209 1.20 25.48 42.78
C VAL L 209 0.17 25.25 41.69
N ILE L 210 -1.07 25.73 41.89
CA ILE L 210 -2.15 25.57 40.92
C ILE L 210 -1.79 26.28 39.62
N THR L 211 -1.22 27.50 39.74
CA THR L 211 -0.81 28.27 38.57
C THR L 211 0.28 27.52 37.79
N LEU L 212 1.27 26.95 38.51
CA LEU L 212 2.37 26.17 37.90
C LEU L 212 1.81 25.05 37.01
N LYS L 213 0.89 24.24 37.54
CA LYS L 213 0.31 23.12 36.81
C LYS L 213 -0.45 23.59 35.57
N TYR L 214 -1.24 24.66 35.72
CA TYR L 214 -2.01 25.25 34.62
C TYR L 214 -1.07 25.76 33.51
N VAL L 215 -0.05 26.55 33.87
CA VAL L 215 0.92 27.11 32.94
C VAL L 215 1.71 26.00 32.22
N ALA L 216 2.24 25.03 32.96
CA ALA L 216 3.04 23.95 32.36
C ALA L 216 2.21 23.14 31.35
N LYS L 217 0.98 22.76 31.70
CA LYS L 217 0.11 21.99 30.81
C LYS L 217 -0.31 22.80 29.58
N THR L 218 -0.51 24.12 29.74
CA THR L 218 -0.90 24.99 28.63
C THR L 218 0.27 25.14 27.64
N LEU L 219 1.48 25.46 28.13
CA LEU L 219 2.64 25.63 27.27
C LEU L 219 3.09 24.32 26.64
N ALA L 220 2.86 23.17 27.32
CA ALA L 220 3.22 21.87 26.74
C ALA L 220 2.35 21.61 25.52
N LEU L 221 1.03 21.90 25.60
CA LEU L 221 0.13 21.70 24.47
C LEU L 221 0.54 22.59 23.30
N GLN L 222 0.99 23.83 23.57
CA GLN L 222 1.45 24.73 22.51
C GLN L 222 2.61 24.13 21.70
N HIS L 223 3.46 23.30 22.33
CA HIS L 223 4.58 22.64 21.66
C HIS L 223 4.27 21.18 21.23
N GLY L 224 2.99 20.79 21.20
CA GLY L 224 2.60 19.44 20.82
C GLY L 224 2.98 18.37 21.82
N LEU L 225 3.14 18.78 23.09
CA LEU L 225 3.53 17.83 24.17
C LEU L 225 2.46 17.83 25.27
N HIS L 226 2.65 17.01 26.31
CA HIS L 226 1.71 16.89 27.41
C HIS L 226 2.48 16.84 28.73
N ALA L 227 2.30 17.86 29.57
CA ALA L 227 2.92 17.88 30.88
C ALA L 227 1.97 17.21 31.86
N THR L 228 2.50 16.35 32.73
CA THR L 228 1.69 15.67 33.71
C THR L 228 2.37 15.66 35.07
N PHE L 229 1.56 15.84 36.10
CA PHE L 229 1.97 15.79 37.49
C PHE L 229 1.46 14.47 38.13
N MET L 230 1.29 13.43 37.31
CA MET L 230 0.83 12.12 37.83
C MET L 230 1.96 11.51 38.65
N PRO L 231 1.70 10.84 39.81
CA PRO L 231 2.79 10.34 40.66
C PRO L 231 3.69 9.28 40.01
N LYS L 232 3.13 8.33 39.26
CA LYS L 232 3.89 7.24 38.64
C LYS L 232 3.34 6.93 37.26
N PRO L 233 3.63 7.77 36.25
CA PRO L 233 3.15 7.50 34.89
C PRO L 233 3.84 6.34 34.18
N ILE L 234 5.06 5.98 34.59
CA ILE L 234 5.81 4.89 33.96
C ILE L 234 6.31 3.95 35.03
N PHE L 235 6.14 2.64 34.80
CA PHE L 235 6.62 1.61 35.72
C PHE L 235 8.12 1.39 35.47
N GLY L 236 8.87 1.12 36.55
CA GLY L 236 10.30 0.83 36.45
C GLY L 236 11.21 2.03 36.44
N VAL L 237 10.59 3.21 36.44
CA VAL L 237 11.38 4.48 36.45
C VAL L 237 10.91 5.33 37.63
N ASN L 238 11.69 6.35 37.97
CA ASN L 238 11.37 7.28 39.09
C ASN L 238 9.99 7.90 38.91
N GLY L 239 9.34 8.22 40.03
CA GLY L 239 8.04 8.86 40.05
C GLY L 239 8.12 10.30 40.49
N SER L 240 7.16 11.13 40.07
CA SER L 240 7.14 12.54 40.43
C SER L 240 6.67 12.75 41.86
N GLY L 241 7.45 13.51 42.62
CA GLY L 241 7.18 13.85 44.00
C GLY L 241 7.05 15.36 44.21
N MET L 242 6.44 15.76 45.32
CA MET L 242 6.31 17.17 45.71
C MET L 242 6.91 17.29 47.10
N HIS L 243 8.24 17.42 47.18
CA HIS L 243 8.92 17.54 48.46
C HIS L 243 8.62 18.94 48.98
N THR L 244 7.99 19.02 50.16
CA THR L 244 7.55 20.29 50.74
C THR L 244 8.45 20.78 51.87
N ASN L 245 9.25 21.83 51.60
CA ASN L 245 10.09 22.45 52.62
C ASN L 245 9.15 23.25 53.50
N THR L 246 9.12 22.98 54.81
CA THR L 246 8.20 23.61 55.74
C THR L 246 8.94 24.18 56.94
N SER L 247 8.53 25.39 57.35
CA SER L 247 9.07 26.07 58.53
C SER L 247 7.93 26.84 59.19
N LEU L 248 8.03 27.01 60.50
CA LEU L 248 7.02 27.74 61.27
C LEU L 248 7.66 29.01 61.81
N PHE L 249 6.94 30.13 61.71
CA PHE L 249 7.45 31.43 62.13
C PHE L 249 6.61 31.98 63.26
N LYS L 250 7.22 32.15 64.44
CA LYS L 250 6.56 32.76 65.60
C LYS L 250 7.40 33.93 66.06
N ASP L 251 6.74 35.06 66.34
CA ASP L 251 7.35 36.28 66.82
C ASP L 251 8.37 36.92 65.83
N GLY L 252 8.11 36.79 64.53
CA GLY L 252 8.97 37.40 63.52
C GLY L 252 10.21 36.62 63.17
N LYS L 253 10.59 35.62 63.99
CA LYS L 253 11.76 34.78 63.75
C LYS L 253 11.33 33.32 63.49
N ASN L 254 12.30 32.47 63.14
CA ASN L 254 12.06 31.07 62.86
C ASN L 254 11.80 30.36 64.19
N ALA L 255 10.57 29.82 64.39
CA ALA L 255 10.28 29.04 65.59
C ALA L 255 11.05 27.71 65.64
N PHE L 256 11.74 27.35 64.55
CA PHE L 256 12.45 26.05 64.49
C PHE L 256 13.92 26.21 64.90
N TYR L 257 14.41 27.43 65.05
CA TYR L 257 15.82 27.66 65.38
C TYR L 257 16.02 27.96 66.87
N ASP L 258 16.98 27.26 67.50
CA ASP L 258 17.36 27.47 68.89
C ASP L 258 18.88 27.29 68.95
N PRO L 259 19.68 28.38 68.99
CA PRO L 259 21.15 28.21 68.98
C PRO L 259 21.75 27.44 70.16
N ASP L 260 21.05 27.40 71.30
CA ASP L 260 21.53 26.73 72.51
C ASP L 260 21.19 25.24 72.54
N ALA L 261 20.12 24.81 71.83
CA ALA L 261 19.70 23.41 71.83
C ALA L 261 20.63 22.51 71.00
N PRO L 262 20.67 21.18 71.25
CA PRO L 262 21.55 20.32 70.44
C PRO L 262 21.19 20.32 68.96
N ASP L 263 22.19 20.30 68.08
CA ASP L 263 21.99 20.36 66.62
C ASP L 263 21.36 21.70 66.16
N GLN L 264 21.19 22.68 67.08
CA GLN L 264 20.58 23.98 66.80
C GLN L 264 19.12 23.89 66.32
N ILE L 265 18.43 22.80 66.69
CA ILE L 265 17.02 22.61 66.35
C ILE L 265 16.19 22.92 67.61
N SER L 266 15.15 23.73 67.49
CA SER L 266 14.30 24.07 68.63
C SER L 266 13.38 22.91 69.01
N ASP L 267 12.79 22.96 70.21
CA ASP L 267 11.84 21.94 70.65
C ASP L 267 10.61 21.97 69.74
N THR L 268 10.18 23.17 69.29
CA THR L 268 9.05 23.34 68.38
C THR L 268 9.21 22.48 67.11
N LEU L 269 10.44 22.36 66.56
CA LEU L 269 10.66 21.53 65.38
C LEU L 269 10.39 20.08 65.72
N ARG L 270 10.99 19.58 66.81
CA ARG L 270 10.83 18.19 67.25
C ARG L 270 9.35 17.85 67.48
N TYR L 271 8.60 18.75 68.15
CA TYR L 271 7.19 18.51 68.40
C TYR L 271 6.39 18.56 67.10
N PHE L 272 6.69 19.51 66.20
CA PHE L 272 5.99 19.60 64.90
C PHE L 272 6.21 18.32 64.10
N VAL L 273 7.47 17.82 64.06
CA VAL L 273 7.82 16.58 63.37
C VAL L 273 7.07 15.40 64.01
N GLY L 274 7.03 15.36 65.33
CA GLY L 274 6.32 14.32 66.07
C GLY L 274 4.83 14.27 65.74
N GLY L 275 4.24 15.44 65.58
CA GLY L 275 2.82 15.55 65.23
C GLY L 275 2.54 15.09 63.81
N VAL L 276 3.37 15.51 62.84
CA VAL L 276 3.21 15.12 61.44
C VAL L 276 3.37 13.60 61.31
N LEU L 277 4.40 13.02 61.96
CA LEU L 277 4.64 11.58 61.90
C LEU L 277 3.55 10.76 62.61
N LYS L 278 2.84 11.36 63.58
CA LYS L 278 1.78 10.66 64.29
C LYS L 278 0.59 10.46 63.36
N HIS L 279 0.24 11.48 62.56
CA HIS L 279 -0.89 11.45 61.64
C HIS L 279 -0.46 11.23 60.18
N ILE L 280 0.79 10.83 59.91
CA ILE L 280 1.26 10.69 58.52
C ILE L 280 0.50 9.66 57.71
N ARG L 281 0.07 8.57 58.34
CA ARG L 281 -0.72 7.55 57.64
C ARG L 281 -2.04 8.13 57.12
N ALA L 282 -2.65 9.02 57.90
CA ALA L 282 -3.88 9.70 57.52
C ALA L 282 -3.63 10.83 56.52
N ILE L 283 -2.53 11.58 56.69
CA ILE L 283 -2.15 12.68 55.77
C ILE L 283 -1.91 12.12 54.37
N THR L 284 -1.38 10.88 54.26
CA THR L 284 -1.11 10.25 52.97
C THR L 284 -2.34 10.18 52.07
N ALA L 285 -3.55 10.07 52.63
CA ALA L 285 -4.77 10.06 51.83
C ALA L 285 -5.00 11.40 51.10
N ILE L 286 -4.44 12.49 51.66
CA ILE L 286 -4.62 13.84 51.03
C ILE L 286 -3.41 14.15 50.16
N THR L 287 -2.19 13.92 50.67
CA THR L 287 -0.97 14.23 49.93
C THR L 287 -0.66 13.25 48.79
N ASN L 288 -1.21 12.03 48.85
CA ASN L 288 -1.06 10.96 47.87
C ASN L 288 -2.49 10.47 47.61
N PRO L 289 -3.34 11.26 46.92
CA PRO L 289 -4.77 10.91 46.81
C PRO L 289 -5.21 9.96 45.72
N LEU L 290 -4.32 9.60 44.80
CA LEU L 290 -4.71 8.76 43.67
C LEU L 290 -4.37 7.32 43.92
N VAL L 291 -5.00 6.41 43.17
CA VAL L 291 -4.66 4.99 43.24
C VAL L 291 -3.19 4.81 42.76
N ASN L 292 -2.80 5.58 41.72
CA ASN L 292 -1.46 5.60 41.16
C ASN L 292 -0.39 6.13 42.13
N SER L 293 -0.78 6.97 43.10
CA SER L 293 0.16 7.52 44.09
C SER L 293 0.88 6.44 44.88
N TYR L 294 0.24 5.28 45.08
CA TYR L 294 0.81 4.17 45.83
C TYR L 294 1.73 3.27 44.97
N LYS L 295 1.73 3.46 43.64
CA LYS L 295 2.71 2.80 42.76
C LYS L 295 4.06 3.59 42.80
N ARG L 296 4.05 4.86 43.28
CA ARG L 296 5.26 5.66 43.50
C ARG L 296 5.85 5.28 44.85
N LEU L 297 5.00 5.07 45.88
CA LEU L 297 5.46 4.71 47.22
C LEU L 297 5.88 3.24 47.27
N VAL L 298 6.95 2.91 46.54
CA VAL L 298 7.55 1.59 46.46
C VAL L 298 9.08 1.73 46.63
N PRO L 299 9.80 0.76 47.23
CA PRO L 299 11.27 0.92 47.37
C PRO L 299 12.02 0.92 46.05
N GLY L 300 13.20 1.54 46.04
CA GLY L 300 14.07 1.59 44.86
C GLY L 300 14.17 2.94 44.18
N TYR L 301 13.28 3.89 44.50
CA TYR L 301 13.28 5.24 43.91
C TYR L 301 13.43 6.31 45.06
N GLU L 302 13.67 7.60 44.76
CA GLU L 302 13.82 8.62 45.86
C GLU L 302 12.58 8.77 46.77
N ALA L 303 11.43 8.16 46.40
CA ALA L 303 10.20 8.30 47.17
C ALA L 303 10.33 7.61 48.53
N PRO L 304 9.95 8.29 49.64
CA PRO L 304 10.04 7.62 50.94
C PRO L 304 8.91 6.60 51.12
N VAL L 305 9.20 5.51 51.81
CA VAL L 305 8.23 4.44 52.07
C VAL L 305 8.12 4.14 53.58
N TYR L 306 9.24 4.21 54.33
CA TYR L 306 9.25 3.95 55.76
C TYR L 306 9.08 5.26 56.53
N ILE L 307 8.34 5.21 57.65
CA ILE L 307 8.05 6.40 58.46
C ILE L 307 9.22 6.70 59.40
N THR L 308 10.15 7.56 58.93
CA THR L 308 11.38 7.96 59.61
C THR L 308 11.67 9.45 59.45
N TRP L 309 12.49 10.01 60.34
CA TRP L 309 12.99 11.36 60.18
C TRP L 309 14.49 11.36 60.48
N SER L 310 15.26 12.17 59.76
CA SER L 310 16.71 12.20 59.92
C SER L 310 17.30 13.53 59.39
N GLY L 311 18.63 13.64 59.41
CA GLY L 311 19.33 14.81 58.91
C GLY L 311 19.46 14.79 57.39
N PRO L 312 20.38 15.60 56.83
CA PRO L 312 20.53 15.62 55.36
C PRO L 312 21.10 14.36 54.74
N ASN L 313 21.89 13.59 55.49
CA ASN L 313 22.57 12.42 54.96
C ASN L 313 21.61 11.38 54.38
N ARG L 314 20.42 11.26 55.00
CA ARG L 314 19.46 10.20 54.57
C ARG L 314 18.22 10.77 53.88
N SER L 315 17.67 10.04 52.90
CA SER L 315 16.46 10.39 52.20
C SER L 315 15.33 9.66 52.91
N SER L 316 14.85 10.27 53.97
CA SER L 316 13.79 9.73 54.82
C SER L 316 12.47 10.46 54.51
N LEU L 317 11.39 10.16 55.25
CA LEU L 317 10.10 10.82 55.03
C LEU L 317 10.25 12.30 55.36
N ILE L 318 10.86 12.62 56.51
CA ILE L 318 11.13 13.98 56.91
C ILE L 318 12.64 14.12 57.01
N ARG L 319 13.20 15.14 56.37
CA ARG L 319 14.63 15.42 56.42
C ARG L 319 14.81 16.80 57.03
N VAL L 320 15.83 16.97 57.84
CA VAL L 320 16.15 18.27 58.44
C VAL L 320 17.42 18.78 57.74
N PRO L 321 17.33 19.67 56.74
CA PRO L 321 18.55 20.13 56.05
C PRO L 321 19.54 20.86 56.95
N ALA L 322 20.81 20.94 56.52
CA ALA L 322 21.87 21.59 57.29
C ALA L 322 21.67 23.11 57.51
N PRO L 323 21.26 23.90 56.49
CA PRO L 323 21.06 25.35 56.73
C PRO L 323 20.29 25.71 58.02
N ARG L 324 20.90 26.56 58.86
CA ARG L 324 20.32 27.03 60.12
C ARG L 324 19.94 28.54 60.02
N GLY L 325 19.59 29.17 61.14
CA GLY L 325 19.18 30.57 61.15
C GLY L 325 17.74 30.70 60.69
N ASN L 326 17.44 31.72 59.88
CA ASN L 326 16.09 31.89 59.32
C ASN L 326 15.73 30.75 58.33
N SER L 327 16.73 30.02 57.79
CA SER L 327 16.54 28.94 56.84
C SER L 327 16.33 27.56 57.51
N THR L 328 16.21 27.48 58.86
CA THR L 328 15.99 26.20 59.53
C THR L 328 14.60 25.67 59.10
N ARG L 329 14.55 24.45 58.53
CA ARG L 329 13.29 23.90 58.02
C ARG L 329 13.28 22.36 58.03
N ILE L 330 12.14 21.74 57.66
CA ILE L 330 12.00 20.30 57.50
C ILE L 330 11.46 20.04 56.10
N GLU L 331 11.95 19.00 55.44
CA GLU L 331 11.53 18.64 54.09
C GLU L 331 10.66 17.39 54.16
N ILE L 332 9.32 17.57 54.07
CA ILE L 332 8.37 16.47 54.06
C ILE L 332 8.38 15.94 52.62
N ARG L 333 8.96 14.75 52.41
CA ARG L 333 9.19 14.16 51.09
C ARG L 333 8.11 13.16 50.63
N SER L 334 7.08 12.89 51.45
CA SER L 334 6.02 11.93 51.14
C SER L 334 5.03 12.37 50.02
N PRO L 335 4.61 13.64 49.97
CA PRO L 335 3.60 14.07 48.98
C PRO L 335 4.01 13.94 47.53
N ASP L 336 3.01 13.83 46.65
CA ASP L 336 3.21 13.84 45.21
C ASP L 336 2.54 15.08 44.62
N PRO L 337 2.91 15.53 43.40
CA PRO L 337 2.34 16.79 42.90
C PRO L 337 0.91 16.68 42.35
N SER L 338 0.25 15.52 42.49
CA SER L 338 -1.16 15.39 42.10
C SER L 338 -2.12 15.76 43.26
N CYS L 339 -1.59 16.04 44.48
CA CYS L 339 -2.41 16.40 45.63
C CYS L 339 -2.98 17.80 45.51
N ASN L 340 -4.08 18.06 46.24
CA ASN L 340 -4.67 19.38 46.30
C ASN L 340 -3.75 20.16 47.26
N PRO L 341 -3.01 21.19 46.82
CA PRO L 341 -2.10 21.88 47.73
C PRO L 341 -2.79 22.56 48.90
N TYR L 342 -4.01 23.08 48.69
CA TYR L 342 -4.75 23.74 49.76
C TYR L 342 -5.02 22.79 50.93
N LEU L 343 -5.41 21.55 50.61
CA LEU L 343 -5.71 20.55 51.62
C LEU L 343 -4.45 19.87 52.16
N ALA L 344 -3.41 19.70 51.31
CA ALA L 344 -2.17 19.09 51.76
C ALA L 344 -1.48 19.95 52.83
N PHE L 345 -1.38 21.26 52.62
CA PHE L 345 -0.75 22.15 53.61
C PHE L 345 -1.63 22.29 54.86
N ALA L 346 -2.96 22.28 54.71
CA ALA L 346 -3.86 22.36 55.86
C ALA L 346 -3.72 21.13 56.75
N ALA L 347 -3.60 19.93 56.14
CA ALA L 347 -3.43 18.69 56.89
C ALA L 347 -2.09 18.66 57.63
N ILE L 348 -1.00 19.13 56.98
CA ILE L 348 0.32 19.16 57.60
C ILE L 348 0.35 20.17 58.74
N LEU L 349 -0.29 21.33 58.54
CA LEU L 349 -0.33 22.37 59.57
C LEU L 349 -1.09 21.90 60.80
N ALA L 350 -2.27 21.27 60.61
CA ALA L 350 -3.08 20.80 61.72
C ALA L 350 -2.39 19.69 62.52
N ALA L 351 -1.76 18.73 61.83
CA ALA L 351 -1.06 17.64 62.49
C ALA L 351 0.19 18.16 63.20
N GLY L 352 0.95 19.04 62.55
CA GLY L 352 2.15 19.62 63.14
C GLY L 352 1.85 20.50 64.33
N LEU L 353 0.75 21.29 64.29
CA LEU L 353 0.39 22.13 65.42
C LEU L 353 -0.09 21.30 66.61
N ASP L 354 -0.75 20.15 66.37
CA ASP L 354 -1.12 19.25 67.45
C ASP L 354 0.14 18.70 68.14
N GLY L 355 1.23 18.50 67.38
CA GLY L 355 2.50 18.08 67.91
C GLY L 355 3.07 19.09 68.89
N VAL L 356 3.15 20.38 68.50
CA VAL L 356 3.67 21.43 69.40
C VAL L 356 2.68 21.68 70.58
N LYS L 357 1.34 21.63 70.37
CA LYS L 357 0.39 21.83 71.46
C LYS L 357 0.47 20.70 72.51
N ASN L 358 0.29 19.43 72.11
CA ASN L 358 0.34 18.30 73.03
C ASN L 358 1.78 17.86 73.40
N LYS L 359 2.81 18.53 72.84
CA LYS L 359 4.22 18.24 73.12
C LYS L 359 4.53 16.79 72.78
N ILE L 360 4.20 16.39 71.53
CA ILE L 360 4.40 15.02 71.06
C ILE L 360 5.87 14.83 70.68
N GLU L 361 6.59 13.97 71.41
CA GLU L 361 8.00 13.69 71.14
C GLU L 361 8.13 12.79 69.92
N PRO L 362 9.01 13.12 68.94
CA PRO L 362 9.16 12.26 67.77
C PRO L 362 10.04 11.04 68.06
N PRO L 363 9.98 9.99 67.23
CA PRO L 363 10.89 8.85 67.43
C PRO L 363 12.36 9.21 67.20
N GLU L 364 13.28 8.30 67.54
CA GLU L 364 14.71 8.58 67.39
C GLU L 364 15.09 8.68 65.91
N ARG L 365 16.08 9.53 65.57
CA ARG L 365 16.47 9.72 64.16
C ARG L 365 17.16 8.48 63.58
N VAL L 366 16.68 8.07 62.40
CA VAL L 366 17.29 6.90 61.72
C VAL L 366 18.37 7.40 60.77
N GLU L 367 19.64 7.29 61.17
CA GLU L 367 20.76 7.78 60.37
C GLU L 367 21.43 6.69 59.52
N LYS L 368 20.90 5.45 59.49
CA LYS L 368 21.42 4.40 58.61
C LYS L 368 20.58 4.41 57.31
N ASN L 369 21.08 3.73 56.28
CA ASN L 369 20.32 3.60 55.02
C ASN L 369 19.13 2.68 55.32
N ILE L 370 17.94 3.24 55.40
CA ILE L 370 16.77 2.46 55.79
C ILE L 370 16.47 1.30 54.83
N TYR L 371 16.77 1.45 53.53
CA TYR L 371 16.52 0.40 52.54
C TYR L 371 17.48 -0.80 52.66
N LYS L 372 18.69 -0.59 53.21
CA LYS L 372 19.72 -1.67 53.23
C LYS L 372 19.46 -2.69 54.35
N LEU L 373 18.99 -2.26 55.52
CA LEU L 373 18.85 -3.18 56.66
C LEU L 373 18.01 -4.43 56.31
N THR L 374 17.90 -5.39 57.26
CA THR L 374 17.07 -6.58 57.11
C THR L 374 15.73 -6.32 57.85
N GLU L 375 14.61 -6.85 57.32
CA GLU L 375 13.27 -6.64 57.94
C GLU L 375 13.22 -7.01 59.43
N GLU L 376 14.15 -7.85 59.91
CA GLU L 376 14.24 -8.22 61.32
C GLU L 376 14.60 -7.01 62.21
N GLU L 377 15.40 -6.07 61.67
CA GLU L 377 15.84 -4.87 62.38
C GLU L 377 14.80 -3.73 62.30
N ARG L 378 13.96 -3.69 61.24
CA ARG L 378 12.96 -2.63 61.07
C ARG L 378 11.94 -2.61 62.23
N GLU L 379 11.15 -3.68 62.42
CA GLU L 379 10.17 -3.72 63.51
C GLU L 379 10.81 -3.71 64.90
N LYS L 380 12.11 -4.08 65.01
CA LYS L 380 12.82 -4.04 66.28
C LYS L 380 12.97 -2.57 66.76
N LEU L 381 13.07 -1.60 65.83
CA LEU L 381 13.14 -0.16 66.16
C LEU L 381 11.75 0.55 66.13
N GLY L 382 10.68 -0.19 65.89
CA GLY L 382 9.34 0.37 65.81
C GLY L 382 9.13 1.14 64.52
N ILE L 383 9.69 0.63 63.41
CA ILE L 383 9.58 1.28 62.11
C ILE L 383 8.26 0.94 61.47
N GLY L 384 7.49 1.96 61.09
CA GLY L 384 6.26 1.72 60.35
C GLY L 384 6.44 1.96 58.87
N MET L 385 5.44 1.56 58.09
CA MET L 385 5.41 1.76 56.63
C MET L 385 4.22 2.64 56.29
N LEU L 386 4.32 3.41 55.19
CA LEU L 386 3.19 4.22 54.73
C LEU L 386 2.11 3.29 54.21
N PRO L 387 0.85 3.76 54.11
CA PRO L 387 -0.18 2.91 53.51
C PRO L 387 0.22 2.40 52.12
N GLY L 388 0.00 1.11 51.87
CA GLY L 388 0.36 0.50 50.59
C GLY L 388 -0.64 0.71 49.49
N THR L 389 -1.92 0.98 49.83
CA THR L 389 -2.98 1.21 48.86
C THR L 389 -3.78 2.50 49.23
N LEU L 390 -4.60 3.00 48.30
CA LEU L 390 -5.43 4.18 48.56
C LEU L 390 -6.48 3.85 49.61
N LYS L 391 -7.07 2.65 49.56
CA LYS L 391 -8.06 2.25 50.56
C LYS L 391 -7.47 2.18 51.96
N GLU L 392 -6.23 1.73 52.05
CA GLU L 392 -5.54 1.61 53.32
C GLU L 392 -5.33 3.00 53.94
N ALA L 393 -5.02 4.03 53.14
CA ALA L 393 -4.84 5.39 53.65
C ALA L 393 -6.17 6.04 53.97
N ILE L 394 -7.22 5.77 53.17
CA ILE L 394 -8.54 6.33 53.43
C ILE L 394 -9.12 5.78 54.74
N GLU L 395 -8.88 4.49 55.03
CA GLU L 395 -9.35 3.91 56.29
C GLU L 395 -8.66 4.57 57.48
N CYS L 396 -7.35 4.87 57.35
CA CYS L 396 -6.59 5.56 58.41
C CYS L 396 -7.05 7.01 58.54
N PHE L 397 -7.37 7.69 57.42
CA PHE L 397 -7.86 9.05 57.42
C PHE L 397 -9.24 9.16 58.06
N LYS L 398 -10.12 8.19 57.79
CA LYS L 398 -11.47 8.18 58.33
C LYS L 398 -11.49 8.09 59.86
N GLU L 399 -10.49 7.44 60.47
CA GLU L 399 -10.36 7.32 61.92
C GLU L 399 -9.64 8.51 62.58
N ASP L 400 -8.88 9.32 61.80
CA ASP L 400 -8.17 10.47 62.36
C ASP L 400 -9.14 11.63 62.56
N GLU L 401 -9.72 11.72 63.77
CA GLU L 401 -10.69 12.77 64.10
C GLU L 401 -10.14 14.19 63.98
N LEU L 402 -8.84 14.36 64.21
CA LEU L 402 -8.24 15.69 64.13
C LEU L 402 -8.26 16.23 62.70
N LEU L 403 -7.79 15.44 61.72
CA LEU L 403 -7.76 15.86 60.33
C LEU L 403 -9.17 16.03 59.75
N VAL L 404 -10.12 15.23 60.23
CA VAL L 404 -11.51 15.33 59.71
C VAL L 404 -12.14 16.63 60.21
N SER L 405 -11.82 17.06 61.43
CA SER L 405 -12.31 18.32 61.96
C SER L 405 -11.56 19.53 61.37
N ALA L 406 -10.25 19.39 61.12
CA ALA L 406 -9.43 20.45 60.54
C ALA L 406 -9.84 20.74 59.11
N LEU L 407 -10.08 19.71 58.29
CA LEU L 407 -10.52 19.89 56.91
C LEU L 407 -12.02 20.11 56.76
N GLY L 408 -12.80 19.80 57.81
CA GLY L 408 -14.24 19.96 57.77
C GLY L 408 -14.91 18.68 57.32
N GLU L 409 -16.14 18.43 57.79
CA GLU L 409 -16.82 17.17 57.44
C GLU L 409 -17.16 17.16 55.94
N HIS L 410 -17.50 18.32 55.37
CA HIS L 410 -17.88 18.37 53.97
C HIS L 410 -16.72 17.95 53.05
N VAL L 411 -15.52 18.50 53.27
CA VAL L 411 -14.34 18.18 52.48
C VAL L 411 -13.88 16.73 52.73
N SER L 412 -13.83 16.32 54.00
CA SER L 412 -13.40 14.96 54.34
C SER L 412 -14.31 13.91 53.72
N GLN L 413 -15.63 14.14 53.72
CA GLN L 413 -16.56 13.19 53.14
C GLN L 413 -16.39 13.11 51.64
N SER L 414 -16.20 14.26 50.98
CA SER L 414 -16.01 14.33 49.54
C SER L 414 -14.76 13.52 49.13
N ILE L 415 -13.68 13.69 49.89
CA ILE L 415 -12.41 12.95 49.60
C ILE L 415 -12.68 11.44 49.71
N ILE L 416 -13.34 11.00 50.78
CA ILE L 416 -13.59 9.58 50.98
C ILE L 416 -14.47 9.02 49.87
N ASN L 417 -15.51 9.74 49.48
CA ASN L 417 -16.42 9.29 48.42
C ASN L 417 -15.72 9.17 47.07
N VAL L 418 -14.93 10.18 46.68
CA VAL L 418 -14.20 10.15 45.41
C VAL L 418 -13.17 9.02 45.40
N ALA L 419 -12.39 8.87 46.49
CA ALA L 419 -11.36 7.84 46.58
C ALA L 419 -11.94 6.42 46.57
N MET L 420 -13.06 6.22 47.26
CA MET L 420 -13.68 4.87 47.33
C MET L 420 -14.31 4.52 45.97
N ALA L 421 -14.85 5.52 45.26
CA ALA L 421 -15.44 5.27 43.95
C ALA L 421 -14.33 4.83 42.99
N ASP L 422 -13.15 5.47 43.06
CA ASP L 422 -12.00 5.11 42.24
C ASP L 422 -11.46 3.73 42.61
N TRP L 423 -11.35 3.44 43.92
CA TRP L 423 -10.83 2.16 44.40
C TRP L 423 -11.76 0.99 44.03
N ASP L 424 -13.08 1.17 44.22
CA ASP L 424 -14.03 0.11 43.88
C ASP L 424 -14.03 -0.19 42.36
N SER L 425 -13.72 0.81 41.52
CA SER L 425 -13.64 0.62 40.07
C SER L 425 -12.33 -0.08 39.71
N TYR L 426 -11.22 0.35 40.33
CA TYR L 426 -9.89 -0.20 40.09
C TYR L 426 -9.75 -1.66 40.52
N ARG L 427 -10.28 -1.99 41.71
CA ARG L 427 -10.11 -3.36 42.27
C ARG L 427 -10.80 -4.42 41.39
N THR L 428 -11.96 -4.10 40.83
CA THR L 428 -12.70 -5.07 40.01
C THR L 428 -12.11 -5.24 38.61
N GLN L 429 -11.27 -4.30 38.19
CA GLN L 429 -10.71 -4.31 36.81
C GLN L 429 -9.73 -5.46 36.57
N VAL L 430 -9.74 -6.04 35.37
CA VAL L 430 -8.82 -7.10 34.97
C VAL L 430 -7.74 -6.42 34.13
N HIS L 431 -6.55 -6.26 34.70
CA HIS L 431 -5.45 -5.58 34.03
C HIS L 431 -4.70 -6.51 33.08
N GLN L 432 -3.95 -5.92 32.13
CA GLN L 432 -3.18 -6.67 31.14
C GLN L 432 -2.13 -7.56 31.79
N TRP L 433 -1.55 -7.13 32.94
CA TRP L 433 -0.54 -7.92 33.66
C TRP L 433 -1.06 -9.33 33.97
N GLU L 434 -2.35 -9.43 34.33
CA GLU L 434 -2.97 -10.70 34.70
C GLU L 434 -3.08 -11.61 33.47
N LEU L 435 -3.47 -11.05 32.32
CA LEU L 435 -3.55 -11.82 31.08
C LEU L 435 -2.14 -12.27 30.66
N ASP L 436 -1.16 -11.38 30.75
CA ASP L 436 0.23 -11.71 30.40
C ASP L 436 0.81 -12.79 31.32
N ARG L 437 0.39 -12.81 32.59
CA ARG L 437 0.88 -13.75 33.59
C ARG L 437 0.16 -15.11 33.61
N TYR L 438 -1.14 -15.16 33.30
CA TYR L 438 -1.93 -16.38 33.46
C TYR L 438 -2.63 -16.96 32.22
N LEU L 439 -3.01 -16.14 31.23
CA LEU L 439 -3.81 -16.64 30.10
C LEU L 439 -3.18 -17.81 29.34
N GLN L 440 -1.88 -17.77 29.06
CA GLN L 440 -1.27 -18.85 28.24
C GLN L 440 -1.11 -20.14 29.06
N THR L 441 -0.75 -20.02 30.34
CA THR L 441 -0.50 -21.19 31.17
C THR L 441 -1.76 -21.85 31.72
N TYR L 442 -2.65 -21.06 32.35
CA TYR L 442 -3.88 -21.61 32.94
C TYR L 442 -4.99 -21.72 31.90
#